data_8GRA
#
_entry.id   8GRA
#
_cell.length_a   1.00
_cell.length_b   1.00
_cell.length_c   1.00
_cell.angle_alpha   90.00
_cell.angle_beta   90.00
_cell.angle_gamma   90.00
#
_symmetry.space_group_name_H-M   'P 1'
#
loop_
_entity.id
_entity.type
_entity.pdbx_description
1 polymer 'Type VI secretion system spike protein Paar'
2 polymer 'Bacterodales T6SS protein TssD (Hcp)'
3 polymer 'Type VI secretion system spike protein VgrG'
#
loop_
_entity_poly.entity_id
_entity_poly.type
_entity_poly.pdbx_seq_one_letter_code
_entity_poly.pdbx_strand_id
1 'polypeptide(L)'
;MKQIVTINLNHICPMVTGVTPHIGGPIIGPGCPGVMVNGVPISVMGDMCVCCGPPDTIVQGEPGILVNGKPIVLQGCMTA
HGGIIPAGVPGVTVSSASPIEPITMNHVSPKRNRFLAAISGNNLQEAIENQNALQKKMLEEEPMIFNVHWEKEDIHIAES
HINKKVTVNADTIGFKDGETVKFVITPEAIDTANGEQVEDIELTGTVNNNHVTVEWIVELKK
;
J,J1,J2
2 'polypeptide(L)'
;MAFRATLSFAGKEFDVLDCTYSLKRDVDSKGRPSSNIYGGQIRLHVESTDDTSILENMTNQFKPHSGSIVFKKGDEEAKM
KELTWENGYITEFTENIDIVGSQPMTITFVVSAQVIKIGGAQFEQNWPK
;
B,A,F,E,D,C
3 'polypeptide(L)'
;MASTNLDAVSVEIKVAGKVCDYVTMELFQSVSTHHRFKIKVNYRPDKPSVWAIGPDVIFKQLGEKVSIIMTHHESGEKTE
FHGLISDIHVEGFDGNQGFVILEGGSPTILLDRDPAMDCYVEQNLNTIVSDILDKSGVKMNVTNNPKHTDIIPYVARYKE
TSYGFLSRLLRSYGEWFYYNGETLQIGDPEIDTESRAGYDVDLTGVSINATIRSLNHSTYEFDPVNDKFYYDYSGTPKGA
TLGSRSAEKCSEPIFPTEAKLPSIRPAYSAMDLEHYGDAGFHRNYSQLSQIKASSRYCGIRLGELVVTRVPESFPGVKIT
DLGRYRITEITHTVNYKGQYSNTFCGVPGGTPIMPWGDAVMPVAYPEMARVVSNDDPKNQGRVKVQFMWQEVDGGESYWM
RVQSPDAGKSEQVAKNRGFVFIPEPGDLVMVGFEQGNPDRPYVTGSLFYKANSEGAATDNTVKSMRTRSGHTLEFKDDEG
GDWGITLRDINGNVIHLNSKDKNIDITAPETITLTAKNVCINTEENVQITAKKNIDMTVEADINSSAKGNLLLQADKDVL
TAAKGNVGIEAKSDINMVGKNIAVEGNSKITLNGGQTQVAGQQTTIQGAANKIEIM
;
I,H,G
#
# COMPACT_ATOMS: atom_id res chain seq x y z
N GLY A 34 -13.16 -73.39 -120.51
CA GLY A 34 -14.29 -73.25 -119.62
C GLY A 34 -14.12 -74.00 -118.32
N VAL A 35 -14.79 -75.16 -118.21
CA VAL A 35 -14.72 -76.01 -117.02
C VAL A 35 -13.67 -77.06 -117.29
N MET A 36 -12.45 -76.83 -116.78
CA MET A 36 -11.34 -77.76 -116.95
C MET A 36 -11.37 -78.77 -115.82
N VAL A 37 -11.89 -79.96 -116.11
CA VAL A 37 -11.95 -81.04 -115.13
C VAL A 37 -10.55 -81.58 -114.88
N ASN A 38 -10.42 -82.42 -113.84
CA ASN A 38 -9.12 -82.99 -113.47
C ASN A 38 -8.51 -83.80 -114.60
N ALA B 2 12.54 24.59 76.32
CA ALA B 2 13.80 24.33 75.65
C ALA B 2 14.03 22.84 75.45
N PHE B 3 14.30 22.45 74.21
CA PHE B 3 14.50 21.06 73.84
C PHE B 3 15.97 20.80 73.52
N ARG B 4 16.31 19.51 73.50
CA ARG B 4 17.62 19.05 73.05
C ARG B 4 17.42 17.80 72.21
N ALA B 5 18.35 17.56 71.28
CA ALA B 5 18.31 16.37 70.44
C ALA B 5 19.74 15.95 70.11
N THR B 6 19.98 14.64 70.13
CA THR B 6 21.31 14.09 69.89
C THR B 6 21.22 12.99 68.85
N LEU B 7 22.20 12.94 67.95
CA LEU B 7 22.26 11.93 66.90
C LEU B 7 23.48 11.05 67.14
N SER B 8 23.26 9.74 67.17
CA SER B 8 24.32 8.75 67.41
C SER B 8 24.57 8.00 66.12
N PHE B 9 25.66 8.34 65.43
CA PHE B 9 25.93 7.85 64.10
C PHE B 9 27.40 7.51 63.96
N ALA B 10 27.68 6.29 63.50
CA ALA B 10 29.05 5.83 63.25
C ALA B 10 29.92 5.92 64.49
N GLY B 11 29.34 5.64 65.66
CA GLY B 11 30.08 5.69 66.90
C GLY B 11 30.37 7.07 67.43
N LYS B 12 29.73 8.11 66.88
CA LYS B 12 29.98 9.48 67.29
C LYS B 12 28.66 10.13 67.68
N GLU B 13 28.77 11.27 68.38
CA GLU B 13 27.60 12.02 68.81
C GLU B 13 27.61 13.40 68.14
N PHE B 14 26.45 13.83 67.68
CA PHE B 14 26.28 15.11 67.01
C PHE B 14 25.12 15.86 67.64
N ASP B 15 25.15 17.18 67.52
CA ASP B 15 24.14 18.05 68.11
C ASP B 15 23.19 18.52 67.02
N VAL B 16 21.90 18.30 67.24
CA VAL B 16 20.88 18.45 66.20
C VAL B 16 20.20 19.81 66.35
N LEU B 17 20.04 20.52 65.24
CA LEU B 17 19.30 21.77 65.22
C LEU B 17 17.90 21.64 64.62
N ASP B 18 17.64 20.59 63.84
CA ASP B 18 16.35 20.41 63.18
C ASP B 18 16.19 18.95 62.78
N CYS B 19 14.94 18.50 62.68
CA CYS B 19 14.61 17.15 62.29
C CYS B 19 13.20 17.11 61.74
N THR B 20 12.96 16.23 60.78
CA THR B 20 11.65 16.10 60.13
C THR B 20 11.57 14.76 59.41
N TYR B 21 10.37 14.17 59.40
CA TYR B 21 10.09 12.99 58.61
C TYR B 21 8.61 12.96 58.26
N SER B 22 8.29 12.33 57.12
CA SER B 22 6.94 12.39 56.57
C SER B 22 6.57 11.07 55.90
N LEU B 23 5.26 10.82 55.83
CA LEU B 23 4.68 9.67 55.15
C LEU B 23 3.54 10.14 54.27
N LYS B 24 3.26 9.38 53.21
CA LYS B 24 2.31 9.78 52.19
C LYS B 24 1.51 8.59 51.71
N ARG B 25 0.38 8.89 51.07
CA ARG B 25 -0.52 7.86 50.56
C ARG B 25 -1.40 8.47 49.47
N ASP B 26 -1.44 7.84 48.31
CA ASP B 26 -2.16 8.38 47.16
C ASP B 26 -3.66 8.25 47.33
N VAL B 27 -4.39 9.21 46.77
CA VAL B 27 -5.83 9.34 47.01
C VAL B 27 -6.55 9.47 45.67
N ASP B 28 -7.65 8.72 45.53
CA ASP B 28 -8.49 8.72 44.35
C ASP B 28 -9.25 10.04 44.23
N SER B 29 -9.77 10.31 43.02
CA SER B 29 -10.50 11.55 42.78
C SER B 29 -11.74 11.68 43.65
N LYS B 30 -12.32 10.57 44.08
CA LYS B 30 -13.50 10.58 44.92
C LYS B 30 -13.17 10.53 46.40
N GLY B 31 -11.89 10.58 46.76
CA GLY B 31 -11.47 10.63 48.14
C GLY B 31 -10.95 9.32 48.72
N ARG B 32 -11.07 8.21 47.99
CA ARG B 32 -10.59 6.95 48.53
C ARG B 32 -9.08 6.83 48.39
N PRO B 33 -8.41 6.18 49.35
CA PRO B 33 -7.01 5.83 49.13
C PRO B 33 -6.87 4.87 47.97
N SER B 34 -5.82 5.06 47.17
CA SER B 34 -5.59 4.24 45.99
C SER B 34 -4.21 3.60 45.99
N SER B 35 -3.50 3.63 47.11
CA SER B 35 -2.19 3.02 47.22
C SER B 35 -1.91 2.77 48.70
N ASN B 36 -0.70 2.33 49.01
CA ASN B 36 -0.26 2.14 50.38
C ASN B 36 0.79 3.18 50.73
N ILE B 37 1.29 3.11 51.97
CA ILE B 37 2.17 4.15 52.49
C ILE B 37 3.49 4.10 51.76
N TYR B 38 4.00 5.28 51.38
CA TYR B 38 5.35 5.42 50.88
C TYR B 38 5.99 6.65 51.51
N GLY B 39 7.31 6.75 51.37
CA GLY B 39 8.04 7.85 51.97
C GLY B 39 9.08 7.38 52.97
N GLY B 40 9.07 7.95 54.17
CA GLY B 40 9.99 7.52 55.20
C GLY B 40 11.41 7.98 55.00
N GLN B 41 11.59 9.29 54.85
CA GLN B 41 12.91 9.88 54.67
C GLN B 41 13.13 10.91 55.76
N ILE B 42 14.26 10.82 56.46
CA ILE B 42 14.57 11.66 57.60
C ILE B 42 15.54 12.73 57.16
N ARG B 43 15.19 13.99 57.40
CA ARG B 43 16.03 15.14 57.07
C ARG B 43 16.60 15.74 58.36
N LEU B 44 17.91 15.90 58.42
CA LEU B 44 18.60 16.30 59.64
C LEU B 44 19.49 17.50 59.38
N HIS B 45 19.54 18.41 60.36
CA HIS B 45 20.33 19.63 60.27
C HIS B 45 21.17 19.75 61.54
N VAL B 46 22.47 19.48 61.44
CA VAL B 46 23.34 19.41 62.61
C VAL B 46 24.47 20.42 62.45
N GLU B 47 25.23 20.58 63.53
CA GLU B 47 26.37 21.48 63.56
C GLU B 47 27.59 20.83 62.92
N SER B 48 28.55 21.66 62.50
CA SER B 48 29.74 21.18 61.84
C SER B 48 30.97 21.46 62.69
N THR B 49 31.99 20.63 62.51
CA THR B 49 33.23 20.75 63.28
C THR B 49 34.38 20.25 62.41
N ASP B 50 35.52 19.97 63.03
CA ASP B 50 36.71 19.57 62.28
C ASP B 50 36.65 18.14 61.78
N ASP B 51 35.65 17.37 62.18
CA ASP B 51 35.52 15.98 61.75
C ASP B 51 34.63 15.88 60.52
N THR B 52 35.02 15.02 59.59
CA THR B 52 34.26 14.77 58.36
C THR B 52 33.95 13.28 58.31
N SER B 53 32.88 12.86 59.00
CA SER B 53 32.51 11.46 59.04
C SER B 53 31.17 11.17 58.38
N ILE B 54 30.28 12.15 58.26
CA ILE B 54 29.07 11.96 57.47
C ILE B 54 29.42 11.90 55.99
N LEU B 55 30.32 12.76 55.52
CA LEU B 55 30.69 12.74 54.11
C LEU B 55 31.44 11.46 53.75
N GLU B 56 32.27 10.96 54.67
CA GLU B 56 33.00 9.73 54.42
C GLU B 56 32.05 8.56 54.20
N ASN B 57 30.95 8.52 54.96
CA ASN B 57 29.98 7.45 54.80
C ASN B 57 29.18 7.57 53.52
N MET B 58 28.99 8.79 53.01
CA MET B 58 28.29 8.94 51.75
C MET B 58 29.16 8.56 50.56
N THR B 59 30.43 8.98 50.57
CA THR B 59 31.32 8.83 49.42
C THR B 59 32.24 7.63 49.54
N ASN B 60 33.06 7.58 50.58
CA ASN B 60 34.09 6.56 50.69
C ASN B 60 33.55 5.19 51.05
N GLN B 61 32.25 5.07 51.34
CA GLN B 61 31.64 3.81 51.71
C GLN B 61 30.26 3.72 51.09
N PHE B 62 29.91 2.53 50.59
CA PHE B 62 28.55 2.24 50.13
C PHE B 62 28.09 0.96 50.84
N LYS B 63 27.58 1.13 52.06
CA LYS B 63 27.04 0.06 52.88
C LYS B 63 25.89 0.64 53.69
N PRO B 64 24.88 -0.18 54.00
CA PRO B 64 23.80 0.30 54.87
C PRO B 64 24.28 0.55 56.29
N HIS B 65 23.62 1.48 56.97
CA HIS B 65 23.98 1.88 58.32
C HIS B 65 22.72 2.12 59.13
N SER B 66 22.87 2.08 60.46
CA SER B 66 21.81 2.42 61.39
C SER B 66 22.16 3.71 62.14
N GLY B 67 21.15 4.29 62.78
CA GLY B 67 21.32 5.54 63.50
C GLY B 67 20.18 5.74 64.47
N SER B 68 20.33 6.74 65.33
CA SER B 68 19.36 7.00 66.38
C SER B 68 19.34 8.48 66.71
N ILE B 69 18.15 8.99 67.02
CA ILE B 69 17.97 10.37 67.48
C ILE B 69 17.14 10.34 68.76
N VAL B 70 17.63 11.01 69.79
CA VAL B 70 16.96 11.05 71.09
C VAL B 70 16.61 12.51 71.40
N PHE B 71 15.39 12.73 71.86
CA PHE B 71 14.90 14.06 72.20
C PHE B 71 14.78 14.18 73.72
N LYS B 72 15.32 15.28 74.25
CA LYS B 72 15.35 15.53 75.68
C LYS B 72 14.53 16.78 75.99
N LYS B 73 13.69 16.69 77.02
CA LYS B 73 12.89 17.82 77.46
C LYS B 73 13.27 18.21 78.88
N GLY B 74 13.36 19.51 79.13
CA GLY B 74 13.72 20.01 80.44
C GLY B 74 15.21 20.12 80.66
N ASP B 75 15.65 21.23 81.23
CA ASP B 75 17.06 21.45 81.49
C ASP B 75 17.44 20.95 82.87
N GLU B 77 18.12 15.07 80.97
CA GLU B 77 17.46 13.95 81.61
C GLU B 77 16.02 13.84 81.11
N ALA B 78 15.34 12.74 81.47
CA ALA B 78 13.93 12.51 81.12
C ALA B 78 13.74 12.51 79.60
N LYS B 79 14.29 11.46 78.98
CA LYS B 79 14.21 11.31 77.54
C LYS B 79 12.75 11.30 77.08
N MET B 80 12.45 12.12 76.07
CA MET B 80 11.09 12.27 75.58
C MET B 80 10.74 11.17 74.59
N LYS B 81 11.43 11.12 73.45
CA LYS B 81 11.18 10.12 72.41
C LYS B 81 12.51 9.60 71.90
N GLU B 82 12.44 8.68 70.95
CA GLU B 82 13.63 8.16 70.27
C GLU B 82 13.23 7.65 68.91
N LEU B 83 13.83 8.20 67.86
CA LEU B 83 13.58 7.80 66.48
C LEU B 83 14.77 7.00 65.98
N THR B 84 14.51 5.77 65.52
CA THR B 84 15.55 4.86 65.06
C THR B 84 15.34 4.53 63.59
N TRP B 85 16.43 4.24 62.89
CA TRP B 85 16.39 3.77 61.51
C TRP B 85 17.41 2.66 61.33
N GLU B 86 17.13 1.75 60.39
CA GLU B 86 18.10 0.73 60.03
C GLU B 86 17.96 0.42 58.54
N ASN B 87 19.07 -0.04 57.95
CA ASN B 87 19.17 -0.36 56.53
C ASN B 87 18.95 0.89 55.66
N GLY B 88 19.83 1.87 55.84
CA GLY B 88 19.65 3.16 55.21
C GLY B 88 20.87 3.63 54.44
N TYR B 89 20.65 4.63 53.59
CA TYR B 89 21.68 5.28 52.78
C TYR B 89 21.50 6.78 52.83
N ILE B 90 22.61 7.51 52.82
CA ILE B 90 22.58 8.97 52.75
C ILE B 90 22.49 9.37 51.28
N THR B 91 21.44 10.10 50.92
CA THR B 91 21.18 10.44 49.53
C THR B 91 21.37 11.92 49.21
N GLU B 92 21.57 12.78 50.20
CA GLU B 92 21.86 14.19 49.98
C GLU B 92 22.86 14.68 51.02
N PHE B 93 23.59 15.73 50.67
CA PHE B 93 24.59 16.32 51.55
C PHE B 93 24.78 17.78 51.15
N THR B 94 24.95 18.65 52.15
CA THR B 94 25.22 20.06 51.90
C THR B 94 25.93 20.63 53.11
N GLU B 95 26.90 21.53 52.87
CA GLU B 95 27.62 22.20 53.94
C GLU B 95 27.78 23.66 53.60
N ASN B 96 27.28 24.55 54.47
CA ASN B 96 27.34 25.99 54.26
C ASN B 96 28.14 26.67 55.36
N ILE B 97 28.76 27.80 55.01
CA ILE B 97 29.37 28.68 56.00
C ILE B 97 28.96 30.12 55.70
N ASP B 98 28.53 30.84 56.73
CA ASP B 98 28.14 32.24 56.62
C ASP B 98 28.94 33.05 57.63
N ILE B 99 29.68 34.03 57.13
CA ILE B 99 30.56 34.81 58.01
C ILE B 99 29.74 35.68 58.96
N VAL B 100 28.62 36.23 58.48
CA VAL B 100 27.76 37.08 59.27
C VAL B 100 26.41 36.39 59.45
N GLY B 101 26.01 36.20 60.70
CA GLY B 101 24.68 35.70 60.98
C GLY B 101 24.59 34.31 61.57
N SER B 102 24.38 34.26 62.90
CA SER B 102 23.94 33.07 63.63
C SER B 102 24.92 31.92 63.43
N GLN B 103 24.47 30.72 63.12
CA GLN B 103 25.32 29.54 63.16
C GLN B 103 26.34 29.58 62.04
N PRO B 104 27.64 29.47 62.33
CA PRO B 104 28.66 29.62 61.29
C PRO B 104 28.71 28.48 60.28
N MET B 105 28.83 27.24 60.75
CA MET B 105 29.03 26.08 59.88
C MET B 105 27.99 25.02 60.20
N THR B 106 27.22 24.63 59.19
CA THR B 106 26.18 23.62 59.35
C THR B 106 26.31 22.56 58.26
N ILE B 107 25.69 21.41 58.50
CA ILE B 107 25.60 20.32 57.54
C ILE B 107 24.15 19.84 57.49
N THR B 108 23.62 19.66 56.29
CA THR B 108 22.29 19.12 56.08
C THR B 108 22.40 17.84 55.27
N PHE B 109 21.66 16.80 55.66
CA PHE B 109 21.68 15.55 54.90
C PHE B 109 20.36 14.82 55.10
N VAL B 110 20.04 13.97 54.14
CA VAL B 110 18.80 13.20 54.10
C VAL B 110 19.12 11.71 54.06
N VAL B 111 18.39 10.92 54.84
CA VAL B 111 18.59 9.48 54.94
C VAL B 111 17.36 8.78 54.40
N SER B 112 17.58 7.79 53.53
CA SER B 112 16.52 6.95 53.00
C SER B 112 16.75 5.51 53.47
N ALA B 113 15.85 5.02 54.33
CA ALA B 113 16.03 3.75 55.01
C ALA B 113 14.81 2.86 54.78
N GLN B 114 14.97 1.58 55.14
CA GLN B 114 13.91 0.60 54.97
C GLN B 114 13.00 0.48 56.19
N VAL B 115 13.55 0.60 57.39
CA VAL B 115 12.78 0.47 58.62
C VAL B 115 12.89 1.78 59.40
N ILE B 116 11.75 2.23 59.95
CA ILE B 116 11.70 3.43 60.76
C ILE B 116 10.86 3.13 62.00
N LYS B 117 11.44 3.37 63.17
CA LYS B 117 10.77 3.10 64.44
C LYS B 117 10.75 4.36 65.28
N ILE B 118 9.59 4.70 65.83
CA ILE B 118 9.45 5.83 66.73
C ILE B 118 8.41 5.48 67.79
N GLY B 119 8.84 5.36 69.04
CA GLY B 119 7.91 4.94 70.08
C GLY B 119 7.39 3.54 69.82
N GLY B 120 6.06 3.41 69.80
CA GLY B 120 5.42 2.13 69.57
C GLY B 120 4.90 1.94 68.16
N ALA B 121 5.39 2.73 67.22
CA ALA B 121 4.98 2.67 65.82
C ALA B 121 6.16 2.22 64.95
N GLN B 122 5.86 1.46 63.91
CA GLN B 122 6.88 0.89 63.05
C GLN B 122 6.43 0.93 61.59
N PHE B 123 7.27 1.48 60.72
CA PHE B 123 7.04 1.49 59.28
C PHE B 123 8.11 0.66 58.60
N GLU B 124 7.68 -0.31 57.80
CA GLU B 124 8.58 -1.22 57.11
C GLU B 124 8.28 -1.22 55.62
N GLN B 125 9.32 -1.12 54.80
CA GLN B 125 9.20 -1.13 53.36
C GLN B 125 9.52 -2.51 52.81
N ASN B 126 8.71 -2.97 51.85
CA ASN B 126 8.89 -4.28 51.24
C ASN B 126 9.90 -4.14 50.10
N TRP B 127 11.17 -4.39 50.40
CA TRP B 127 12.20 -4.43 49.39
C TRP B 127 12.41 -5.88 49.00
N PRO B 128 11.98 -6.32 47.82
CA PRO B 128 11.94 -7.76 47.51
C PRO B 128 13.30 -8.44 47.45
N LYS B 129 14.39 -7.73 47.72
CA LYS B 129 15.73 -8.32 47.79
C LYS B 129 16.09 -9.04 46.49
N SER C 3 10.99 57.69 14.20
CA SER C 3 11.21 56.43 13.51
C SER C 3 10.07 55.46 13.78
N THR C 4 9.93 54.46 12.92
CA THR C 4 8.94 53.40 13.08
C THR C 4 9.64 52.05 13.15
N ASN C 5 9.17 51.18 14.04
CA ASN C 5 9.73 49.85 14.19
C ASN C 5 9.03 48.90 13.23
N LEU C 6 9.82 48.22 12.40
CA LEU C 6 9.32 47.24 11.45
C LEU C 6 10.13 45.97 11.58
N ASP C 7 9.47 44.83 11.33
CA ASP C 7 10.18 43.57 11.29
C ASP C 7 11.11 43.54 10.08
N ALA C 8 12.04 42.58 10.10
CA ALA C 8 13.00 42.46 9.00
C ALA C 8 12.30 42.16 7.69
N VAL C 9 11.30 41.28 7.71
CA VAL C 9 10.55 40.87 6.53
C VAL C 9 9.09 41.18 6.78
N SER C 10 8.44 41.82 5.80
CA SER C 10 7.03 42.15 5.86
C SER C 10 6.27 41.30 4.84
N VAL C 11 5.17 40.70 5.28
CA VAL C 11 4.36 39.83 4.45
C VAL C 11 2.97 40.45 4.30
N GLU C 12 2.47 40.51 3.07
CA GLU C 12 1.16 41.06 2.77
C GLU C 12 0.34 40.02 2.01
N ILE C 13 -0.89 39.81 2.46
CA ILE C 13 -1.78 38.82 1.87
C ILE C 13 -3.04 39.53 1.38
N LYS C 14 -3.42 39.27 0.13
CA LYS C 14 -4.60 39.84 -0.49
C LYS C 14 -5.51 38.72 -0.97
N VAL C 15 -6.80 38.86 -0.71
CA VAL C 15 -7.81 37.88 -1.13
C VAL C 15 -8.77 38.58 -2.05
N ALA C 16 -8.75 38.22 -3.34
CA ALA C 16 -9.59 38.83 -4.37
C ALA C 16 -9.37 40.34 -4.44
N GLY C 17 -8.12 40.77 -4.25
CA GLY C 17 -7.76 42.16 -4.38
C GLY C 17 -7.87 42.98 -3.11
N LYS C 18 -8.35 42.42 -2.01
CA LYS C 18 -8.55 43.14 -0.76
C LYS C 18 -7.58 42.63 0.29
N VAL C 19 -7.06 43.54 1.11
CA VAL C 19 -6.04 43.19 2.10
C VAL C 19 -6.65 42.38 3.22
N CYS C 20 -5.95 41.33 3.64
CA CYS C 20 -6.44 40.37 4.63
C CYS C 20 -5.79 40.61 5.98
N ASP C 21 -6.60 40.54 7.04
CA ASP C 21 -6.13 40.62 8.42
C ASP C 21 -6.01 39.19 8.95
N TYR C 22 -4.78 38.70 9.09
CA TYR C 22 -4.52 37.33 9.47
C TYR C 22 -3.78 37.26 10.80
N VAL C 23 -3.82 36.07 11.40
CA VAL C 23 -3.11 35.79 12.64
C VAL C 23 -1.83 35.03 12.32
N THR C 24 -1.97 33.86 11.70
CA THR C 24 -0.84 33.02 11.31
C THR C 24 -0.96 32.70 9.83
N MET C 25 0.17 32.27 9.25
CA MET C 25 0.24 31.98 7.83
C MET C 25 1.31 30.92 7.61
N GLU C 26 1.06 30.02 6.65
CA GLU C 26 2.00 28.97 6.29
C GLU C 26 1.97 28.76 4.78
N LEU C 27 3.14 28.57 4.17
CA LEU C 27 3.24 28.33 2.73
C LEU C 27 4.38 27.37 2.43
N PHE C 28 4.10 26.35 1.61
CA PHE C 28 5.06 25.31 1.26
C PHE C 28 5.19 25.20 -0.24
N GLN C 29 6.43 25.23 -0.75
CA GLN C 29 6.69 25.18 -2.18
C GLN C 29 7.61 24.01 -2.52
N SER C 30 7.36 23.36 -3.66
CA SER C 30 8.17 22.23 -4.08
C SER C 30 8.41 22.29 -5.58
N VAL C 31 9.48 21.62 -6.00
CA VAL C 31 9.81 21.46 -7.42
C VAL C 31 9.17 20.19 -8.00
N SER C 32 8.68 19.28 -7.17
CA SER C 32 8.13 18.02 -7.65
C SER C 32 6.83 17.64 -6.95
N THR C 33 6.07 18.62 -6.46
CA THR C 33 4.76 18.39 -5.85
C THR C 33 3.98 19.70 -5.92
N HIS C 34 2.80 19.72 -5.28
CA HIS C 34 1.95 20.90 -5.20
C HIS C 34 2.50 21.92 -4.20
N HIS C 35 2.13 23.19 -4.41
CA HIS C 35 2.29 24.24 -3.41
C HIS C 35 1.04 24.33 -2.57
N ARG C 36 1.21 24.53 -1.26
CA ARG C 36 0.09 24.55 -0.33
C ARG C 36 0.23 25.73 0.63
N PHE C 37 -0.89 26.40 0.90
CA PHE C 37 -0.92 27.48 1.88
C PHE C 37 -2.06 27.26 2.87
N LYS C 38 -1.92 27.89 4.04
CA LYS C 38 -2.92 27.85 5.10
C LYS C 38 -2.93 29.20 5.81
N ILE C 39 -4.10 29.85 5.87
CA ILE C 39 -4.24 31.18 6.46
C ILE C 39 -5.37 31.17 7.48
N LYS C 40 -5.13 31.79 8.63
CA LYS C 40 -6.13 31.96 9.67
C LYS C 40 -6.55 33.42 9.73
N VAL C 41 -7.84 33.68 9.51
CA VAL C 41 -8.37 35.03 9.36
C VAL C 41 -8.96 35.51 10.67
N ASN C 42 -8.80 36.80 10.95
CA ASN C 42 -9.10 37.39 12.24
C ASN C 42 -10.40 38.19 12.19
N TYR C 43 -11.33 37.87 13.08
CA TYR C 43 -12.59 38.58 13.21
C TYR C 43 -12.61 39.31 14.54
N ARG C 44 -12.85 40.62 14.50
CA ARG C 44 -12.68 41.50 15.65
C ARG C 44 -14.01 41.75 16.36
N PRO C 45 -13.96 42.01 17.67
CA PRO C 45 -15.22 42.22 18.42
C PRO C 45 -16.03 43.42 17.99
N ASP C 46 -15.43 44.40 17.31
CA ASP C 46 -16.13 45.60 16.89
C ASP C 46 -16.67 45.51 15.46
N LYS C 47 -16.77 44.31 14.92
CA LYS C 47 -17.20 44.07 13.55
C LYS C 47 -18.19 42.91 13.56
N PRO C 48 -18.93 42.72 12.46
CA PRO C 48 -19.84 41.57 12.39
C PRO C 48 -19.09 40.25 12.57
N SER C 49 -19.73 39.31 13.26
CA SER C 49 -19.10 38.06 13.62
C SER C 49 -19.30 37.00 12.52
N VAL C 50 -18.78 35.81 12.79
CA VAL C 50 -18.88 34.72 11.82
C VAL C 50 -20.34 34.28 11.66
N TRP C 51 -21.10 34.28 12.76
CA TRP C 51 -22.49 33.85 12.73
C TRP C 51 -23.43 34.90 12.16
N ALA C 52 -23.07 36.18 12.28
CA ALA C 52 -23.92 37.23 11.72
C ALA C 52 -23.79 37.32 10.21
N ILE C 53 -22.59 37.04 9.67
CA ILE C 53 -22.41 37.02 8.23
C ILE C 53 -23.11 35.81 7.62
N GLY C 54 -22.92 34.64 8.20
CA GLY C 54 -23.49 33.42 7.68
C GLY C 54 -22.46 32.56 6.99
N PRO C 55 -22.29 31.32 7.48
CA PRO C 55 -21.27 30.45 6.89
C PRO C 55 -21.45 30.17 5.41
N ASP C 56 -22.68 30.08 4.91
CA ASP C 56 -22.90 29.83 3.49
C ASP C 56 -22.63 31.07 2.63
N VAL C 57 -22.53 32.25 3.24
CA VAL C 57 -22.06 33.42 2.51
C VAL C 57 -20.54 33.51 2.52
N ILE C 58 -19.89 33.00 3.58
CA ILE C 58 -18.44 32.88 3.58
C ILE C 58 -17.99 31.85 2.55
N PHE C 59 -18.77 30.80 2.34
CA PHE C 59 -18.41 29.72 1.43
C PHE C 59 -18.43 30.13 -0.03
N LYS C 60 -18.68 31.39 -0.35
CA LYS C 60 -18.68 31.87 -1.73
C LYS C 60 -17.31 32.31 -2.22
N GLN C 61 -16.28 32.19 -1.38
CA GLN C 61 -14.91 32.51 -1.77
C GLN C 61 -14.16 31.31 -2.33
N LEU C 62 -14.85 30.18 -2.53
CA LEU C 62 -14.18 28.99 -3.03
C LEU C 62 -13.71 29.21 -4.46
N GLY C 63 -12.43 28.96 -4.72
CA GLY C 63 -11.85 29.10 -6.03
C GLY C 63 -11.36 30.48 -6.39
N GLU C 64 -11.28 31.40 -5.45
CA GLU C 64 -10.86 32.77 -5.71
C GLU C 64 -9.34 32.90 -5.61
N LYS C 65 -8.84 34.07 -6.02
CA LYS C 65 -7.41 34.31 -6.13
C LYS C 65 -6.83 34.84 -4.82
N VAL C 66 -5.60 34.42 -4.53
CA VAL C 66 -4.88 34.80 -3.32
C VAL C 66 -3.49 35.26 -3.73
N SER C 67 -3.03 36.37 -3.16
CA SER C 67 -1.71 36.93 -3.43
C SER C 67 -0.90 37.00 -2.13
N ILE C 68 0.36 36.62 -2.20
CA ILE C 68 1.28 36.69 -1.06
C ILE C 68 2.59 37.31 -1.52
N ILE C 69 2.98 38.43 -0.92
CA ILE C 69 4.22 39.12 -1.25
C ILE C 69 5.04 39.30 0.01
N MET C 70 6.32 38.94 -0.04
CA MET C 70 7.25 39.10 1.07
C MET C 70 8.37 40.05 0.66
N THR C 71 8.68 41.02 1.51
CA THR C 71 9.66 42.05 1.22
C THR C 71 10.71 42.12 2.32
N HIS C 72 11.97 42.18 1.92
CA HIS C 72 13.10 42.37 2.83
C HIS C 72 13.50 43.84 2.77
N HIS C 73 13.30 44.55 3.88
CA HIS C 73 13.43 46.01 3.87
C HIS C 73 14.90 46.43 3.71
N GLU C 74 15.81 45.72 4.36
CA GLU C 74 17.22 46.11 4.34
C GLU C 74 17.80 46.03 2.93
N SER C 75 17.46 44.96 2.20
CA SER C 75 18.03 44.71 0.88
C SER C 75 17.10 45.10 -0.27
N GLY C 76 15.79 44.98 -0.09
CA GLY C 76 14.87 45.30 -1.16
C GLY C 76 14.41 44.12 -1.99
N GLU C 77 14.77 42.89 -1.62
CA GLU C 77 14.35 41.71 -2.35
C GLU C 77 12.87 41.42 -2.14
N LYS C 78 12.32 40.57 -3.01
CA LYS C 78 10.90 40.27 -2.99
C LYS C 78 10.68 38.81 -3.35
N THR C 79 9.51 38.30 -2.96
CA THR C 79 9.03 36.98 -3.33
C THR C 79 7.52 37.08 -3.51
N GLU C 80 7.01 36.56 -4.63
CA GLU C 80 5.59 36.65 -4.93
C GLU C 80 5.01 35.27 -5.24
N PHE C 81 3.75 35.09 -4.88
CA PHE C 81 3.03 33.84 -5.08
C PHE C 81 1.58 34.14 -5.43
N HIS C 82 1.01 33.35 -6.33
CA HIS C 82 -0.39 33.46 -6.71
C HIS C 82 -1.03 32.08 -6.68
N GLY C 83 -2.21 31.98 -6.07
CA GLY C 83 -2.88 30.70 -5.92
C GLY C 83 -4.40 30.80 -5.89
N LEU C 84 -5.07 29.72 -5.50
CA LEU C 84 -6.53 29.66 -5.44
C LEU C 84 -6.97 28.93 -4.18
N ILE C 85 -8.19 29.22 -3.74
CA ILE C 85 -8.77 28.60 -2.55
C ILE C 85 -9.54 27.34 -2.94
N SER C 86 -9.39 26.28 -2.15
CA SER C 86 -10.08 25.02 -2.41
C SER C 86 -10.87 24.46 -1.22
N ASP C 87 -10.55 24.82 0.02
CA ASP C 87 -11.29 24.38 1.20
C ASP C 87 -11.45 25.53 2.17
N ILE C 88 -12.56 25.55 2.90
CA ILE C 88 -12.84 26.59 3.89
C ILE C 88 -13.43 25.95 5.13
N HIS C 89 -12.91 26.34 6.30
CA HIS C 89 -13.41 25.90 7.60
C HIS C 89 -13.94 27.11 8.39
N VAL C 90 -15.09 26.94 9.01
CA VAL C 90 -15.69 27.97 9.87
C VAL C 90 -15.83 27.38 11.27
N GLU C 91 -15.11 27.96 12.23
CA GLU C 91 -14.96 27.34 13.55
C GLU C 91 -15.35 28.32 14.65
N GLY C 92 -15.67 27.76 15.80
CA GLY C 92 -16.00 28.54 16.98
C GLY C 92 -16.15 27.69 18.22
N PHE C 93 -15.63 28.17 19.34
CA PHE C 93 -15.70 27.44 20.61
C PHE C 93 -15.95 28.42 21.74
N ASP C 94 -16.65 27.94 22.77
CA ASP C 94 -16.91 28.67 24.02
C ASP C 94 -17.73 29.94 23.81
N GLY C 95 -18.43 30.05 22.69
CA GLY C 95 -19.28 31.20 22.47
C GLY C 95 -18.60 32.46 22.01
N ASN C 96 -17.45 32.36 21.37
CA ASN C 96 -16.79 33.56 20.85
C ASN C 96 -17.39 33.90 19.48
N GLN C 97 -16.75 34.83 18.78
CA GLN C 97 -17.25 35.29 17.49
C GLN C 97 -16.74 34.44 16.32
N GLY C 98 -15.86 33.47 16.57
CA GLY C 98 -15.40 32.57 15.54
C GLY C 98 -14.21 33.08 14.75
N PHE C 99 -13.73 32.20 13.88
CA PHE C 99 -12.65 32.53 12.94
C PHE C 99 -12.79 31.64 11.71
N VAL C 100 -11.94 31.90 10.72
CA VAL C 100 -12.00 31.22 9.43
C VAL C 100 -10.59 30.76 9.06
N ILE C 101 -10.50 29.58 8.45
CA ILE C 101 -9.26 29.04 7.92
C ILE C 101 -9.43 28.82 6.42
N LEU C 102 -8.56 29.44 5.63
CA LEU C 102 -8.56 29.29 4.19
C LEU C 102 -7.43 28.37 3.77
N GLU C 103 -7.77 27.34 2.99
CA GLU C 103 -6.80 26.37 2.50
C GLU C 103 -6.83 26.35 0.98
N GLY C 104 -5.68 26.08 0.38
CA GLY C 104 -5.58 26.06 -1.06
C GLY C 104 -4.16 25.83 -1.54
N GLY C 105 -3.80 26.44 -2.66
CA GLY C 105 -2.45 26.35 -3.15
C GLY C 105 -2.30 26.71 -4.61
N SER C 106 -1.39 26.04 -5.30
CA SER C 106 -1.17 26.29 -6.72
C SER C 106 -2.33 25.75 -7.54
N PRO C 107 -2.57 26.31 -8.74
CA PRO C 107 -3.73 25.88 -9.53
C PRO C 107 -3.69 24.43 -9.97
N THR C 108 -2.54 23.75 -9.86
CA THR C 108 -2.49 22.32 -10.17
C THR C 108 -3.23 21.47 -9.14
N ILE C 109 -3.59 22.04 -7.99
CA ILE C 109 -4.35 21.30 -6.99
C ILE C 109 -5.74 20.96 -7.52
N LEU C 110 -6.34 21.88 -8.28
CA LEU C 110 -7.67 21.69 -8.83
C LEU C 110 -7.67 20.86 -10.11
N LEU C 111 -6.52 20.31 -10.50
CA LEU C 111 -6.43 19.35 -11.60
C LEU C 111 -6.31 17.91 -11.10
N ASP C 112 -6.71 17.65 -9.87
CA ASP C 112 -6.51 16.35 -9.22
C ASP C 112 -7.82 15.75 -8.71
N ARG C 113 -8.93 16.00 -9.41
CA ARG C 113 -10.22 15.56 -8.90
C ARG C 113 -11.09 14.98 -10.02
N ASP C 114 -10.49 14.20 -10.92
CA ASP C 114 -11.25 13.70 -12.07
C ASP C 114 -10.62 12.50 -12.76
N PRO C 115 -10.68 11.30 -12.17
CA PRO C 115 -10.10 10.12 -12.83
C PRO C 115 -10.93 9.66 -14.03
N ALA C 116 -10.24 9.34 -15.13
CA ALA C 116 -10.91 9.01 -16.38
C ALA C 116 -10.04 8.08 -17.21
N MET C 117 -10.54 7.74 -18.40
CA MET C 117 -9.87 6.88 -19.37
C MET C 117 -9.75 7.63 -20.69
N ASP C 118 -8.58 7.51 -21.34
CA ASP C 118 -8.34 8.20 -22.59
C ASP C 118 -7.06 7.66 -23.21
N CYS C 119 -6.75 8.11 -24.42
CA CYS C 119 -5.57 7.65 -25.15
C CYS C 119 -5.19 8.66 -26.22
N TYR C 120 -3.90 8.68 -26.57
CA TYR C 120 -3.35 9.57 -27.59
C TYR C 120 -2.54 8.75 -28.57
N VAL C 121 -2.79 8.95 -29.87
CA VAL C 121 -2.14 8.17 -30.92
C VAL C 121 -1.30 9.11 -31.77
N GLU C 122 0.02 8.90 -31.75
CA GLU C 122 0.98 9.52 -32.68
C GLU C 122 1.06 11.04 -32.53
N GLN C 123 1.44 11.48 -31.33
CA GLN C 123 1.66 12.89 -31.05
C GLN C 123 2.89 13.03 -30.15
N ASN C 124 3.33 14.27 -29.96
CA ASN C 124 4.47 14.54 -29.11
C ASN C 124 4.01 15.16 -27.79
N LEU C 125 4.97 15.34 -26.88
CA LEU C 125 4.65 15.87 -25.55
C LEU C 125 4.08 17.28 -25.63
N ASN C 126 4.47 18.06 -26.63
CA ASN C 126 3.92 19.41 -26.80
C ASN C 126 2.40 19.37 -27.00
N THR C 127 1.94 18.53 -27.93
CA THR C 127 0.52 18.49 -28.27
C THR C 127 -0.32 17.87 -27.15
N ILE C 128 0.23 16.90 -26.43
CA ILE C 128 -0.51 16.25 -25.36
C ILE C 128 -0.73 17.20 -24.19
N VAL C 129 0.27 18.01 -23.86
CA VAL C 129 0.13 18.97 -22.76
C VAL C 129 -0.94 20.00 -23.09
N SER C 130 -0.93 20.52 -24.33
CA SER C 130 -1.91 21.51 -24.74
C SER C 130 -3.33 20.95 -24.71
N ASP C 131 -3.50 19.70 -25.14
CA ASP C 131 -4.82 19.09 -25.18
C ASP C 131 -5.38 18.89 -23.77
N ILE C 132 -4.53 18.49 -22.82
CA ILE C 132 -5.01 18.26 -21.45
C ILE C 132 -5.41 19.58 -20.80
N LEU C 133 -4.61 20.63 -21.00
CA LEU C 133 -4.88 21.90 -20.36
C LEU C 133 -6.04 22.65 -21.01
N ASP C 134 -6.42 22.27 -22.22
CA ASP C 134 -7.53 22.91 -22.91
C ASP C 134 -8.90 22.36 -22.50
N LYS C 135 -8.95 21.22 -21.83
CA LYS C 135 -10.20 20.60 -21.43
C LYS C 135 -10.54 20.83 -19.97
N SER C 136 -9.82 21.73 -19.31
CA SER C 136 -10.07 22.08 -17.93
C SER C 136 -10.56 23.52 -17.84
N GLY C 137 -11.34 23.81 -16.80
CA GLY C 137 -11.86 25.14 -16.58
C GLY C 137 -10.99 26.05 -15.75
N VAL C 138 -9.80 25.59 -15.38
CA VAL C 138 -8.88 26.38 -14.59
C VAL C 138 -8.03 27.24 -15.53
N LYS C 139 -7.89 28.52 -15.20
CA LYS C 139 -7.09 29.45 -16.00
C LYS C 139 -5.68 29.51 -15.45
N MET C 140 -4.69 29.27 -16.32
CA MET C 140 -3.30 29.20 -15.92
C MET C 140 -2.41 29.72 -17.02
N ASN C 141 -1.25 30.24 -16.64
CA ASN C 141 -0.21 30.64 -17.56
C ASN C 141 0.79 29.49 -17.72
N VAL C 142 1.16 29.19 -18.96
CA VAL C 142 1.97 28.02 -19.28
C VAL C 142 3.15 28.43 -20.15
N THR C 143 4.30 27.80 -19.92
CA THR C 143 5.43 27.86 -20.84
C THR C 143 5.69 26.42 -21.33
N ASN C 144 5.24 26.13 -22.54
CA ASN C 144 5.30 24.78 -23.11
C ASN C 144 6.58 24.66 -23.93
N ASN C 145 7.56 23.92 -23.42
CA ASN C 145 8.83 23.82 -24.10
C ASN C 145 9.62 22.58 -23.70
N PRO C 146 9.16 21.38 -24.06
CA PRO C 146 9.91 20.17 -23.72
C PRO C 146 11.10 19.98 -24.67
N LYS C 147 11.95 19.01 -24.30
CA LYS C 147 13.17 18.72 -25.04
C LYS C 147 13.02 17.54 -26.00
N HIS C 148 12.12 16.61 -25.72
CA HIS C 148 11.85 15.47 -26.60
C HIS C 148 10.76 15.89 -27.58
N THR C 149 11.14 16.14 -28.83
CA THR C 149 10.23 16.67 -29.84
C THR C 149 9.73 15.63 -30.82
N ASP C 150 10.08 14.36 -30.64
CA ASP C 150 9.68 13.32 -31.56
C ASP C 150 8.25 12.87 -31.27
N ILE C 151 7.72 12.07 -32.19
CA ILE C 151 6.37 11.53 -32.11
C ILE C 151 6.38 10.27 -31.27
N ILE C 152 5.39 10.11 -30.41
CA ILE C 152 5.22 8.92 -29.57
C ILE C 152 4.03 8.13 -30.10
N PRO C 153 4.23 6.89 -30.57
CA PRO C 153 3.12 6.17 -31.22
C PRO C 153 1.89 5.95 -30.34
N TYR C 154 2.03 5.68 -29.05
CA TYR C 154 0.86 5.38 -28.24
C TYR C 154 1.09 5.73 -26.78
N VAL C 155 0.15 6.49 -26.21
CA VAL C 155 0.12 6.84 -24.80
C VAL C 155 -1.30 6.62 -24.30
N ALA C 156 -1.43 6.03 -23.10
CA ALA C 156 -2.74 5.73 -22.53
C ALA C 156 -2.89 6.33 -21.14
N ARG C 157 -4.07 6.89 -20.87
CA ARG C 157 -4.45 7.38 -19.55
C ARG C 157 -5.37 6.36 -18.89
N TYR C 158 -4.94 5.79 -17.77
CA TYR C 158 -5.59 4.62 -17.19
C TYR C 158 -6.07 4.94 -15.78
N LYS C 159 -7.31 5.39 -15.65
CA LYS C 159 -7.97 5.61 -14.37
C LYS C 159 -7.28 6.68 -13.52
N GLU C 160 -6.87 7.78 -14.15
CA GLU C 160 -6.11 8.79 -13.43
C GLU C 160 -6.61 10.18 -13.75
N THR C 161 -6.24 11.13 -12.91
CA THR C 161 -6.61 12.52 -13.08
C THR C 161 -5.66 13.22 -14.05
N SER C 162 -5.99 14.48 -14.38
CA SER C 162 -5.19 15.21 -15.35
C SER C 162 -3.79 15.48 -14.84
N TYR C 163 -3.65 15.82 -13.56
CA TYR C 163 -2.33 16.04 -13.00
C TYR C 163 -1.56 14.74 -12.84
N GLY C 164 -2.22 13.69 -12.34
CA GLY C 164 -1.53 12.43 -12.13
C GLY C 164 -1.02 11.80 -13.41
N PHE C 165 -1.77 11.95 -14.50
CA PHE C 165 -1.32 11.46 -15.80
C PHE C 165 -0.15 12.28 -16.33
N LEU C 166 -0.27 13.61 -16.28
CA LEU C 166 0.78 14.48 -16.82
C LEU C 166 2.03 14.45 -15.97
N SER C 167 1.88 14.19 -14.66
CA SER C 167 3.05 14.18 -13.78
C SER C 167 3.97 13.00 -14.09
N ARG C 168 3.43 11.79 -14.19
CA ARG C 168 4.25 10.62 -14.43
C ARG C 168 4.69 10.50 -15.88
N LEU C 169 3.91 11.03 -16.82
CA LEU C 169 4.29 10.98 -18.23
C LEU C 169 5.51 11.85 -18.51
N LEU C 170 5.53 13.06 -17.97
CA LEU C 170 6.63 13.98 -18.24
C LEU C 170 7.90 13.65 -17.47
N ARG C 171 7.78 13.11 -16.26
CA ARG C 171 8.95 12.74 -15.49
C ARG C 171 9.60 11.45 -15.99
N SER C 172 8.83 10.58 -16.66
CA SER C 172 9.40 9.40 -17.29
C SER C 172 10.35 9.79 -18.43
N TYR C 173 10.15 10.96 -19.01
CA TYR C 173 11.02 11.46 -20.07
C TYR C 173 12.09 12.40 -19.55
N GLY C 174 12.18 12.59 -18.24
CA GLY C 174 13.18 13.45 -17.65
C GLY C 174 12.99 14.93 -17.93
N GLU C 175 11.77 15.42 -17.95
CA GLU C 175 11.48 16.83 -18.16
C GLU C 175 11.18 17.51 -16.83
N TRP C 176 11.63 18.77 -16.70
CA TRP C 176 11.24 19.59 -15.57
C TRP C 176 9.77 19.95 -15.68
N PHE C 177 9.06 19.92 -14.55
CA PHE C 177 7.61 20.14 -14.58
C PHE C 177 7.21 20.64 -13.19
N TYR C 178 7.05 21.95 -13.04
CA TYR C 178 6.72 22.52 -11.73
C TYR C 178 6.07 23.88 -11.94
N TYR C 179 5.64 24.49 -10.83
CA TYR C 179 4.97 25.78 -10.81
C TYR C 179 5.94 26.83 -10.29
N ASN C 180 6.06 27.93 -11.04
CA ASN C 180 7.05 28.96 -10.73
C ASN C 180 6.65 29.85 -9.56
N GLY C 181 5.38 29.86 -9.20
CA GLY C 181 4.80 30.91 -8.39
C GLY C 181 4.04 31.93 -9.20
N GLU C 182 4.28 32.00 -10.50
CA GLU C 182 3.57 32.84 -11.45
C GLU C 182 3.10 32.09 -12.70
N THR C 183 3.91 31.16 -13.20
CA THR C 183 3.53 30.37 -14.38
C THR C 183 3.84 28.90 -14.12
N LEU C 184 3.35 28.06 -15.02
CA LEU C 184 3.65 26.64 -15.02
C LEU C 184 4.71 26.36 -16.07
N GLN C 185 5.81 25.73 -15.67
CA GLN C 185 6.99 25.56 -16.50
C GLN C 185 7.10 24.12 -16.95
N ILE C 186 7.15 23.91 -18.26
CA ILE C 186 7.43 22.60 -18.86
C ILE C 186 8.76 22.71 -19.60
N GLY C 187 9.72 21.90 -19.21
CA GLY C 187 11.06 21.97 -19.76
C GLY C 187 12.01 22.80 -18.89
N ASP C 188 13.29 22.67 -19.20
CA ASP C 188 14.33 23.36 -18.44
C ASP C 188 14.26 24.85 -18.70
N PRO C 189 14.21 25.69 -17.66
CA PRO C 189 14.17 27.14 -17.86
C PRO C 189 15.52 27.82 -18.00
N GLU C 190 16.62 27.13 -17.67
CA GLU C 190 17.97 27.68 -17.74
C GLU C 190 18.10 28.93 -16.87
N ILE C 191 17.96 28.74 -15.56
CA ILE C 191 18.12 29.81 -14.58
C ILE C 191 19.52 29.70 -14.00
N ASP C 192 20.24 30.83 -13.97
CA ASP C 192 21.59 30.86 -13.41
C ASP C 192 21.74 31.90 -12.30
N THR C 193 20.63 32.36 -11.73
CA THR C 193 20.68 33.32 -10.64
C THR C 193 21.30 32.70 -9.40
N GLU C 194 22.19 33.44 -8.76
CA GLU C 194 22.97 32.95 -7.63
C GLU C 194 22.91 33.94 -6.48
N SER C 195 23.02 33.42 -5.26
CA SER C 195 23.08 34.25 -4.06
C SER C 195 24.06 33.63 -3.07
N ARG C 196 24.53 34.46 -2.14
CA ARG C 196 25.53 34.06 -1.16
C ARG C 196 24.91 34.00 0.22
N ALA C 197 25.10 32.87 0.91
CA ALA C 197 24.57 32.67 2.25
C ALA C 197 25.67 32.13 3.16
N GLY C 198 25.87 32.77 4.30
CA GLY C 198 26.94 32.42 5.21
C GLY C 198 26.40 31.90 6.53
N TYR C 199 27.16 30.99 7.13
CA TYR C 199 26.82 30.46 8.44
C TYR C 199 27.01 31.54 9.49
N ASP C 200 25.98 31.76 10.31
CA ASP C 200 25.91 32.77 11.36
C ASP C 200 25.75 34.20 10.82
N VAL C 201 25.68 34.38 9.51
CA VAL C 201 25.39 35.68 8.91
C VAL C 201 23.98 35.71 8.34
N ASP C 202 23.64 34.75 7.49
CA ASP C 202 22.30 34.57 6.96
C ASP C 202 21.59 33.36 7.53
N LEU C 203 22.28 32.24 7.69
CA LEU C 203 21.69 30.98 8.10
C LEU C 203 21.79 30.81 9.61
N THR C 204 20.66 30.52 10.25
CA THR C 204 20.62 30.25 11.68
C THR C 204 20.85 28.78 12.01
N GLY C 205 20.89 27.91 11.02
CA GLY C 205 21.12 26.49 11.21
C GLY C 205 21.47 25.82 9.90
N VAL C 206 22.33 24.80 9.94
CA VAL C 206 22.76 24.10 8.74
C VAL C 206 22.96 22.62 9.06
N SER C 207 22.81 21.78 8.04
CA SER C 207 22.97 20.34 8.20
C SER C 207 23.32 19.72 6.85
N ILE C 208 24.39 18.93 6.81
CA ILE C 208 24.85 18.24 5.61
C ILE C 208 24.94 16.75 5.90
N ASN C 209 24.46 15.94 4.97
CA ASN C 209 24.45 14.48 5.15
C ASN C 209 25.06 13.79 3.93
N ALA C 210 25.63 12.61 4.16
CA ALA C 210 26.13 11.74 3.12
C ALA C 210 25.71 10.30 3.41
N THR C 211 25.54 9.53 2.35
CA THR C 211 25.04 8.16 2.45
C THR C 211 25.82 7.27 1.49
N ILE C 212 25.44 5.99 1.44
CA ILE C 212 26.09 5.00 0.59
C ILE C 212 25.07 4.47 -0.41
N ARG C 213 25.40 4.56 -1.70
CA ARG C 213 24.53 4.13 -2.78
C ARG C 213 25.37 3.45 -3.86
N SER C 214 24.69 2.73 -4.76
CA SER C 214 25.33 1.92 -5.77
C SER C 214 25.20 2.56 -7.15
N LEU C 215 26.33 2.70 -7.85
CA LEU C 215 26.36 3.25 -9.20
C LEU C 215 26.48 2.18 -10.28
N ASN C 216 26.37 0.91 -9.91
CA ASN C 216 26.60 -0.22 -10.82
C ASN C 216 25.25 -0.79 -11.25
N HIS C 217 24.71 -0.26 -12.36
CA HIS C 217 23.39 -0.64 -12.81
C HIS C 217 23.29 -0.44 -14.31
N SER C 218 22.31 -1.12 -14.93
CA SER C 218 22.11 -1.08 -16.37
C SER C 218 20.66 -1.42 -16.69
N THR C 219 20.23 -1.05 -17.91
CA THR C 219 18.88 -1.33 -18.39
C THR C 219 18.91 -1.90 -19.81
N TYR C 220 17.84 -2.61 -20.16
CA TYR C 220 17.69 -3.26 -21.45
C TYR C 220 16.28 -3.04 -22.00
N GLU C 221 16.12 -3.32 -23.29
CA GLU C 221 14.84 -3.20 -23.97
C GLU C 221 14.90 -4.02 -25.25
N PHE C 222 13.78 -4.66 -25.61
CA PHE C 222 13.65 -5.40 -26.85
C PHE C 222 12.53 -4.79 -27.68
N ASP C 223 12.80 -4.53 -28.95
CA ASP C 223 11.83 -3.91 -29.86
C ASP C 223 11.53 -4.86 -31.01
N PRO C 224 10.36 -5.52 -31.03
CA PRO C 224 10.09 -6.47 -32.12
C PRO C 224 9.67 -5.84 -33.43
N VAL C 225 9.26 -4.57 -33.45
CA VAL C 225 8.88 -3.94 -34.71
C VAL C 225 10.11 -3.68 -35.57
N ASN C 226 11.22 -3.29 -34.96
CA ASN C 226 12.49 -3.13 -35.66
C ASN C 226 13.44 -4.29 -35.43
N ASP C 227 13.13 -5.20 -34.50
CA ASP C 227 13.90 -6.41 -34.26
C ASP C 227 15.30 -6.08 -33.74
N LYS C 228 15.35 -5.32 -32.65
CA LYS C 228 16.60 -4.82 -32.11
C LYS C 228 16.59 -4.90 -30.59
N PHE C 229 17.78 -5.11 -30.03
CA PHE C 229 18.00 -5.20 -28.58
C PHE C 229 18.87 -4.03 -28.15
N TYR C 230 18.39 -3.26 -27.17
CA TYR C 230 19.08 -2.07 -26.69
C TYR C 230 19.61 -2.29 -25.28
N TYR C 231 20.77 -1.71 -24.98
CA TYR C 231 21.42 -1.91 -23.70
C TYR C 231 22.18 -0.65 -23.31
N ASP C 232 21.98 -0.20 -22.06
CA ASP C 232 22.62 0.98 -21.52
C ASP C 232 23.23 0.65 -20.17
N TYR C 233 24.33 1.33 -19.82
CA TYR C 233 25.05 1.03 -18.59
C TYR C 233 25.61 2.30 -17.96
N SER C 234 25.18 2.59 -16.74
CA SER C 234 25.77 3.57 -15.80
C SER C 234 25.81 4.96 -16.45
N GLY C 235 26.83 5.76 -16.13
CA GLY C 235 26.92 7.10 -16.68
C GLY C 235 28.07 7.87 -16.05
N THR C 236 28.11 9.17 -16.33
CA THR C 236 29.14 10.07 -15.83
C THR C 236 28.53 11.26 -15.12
N PRO C 237 29.05 11.63 -13.95
CA PRO C 237 28.47 12.73 -13.18
C PRO C 237 28.62 14.09 -13.86
N LYS C 238 27.65 14.96 -13.58
CA LYS C 238 27.65 16.34 -14.03
C LYS C 238 27.84 17.34 -12.90
N GLY C 239 27.22 17.11 -11.76
CA GLY C 239 27.33 18.02 -10.64
C GLY C 239 27.62 17.32 -9.33
N ALA C 240 28.75 17.65 -8.71
CA ALA C 240 29.17 17.04 -7.47
C ALA C 240 29.84 18.09 -6.59
N THR C 241 29.53 18.05 -5.29
CA THR C 241 30.22 18.85 -4.30
C THR C 241 31.44 18.08 -3.80
N LEU C 242 32.10 18.58 -2.76
CA LEU C 242 33.23 17.86 -2.18
C LEU C 242 32.77 16.64 -1.40
N GLY C 243 31.52 16.65 -0.90
CA GLY C 243 30.99 15.51 -0.19
C GLY C 243 30.39 14.44 -1.06
N SER C 244 30.02 14.78 -2.30
CA SER C 244 29.59 13.77 -3.26
C SER C 244 30.75 12.87 -3.66
N ARG C 245 31.96 13.42 -3.76
CA ARG C 245 33.12 12.62 -4.13
C ARG C 245 33.54 11.69 -2.99
N SER C 246 33.39 12.13 -1.75
CA SER C 246 33.73 11.28 -0.61
C SER C 246 32.80 10.09 -0.52
N ALA C 247 31.50 10.31 -0.72
CA ALA C 247 30.53 9.23 -0.68
C ALA C 247 30.75 8.24 -1.82
N GLU C 248 31.08 8.74 -3.01
CA GLU C 248 31.29 7.88 -4.17
C GLU C 248 32.49 6.95 -3.96
N LYS C 249 33.57 7.45 -3.36
CA LYS C 249 34.75 6.63 -3.14
C LYS C 249 34.53 5.57 -2.07
N CYS C 250 33.70 5.88 -1.07
CA CYS C 250 33.41 4.91 -0.01
C CYS C 250 32.48 3.82 -0.48
N SER C 251 31.64 4.10 -1.48
CA SER C 251 30.64 3.17 -2.00
C SER C 251 31.19 2.25 -3.07
N GLU C 252 32.34 2.56 -3.65
CA GLU C 252 32.85 1.82 -4.80
C GLU C 252 33.15 0.35 -4.50
N PRO C 253 33.87 0.00 -3.44
CA PRO C 253 34.24 -1.42 -3.24
C PRO C 253 33.08 -2.32 -2.85
N ILE C 254 31.93 -1.75 -2.48
CA ILE C 254 30.87 -2.54 -1.87
C ILE C 254 29.97 -3.21 -2.89
N PHE C 255 29.95 -2.75 -4.14
CA PHE C 255 29.05 -3.26 -5.16
C PHE C 255 29.83 -3.68 -6.39
N PRO C 256 30.35 -4.90 -6.43
CA PRO C 256 31.14 -5.37 -7.58
C PRO C 256 30.36 -6.09 -8.67
N THR C 257 29.06 -6.34 -8.47
CA THR C 257 28.22 -7.00 -9.44
C THR C 257 27.24 -6.00 -10.05
N GLU C 258 26.92 -6.18 -11.31
CA GLU C 258 26.05 -5.27 -12.04
C GLU C 258 24.61 -5.74 -11.94
N ALA C 259 23.71 -4.82 -11.64
CA ALA C 259 22.29 -5.10 -11.47
C ALA C 259 21.52 -4.55 -12.67
N LYS C 260 20.68 -5.38 -13.27
CA LYS C 260 19.95 -5.00 -14.47
C LYS C 260 18.45 -5.06 -14.22
N LEU C 261 17.74 -4.12 -14.80
CA LEU C 261 16.30 -3.96 -14.66
C LEU C 261 15.72 -3.56 -16.01
N PRO C 262 14.45 -3.83 -16.25
CA PRO C 262 13.80 -3.34 -17.48
C PRO C 262 13.24 -1.93 -17.32
N SER C 263 12.93 -1.33 -18.47
CA SER C 263 12.38 0.02 -18.50
C SER C 263 10.94 0.04 -18.03
N ILE C 264 10.55 1.17 -17.43
CA ILE C 264 9.18 1.35 -16.97
C ILE C 264 8.38 2.06 -18.04
N ARG C 265 8.99 2.24 -19.22
CA ARG C 265 8.40 3.00 -20.30
C ARG C 265 8.91 2.45 -21.62
N PRO C 266 8.04 2.29 -22.62
CA PRO C 266 8.49 1.79 -23.93
C PRO C 266 9.50 2.73 -24.59
N ALA C 267 10.50 2.13 -25.23
CA ALA C 267 11.53 2.86 -25.96
C ALA C 267 11.58 2.35 -27.39
N TYR C 268 11.82 3.25 -28.33
CA TYR C 268 11.67 2.93 -29.75
C TYR C 268 12.94 3.11 -30.57
N SER C 269 14.06 3.48 -29.96
CA SER C 269 15.33 3.58 -30.67
C SER C 269 16.44 3.47 -29.65
N ALA C 270 17.69 3.47 -30.14
CA ALA C 270 18.83 3.39 -29.25
C ALA C 270 19.04 4.67 -28.48
N MET C 271 18.67 5.81 -29.07
CA MET C 271 18.82 7.09 -28.39
C MET C 271 17.80 7.26 -27.26
N ASP C 272 16.62 6.67 -27.40
CA ASP C 272 15.63 6.76 -26.32
C ASP C 272 16.12 6.07 -25.06
N LEU C 273 16.70 4.88 -25.18
CA LEU C 273 17.15 4.16 -24.00
C LEU C 273 18.39 4.81 -23.38
N GLU C 274 19.21 5.47 -24.20
CA GLU C 274 20.34 6.21 -23.67
C GLU C 274 19.89 7.39 -22.83
N HIS C 275 18.82 8.08 -23.25
CA HIS C 275 18.27 9.18 -22.47
C HIS C 275 17.56 8.67 -21.22
N TYR C 276 16.86 7.53 -21.33
CA TYR C 276 16.17 6.97 -20.18
C TYR C 276 17.16 6.56 -19.09
N GLY C 277 18.24 5.89 -19.47
CA GLY C 277 19.23 5.47 -18.49
C GLY C 277 20.01 6.63 -17.89
N ASP C 278 20.17 7.70 -18.67
CA ASP C 278 20.92 8.86 -18.20
C ASP C 278 20.14 9.61 -17.12
N ALA C 279 18.82 9.72 -17.28
CA ALA C 279 18.00 10.35 -16.27
C ALA C 279 18.00 9.55 -14.97
N GLY C 280 17.94 8.23 -15.06
CA GLY C 280 17.97 7.41 -13.86
C GLY C 280 19.29 7.51 -13.11
N PHE C 281 20.39 7.67 -13.83
CA PHE C 281 21.69 7.77 -13.19
C PHE C 281 21.82 9.04 -12.35
N HIS C 282 21.39 10.18 -12.92
CA HIS C 282 21.59 11.46 -12.23
C HIS C 282 20.68 11.59 -11.02
N ARG C 283 19.49 10.99 -11.06
CA ARG C 283 18.60 11.00 -9.90
C ARG C 283 19.20 10.24 -8.73
N ASN C 284 19.87 9.12 -9.02
CA ASN C 284 20.49 8.31 -7.97
C ASN C 284 21.78 8.97 -7.46
N TYR C 285 22.53 9.61 -8.35
CA TYR C 285 23.79 10.25 -7.96
C TYR C 285 23.54 11.48 -7.09
N SER C 286 22.45 12.20 -7.31
CA SER C 286 22.21 13.43 -6.58
C SER C 286 21.82 13.20 -5.12
N GLN C 287 21.57 11.95 -4.71
CA GLN C 287 21.23 11.65 -3.33
C GLN C 287 22.42 11.25 -2.49
N LEU C 288 23.63 11.32 -3.06
CA LEU C 288 24.83 10.96 -2.30
C LEU C 288 25.10 11.97 -1.19
N SER C 289 24.84 13.26 -1.45
CA SER C 289 25.06 14.32 -0.46
C SER C 289 24.08 15.44 -0.70
N GLN C 290 23.47 15.95 0.38
CA GLN C 290 22.44 16.96 0.31
C GLN C 290 22.59 17.93 1.48
N ILE C 291 21.84 19.03 1.43
CA ILE C 291 21.89 20.06 2.47
C ILE C 291 20.49 20.36 2.98
N LYS C 292 20.43 20.85 4.22
CA LYS C 292 19.21 21.34 4.86
C LYS C 292 19.58 22.52 5.75
N ALA C 293 18.81 23.60 5.69
CA ALA C 293 19.19 24.81 6.42
C ALA C 293 17.97 25.64 6.78
N SER C 294 18.20 26.61 7.68
CA SER C 294 17.18 27.53 8.19
C SER C 294 17.68 28.96 8.02
N SER C 295 16.76 29.91 7.98
CA SER C 295 17.13 31.30 7.76
C SER C 295 15.98 32.21 8.18
N ARG C 296 16.19 33.52 8.01
CA ARG C 296 15.18 34.56 8.18
C ARG C 296 15.24 35.55 7.03
N TYR C 297 15.73 35.10 5.88
CA TYR C 297 15.99 35.94 4.71
C TYR C 297 15.10 35.47 3.57
N CYS C 298 14.42 36.40 2.92
CA CYS C 298 13.43 36.08 1.91
C CYS C 298 13.99 36.11 0.48
N GLY C 299 15.30 36.23 0.33
CA GLY C 299 15.93 36.20 -0.97
C GLY C 299 16.33 34.83 -1.48
N ILE C 300 16.00 33.77 -0.75
CA ILE C 300 16.20 32.41 -1.23
C ILE C 300 14.91 31.95 -1.91
N ARG C 301 15.02 31.53 -3.17
CA ARG C 301 13.85 31.28 -3.99
C ARG C 301 13.94 29.91 -4.65
N LEU C 302 12.78 29.38 -5.04
CA LEU C 302 12.67 28.04 -5.57
C LEU C 302 13.35 27.92 -6.93
N GLY C 303 14.18 26.89 -7.08
CA GLY C 303 14.83 26.61 -8.34
C GLY C 303 16.08 27.43 -8.61
N GLU C 304 16.55 28.21 -7.66
CA GLU C 304 17.73 29.05 -7.83
C GLU C 304 18.94 28.40 -7.19
N LEU C 305 20.08 29.07 -7.29
CA LEU C 305 21.35 28.57 -6.78
C LEU C 305 21.79 29.40 -5.59
N VAL C 306 22.33 28.73 -4.57
CA VAL C 306 22.87 29.41 -3.40
C VAL C 306 24.28 28.88 -3.14
N VAL C 307 25.20 29.77 -2.78
CA VAL C 307 26.57 29.42 -2.44
C VAL C 307 26.75 29.62 -0.95
N THR C 308 27.15 28.56 -0.25
CA THR C 308 27.25 28.54 1.20
C THR C 308 28.70 28.57 1.63
N ARG C 309 28.95 29.14 2.81
CA ARG C 309 30.32 29.32 3.29
C ARG C 309 30.32 29.43 4.80
N VAL C 310 31.50 29.25 5.38
CA VAL C 310 31.78 29.53 6.79
C VAL C 310 32.73 30.71 6.84
N PRO C 311 32.39 31.80 7.54
CA PRO C 311 33.27 32.96 7.58
C PRO C 311 34.62 32.65 8.21
N GLU C 312 35.63 33.41 7.78
CA GLU C 312 37.01 33.16 8.18
C GLU C 312 37.29 33.50 9.63
N SER C 313 36.42 34.29 10.28
CA SER C 313 36.64 34.68 11.66
C SER C 313 36.44 33.54 12.65
N PHE C 314 35.87 32.42 12.21
CA PHE C 314 35.75 31.26 13.08
C PHE C 314 37.12 30.64 13.32
N PRO C 315 37.38 30.11 14.52
CA PRO C 315 38.73 29.63 14.85
C PRO C 315 39.09 28.37 14.07
N GLY C 316 40.27 28.38 13.47
CA GLY C 316 40.83 27.22 12.81
C GLY C 316 40.31 26.92 11.43
N VAL C 317 39.57 27.83 10.81
CA VAL C 317 38.95 27.59 9.51
C VAL C 317 39.92 28.02 8.41
N LYS C 318 40.25 27.10 7.51
CA LYS C 318 41.07 27.38 6.34
C LYS C 318 40.28 27.27 5.04
N ILE C 319 39.58 26.16 4.82
CA ILE C 319 38.68 26.01 3.69
C ILE C 319 37.30 26.52 4.12
N THR C 320 36.80 27.54 3.42
CA THR C 320 35.56 28.19 3.82
C THR C 320 34.36 27.81 2.95
N ASP C 321 34.51 26.87 2.02
CA ASP C 321 33.44 26.54 1.09
C ASP C 321 32.69 25.32 1.57
N LEU C 322 31.36 25.42 1.59
CA LEU C 322 30.48 24.31 1.93
C LEU C 322 29.77 23.71 0.73
N GLY C 323 29.68 24.43 -0.39
CA GLY C 323 29.09 23.89 -1.60
C GLY C 323 28.19 24.84 -2.36
N ARG C 324 27.77 24.44 -3.56
CA ARG C 324 26.82 25.20 -4.37
C ARG C 324 25.62 24.31 -4.68
N TYR C 325 24.43 24.77 -4.31
CA TYR C 325 23.24 23.95 -4.31
C TYR C 325 22.11 24.64 -5.07
N ARG C 326 21.15 23.84 -5.52
CA ARG C 326 19.91 24.33 -6.10
C ARG C 326 18.75 24.05 -5.15
N ILE C 327 17.90 25.05 -4.96
CA ILE C 327 16.79 24.94 -4.01
C ILE C 327 15.68 24.09 -4.61
N THR C 328 15.29 23.04 -3.90
CA THR C 328 14.25 22.13 -4.36
C THR C 328 12.97 22.19 -3.55
N GLU C 329 13.02 22.60 -2.29
CA GLU C 329 11.81 22.88 -1.53
C GLU C 329 12.09 23.97 -0.51
N ILE C 330 11.02 24.67 -0.11
CA ILE C 330 11.11 25.76 0.86
C ILE C 330 9.78 25.88 1.58
N THR C 331 9.84 26.30 2.85
CA THR C 331 8.66 26.53 3.67
C THR C 331 8.78 27.89 4.35
N HIS C 332 7.72 28.68 4.25
CA HIS C 332 7.64 30.00 4.88
C HIS C 332 6.60 29.99 5.98
N THR C 333 6.89 30.67 7.09
CA THR C 333 5.99 30.73 8.23
C THR C 333 5.96 32.13 8.82
N VAL C 334 4.78 32.55 9.27
CA VAL C 334 4.62 33.74 10.11
C VAL C 334 3.77 33.34 11.31
N ASN C 335 4.35 33.42 12.50
CA ASN C 335 3.68 32.92 13.69
C ASN C 335 2.74 33.99 14.25
N TYR C 336 2.20 33.74 15.43
CA TYR C 336 1.18 34.63 15.99
C TYR C 336 1.76 35.90 16.59
N LYS C 337 3.07 35.99 16.75
CA LYS C 337 3.72 37.23 17.15
C LYS C 337 4.16 38.07 15.96
N GLY C 338 4.03 37.56 14.75
CA GLY C 338 4.34 38.32 13.56
C GLY C 338 5.75 38.16 13.03
N GLN C 339 6.39 37.03 13.29
CA GLN C 339 7.78 36.80 12.91
C GLN C 339 7.87 35.81 11.75
N TYR C 340 8.77 36.09 10.81
CA TYR C 340 8.96 35.31 9.60
C TYR C 340 10.16 34.36 9.75
N SER C 341 10.07 33.20 9.11
CA SER C 341 11.12 32.19 9.17
C SER C 341 11.13 31.35 7.90
N ASN C 342 12.24 30.62 7.73
CA ASN C 342 12.54 29.85 6.52
C ASN C 342 13.05 28.47 6.89
N THR C 343 12.87 27.52 5.98
CA THR C 343 13.58 26.24 6.01
C THR C 343 13.57 25.68 4.59
N PHE C 344 14.67 25.05 4.17
CA PHE C 344 14.77 24.62 2.78
C PHE C 344 15.76 23.47 2.64
N CYS C 345 15.70 22.81 1.48
CA CYS C 345 16.59 21.72 1.10
C CYS C 345 17.17 21.99 -0.28
N GLY C 346 18.28 21.33 -0.58
CA GLY C 346 18.95 21.54 -1.86
C GLY C 346 19.72 20.33 -2.33
N VAL C 347 19.94 20.27 -3.64
CA VAL C 347 20.79 19.26 -4.28
C VAL C 347 21.94 20.01 -4.95
N PRO C 348 23.02 19.31 -5.31
CA PRO C 348 24.14 19.99 -5.97
C PRO C 348 23.73 20.69 -7.25
N GLY C 349 24.35 21.84 -7.52
CA GLY C 349 23.87 22.76 -8.53
C GLY C 349 24.11 22.32 -9.97
N GLY C 350 24.99 21.36 -10.19
CA GLY C 350 25.21 20.86 -11.52
C GLY C 350 24.28 19.77 -11.98
N THR C 351 23.33 19.36 -11.15
CA THR C 351 22.42 18.26 -11.48
C THR C 351 21.54 18.63 -12.67
N PRO C 352 21.43 17.76 -13.67
CA PRO C 352 20.64 18.11 -14.87
C PRO C 352 19.15 17.80 -14.78
N ILE C 353 18.73 16.83 -13.95
CA ILE C 353 17.31 16.54 -13.83
C ILE C 353 16.93 16.52 -12.36
N MET C 354 15.63 16.68 -12.10
CA MET C 354 15.06 16.95 -10.79
C MET C 354 14.47 15.69 -10.18
N PRO C 355 14.12 15.71 -8.89
CA PRO C 355 13.65 14.49 -8.21
C PRO C 355 12.36 13.91 -8.79
N TRP C 356 12.12 12.65 -8.43
CA TRP C 356 10.98 11.89 -8.95
C TRP C 356 9.67 12.36 -8.34
N GLY C 357 9.65 12.60 -7.04
CA GLY C 357 8.51 13.27 -6.43
C GLY C 357 7.35 12.34 -6.16
N ASP C 358 6.16 12.73 -6.62
CA ASP C 358 4.92 12.07 -6.28
C ASP C 358 4.33 11.26 -7.43
N ALA C 359 5.11 10.99 -8.47
CA ALA C 359 4.60 10.25 -9.62
C ALA C 359 4.37 8.78 -9.27
N VAL C 360 3.34 8.19 -9.87
CA VAL C 360 2.96 6.79 -9.66
C VAL C 360 2.66 6.15 -11.00
N MET C 361 3.09 4.88 -11.16
CA MET C 361 2.85 4.07 -12.36
C MET C 361 1.61 3.20 -12.16
N PRO C 362 0.71 3.15 -13.13
CA PRO C 362 -0.51 2.33 -12.99
C PRO C 362 -0.29 0.88 -13.39
N VAL C 363 -1.28 0.05 -13.03
CA VAL C 363 -1.27 -1.39 -13.31
C VAL C 363 -2.57 -1.76 -14.00
N ALA C 364 -2.47 -2.51 -15.10
CA ALA C 364 -3.61 -2.82 -15.95
C ALA C 364 -3.88 -4.32 -15.99
N TYR C 365 -5.14 -4.66 -16.22
CA TYR C 365 -5.66 -6.02 -16.27
C TYR C 365 -6.50 -6.18 -17.52
N PRO C 366 -6.72 -7.44 -17.98
CA PRO C 366 -7.34 -7.65 -19.30
C PRO C 366 -8.72 -7.05 -19.48
N GLU C 367 -8.99 -6.58 -20.70
CA GLU C 367 -10.22 -5.91 -21.11
C GLU C 367 -10.79 -6.58 -22.35
N MET C 368 -11.94 -6.08 -22.80
CA MET C 368 -12.59 -6.52 -24.03
C MET C 368 -12.69 -5.37 -25.02
N ALA C 369 -12.57 -5.68 -26.31
CA ALA C 369 -12.56 -4.66 -27.35
C ALA C 369 -13.17 -5.24 -28.63
N ARG C 370 -13.14 -4.46 -29.70
CA ARG C 370 -13.67 -4.84 -31.00
C ARG C 370 -12.65 -4.54 -32.09
N VAL C 371 -12.45 -5.48 -33.01
CA VAL C 371 -11.50 -5.31 -34.09
C VAL C 371 -12.05 -4.33 -35.10
N VAL C 372 -11.22 -3.37 -35.51
CA VAL C 372 -11.64 -2.26 -36.35
C VAL C 372 -10.97 -2.31 -37.73
N SER C 373 -9.68 -2.58 -37.77
CA SER C 373 -8.92 -2.50 -39.01
C SER C 373 -7.98 -3.69 -39.13
N ASN C 374 -7.53 -3.93 -40.37
CA ASN C 374 -6.75 -5.11 -40.71
C ASN C 374 -5.54 -4.83 -41.59
N ASP C 375 -5.45 -3.64 -42.20
CA ASP C 375 -4.48 -3.36 -43.26
C ASP C 375 -3.23 -2.72 -42.65
N ASP C 376 -2.32 -3.54 -42.19
CA ASP C 376 -1.12 -3.07 -41.51
C ASP C 376 -0.15 -2.46 -42.52
N PRO C 377 0.28 -1.20 -42.35
CA PRO C 377 1.20 -0.60 -43.32
C PRO C 377 2.58 -1.21 -43.35
N LYS C 378 3.00 -1.94 -42.32
CA LYS C 378 4.32 -2.53 -42.27
C LYS C 378 4.34 -4.02 -42.55
N ASN C 379 3.18 -4.61 -42.84
CA ASN C 379 3.06 -6.01 -43.24
C ASN C 379 3.61 -6.96 -42.16
N GLN C 380 2.99 -6.90 -40.99
CA GLN C 380 3.41 -7.75 -39.88
C GLN C 380 2.24 -8.42 -39.15
N GLY C 381 1.03 -8.37 -39.71
CA GLY C 381 -0.13 -9.02 -39.12
C GLY C 381 -0.66 -8.42 -37.84
N ARG C 382 -0.67 -7.09 -37.74
CA ARG C 382 -1.19 -6.37 -36.59
C ARG C 382 -2.58 -5.82 -36.91
N VAL C 383 -3.34 -5.51 -35.85
CA VAL C 383 -4.73 -5.06 -35.99
C VAL C 383 -4.94 -3.81 -35.15
N LYS C 384 -6.08 -3.16 -35.40
CA LYS C 384 -6.55 -2.00 -34.64
C LYS C 384 -7.85 -2.38 -33.95
N VAL C 385 -8.01 -2.00 -32.69
CA VAL C 385 -9.20 -2.33 -31.91
C VAL C 385 -9.83 -1.04 -31.38
N GLN C 386 -11.05 -1.19 -30.87
CA GLN C 386 -11.77 -0.11 -30.21
C GLN C 386 -12.23 -0.60 -28.85
N PHE C 387 -11.94 0.17 -27.80
CA PHE C 387 -12.26 -0.20 -26.43
C PHE C 387 -13.69 0.18 -26.08
N MET C 388 -14.13 -0.24 -24.90
CA MET C 388 -15.50 0.00 -24.48
C MET C 388 -15.74 1.42 -23.99
N TRP C 389 -14.70 2.14 -23.58
CA TRP C 389 -14.84 3.55 -23.26
C TRP C 389 -14.76 4.44 -24.48
N GLN C 390 -14.53 3.86 -25.66
CA GLN C 390 -14.61 4.57 -26.93
C GLN C 390 -15.89 4.24 -27.70
N GLU C 391 -16.81 3.50 -27.07
CA GLU C 391 -17.97 2.98 -27.80
C GLU C 391 -18.97 4.07 -28.13
N VAL C 392 -19.30 4.90 -27.15
CA VAL C 392 -20.32 5.94 -27.35
C VAL C 392 -19.81 7.02 -28.30
N ASP C 393 -18.55 7.41 -28.15
CA ASP C 393 -18.01 8.58 -28.81
C ASP C 393 -17.15 8.27 -30.03
N GLY C 394 -16.78 7.00 -30.25
CA GLY C 394 -15.91 6.65 -31.34
C GLY C 394 -14.43 6.81 -30.99
N GLY C 395 -13.59 6.18 -31.79
CA GLY C 395 -12.16 6.20 -31.58
C GLY C 395 -11.51 4.86 -31.87
N GLU C 396 -10.18 4.82 -31.88
CA GLU C 396 -9.46 3.58 -32.12
C GLU C 396 -8.04 3.73 -31.59
N SER C 397 -7.33 2.61 -31.54
CA SER C 397 -5.99 2.49 -30.98
C SER C 397 -4.94 2.56 -32.09
N TYR C 398 -3.71 2.17 -31.74
CA TYR C 398 -2.61 1.98 -32.68
C TYR C 398 -2.54 0.50 -33.08
N TRP C 399 -1.51 0.11 -33.83
CA TRP C 399 -1.37 -1.28 -34.27
C TRP C 399 -0.77 -2.13 -33.18
N MET C 400 -1.38 -3.29 -32.91
CA MET C 400 -0.91 -4.18 -31.86
C MET C 400 -0.89 -5.63 -32.36
N ARG C 401 -0.02 -6.43 -31.74
CA ARG C 401 0.23 -7.81 -32.14
C ARG C 401 -0.88 -8.74 -31.68
N VAL C 402 -1.05 -9.83 -32.44
CA VAL C 402 -2.00 -10.90 -32.16
C VAL C 402 -1.21 -12.17 -31.92
N GLN C 403 -1.52 -12.87 -30.83
CA GLN C 403 -0.79 -14.08 -30.49
C GLN C 403 -1.49 -15.31 -31.05
N SER C 404 -0.69 -16.35 -31.31
CA SER C 404 -1.07 -17.52 -32.07
C SER C 404 -0.69 -18.79 -31.34
N PRO C 405 -1.37 -19.90 -31.62
CA PRO C 405 -0.93 -21.18 -31.06
C PRO C 405 0.35 -21.74 -31.67
N ASP C 406 0.84 -21.18 -32.78
CA ASP C 406 2.04 -21.65 -33.44
C ASP C 406 2.54 -20.58 -34.39
N ALA C 407 3.83 -20.24 -34.31
CA ALA C 407 4.40 -19.18 -35.13
C ALA C 407 5.91 -19.33 -35.19
N GLY C 408 6.50 -19.00 -36.33
CA GLY C 408 7.94 -19.09 -36.45
C GLY C 408 8.38 -19.07 -37.91
N LYS C 409 9.49 -19.73 -38.17
CA LYS C 409 10.04 -19.87 -39.52
C LYS C 409 10.98 -21.07 -39.53
N SER C 410 11.53 -21.35 -40.71
CA SER C 410 12.50 -22.44 -40.86
C SER C 410 13.33 -22.17 -42.11
N GLU C 411 14.17 -23.15 -42.48
CA GLU C 411 15.00 -23.01 -43.67
C GLU C 411 14.21 -23.21 -44.95
N GLN C 412 13.24 -24.12 -44.95
CA GLN C 412 12.40 -24.34 -46.11
C GLN C 412 11.22 -23.39 -46.17
N VAL C 413 10.87 -22.74 -45.06
CA VAL C 413 9.77 -21.79 -44.99
C VAL C 413 10.33 -20.52 -44.37
N ALA C 414 10.62 -19.52 -45.21
CA ALA C 414 11.24 -18.30 -44.72
C ALA C 414 10.30 -17.51 -43.80
N LYS C 415 9.04 -17.38 -44.19
CA LYS C 415 8.08 -16.55 -43.47
C LYS C 415 6.77 -17.31 -43.28
N ASN C 416 6.07 -16.97 -42.20
CA ASN C 416 4.69 -17.41 -41.96
C ASN C 416 4.60 -18.92 -41.81
N ARG C 417 5.39 -19.46 -40.88
CA ARG C 417 5.36 -20.86 -40.51
C ARG C 417 4.49 -21.01 -39.28
N GLY C 418 3.42 -21.79 -39.38
CA GLY C 418 2.53 -21.98 -38.26
C GLY C 418 1.08 -21.77 -38.57
N PHE C 419 0.34 -21.22 -37.62
CA PHE C 419 -1.12 -21.06 -37.68
C PHE C 419 -1.43 -19.60 -37.92
N VAL C 420 -1.90 -19.27 -39.12
CA VAL C 420 -2.10 -17.87 -39.53
C VAL C 420 -3.58 -17.65 -39.78
N PHE C 421 -4.29 -17.12 -38.79
CA PHE C 421 -5.73 -16.80 -38.88
C PHE C 421 -5.93 -15.42 -38.24
N ILE C 422 -5.82 -14.36 -39.03
CA ILE C 422 -5.87 -12.99 -38.52
C ILE C 422 -7.32 -12.52 -38.38
N PRO C 423 -7.68 -11.83 -37.29
CA PRO C 423 -9.08 -11.45 -37.08
C PRO C 423 -9.62 -10.50 -38.14
N GLU C 424 -10.97 -10.54 -38.34
CA GLU C 424 -11.79 -9.75 -39.23
C GLU C 424 -12.47 -8.62 -38.46
N PRO C 425 -12.71 -7.48 -39.10
CA PRO C 425 -13.38 -6.37 -38.40
C PRO C 425 -14.76 -6.77 -37.89
N GLY C 426 -15.06 -6.32 -36.67
CA GLY C 426 -16.29 -6.67 -36.00
C GLY C 426 -16.18 -7.73 -34.95
N ASP C 427 -14.99 -8.32 -34.77
CA ASP C 427 -14.80 -9.41 -33.82
C ASP C 427 -14.64 -8.90 -32.40
N LEU C 428 -15.09 -9.69 -31.45
CA LEU C 428 -14.95 -9.39 -30.03
C LEU C 428 -13.75 -10.15 -29.48
N VAL C 429 -12.79 -9.43 -28.91
CA VAL C 429 -11.51 -10.00 -28.53
C VAL C 429 -11.20 -9.66 -27.08
N MET C 430 -10.18 -10.34 -26.55
CA MET C 430 -9.61 -10.06 -25.24
C MET C 430 -8.24 -9.42 -25.41
N VAL C 431 -8.00 -8.33 -24.70
CA VAL C 431 -6.76 -7.56 -24.79
C VAL C 431 -6.02 -7.67 -23.47
N GLY C 432 -4.75 -8.04 -23.52
CA GLY C 432 -3.91 -8.07 -22.35
C GLY C 432 -2.77 -7.09 -22.42
N PHE C 433 -2.13 -6.80 -21.29
CA PHE C 433 -1.07 -5.81 -21.20
C PHE C 433 0.17 -6.46 -20.63
N GLU C 434 1.30 -6.35 -21.33
CA GLU C 434 2.51 -7.03 -20.92
C GLU C 434 3.28 -6.18 -19.92
N GLN C 435 3.79 -6.84 -18.88
CA GLN C 435 4.43 -6.24 -17.72
C GLN C 435 3.48 -5.40 -16.90
N GLY C 436 2.18 -5.51 -17.13
CA GLY C 436 1.18 -4.70 -16.47
C GLY C 436 1.05 -3.29 -16.99
N ASN C 437 1.78 -2.93 -18.04
CA ASN C 437 1.84 -1.56 -18.52
C ASN C 437 0.68 -1.29 -19.47
N PRO C 438 -0.17 -0.29 -19.21
CA PRO C 438 -1.28 -0.01 -20.13
C PRO C 438 -0.85 0.54 -21.47
N ASP C 439 0.44 0.81 -21.67
CA ASP C 439 0.96 1.27 -22.94
C ASP C 439 1.47 0.13 -23.81
N ARG C 440 1.30 -1.11 -23.38
CA ARG C 440 1.78 -2.28 -24.11
C ARG C 440 0.67 -3.31 -24.28
N PRO C 441 -0.34 -3.01 -25.09
CA PRO C 441 -1.43 -3.98 -25.30
C PRO C 441 -1.17 -4.98 -26.41
N TYR C 442 -1.82 -6.13 -26.29
CA TYR C 442 -1.79 -7.17 -27.31
C TYR C 442 -3.04 -8.02 -27.18
N VAL C 443 -3.38 -8.71 -28.27
CA VAL C 443 -4.60 -9.51 -28.35
C VAL C 443 -4.28 -10.95 -27.98
N THR C 444 -5.09 -11.52 -27.07
CA THR C 444 -4.87 -12.88 -26.59
C THR C 444 -5.81 -13.91 -27.20
N GLY C 445 -7.03 -13.53 -27.56
CA GLY C 445 -7.95 -14.49 -28.16
C GLY C 445 -9.26 -13.84 -28.52
N SER C 446 -10.13 -14.65 -29.11
CA SER C 446 -11.46 -14.23 -29.53
C SER C 446 -12.53 -14.95 -28.71
N LEU C 447 -13.73 -14.38 -28.70
CA LEU C 447 -14.82 -14.88 -27.86
C LEU C 447 -16.07 -15.14 -28.69
N PHE C 448 -16.79 -16.19 -28.34
CA PHE C 448 -18.12 -16.48 -28.86
C PHE C 448 -19.17 -15.98 -27.87
N TYR C 449 -20.22 -15.35 -28.37
CA TYR C 449 -21.23 -14.79 -27.49
C TYR C 449 -22.58 -14.86 -28.19
N LYS C 450 -23.54 -14.08 -27.73
CA LYS C 450 -24.93 -14.25 -28.16
C LYS C 450 -25.12 -13.96 -29.64
N ALA C 451 -24.38 -12.98 -30.18
CA ALA C 451 -24.64 -12.49 -31.52
C ALA C 451 -24.05 -13.37 -32.61
N ASN C 452 -23.16 -14.31 -32.30
CA ASN C 452 -22.46 -15.03 -33.34
C ASN C 452 -22.34 -16.53 -33.09
N SER C 453 -22.98 -17.07 -32.06
CA SER C 453 -22.76 -18.45 -31.65
C SER C 453 -24.07 -19.21 -31.63
N GLU C 454 -24.02 -20.45 -32.10
CA GLU C 454 -25.13 -21.39 -31.96
C GLU C 454 -24.81 -22.53 -31.00
N GLY C 455 -23.63 -22.51 -30.38
CA GLY C 455 -23.32 -23.44 -29.32
C GLY C 455 -22.75 -24.76 -29.79
N ALA C 456 -22.92 -25.76 -28.95
CA ALA C 456 -22.48 -27.12 -29.21
C ALA C 456 -23.67 -28.00 -29.57
N ALA C 457 -23.39 -29.07 -30.31
CA ALA C 457 -24.43 -30.00 -30.71
C ALA C 457 -24.83 -30.88 -29.54
N THR C 458 -25.78 -31.77 -29.76
CA THR C 458 -26.20 -32.69 -28.71
C THR C 458 -25.07 -33.65 -28.39
N ASP C 459 -24.69 -33.70 -27.11
CA ASP C 459 -23.57 -34.47 -26.58
C ASP C 459 -22.21 -33.96 -27.05
N ASN C 460 -22.15 -32.78 -27.68
CA ASN C 460 -20.90 -32.18 -28.17
C ASN C 460 -20.22 -33.09 -29.18
N THR C 461 -20.87 -33.30 -30.32
CA THR C 461 -20.44 -34.29 -31.29
C THR C 461 -19.93 -33.69 -32.60
N VAL C 462 -19.62 -32.39 -32.63
CA VAL C 462 -19.19 -31.73 -33.86
C VAL C 462 -18.01 -30.81 -33.54
N LYS C 463 -16.93 -30.94 -34.31
CA LYS C 463 -15.75 -30.09 -34.20
C LYS C 463 -15.37 -29.62 -35.59
N SER C 464 -15.30 -28.31 -35.80
CA SER C 464 -15.21 -27.78 -37.15
C SER C 464 -14.21 -26.63 -37.23
N MET C 465 -13.88 -26.28 -38.48
CA MET C 465 -13.05 -25.11 -38.81
C MET C 465 -13.61 -24.50 -40.08
N ARG C 466 -14.07 -23.26 -40.02
CA ARG C 466 -14.73 -22.61 -41.15
C ARG C 466 -14.17 -21.21 -41.39
N THR C 467 -14.16 -20.81 -42.65
CA THR C 467 -13.77 -19.47 -43.06
C THR C 467 -15.00 -18.69 -43.53
N ARG C 468 -14.77 -17.46 -43.97
CA ARG C 468 -15.87 -16.56 -44.28
C ARG C 468 -16.51 -16.84 -45.63
N SER C 469 -15.83 -17.55 -46.52
CA SER C 469 -16.43 -17.96 -47.79
C SER C 469 -17.37 -19.14 -47.63
N GLY C 470 -17.17 -19.96 -46.61
CA GLY C 470 -17.94 -21.18 -46.41
C GLY C 470 -17.13 -22.46 -46.47
N HIS C 471 -15.81 -22.39 -46.61
CA HIS C 471 -14.98 -23.58 -46.59
C HIS C 471 -15.03 -24.25 -45.22
N THR C 472 -15.07 -25.57 -45.22
CA THR C 472 -15.34 -26.32 -43.99
C THR C 472 -14.41 -27.53 -43.90
N LEU C 473 -13.93 -27.81 -42.70
CA LEU C 473 -13.35 -29.10 -42.35
C LEU C 473 -14.00 -29.56 -41.05
N GLU C 474 -14.69 -30.68 -41.08
CA GLU C 474 -15.57 -31.07 -39.99
C GLU C 474 -15.33 -32.52 -39.55
N PHE C 475 -15.41 -32.75 -38.24
CA PHE C 475 -15.36 -34.07 -37.64
C PHE C 475 -16.66 -34.32 -36.87
N LYS C 476 -17.27 -35.48 -37.10
CA LYS C 476 -18.50 -35.86 -36.41
C LYS C 476 -18.23 -37.12 -35.60
N ASP C 477 -18.53 -37.06 -34.30
CA ASP C 477 -18.21 -38.13 -33.37
C ASP C 477 -19.41 -39.02 -33.04
N ASP C 478 -20.57 -38.74 -33.59
CA ASP C 478 -21.79 -39.50 -33.26
C ASP C 478 -21.73 -40.86 -33.93
N GLU C 479 -21.46 -41.90 -33.14
CA GLU C 479 -21.32 -43.25 -33.68
C GLU C 479 -22.66 -43.93 -33.97
N GLY C 480 -23.77 -43.30 -33.61
CA GLY C 480 -25.07 -43.85 -33.92
C GLY C 480 -25.65 -43.27 -35.18
N GLY C 481 -24.79 -42.68 -36.01
CA GLY C 481 -25.21 -42.05 -37.25
C GLY C 481 -24.48 -40.75 -37.48
N ASP C 482 -24.07 -40.49 -38.72
CA ASP C 482 -23.25 -39.33 -39.07
C ASP C 482 -21.93 -39.33 -38.30
N TRP C 483 -21.09 -40.30 -38.68
CA TRP C 483 -19.79 -40.53 -38.05
C TRP C 483 -18.73 -40.53 -39.15
N GLY C 484 -17.89 -39.50 -39.21
CA GLY C 484 -16.85 -39.46 -40.21
C GLY C 484 -16.25 -38.06 -40.34
N ILE C 485 -15.53 -37.85 -41.43
CA ILE C 485 -14.80 -36.61 -41.71
C ILE C 485 -15.25 -36.07 -43.05
N THR C 486 -15.38 -34.75 -43.14
CA THR C 486 -15.83 -34.07 -44.36
C THR C 486 -14.96 -32.87 -44.66
N LEU C 487 -14.65 -32.68 -45.93
CA LEU C 487 -13.94 -31.50 -46.43
C LEU C 487 -14.67 -31.02 -47.67
N ARG C 488 -15.19 -29.80 -47.63
CA ARG C 488 -16.09 -29.36 -48.69
C ARG C 488 -16.14 -27.84 -48.73
N ASP C 489 -16.84 -27.32 -49.74
CA ASP C 489 -17.15 -25.90 -49.86
C ASP C 489 -18.62 -25.76 -50.24
N ILE C 490 -19.07 -24.52 -50.36
CA ILE C 490 -20.50 -24.27 -50.60
C ILE C 490 -20.90 -24.53 -52.04
N ASN C 491 -19.95 -24.58 -52.98
CA ASN C 491 -20.31 -24.78 -54.38
C ASN C 491 -20.71 -26.22 -54.68
N GLY C 492 -20.20 -27.18 -53.93
CA GLY C 492 -20.64 -28.56 -54.09
C GLY C 492 -19.54 -29.58 -54.31
N ASN C 493 -18.29 -29.25 -53.97
CA ASN C 493 -17.20 -30.20 -54.01
C ASN C 493 -17.07 -30.82 -52.63
N VAL C 494 -17.15 -32.15 -52.55
CA VAL C 494 -17.13 -32.86 -51.28
C VAL C 494 -16.11 -33.98 -51.33
N ILE C 495 -15.42 -34.20 -50.21
CA ILE C 495 -14.66 -35.43 -49.96
C ILE C 495 -15.08 -35.93 -48.58
N HIS C 496 -15.68 -37.13 -48.53
CA HIS C 496 -16.30 -37.63 -47.31
C HIS C 496 -15.75 -39.01 -46.97
N LEU C 497 -15.27 -39.16 -45.74
CA LEU C 497 -14.81 -40.45 -45.22
C LEU C 497 -15.87 -40.96 -44.24
N ASN C 498 -16.56 -42.04 -44.61
CA ASN C 498 -17.70 -42.53 -43.87
C ASN C 498 -17.28 -43.71 -43.00
N SER C 499 -17.40 -43.56 -41.68
CA SER C 499 -16.94 -44.57 -40.75
C SER C 499 -18.00 -45.60 -40.40
N LYS C 500 -19.28 -45.23 -40.44
CA LYS C 500 -20.34 -46.19 -40.18
C LYS C 500 -20.37 -47.27 -41.24
N ASP C 501 -20.17 -46.88 -42.50
CA ASP C 501 -20.29 -47.79 -43.64
C ASP C 501 -18.95 -48.20 -44.22
N LYS C 502 -17.85 -47.53 -43.86
CA LYS C 502 -16.51 -47.79 -44.38
C LYS C 502 -16.43 -47.51 -45.88
N ASN C 503 -16.83 -46.29 -46.25
CA ASN C 503 -16.87 -45.85 -47.63
C ASN C 503 -16.07 -44.57 -47.80
N ILE C 504 -15.68 -44.28 -49.03
CA ILE C 504 -15.10 -43.00 -49.40
C ILE C 504 -15.84 -42.47 -50.62
N ASP C 505 -16.30 -41.22 -50.55
CA ASP C 505 -17.06 -40.59 -51.62
C ASP C 505 -16.35 -39.31 -52.05
N ILE C 506 -16.21 -39.13 -53.37
CA ILE C 506 -15.65 -37.91 -53.94
C ILE C 506 -16.65 -37.39 -54.97
N THR C 507 -17.11 -36.16 -54.80
CA THR C 507 -18.17 -35.58 -55.62
C THR C 507 -17.75 -34.22 -56.12
N ALA C 508 -17.89 -33.99 -57.42
CA ALA C 508 -17.58 -32.71 -58.05
C ALA C 508 -18.76 -32.36 -58.96
N PRO C 509 -19.26 -31.13 -58.92
CA PRO C 509 -20.35 -30.76 -59.84
C PRO C 509 -19.98 -30.85 -61.32
N GLU C 510 -18.72 -30.60 -61.69
CA GLU C 510 -18.35 -30.57 -63.10
C GLU C 510 -17.35 -31.66 -63.50
N THR C 511 -16.16 -31.71 -62.91
CA THR C 511 -15.13 -32.59 -63.44
C THR C 511 -14.21 -33.08 -62.33
N ILE C 512 -13.79 -34.33 -62.45
CA ILE C 512 -12.80 -34.94 -61.56
C ILE C 512 -11.65 -35.44 -62.43
N THR C 513 -10.45 -34.94 -62.18
CA THR C 513 -9.29 -35.23 -63.01
C THR C 513 -8.22 -35.90 -62.18
N LEU C 514 -7.65 -36.98 -62.71
CA LEU C 514 -6.58 -37.74 -62.06
C LEU C 514 -5.38 -37.75 -62.99
N THR C 515 -4.39 -36.91 -62.73
CA THR C 515 -3.22 -36.77 -63.58
C THR C 515 -1.98 -37.17 -62.81
N ALA C 516 -1.26 -38.16 -63.33
CA ALA C 516 -0.04 -38.65 -62.70
C ALA C 516 0.81 -39.29 -63.79
N LYS C 517 1.82 -40.05 -63.38
CA LYS C 517 2.62 -40.83 -64.32
C LYS C 517 2.07 -42.24 -64.50
N ASN C 518 1.65 -42.88 -63.42
CA ASN C 518 0.98 -44.18 -63.46
C ASN C 518 -0.27 -44.12 -62.60
N VAL C 519 -1.29 -44.87 -62.99
CA VAL C 519 -2.53 -45.00 -62.22
C VAL C 519 -2.84 -46.48 -62.08
N CYS C 520 -3.07 -46.92 -60.84
CA CYS C 520 -3.35 -48.32 -60.54
C CYS C 520 -4.67 -48.42 -59.78
N ILE C 521 -5.55 -49.32 -60.22
CA ILE C 521 -6.77 -49.65 -59.51
C ILE C 521 -6.69 -51.13 -59.14
N ASN C 522 -6.77 -51.41 -57.85
CA ASN C 522 -6.74 -52.76 -57.32
C ASN C 522 -8.02 -53.02 -56.55
N THR C 523 -8.70 -54.11 -56.89
CA THR C 523 -9.97 -54.43 -56.26
C THR C 523 -10.04 -55.94 -56.09
N GLU C 524 -10.68 -56.39 -55.01
CA GLU C 524 -10.88 -57.82 -54.78
C GLU C 524 -12.26 -58.28 -55.22
N GLU C 525 -13.01 -57.42 -55.91
CA GLU C 525 -14.35 -57.72 -56.39
C GLU C 525 -14.59 -56.88 -57.64
N ASN C 526 -15.85 -56.63 -57.96
CA ASN C 526 -16.24 -55.96 -59.19
C ASN C 526 -15.68 -54.54 -59.27
N VAL C 527 -15.47 -54.09 -60.51
CA VAL C 527 -15.20 -52.69 -60.84
C VAL C 527 -16.25 -52.26 -61.85
N GLN C 528 -16.97 -51.19 -61.54
CA GLN C 528 -18.09 -50.72 -62.35
C GLN C 528 -17.81 -49.33 -62.90
N ILE C 529 -18.00 -49.17 -64.20
CA ILE C 529 -17.94 -47.86 -64.86
C ILE C 529 -19.24 -47.64 -65.61
N THR C 530 -19.88 -46.50 -65.35
CA THR C 530 -21.19 -46.20 -65.90
C THR C 530 -21.20 -44.76 -66.42
N ALA C 531 -21.84 -44.55 -67.56
CA ALA C 531 -21.93 -43.22 -68.15
C ALA C 531 -23.26 -43.07 -68.86
N LYS C 532 -23.71 -41.82 -69.00
CA LYS C 532 -24.86 -41.49 -69.81
C LYS C 532 -24.49 -41.14 -71.24
N LYS C 533 -23.21 -41.23 -71.58
CA LYS C 533 -22.69 -40.88 -72.89
C LYS C 533 -21.49 -41.78 -73.17
N ASN C 534 -20.64 -41.35 -74.09
CA ASN C 534 -19.55 -42.20 -74.56
C ASN C 534 -18.55 -42.52 -73.45
N ILE C 535 -17.79 -43.58 -73.68
CA ILE C 535 -16.57 -43.90 -72.92
C ILE C 535 -15.43 -44.00 -73.92
N ASP C 536 -14.37 -43.23 -73.71
CA ASP C 536 -13.26 -43.14 -74.64
C ASP C 536 -12.00 -43.70 -74.00
N MET C 537 -11.20 -44.42 -74.80
CA MET C 537 -9.92 -44.97 -74.36
C MET C 537 -8.92 -44.80 -75.52
N THR C 538 -8.10 -43.77 -75.45
CA THR C 538 -7.12 -43.46 -76.48
C THR C 538 -5.71 -43.72 -75.94
N VAL C 539 -4.90 -44.41 -76.73
CA VAL C 539 -3.60 -44.90 -76.29
C VAL C 539 -2.61 -44.82 -77.45
N GLU C 540 -1.35 -44.48 -77.15
CA GLU C 540 -0.30 -44.38 -78.15
C GLU C 540 0.54 -45.66 -78.24
N ALA C 541 0.04 -46.77 -77.72
CA ALA C 541 0.70 -48.06 -77.78
C ALA C 541 -0.39 -49.14 -77.75
N ASP C 542 -0.03 -50.35 -77.34
CA ASP C 542 -0.98 -51.45 -77.32
C ASP C 542 -2.06 -51.25 -76.25
N ILE C 543 -3.17 -51.96 -76.42
CA ILE C 543 -4.22 -52.10 -75.42
C ILE C 543 -4.43 -53.59 -75.19
N ASN C 544 -4.40 -54.01 -73.92
CA ASN C 544 -4.50 -55.42 -73.57
C ASN C 544 -5.69 -55.67 -72.66
N SER C 545 -6.40 -56.77 -72.91
CA SER C 545 -7.55 -57.17 -72.09
C SER C 545 -7.49 -58.68 -71.90
N SER C 546 -7.37 -59.11 -70.65
CA SER C 546 -7.25 -60.53 -70.31
C SER C 546 -8.34 -60.92 -69.31
N ALA C 547 -8.91 -62.09 -69.51
CA ALA C 547 -9.94 -62.60 -68.62
C ALA C 547 -9.73 -64.10 -68.43
N LYS C 548 -10.18 -64.60 -67.27
CA LYS C 548 -10.18 -66.03 -67.00
C LYS C 548 -11.55 -66.65 -67.22
N GLY C 549 -12.51 -65.88 -67.71
CA GLY C 549 -13.81 -66.40 -68.09
C GLY C 549 -14.18 -65.96 -69.48
N ASN C 550 -15.36 -65.39 -69.64
CA ASN C 550 -15.82 -64.92 -70.93
C ASN C 550 -15.47 -63.46 -71.13
N LEU C 551 -15.57 -63.00 -72.38
CA LEU C 551 -15.32 -61.62 -72.76
C LEU C 551 -16.45 -61.18 -73.68
N LEU C 552 -17.42 -60.47 -73.13
CA LEU C 552 -18.61 -60.07 -73.87
C LEU C 552 -18.40 -58.70 -74.51
N LEU C 553 -18.74 -58.59 -75.80
CA LEU C 553 -18.74 -57.34 -76.54
C LEU C 553 -20.14 -57.20 -77.15
N GLN C 554 -21.05 -56.58 -76.41
CA GLN C 554 -22.44 -56.49 -76.80
C GLN C 554 -22.80 -55.04 -77.12
N ALA C 555 -23.56 -54.84 -78.18
CA ALA C 555 -24.03 -53.52 -78.56
C ALA C 555 -25.45 -53.63 -79.10
N ASP C 556 -26.18 -52.53 -79.03
CA ASP C 556 -27.55 -52.52 -79.53
C ASP C 556 -27.67 -52.04 -80.97
N LYS C 557 -26.69 -51.28 -81.47
CA LYS C 557 -26.69 -50.87 -82.87
C LYS C 557 -25.72 -51.68 -83.71
N ASP C 558 -24.42 -51.60 -83.41
CA ASP C 558 -23.41 -52.14 -84.30
C ASP C 558 -22.14 -52.44 -83.51
N VAL C 559 -21.28 -53.27 -84.10
CA VAL C 559 -19.97 -53.61 -83.54
C VAL C 559 -18.98 -53.63 -84.69
N LEU C 560 -18.15 -52.60 -84.79
CA LEU C 560 -17.24 -52.43 -85.92
C LEU C 560 -15.79 -52.52 -85.45
N THR C 561 -14.98 -53.27 -86.21
CA THR C 561 -13.57 -53.48 -85.90
C THR C 561 -12.76 -53.16 -87.14
N ALA C 562 -11.97 -52.09 -87.09
CA ALA C 562 -11.17 -51.65 -88.23
C ALA C 562 -9.70 -51.65 -87.83
N ALA C 563 -8.85 -52.25 -88.67
CA ALA C 563 -7.42 -52.29 -88.44
C ALA C 563 -6.68 -51.86 -89.69
N LYS C 564 -5.62 -51.08 -89.51
CA LYS C 564 -4.78 -50.68 -90.63
C LYS C 564 -3.83 -51.78 -91.08
N GLY C 565 -3.74 -52.87 -90.32
CA GLY C 565 -2.94 -54.01 -90.71
C GLY C 565 -3.76 -55.28 -90.78
N ASN C 566 -3.32 -56.34 -90.11
CA ASN C 566 -4.01 -57.61 -90.16
C ASN C 566 -5.15 -57.65 -89.13
N VAL C 567 -6.00 -58.66 -89.27
CA VAL C 567 -6.98 -59.03 -88.27
C VAL C 567 -6.87 -60.53 -88.06
N GLY C 568 -6.56 -60.94 -86.83
CA GLY C 568 -6.35 -62.34 -86.55
C GLY C 568 -7.31 -62.90 -85.53
N ILE C 569 -8.07 -63.92 -85.91
CA ILE C 569 -9.02 -64.58 -85.02
C ILE C 569 -8.56 -66.03 -84.87
N GLU C 570 -7.75 -66.28 -83.85
CA GLU C 570 -7.22 -67.62 -83.59
C GLU C 570 -7.87 -68.17 -82.33
N ALA C 571 -8.65 -69.23 -82.48
CA ALA C 571 -9.38 -69.81 -81.36
C ALA C 571 -9.27 -71.33 -81.43
N LYS C 572 -8.72 -71.92 -80.38
CA LYS C 572 -8.72 -73.38 -80.27
C LYS C 572 -10.15 -73.87 -80.10
N SER C 573 -10.35 -75.15 -80.41
CA SER C 573 -11.67 -75.79 -80.35
C SER C 573 -12.57 -75.11 -81.39
N ASP C 574 -13.76 -74.65 -81.03
CA ASP C 574 -14.79 -74.30 -82.00
C ASP C 574 -14.76 -72.82 -82.36
N ILE C 575 -15.28 -72.52 -83.55
CA ILE C 575 -15.54 -71.15 -83.99
C ILE C 575 -16.91 -71.12 -84.66
N ASN C 576 -17.77 -70.20 -84.23
CA ASN C 576 -19.14 -70.15 -84.72
C ASN C 576 -19.48 -68.74 -85.19
N MET C 577 -20.21 -68.66 -86.30
CA MET C 577 -20.68 -67.41 -86.85
C MET C 577 -22.13 -67.58 -87.30
N VAL C 578 -23.01 -66.71 -86.81
CA VAL C 578 -24.44 -66.78 -87.12
C VAL C 578 -24.91 -65.40 -87.52
N GLY C 579 -25.68 -65.33 -88.61
CA GLY C 579 -26.22 -64.06 -89.05
C GLY C 579 -27.27 -64.27 -90.11
N LYS C 580 -28.03 -63.21 -90.37
CA LYS C 580 -29.02 -63.26 -91.43
C LYS C 580 -28.35 -63.31 -92.80
N ASN C 581 -27.40 -62.41 -93.04
CA ASN C 581 -26.63 -62.37 -94.28
C ASN C 581 -25.15 -62.34 -93.95
N ILE C 582 -24.36 -63.08 -94.73
CA ILE C 582 -22.91 -63.09 -94.59
C ILE C 582 -22.31 -62.69 -95.92
N ALA C 583 -21.43 -61.70 -95.91
CA ALA C 583 -20.73 -61.24 -97.10
C ALA C 583 -19.23 -61.28 -96.83
N VAL C 584 -18.49 -61.98 -97.70
CA VAL C 584 -17.04 -62.02 -97.65
C VAL C 584 -16.54 -61.41 -98.94
N GLU C 585 -15.75 -60.35 -98.83
CA GLU C 585 -15.31 -59.57 -99.98
C GLU C 585 -13.79 -59.55 -100.03
N GLY C 586 -13.22 -60.36 -100.91
CA GLY C 586 -11.79 -60.34 -101.13
C GLY C 586 -11.39 -59.41 -102.26
N ASN C 587 -10.07 -59.23 -102.40
CA ASN C 587 -9.57 -58.36 -103.46
C ASN C 587 -8.50 -59.06 -104.27
N SER C 588 -7.75 -59.96 -103.63
CA SER C 588 -6.71 -60.73 -104.30
C SER C 588 -6.95 -62.23 -104.27
N LYS C 589 -7.27 -62.80 -103.11
CA LYS C 589 -7.51 -64.22 -103.02
C LYS C 589 -8.41 -64.53 -101.84
N ILE C 590 -9.24 -65.56 -102.01
CA ILE C 590 -10.09 -66.10 -100.96
C ILE C 590 -9.74 -67.58 -100.80
N THR C 591 -9.19 -67.94 -99.66
CA THR C 591 -8.71 -69.29 -99.42
C THR C 591 -9.60 -69.97 -98.39
N LEU C 592 -10.02 -71.20 -98.71
CA LEU C 592 -10.83 -72.03 -97.80
C LEU C 592 -10.16 -73.39 -97.72
N ASN C 593 -9.22 -73.54 -96.80
CA ASN C 593 -8.48 -74.78 -96.60
C ASN C 593 -8.94 -75.43 -95.30
N GLY C 594 -9.21 -76.73 -95.37
CA GLY C 594 -9.63 -77.45 -94.18
C GLY C 594 -9.57 -78.94 -94.41
N GLY C 595 -9.96 -79.69 -93.39
CA GLY C 595 -9.99 -81.14 -93.47
C GLY C 595 -11.06 -81.63 -94.42
N GLN C 596 -12.32 -81.41 -94.07
CA GLN C 596 -13.46 -81.74 -94.91
C GLN C 596 -14.31 -80.49 -95.11
N THR C 597 -14.65 -80.20 -96.36
CA THR C 597 -15.41 -79.01 -96.71
C THR C 597 -16.79 -79.43 -97.21
N GLN C 598 -17.82 -78.79 -96.67
CA GLN C 598 -19.20 -79.04 -97.10
C GLN C 598 -19.96 -77.73 -97.14
N VAL C 599 -20.67 -77.50 -98.24
CA VAL C 599 -21.51 -76.32 -98.41
C VAL C 599 -22.95 -76.78 -98.62
N ALA C 600 -23.88 -76.06 -98.04
CA ALA C 600 -25.30 -76.37 -98.12
C ALA C 600 -26.04 -75.24 -98.82
N GLY C 601 -27.36 -75.37 -98.89
CA GLY C 601 -28.20 -74.38 -99.52
C GLY C 601 -29.17 -75.02 -100.50
N GLN C 602 -30.33 -74.37 -100.68
CA GLN C 602 -31.33 -74.88 -101.60
C GLN C 602 -31.00 -74.54 -103.05
N GLN C 603 -30.27 -73.45 -103.29
CA GLN C 603 -29.89 -73.03 -104.64
C GLN C 603 -28.46 -72.49 -104.56
N THR C 604 -27.49 -73.36 -104.85
CA THR C 604 -26.08 -73.00 -104.80
C THR C 604 -25.55 -72.79 -106.20
N THR C 605 -24.93 -71.63 -106.44
CA THR C 605 -24.39 -71.28 -107.74
C THR C 605 -22.90 -71.01 -107.62
N ILE C 606 -22.12 -71.60 -108.51
CA ILE C 606 -20.69 -71.34 -108.60
C ILE C 606 -20.45 -70.48 -109.83
N GLN C 607 -19.91 -69.29 -109.62
CA GLN C 607 -19.71 -68.31 -110.67
C GLN C 607 -18.22 -68.13 -110.94
N GLY C 608 -17.91 -67.17 -111.82
CA GLY C 608 -16.54 -66.87 -112.14
C GLY C 608 -16.29 -66.75 -113.63
N ALA C 609 -15.69 -65.64 -114.04
CA ALA C 609 -15.25 -65.40 -115.42
C ALA C 609 -16.48 -65.47 -116.33
N ALA C 610 -16.45 -66.27 -117.41
CA ALA C 610 -17.53 -66.23 -118.40
C ALA C 610 -18.72 -67.08 -117.97
N ASN C 611 -18.51 -68.38 -117.78
CA ASN C 611 -19.61 -69.30 -117.51
C ASN C 611 -19.78 -69.52 -116.01
N LYS C 612 -20.75 -70.36 -115.67
CA LYS C 612 -21.09 -70.64 -114.27
C LYS C 612 -21.69 -72.03 -114.18
N ILE C 613 -21.68 -72.57 -112.96
CA ILE C 613 -22.28 -73.87 -112.67
C ILE C 613 -23.44 -73.66 -111.71
N GLU C 614 -24.60 -74.21 -112.05
CA GLU C 614 -25.80 -74.09 -111.25
C GLU C 614 -26.12 -75.44 -110.60
N ILE C 615 -26.38 -75.42 -109.30
CA ILE C 615 -26.76 -76.63 -108.57
C ILE C 615 -28.15 -76.44 -107.97
N SER D 3 37.98 1.70 40.45
CA SER D 3 37.55 3.07 40.73
C SER D 3 36.08 3.10 41.16
N THR D 4 35.81 3.82 42.25
CA THR D 4 34.45 3.94 42.75
C THR D 4 33.66 4.93 41.90
N ASN D 5 32.41 5.17 42.28
CA ASN D 5 31.48 6.02 41.53
C ASN D 5 31.31 5.52 40.10
N LEU D 6 30.76 4.32 39.99
CA LEU D 6 30.46 3.70 38.71
C LEU D 6 28.98 3.40 38.63
N ASP D 7 28.40 3.60 37.45
CA ASP D 7 27.02 3.21 37.20
C ASP D 7 26.89 1.69 37.26
N ALA D 8 25.64 1.22 37.29
CA ALA D 8 25.42 -0.22 37.31
C ALA D 8 25.94 -0.89 36.05
N VAL D 9 25.73 -0.26 34.90
CA VAL D 9 26.16 -0.77 33.60
C VAL D 9 27.02 0.27 32.92
N SER D 10 28.16 -0.15 32.38
CA SER D 10 29.09 0.72 31.69
C SER D 10 29.13 0.35 30.21
N VAL D 11 29.02 1.35 29.34
CA VAL D 11 28.99 1.15 27.89
C VAL D 11 30.22 1.79 27.27
N GLU D 12 30.86 1.07 26.35
CA GLU D 12 32.08 1.52 25.68
C GLU D 12 31.89 1.42 24.17
N ILE D 13 32.22 2.49 23.45
CA ILE D 13 32.05 2.58 22.01
C ILE D 13 33.41 2.85 21.36
N LYS D 14 33.74 2.09 20.32
CA LYS D 14 34.99 2.24 19.57
C LYS D 14 34.67 2.36 18.09
N VAL D 15 35.21 3.39 17.45
CA VAL D 15 35.02 3.61 16.01
C VAL D 15 36.38 3.46 15.34
N ALA D 16 36.49 2.46 14.46
CA ALA D 16 37.74 2.10 13.79
C ALA D 16 38.87 1.82 14.78
N GLY D 17 38.53 1.26 15.94
CA GLY D 17 39.51 0.90 16.95
C GLY D 17 39.80 1.96 17.98
N LYS D 18 39.30 3.19 17.81
CA LYS D 18 39.56 4.29 18.72
C LYS D 18 38.32 4.65 19.51
N VAL D 19 38.53 5.12 20.74
CA VAL D 19 37.42 5.35 21.66
C VAL D 19 36.66 6.61 21.28
N CYS D 20 35.34 6.52 21.30
CA CYS D 20 34.45 7.62 20.95
C CYS D 20 33.97 8.35 22.22
N ASP D 21 33.71 9.64 22.07
CA ASP D 21 33.23 10.50 23.15
C ASP D 21 31.81 10.93 22.80
N TYR D 22 30.83 10.19 23.32
CA TYR D 22 29.44 10.36 22.90
C TYR D 22 28.60 10.99 23.99
N VAL D 23 27.43 11.48 23.59
CA VAL D 23 26.45 12.07 24.48
C VAL D 23 25.26 11.13 24.68
N THR D 24 24.79 10.50 23.62
CA THR D 24 23.62 9.62 23.64
C THR D 24 23.82 8.49 22.64
N MET D 25 23.46 7.27 23.03
CA MET D 25 23.39 6.16 22.09
C MET D 25 21.97 5.57 22.02
N GLU D 26 21.81 4.65 21.08
CA GLU D 26 20.58 3.88 20.90
C GLU D 26 20.89 2.67 20.05
N LEU D 27 20.41 1.49 20.45
CA LEU D 27 20.63 0.27 19.70
C LEU D 27 19.37 -0.59 19.73
N PHE D 28 18.99 -1.13 18.59
CA PHE D 28 17.81 -1.97 18.44
C PHE D 28 18.18 -3.29 17.78
N GLN D 29 17.73 -4.40 18.36
CA GLN D 29 18.03 -5.74 17.87
C GLN D 29 16.76 -6.56 17.70
N SER D 30 16.71 -7.36 16.62
CA SER D 30 15.55 -8.17 16.30
C SER D 30 15.98 -9.49 15.69
N VAL D 31 15.12 -10.50 15.77
CA VAL D 31 15.35 -11.78 15.10
C VAL D 31 14.66 -11.87 13.74
N SER D 32 13.96 -10.82 13.32
CA SER D 32 13.33 -10.84 12.01
C SER D 32 13.43 -9.49 11.31
N THR D 33 14.47 -8.71 11.59
CA THR D 33 14.67 -7.40 10.96
C THR D 33 16.14 -7.02 11.16
N HIS D 34 16.52 -5.88 10.58
CA HIS D 34 17.86 -5.33 10.76
C HIS D 34 18.07 -4.85 12.20
N HIS D 35 19.32 -4.83 12.63
CA HIS D 35 19.72 -4.11 13.84
C HIS D 35 20.15 -2.70 13.45
N ARG D 36 19.84 -1.74 14.32
CA ARG D 36 20.10 -0.33 14.02
C ARG D 36 20.74 0.34 15.23
N PHE D 37 21.69 1.26 14.98
CA PHE D 37 22.25 2.10 16.02
C PHE D 37 22.26 3.56 15.57
N LYS D 38 22.24 4.45 16.55
CA LYS D 38 22.31 5.89 16.30
C LYS D 38 23.12 6.53 17.43
N ILE D 39 24.25 7.14 17.10
CA ILE D 39 25.22 7.63 18.08
C ILE D 39 25.48 9.10 17.84
N LYS D 40 25.44 9.90 18.90
CA LYS D 40 25.72 11.33 18.86
C LYS D 40 27.09 11.62 19.45
N VAL D 41 27.93 12.31 18.69
CA VAL D 41 29.30 12.63 19.07
C VAL D 41 29.41 14.12 19.28
N ASN D 42 30.13 14.52 20.33
CA ASN D 42 30.30 15.94 20.63
C ASN D 42 31.74 16.37 20.45
N TYR D 43 31.92 17.64 20.12
CA TYR D 43 33.23 18.25 19.94
C TYR D 43 33.42 19.28 21.04
N ARG D 44 34.56 19.23 21.70
CA ARG D 44 34.80 20.04 22.88
C ARG D 44 35.30 21.44 22.50
N PRO D 45 35.08 22.43 23.38
CA PRO D 45 35.49 23.80 23.05
C PRO D 45 36.98 23.99 22.81
N ASP D 46 37.83 23.18 23.42
CA ASP D 46 39.28 23.35 23.29
C ASP D 46 39.90 22.47 22.21
N LYS D 47 39.10 21.80 21.41
CA LYS D 47 39.53 20.99 20.28
C LYS D 47 38.94 21.58 19.00
N PRO D 48 39.48 21.21 17.83
CA PRO D 48 38.93 21.73 16.57
C PRO D 48 37.46 21.39 16.39
N SER D 49 36.74 22.29 15.73
CA SER D 49 35.32 22.13 15.49
C SER D 49 35.09 21.34 14.20
N VAL D 50 33.82 21.17 13.84
CA VAL D 50 33.49 20.47 12.60
C VAL D 50 33.77 21.31 11.37
N TRP D 51 34.04 22.60 11.54
CA TRP D 51 34.40 23.48 10.43
C TRP D 51 35.91 23.60 10.23
N ALA D 52 36.69 23.43 11.29
CA ALA D 52 38.13 23.39 11.15
C ALA D 52 38.60 22.08 10.53
N ILE D 53 37.84 21.00 10.75
CA ILE D 53 38.19 19.72 10.14
C ILE D 53 37.66 19.63 8.72
N GLY D 54 36.39 19.96 8.53
CA GLY D 54 35.79 19.92 7.22
C GLY D 54 34.83 18.76 7.06
N PRO D 55 33.60 19.06 6.62
CA PRO D 55 32.59 18.00 6.52
C PRO D 55 32.99 16.83 5.63
N ASP D 56 33.72 17.07 4.54
CA ASP D 56 34.05 15.99 3.63
C ASP D 56 35.16 15.09 4.16
N VAL D 57 35.94 15.55 5.14
CA VAL D 57 36.90 14.67 5.80
C VAL D 57 36.21 13.82 6.87
N ILE D 58 35.12 14.31 7.44
CA ILE D 58 34.28 13.48 8.30
C ILE D 58 33.51 12.47 7.46
N PHE D 59 33.09 12.84 6.25
CA PHE D 59 32.31 11.97 5.38
C PHE D 59 33.11 10.82 4.81
N LYS D 60 34.38 10.65 5.18
CA LYS D 60 35.20 9.57 4.66
C LYS D 60 35.34 8.41 5.65
N GLN D 61 34.55 8.40 6.72
CA GLN D 61 34.45 7.24 7.60
C GLN D 61 33.13 6.49 7.42
N LEU D 62 32.54 6.59 6.23
CA LEU D 62 31.38 5.76 5.89
C LEU D 62 31.83 4.33 5.61
N GLY D 63 31.11 3.36 6.19
CA GLY D 63 31.44 1.98 5.99
C GLY D 63 32.51 1.41 6.90
N GLU D 64 32.85 2.11 7.98
CA GLU D 64 33.84 1.64 8.94
C GLU D 64 33.16 0.81 10.03
N LYS D 65 33.99 0.20 10.87
CA LYS D 65 33.52 -0.73 11.89
C LYS D 65 33.22 0.00 13.21
N VAL D 66 32.20 -0.49 13.91
CA VAL D 66 31.77 0.05 15.20
C VAL D 66 31.60 -1.13 16.15
N SER D 67 32.09 -0.99 17.37
CA SER D 67 31.90 -2.00 18.40
C SER D 67 31.30 -1.37 19.65
N ILE D 68 30.25 -1.99 20.19
CA ILE D 68 29.58 -1.54 21.41
C ILE D 68 29.62 -2.68 22.41
N ILE D 69 30.15 -2.41 23.61
CA ILE D 69 30.27 -3.43 24.66
C ILE D 69 29.71 -2.88 25.95
N MET D 70 28.77 -3.62 26.55
CA MET D 70 28.10 -3.23 27.79
C MET D 70 28.45 -4.21 28.89
N THR D 71 28.87 -3.71 30.05
CA THR D 71 29.36 -4.54 31.14
C THR D 71 28.58 -4.23 32.42
N HIS D 72 28.13 -5.30 33.09
CA HIS D 72 27.46 -5.21 34.38
C HIS D 72 28.48 -5.57 35.45
N HIS D 73 28.78 -4.62 36.33
CA HIS D 73 29.92 -4.78 37.23
C HIS D 73 29.63 -5.76 38.36
N GLU D 74 28.42 -5.73 38.91
CA GLU D 74 28.10 -6.58 40.05
C GLU D 74 28.16 -8.06 39.67
N SER D 75 27.61 -8.43 38.52
CA SER D 75 27.55 -9.82 38.09
C SER D 75 28.64 -10.19 37.08
N GLY D 76 29.30 -9.22 36.47
CA GLY D 76 30.32 -9.49 35.47
C GLY D 76 29.80 -10.08 34.18
N GLU D 77 28.68 -9.57 33.67
CA GLU D 77 28.06 -10.06 32.45
C GLU D 77 28.13 -8.99 31.38
N LYS D 78 28.42 -9.39 30.13
CA LYS D 78 28.64 -8.45 29.06
C LYS D 78 27.85 -8.81 27.80
N THR D 79 27.64 -7.80 26.97
CA THR D 79 26.99 -7.90 25.68
C THR D 79 27.86 -7.19 24.65
N GLU D 80 28.02 -7.79 23.47
CA GLU D 80 28.85 -7.23 22.42
C GLU D 80 28.09 -7.11 21.11
N PHE D 81 28.42 -6.08 20.34
CA PHE D 81 27.80 -5.82 19.06
C PHE D 81 28.84 -5.25 18.10
N HIS D 82 28.85 -5.76 16.87
CA HIS D 82 29.71 -5.26 15.79
C HIS D 82 28.84 -4.86 14.61
N GLY D 83 29.08 -3.66 14.06
CA GLY D 83 28.32 -3.16 12.94
C GLY D 83 29.10 -2.24 12.03
N LEU D 84 28.42 -1.57 11.10
CA LEU D 84 29.05 -0.67 10.14
C LEU D 84 28.27 0.64 10.04
N ILE D 85 28.95 1.69 9.62
CA ILE D 85 28.34 3.01 9.46
C ILE D 85 27.80 3.14 8.04
N SER D 86 26.56 3.62 7.91
CA SER D 86 25.94 3.81 6.62
C SER D 86 25.46 5.24 6.35
N ASP D 87 25.30 6.08 7.38
CA ASP D 87 24.92 7.47 7.23
C ASP D 87 25.70 8.35 8.19
N ILE D 88 25.91 9.61 7.80
CA ILE D 88 26.56 10.62 8.62
C ILE D 88 25.82 11.94 8.47
N HIS D 89 25.62 12.65 9.58
CA HIS D 89 25.04 13.98 9.61
C HIS D 89 25.99 14.93 10.32
N VAL D 90 26.26 16.08 9.73
CA VAL D 90 27.05 17.15 10.33
C VAL D 90 26.17 18.39 10.39
N GLU D 91 25.98 18.94 11.60
CA GLU D 91 25.10 20.09 11.72
C GLU D 91 25.48 20.95 12.93
N GLY D 92 25.02 22.19 12.89
CA GLY D 92 25.22 23.13 13.97
C GLY D 92 24.17 24.21 13.93
N PHE D 93 24.00 24.90 15.06
CA PHE D 93 23.02 25.96 15.16
C PHE D 93 23.52 27.04 16.10
N ASP D 94 23.22 28.29 15.76
CA ASP D 94 23.50 29.46 16.61
C ASP D 94 24.99 29.70 16.81
N GLY D 95 25.82 29.25 15.88
CA GLY D 95 27.23 29.54 15.93
C GLY D 95 28.08 28.62 16.78
N ASN D 96 27.52 27.53 17.28
CA ASN D 96 28.29 26.62 18.11
C ASN D 96 29.28 25.85 17.25
N GLN D 97 30.04 24.96 17.88
CA GLN D 97 31.09 24.23 17.16
C GLN D 97 30.55 23.04 16.37
N GLY D 98 29.28 22.68 16.53
CA GLY D 98 28.67 21.60 15.78
C GLY D 98 28.84 20.25 16.42
N PHE D 99 28.14 19.26 15.87
CA PHE D 99 28.23 17.88 16.31
C PHE D 99 27.95 16.96 15.13
N VAL D 100 28.20 15.67 15.34
CA VAL D 100 28.11 14.65 14.31
C VAL D 100 27.17 13.55 14.80
N ILE D 101 26.35 13.02 13.90
CA ILE D 101 25.46 11.90 14.20
C ILE D 101 25.82 10.73 13.27
N LEU D 102 26.14 9.59 13.86
CA LEU D 102 26.51 8.39 13.13
C LEU D 102 25.37 7.39 13.18
N GLU D 103 24.98 6.86 12.01
CA GLU D 103 23.91 5.90 11.91
C GLU D 103 24.37 4.68 11.12
N GLY D 104 23.86 3.51 11.51
CA GLY D 104 24.25 2.28 10.87
C GLY D 104 23.52 1.06 11.40
N GLY D 105 24.21 -0.07 11.43
CA GLY D 105 23.62 -1.29 11.96
C GLY D 105 24.43 -2.50 11.59
N SER D 106 23.75 -3.65 11.55
CA SER D 106 24.39 -4.88 11.13
C SER D 106 24.74 -4.80 9.65
N PRO D 107 25.71 -5.62 9.20
CA PRO D 107 26.11 -5.55 7.78
C PRO D 107 25.02 -5.91 6.79
N THR D 108 23.92 -6.52 7.24
CA THR D 108 22.83 -6.83 6.32
C THR D 108 22.11 -5.58 5.81
N ILE D 109 22.31 -4.43 6.47
CA ILE D 109 21.72 -3.19 5.98
C ILE D 109 22.33 -2.78 4.65
N LEU D 110 23.61 -3.09 4.43
CA LEU D 110 24.28 -2.79 3.18
C LEU D 110 24.04 -3.83 2.10
N LEU D 111 23.28 -4.88 2.41
CA LEU D 111 22.83 -5.87 1.44
C LEU D 111 21.45 -5.56 0.87
N ASP D 112 20.88 -4.42 1.20
CA ASP D 112 19.50 -4.09 0.90
C ASP D 112 19.39 -2.85 0.02
N ARG D 113 20.30 -2.72 -0.94
CA ARG D 113 20.35 -1.52 -1.78
C ARG D 113 20.66 -1.87 -3.24
N ASP D 114 20.07 -2.94 -3.79
CA ASP D 114 20.41 -3.32 -5.16
C ASP D 114 19.39 -4.21 -5.86
N PRO D 115 18.35 -3.66 -6.47
CA PRO D 115 17.37 -4.51 -7.16
C PRO D 115 17.91 -5.07 -8.48
N ALA D 116 17.60 -6.33 -8.76
CA ALA D 116 18.12 -7.02 -9.94
C ALA D 116 17.25 -8.22 -10.26
N MET D 117 17.65 -8.94 -11.32
CA MET D 117 16.93 -10.11 -11.83
C MET D 117 17.89 -11.28 -11.95
N ASP D 118 17.51 -12.43 -11.37
CA ASP D 118 18.27 -13.68 -11.45
C ASP D 118 17.33 -14.88 -11.43
N CYS D 119 17.92 -16.06 -11.58
CA CYS D 119 17.20 -17.32 -11.40
C CYS D 119 18.21 -18.41 -11.03
N TYR D 120 17.71 -19.43 -10.35
CA TYR D 120 18.52 -20.57 -9.91
C TYR D 120 17.80 -21.85 -10.28
N VAL D 121 18.51 -22.79 -10.89
CA VAL D 121 17.91 -24.01 -11.41
C VAL D 121 18.59 -25.20 -10.74
N GLU D 122 17.83 -25.93 -9.91
CA GLU D 122 18.24 -27.21 -9.33
C GLU D 122 19.41 -27.09 -8.37
N GLN D 123 19.28 -26.17 -7.42
CA GLN D 123 20.19 -26.04 -6.30
C GLN D 123 19.43 -26.29 -5.00
N ASN D 124 20.15 -26.32 -3.90
CA ASN D 124 19.54 -26.33 -2.58
C ASN D 124 19.80 -25.00 -1.87
N LEU D 125 19.14 -24.81 -0.74
CA LEU D 125 19.24 -23.54 -0.02
C LEU D 125 20.66 -23.27 0.46
N ASN D 126 21.44 -24.33 0.72
CA ASN D 126 22.82 -24.16 1.11
C ASN D 126 23.64 -23.50 0.00
N THR D 127 23.42 -23.93 -1.24
CA THR D 127 24.20 -23.43 -2.37
C THR D 127 23.73 -22.05 -2.80
N ILE D 128 22.43 -21.79 -2.73
CA ILE D 128 21.91 -20.49 -3.14
C ILE D 128 22.41 -19.38 -2.22
N VAL D 129 22.49 -19.66 -0.92
CA VAL D 129 22.94 -18.65 0.03
C VAL D 129 24.39 -18.26 -0.25
N SER D 130 25.25 -19.24 -0.52
CA SER D 130 26.66 -18.96 -0.78
C SER D 130 26.84 -18.12 -2.04
N ASP D 131 26.00 -18.35 -3.05
CA ASP D 131 26.10 -17.59 -4.29
C ASP D 131 25.77 -16.12 -4.08
N ILE D 132 24.74 -15.82 -3.29
CA ILE D 132 24.35 -14.44 -3.03
C ILE D 132 25.44 -13.71 -2.24
N LEU D 133 26.02 -14.38 -1.25
CA LEU D 133 27.05 -13.78 -0.41
C LEU D 133 28.42 -13.74 -1.08
N ASP D 134 28.62 -14.50 -2.15
CA ASP D 134 29.90 -14.50 -2.85
C ASP D 134 30.09 -13.25 -3.70
N LYS D 135 29.02 -12.68 -4.23
CA LYS D 135 29.09 -11.49 -5.06
C LYS D 135 28.59 -10.25 -4.32
N SER D 136 28.92 -10.16 -3.02
CA SER D 136 28.38 -9.11 -2.19
C SER D 136 29.33 -7.91 -2.04
N GLY D 137 30.59 -8.15 -1.73
CA GLY D 137 31.51 -7.07 -1.46
C GLY D 137 31.51 -6.56 -0.03
N VAL D 138 30.67 -7.13 0.84
CA VAL D 138 30.65 -6.82 2.26
C VAL D 138 31.32 -7.95 3.01
N LYS D 139 32.24 -7.61 3.91
CA LYS D 139 32.95 -8.60 4.70
C LYS D 139 32.06 -9.08 5.85
N MET D 140 31.79 -10.38 5.89
CA MET D 140 30.92 -10.94 6.92
C MET D 140 31.30 -12.41 7.14
N ASN D 141 30.96 -12.92 8.32
CA ASN D 141 31.11 -14.33 8.63
C ASN D 141 29.74 -14.93 8.92
N VAL D 142 29.52 -16.15 8.43
CA VAL D 142 28.20 -16.75 8.37
C VAL D 142 28.28 -18.20 8.82
N THR D 143 27.20 -18.68 9.43
CA THR D 143 26.99 -20.09 9.74
C THR D 143 25.85 -20.59 8.88
N ASN D 144 26.15 -21.44 7.92
CA ASN D 144 25.22 -21.88 6.87
C ASN D 144 24.82 -23.31 7.17
N ASN D 145 23.66 -23.50 7.82
CA ASN D 145 23.20 -24.83 8.21
C ASN D 145 21.67 -24.90 8.14
N PRO D 146 21.11 -24.86 6.95
CA PRO D 146 19.66 -25.01 6.82
C PRO D 146 19.22 -26.44 7.08
N LYS D 147 17.93 -26.60 7.34
CA LYS D 147 17.35 -27.90 7.67
C LYS D 147 16.80 -28.63 6.45
N HIS D 148 16.37 -27.89 5.43
CA HIS D 148 15.83 -28.47 4.20
C HIS D 148 17.00 -28.70 3.24
N THR D 149 17.41 -29.96 3.10
CA THR D 149 18.60 -30.30 2.33
C THR D 149 18.27 -30.80 0.92
N ASP D 150 17.01 -30.83 0.53
CA ASP D 150 16.62 -31.31 -0.79
C ASP D 150 16.82 -30.21 -1.84
N ILE D 151 16.65 -30.61 -3.09
CA ILE D 151 16.91 -29.74 -4.24
C ILE D 151 15.61 -29.11 -4.70
N ILE D 152 15.62 -27.81 -4.93
CA ILE D 152 14.47 -27.06 -5.42
C ILE D 152 14.61 -26.90 -6.92
N PRO D 153 13.65 -27.38 -7.72
CA PRO D 153 13.80 -27.27 -9.19
C PRO D 153 13.97 -25.86 -9.73
N TYR D 154 13.27 -24.86 -9.19
CA TYR D 154 13.35 -23.52 -9.76
C TYR D 154 13.04 -22.46 -8.71
N VAL D 155 13.91 -21.45 -8.63
CA VAL D 155 13.71 -20.26 -7.80
C VAL D 155 14.04 -19.05 -8.65
N ALA D 156 13.24 -17.99 -8.50
CA ALA D 156 13.41 -16.75 -9.27
C ALA D 156 13.58 -15.56 -8.34
N ARG D 157 14.49 -14.66 -8.69
CA ARG D 157 14.64 -13.37 -8.01
C ARG D 157 14.05 -12.29 -8.92
N TYR D 158 12.99 -11.64 -8.47
CA TYR D 158 12.17 -10.78 -9.31
C TYR D 158 12.25 -9.35 -8.78
N LYS D 159 13.17 -8.58 -9.37
CA LYS D 159 13.45 -7.17 -9.05
C LYS D 159 13.42 -6.88 -7.54
N GLU D 160 14.27 -7.61 -6.82
CA GLU D 160 14.43 -7.42 -5.39
C GLU D 160 15.92 -7.35 -5.05
N THR D 161 16.21 -6.90 -3.83
CA THR D 161 17.57 -6.80 -3.35
C THR D 161 18.05 -8.17 -2.84
N SER D 162 19.33 -8.23 -2.48
CA SER D 162 19.89 -9.48 -2.00
C SER D 162 19.27 -9.90 -0.67
N TYR D 163 19.13 -8.94 0.26
CA TYR D 163 18.50 -9.25 1.54
C TYR D 163 17.02 -9.56 1.38
N GLY D 164 16.31 -8.77 0.57
CA GLY D 164 14.89 -8.98 0.39
C GLY D 164 14.57 -10.32 -0.25
N PHE D 165 15.40 -10.74 -1.21
CA PHE D 165 15.23 -12.05 -1.82
C PHE D 165 15.51 -13.17 -0.82
N LEU D 166 16.59 -13.03 -0.05
CA LEU D 166 16.99 -14.08 0.89
C LEU D 166 16.05 -14.15 2.09
N SER D 167 15.59 -12.99 2.57
CA SER D 167 14.68 -12.96 3.70
C SER D 167 13.37 -13.65 3.37
N ARG D 168 12.81 -13.37 2.20
CA ARG D 168 11.59 -14.03 1.73
C ARG D 168 11.75 -15.53 1.61
N LEU D 169 12.81 -15.98 0.92
CA LEU D 169 12.93 -17.37 0.52
C LEU D 169 13.17 -18.28 1.73
N LEU D 170 14.00 -17.84 2.67
CA LEU D 170 14.36 -18.69 3.79
C LEU D 170 13.22 -18.82 4.79
N ARG D 171 12.43 -17.76 4.97
CA ARG D 171 11.36 -17.78 5.96
C ARG D 171 10.15 -18.57 5.49
N SER D 172 9.86 -18.57 4.19
CA SER D 172 8.77 -19.39 3.66
C SER D 172 9.07 -20.88 3.79
N TYR D 173 10.32 -21.25 4.03
CA TYR D 173 10.70 -22.62 4.33
C TYR D 173 10.82 -22.87 5.83
N GLY D 174 10.48 -21.87 6.66
CA GLY D 174 10.54 -21.99 8.10
C GLY D 174 11.92 -22.11 8.69
N GLU D 175 12.87 -21.33 8.21
CA GLU D 175 14.25 -21.38 8.68
C GLU D 175 14.59 -20.13 9.48
N TRP D 176 15.35 -20.30 10.55
CA TRP D 176 15.83 -19.16 11.32
C TRP D 176 16.89 -18.42 10.52
N PHE D 177 16.78 -17.10 10.46
CA PHE D 177 17.65 -16.30 9.61
C PHE D 177 17.81 -14.94 10.27
N TYR D 178 18.88 -14.76 11.04
CA TYR D 178 19.07 -13.50 11.76
C TYR D 178 20.56 -13.33 12.07
N TYR D 179 20.87 -12.17 12.63
CA TYR D 179 22.24 -11.78 13.00
C TYR D 179 22.32 -11.77 14.52
N ASN D 180 23.26 -12.51 15.09
CA ASN D 180 23.32 -12.69 16.53
C ASN D 180 24.31 -11.76 17.21
N GLY D 181 24.88 -10.79 16.48
CA GLY D 181 25.75 -9.78 17.05
C GLY D 181 27.18 -9.86 16.55
N GLU D 182 27.63 -11.04 16.14
CA GLU D 182 28.95 -11.21 15.55
C GLU D 182 28.97 -12.12 14.34
N THR D 183 27.92 -12.90 14.10
CA THR D 183 27.83 -13.84 12.99
C THR D 183 26.42 -13.78 12.43
N LEU D 184 26.28 -14.18 11.16
CA LEU D 184 24.97 -14.33 10.54
C LEU D 184 24.57 -15.79 10.60
N GLN D 185 23.44 -16.06 11.23
CA GLN D 185 22.98 -17.43 11.49
C GLN D 185 21.93 -17.83 10.47
N ILE D 186 22.08 -19.02 9.90
CA ILE D 186 21.10 -19.62 9.00
C ILE D 186 20.82 -21.02 9.50
N GLY D 187 19.66 -21.22 10.12
CA GLY D 187 19.32 -22.46 10.79
C GLY D 187 19.18 -22.27 12.29
N ASP D 188 18.62 -23.29 12.92
CA ASP D 188 18.38 -23.26 14.36
C ASP D 188 19.71 -23.42 15.10
N PRO D 189 20.09 -22.49 15.97
CA PRO D 189 21.36 -22.62 16.68
C PRO D 189 21.34 -23.61 17.83
N GLU D 190 20.16 -24.07 18.26
CA GLU D 190 20.00 -24.95 19.43
C GLU D 190 20.62 -24.30 20.67
N ILE D 191 20.06 -23.16 21.06
CA ILE D 191 20.56 -22.39 22.20
C ILE D 191 19.60 -22.58 23.36
N ASP D 192 20.10 -23.13 24.46
CA ASP D 192 19.34 -23.28 25.70
C ASP D 192 20.16 -22.67 26.83
N THR D 193 20.05 -21.36 26.99
CA THR D 193 20.71 -20.63 28.06
C THR D 193 19.65 -19.83 28.81
N GLU D 194 19.51 -20.09 30.10
CA GLU D 194 18.41 -19.55 30.87
C GLU D 194 18.90 -18.53 31.89
N SER D 195 18.11 -17.49 32.10
CA SER D 195 18.32 -16.52 33.16
C SER D 195 17.00 -16.31 33.89
N ARG D 196 17.09 -15.89 35.15
CA ARG D 196 15.93 -15.66 35.98
C ARG D 196 15.70 -14.17 36.18
N ALA D 197 14.44 -13.77 36.10
CA ALA D 197 14.06 -12.38 36.31
C ALA D 197 12.80 -12.35 37.18
N GLY D 198 12.73 -11.39 38.10
CA GLY D 198 11.61 -11.29 39.00
C GLY D 198 10.98 -9.91 38.97
N TYR D 199 9.68 -9.89 39.20
CA TYR D 199 8.98 -8.62 39.30
C TYR D 199 9.44 -7.87 40.55
N ASP D 200 9.84 -6.61 40.37
CA ASP D 200 10.44 -5.73 41.38
C ASP D 200 11.84 -6.16 41.78
N VAL D 201 12.38 -7.21 41.16
CA VAL D 201 13.77 -7.61 41.33
C VAL D 201 14.36 -7.63 39.92
N ASP D 202 15.13 -6.61 39.56
CA ASP D 202 15.75 -6.42 38.25
C ASP D 202 14.75 -6.50 37.09
N LEU D 203 13.47 -6.27 37.36
CA LEU D 203 12.45 -6.06 36.33
C LEU D 203 11.57 -4.92 36.79
N THR D 204 11.71 -3.74 36.16
CA THR D 204 10.99 -2.57 36.62
C THR D 204 9.55 -2.49 36.09
N GLY D 205 9.18 -3.34 35.14
CA GLY D 205 7.81 -3.36 34.66
C GLY D 205 7.50 -4.58 33.81
N VAL D 206 6.27 -5.09 33.89
CA VAL D 206 5.84 -6.24 33.10
C VAL D 206 4.47 -5.97 32.51
N SER D 207 4.16 -6.69 31.44
CA SER D 207 2.85 -6.65 30.81
C SER D 207 2.63 -7.96 30.07
N ILE D 208 1.49 -8.60 30.33
CA ILE D 208 1.12 -9.86 29.71
C ILE D 208 -0.24 -9.69 29.05
N ASN D 209 -0.37 -10.16 27.80
CA ASN D 209 -1.62 -10.03 27.07
C ASN D 209 -2.02 -11.36 26.44
N ALA D 210 -3.34 -11.51 26.23
CA ALA D 210 -3.91 -12.67 25.55
C ALA D 210 -5.00 -12.21 24.60
N THR D 211 -5.16 -12.92 23.48
CA THR D 211 -6.11 -12.58 22.43
C THR D 211 -6.93 -13.81 22.03
N ILE D 212 -7.90 -13.61 21.16
CA ILE D 212 -8.72 -14.68 20.59
C ILE D 212 -8.28 -14.89 19.14
N ARG D 213 -7.92 -16.13 18.81
CA ARG D 213 -7.42 -16.48 17.49
C ARG D 213 -7.98 -17.83 17.08
N SER D 214 -7.95 -18.10 15.78
CA SER D 214 -8.55 -19.29 15.20
C SER D 214 -7.49 -20.32 14.84
N LEU D 215 -7.75 -21.58 15.20
CA LEU D 215 -6.86 -22.69 14.89
C LEU D 215 -7.47 -23.70 13.92
N ASN D 216 -8.57 -23.36 13.27
CA ASN D 216 -9.31 -24.26 12.39
C ASN D 216 -9.03 -23.86 10.94
N HIS D 217 -7.94 -24.39 10.38
CA HIS D 217 -7.55 -24.04 9.02
C HIS D 217 -6.79 -25.20 8.38
N SER D 218 -6.76 -25.19 7.04
CA SER D 218 -6.06 -26.21 6.26
C SER D 218 -5.47 -25.56 5.01
N THR D 219 -4.62 -26.32 4.31
CA THR D 219 -4.00 -25.86 3.08
C THR D 219 -3.96 -27.01 2.07
N TYR D 220 -3.94 -26.66 0.78
CA TYR D 220 -3.98 -27.63 -0.32
C TYR D 220 -2.94 -27.30 -1.38
N GLU D 221 -2.66 -28.27 -2.24
CA GLU D 221 -1.73 -28.11 -3.34
C GLU D 221 -1.95 -29.20 -4.38
N PHE D 222 -1.88 -28.83 -5.66
CA PHE D 222 -2.00 -29.77 -6.76
C PHE D 222 -0.71 -29.80 -7.58
N ASP D 223 -0.22 -31.00 -7.86
CA ASP D 223 1.05 -31.20 -8.58
C ASP D 223 0.80 -31.93 -9.89
N PRO D 224 0.85 -31.26 -11.04
CA PRO D 224 0.55 -31.93 -12.32
C PRO D 224 1.67 -32.82 -12.85
N VAL D 225 2.91 -32.53 -12.47
CA VAL D 225 4.03 -33.35 -12.95
C VAL D 225 3.95 -34.76 -12.38
N ASN D 226 3.61 -34.88 -11.09
CA ASN D 226 3.42 -36.18 -10.46
C ASN D 226 1.96 -36.62 -10.42
N ASP D 227 1.02 -35.73 -10.75
CA ASP D 227 -0.42 -36.03 -10.82
C ASP D 227 -0.97 -36.41 -9.44
N LYS D 228 -0.80 -35.49 -8.49
CA LYS D 228 -1.17 -35.75 -7.11
C LYS D 228 -1.73 -34.48 -6.46
N PHE D 229 -2.58 -34.70 -5.47
CA PHE D 229 -3.23 -33.63 -4.71
C PHE D 229 -2.89 -33.80 -3.23
N TYR D 230 -2.37 -32.75 -2.62
CA TYR D 230 -1.90 -32.79 -1.24
C TYR D 230 -2.79 -31.93 -0.35
N TYR D 231 -2.96 -32.36 0.90
CA TYR D 231 -3.87 -31.71 1.83
C TYR D 231 -3.31 -31.84 3.24
N ASP D 232 -3.37 -30.75 4.01
CA ASP D 232 -2.86 -30.71 5.38
C ASP D 232 -3.82 -29.93 6.26
N TYR D 233 -4.02 -30.40 7.50
CA TYR D 233 -5.01 -29.81 8.40
C TYR D 233 -4.42 -29.56 9.78
N SER D 234 -4.43 -28.30 10.22
CA SER D 234 -4.22 -27.86 11.60
C SER D 234 -2.84 -28.30 12.10
N GLY D 235 -2.74 -28.62 13.39
CA GLY D 235 -1.48 -29.05 13.96
C GLY D 235 -1.60 -29.31 15.44
N THR D 236 -0.45 -29.50 16.09
CA THR D 236 -0.36 -29.84 17.51
C THR D 236 0.70 -28.98 18.19
N PRO D 237 0.34 -28.26 19.26
CA PRO D 237 1.27 -27.27 19.83
C PRO D 237 2.46 -27.89 20.54
N LYS D 238 3.52 -27.09 20.64
CA LYS D 238 4.75 -27.46 21.31
C LYS D 238 5.17 -26.51 22.43
N GLY D 239 4.87 -25.23 22.30
CA GLY D 239 5.21 -24.27 23.34
C GLY D 239 4.03 -23.47 23.83
N ALA D 240 3.66 -23.64 25.10
CA ALA D 240 2.49 -22.97 25.66
C ALA D 240 2.73 -22.65 27.12
N THR D 241 2.21 -21.51 27.55
CA THR D 241 2.20 -21.09 28.95
C THR D 241 0.81 -21.36 29.51
N LEU D 242 0.57 -20.92 30.76
CA LEU D 242 -0.77 -21.02 31.31
C LEU D 242 -1.73 -20.05 30.64
N GLY D 243 -1.23 -18.92 30.16
CA GLY D 243 -2.08 -18.00 29.43
C GLY D 243 -2.44 -18.49 28.04
N SER D 244 -1.53 -19.24 27.41
CA SER D 244 -1.82 -19.81 26.10
C SER D 244 -2.97 -20.81 26.16
N ARG D 245 -3.02 -21.61 27.21
CA ARG D 245 -4.10 -22.57 27.36
C ARG D 245 -5.43 -21.88 27.63
N SER D 246 -5.42 -20.79 28.39
CA SER D 246 -6.65 -20.04 28.65
C SER D 246 -7.22 -19.45 27.38
N ALA D 247 -6.35 -18.89 26.53
CA ALA D 247 -6.81 -18.31 25.26
C ALA D 247 -7.31 -19.39 24.31
N GLU D 248 -6.65 -20.55 24.29
CA GLU D 248 -7.06 -21.63 23.40
C GLU D 248 -8.44 -22.17 23.79
N LYS D 249 -8.72 -22.24 25.09
CA LYS D 249 -10.00 -22.77 25.54
C LYS D 249 -11.14 -21.81 25.22
N CYS D 250 -10.92 -20.51 25.34
CA CYS D 250 -11.96 -19.53 25.10
C CYS D 250 -12.26 -19.31 23.62
N SER D 251 -11.34 -19.67 22.74
CA SER D 251 -11.51 -19.46 21.31
C SER D 251 -12.17 -20.63 20.60
N GLU D 252 -12.22 -21.80 21.23
CA GLU D 252 -12.72 -22.99 20.55
C GLU D 252 -14.16 -22.88 20.07
N PRO D 253 -15.14 -22.42 20.87
CA PRO D 253 -16.53 -22.41 20.39
C PRO D 253 -16.82 -21.36 19.33
N ILE D 254 -15.91 -20.44 19.08
CA ILE D 254 -16.20 -19.31 18.21
C ILE D 254 -15.99 -19.65 16.73
N PHE D 255 -15.12 -20.62 16.43
CA PHE D 255 -14.77 -20.96 15.05
C PHE D 255 -15.07 -22.44 14.79
N PRO D 256 -16.30 -22.77 14.39
CA PRO D 256 -16.63 -24.18 14.10
C PRO D 256 -16.52 -24.59 12.64
N THR D 257 -16.14 -23.70 11.72
CA THR D 257 -16.01 -24.00 10.30
C THR D 257 -14.55 -23.89 9.90
N GLU D 258 -14.12 -24.77 8.99
CA GLU D 258 -12.72 -24.85 8.58
C GLU D 258 -12.46 -23.97 7.37
N ALA D 259 -11.32 -23.28 7.40
CA ALA D 259 -10.95 -22.30 6.37
C ALA D 259 -9.75 -22.81 5.59
N LYS D 260 -9.89 -22.88 4.27
CA LYS D 260 -8.85 -23.43 3.40
C LYS D 260 -8.24 -22.35 2.52
N LEU D 261 -6.94 -22.43 2.34
CA LEU D 261 -6.17 -21.46 1.56
C LEU D 261 -5.13 -22.21 0.73
N PRO D 262 -4.66 -21.62 -0.37
CA PRO D 262 -3.56 -22.21 -1.12
C PRO D 262 -2.19 -21.82 -0.59
N SER D 263 -1.21 -22.65 -0.92
CA SER D 263 0.17 -22.41 -0.52
C SER D 263 0.76 -21.22 -1.27
N ILE D 264 1.71 -20.54 -0.63
CA ILE D 264 2.33 -19.36 -1.24
C ILE D 264 3.63 -19.67 -1.96
N ARG D 265 4.15 -20.89 -1.82
CA ARG D 265 5.32 -21.34 -2.57
C ARG D 265 5.06 -22.75 -3.09
N PRO D 266 5.65 -23.12 -4.21
CA PRO D 266 5.41 -24.46 -4.76
C PRO D 266 5.90 -25.56 -3.83
N ALA D 267 5.13 -26.65 -3.79
CA ALA D 267 5.48 -27.84 -3.01
C ALA D 267 5.46 -29.04 -3.94
N TYR D 268 6.47 -29.91 -3.80
CA TYR D 268 6.69 -30.98 -4.76
C TYR D 268 6.56 -32.38 -4.18
N SER D 269 6.12 -32.52 -2.94
CA SER D 269 5.86 -33.84 -2.36
C SER D 269 4.88 -33.67 -1.21
N ALA D 270 4.48 -34.79 -0.62
CA ALA D 270 3.53 -34.76 0.49
C ALA D 270 4.17 -34.21 1.75
N MET D 271 5.43 -34.56 2.02
CA MET D 271 6.13 -34.03 3.19
C MET D 271 6.39 -32.53 3.05
N ASP D 272 6.51 -32.01 1.83
CA ASP D 272 6.69 -30.58 1.65
C ASP D 272 5.53 -29.78 2.22
N LEU D 273 4.30 -30.23 1.97
CA LEU D 273 3.14 -29.52 2.47
C LEU D 273 2.95 -29.74 3.97
N GLU D 274 3.39 -30.87 4.51
CA GLU D 274 3.33 -31.07 5.95
C GLU D 274 4.22 -30.07 6.67
N HIS D 275 5.43 -29.83 6.16
CA HIS D 275 6.33 -28.85 6.77
C HIS D 275 5.82 -27.43 6.58
N TYR D 276 5.26 -27.12 5.41
CA TYR D 276 4.68 -25.80 5.19
C TYR D 276 3.53 -25.53 6.14
N GLY D 277 2.67 -26.53 6.37
CA GLY D 277 1.55 -26.34 7.26
C GLY D 277 1.96 -26.16 8.71
N ASP D 278 3.02 -26.86 9.13
CA ASP D 278 3.47 -26.76 10.51
C ASP D 278 4.00 -25.38 10.84
N ALA D 279 4.76 -24.77 9.92
CA ALA D 279 5.29 -23.43 10.15
C ALA D 279 4.16 -22.42 10.31
N GLY D 280 3.09 -22.57 9.51
CA GLY D 280 1.96 -21.68 9.64
C GLY D 280 1.20 -21.83 10.94
N PHE D 281 1.06 -23.07 11.42
CA PHE D 281 0.32 -23.30 12.66
C PHE D 281 1.06 -22.72 13.86
N HIS D 282 2.37 -22.91 13.92
CA HIS D 282 3.13 -22.47 15.10
C HIS D 282 3.29 -20.97 15.15
N ARG D 283 3.27 -20.32 13.98
CA ARG D 283 3.30 -18.86 13.95
C ARG D 283 2.00 -18.26 14.48
N ASN D 284 0.87 -18.94 14.25
CA ASN D 284 -0.42 -18.45 14.70
C ASN D 284 -0.65 -18.76 16.18
N TYR D 285 -0.25 -19.95 16.62
CA TYR D 285 -0.42 -20.34 18.02
C TYR D 285 0.48 -19.52 18.94
N SER D 286 1.62 -19.07 18.44
CA SER D 286 2.56 -18.30 19.24
C SER D 286 2.03 -16.92 19.61
N GLN D 287 0.99 -16.45 18.94
CA GLN D 287 0.45 -15.11 19.16
C GLN D 287 -0.75 -15.11 20.09
N LEU D 288 -1.04 -16.23 20.75
CA LEU D 288 -2.17 -16.28 21.67
C LEU D 288 -1.88 -15.52 22.96
N SER D 289 -0.64 -15.57 23.43
CA SER D 289 -0.22 -14.86 24.64
C SER D 289 1.25 -14.51 24.53
N GLN D 290 1.62 -13.32 25.00
CA GLN D 290 2.99 -12.82 24.88
C GLN D 290 3.30 -11.91 26.06
N ILE D 291 4.56 -11.48 26.14
CA ILE D 291 5.04 -10.65 27.23
C ILE D 291 5.75 -9.42 26.69
N LYS D 292 5.86 -8.40 27.54
CA LYS D 292 6.60 -7.19 27.21
C LYS D 292 7.04 -6.54 28.52
N ALA D 293 8.35 -6.49 28.77
CA ALA D 293 8.87 -6.02 30.04
C ALA D 293 10.01 -5.04 29.82
N SER D 294 10.50 -4.47 30.92
CA SER D 294 11.57 -3.48 30.90
C SER D 294 12.44 -3.67 32.13
N SER D 295 13.72 -3.32 32.02
CA SER D 295 14.66 -3.54 33.10
C SER D 295 15.87 -2.62 32.93
N ARG D 296 16.91 -2.88 33.70
CA ARG D 296 18.20 -2.17 33.67
C ARG D 296 19.33 -3.16 33.82
N TYR D 297 19.19 -4.34 33.24
CA TYR D 297 20.12 -5.44 33.36
C TYR D 297 20.53 -5.89 31.96
N CYS D 298 21.84 -5.97 31.71
CA CYS D 298 22.35 -6.30 30.39
C CYS D 298 22.59 -7.80 30.18
N GLY D 299 22.24 -8.63 31.15
CA GLY D 299 22.30 -10.06 30.98
C GLY D 299 21.17 -10.65 30.19
N ILE D 300 20.25 -9.82 29.72
CA ILE D 300 19.16 -10.23 28.85
C ILE D 300 19.66 -10.15 27.41
N ARG D 301 19.69 -11.28 26.71
CA ARG D 301 20.28 -11.34 25.39
C ARG D 301 19.28 -11.87 24.37
N LEU D 302 19.48 -11.47 23.12
CA LEU D 302 18.54 -11.74 22.05
C LEU D 302 18.62 -13.21 21.62
N GLY D 303 17.45 -13.85 21.52
CA GLY D 303 17.37 -15.24 21.10
C GLY D 303 17.59 -16.26 22.19
N GLU D 304 17.56 -15.85 23.45
CA GLU D 304 17.76 -16.74 24.59
C GLU D 304 16.49 -16.84 25.42
N LEU D 305 16.58 -17.56 26.52
CA LEU D 305 15.42 -17.87 27.35
C LEU D 305 15.50 -17.14 28.68
N VAL D 306 14.34 -16.74 29.19
CA VAL D 306 14.25 -16.09 30.50
C VAL D 306 13.05 -16.68 31.24
N VAL D 307 13.22 -16.93 32.54
CA VAL D 307 12.17 -17.45 33.40
C VAL D 307 11.73 -16.32 34.33
N THR D 308 10.44 -16.03 34.33
CA THR D 308 9.88 -14.90 35.06
C THR D 308 9.04 -15.40 36.24
N ARG D 309 9.05 -14.62 37.32
CA ARG D 309 8.35 -14.98 38.54
C ARG D 309 8.01 -13.72 39.32
N VAL D 310 7.17 -13.89 40.34
CA VAL D 310 6.82 -12.82 41.28
C VAL D 310 7.22 -13.30 42.67
N PRO D 311 7.94 -12.49 43.45
CA PRO D 311 8.45 -12.98 44.74
C PRO D 311 7.35 -13.36 45.71
N GLU D 312 7.68 -14.32 46.58
CA GLU D 312 6.73 -14.83 47.56
C GLU D 312 6.42 -13.83 48.67
N SER D 313 7.25 -12.79 48.83
CA SER D 313 7.01 -11.77 49.84
C SER D 313 5.84 -10.86 49.53
N PHE D 314 5.30 -10.92 48.30
CA PHE D 314 4.11 -10.15 47.98
C PHE D 314 2.89 -10.74 48.68
N PRO D 315 1.93 -9.91 49.07
CA PRO D 315 0.83 -10.38 49.92
C PRO D 315 -0.16 -11.25 49.15
N GLY D 316 -0.38 -12.46 49.65
CA GLY D 316 -1.40 -13.34 49.12
C GLY D 316 -1.02 -14.15 47.91
N VAL D 317 0.26 -14.22 47.56
CA VAL D 317 0.70 -14.91 46.35
C VAL D 317 1.07 -16.35 46.69
N LYS D 318 0.41 -17.29 46.02
CA LYS D 318 0.71 -18.71 46.12
C LYS D 318 1.46 -19.24 44.92
N ILE D 319 0.92 -19.07 43.72
CA ILE D 319 1.59 -19.47 42.50
C ILE D 319 2.56 -18.37 42.08
N THR D 320 3.81 -18.74 41.87
CA THR D 320 4.88 -17.79 41.62
C THR D 320 5.28 -17.72 40.14
N ASP D 321 5.17 -18.83 39.42
CA ASP D 321 5.59 -18.87 38.02
C ASP D 321 4.74 -17.94 37.16
N LEU D 322 5.42 -17.19 36.30
CA LEU D 322 4.76 -16.30 35.34
C LEU D 322 4.98 -16.70 33.89
N GLY D 323 5.94 -17.57 33.60
CA GLY D 323 6.19 -18.01 32.24
C GLY D 323 7.64 -18.19 31.89
N ARG D 324 7.90 -18.90 30.79
CA ARG D 324 9.23 -19.08 30.22
C ARG D 324 9.18 -18.61 28.78
N TYR D 325 10.04 -17.64 28.43
CA TYR D 325 9.93 -16.93 27.17
C TYR D 325 11.26 -16.93 26.42
N ARG D 326 11.16 -16.76 25.10
CA ARG D 326 12.30 -16.58 24.22
C ARG D 326 12.32 -15.14 23.72
N ILE D 327 13.48 -14.50 23.79
CA ILE D 327 13.60 -13.07 23.51
C ILE D 327 13.67 -12.86 22.00
N THR D 328 12.72 -12.07 21.46
CA THR D 328 12.65 -11.81 20.04
C THR D 328 13.02 -10.40 19.63
N GLU D 329 13.04 -9.45 20.56
CA GLU D 329 13.58 -8.11 20.28
C GLU D 329 13.97 -7.45 21.59
N ILE D 330 14.84 -6.44 21.48
CA ILE D 330 15.31 -5.68 22.64
C ILE D 330 15.88 -4.36 22.16
N THR D 331 15.69 -3.31 22.96
CA THR D 331 16.19 -1.97 22.68
C THR D 331 17.02 -1.48 23.85
N HIS D 332 18.22 -0.99 23.56
CA HIS D 332 19.14 -0.47 24.57
C HIS D 332 19.26 1.05 24.44
N THR D 333 19.33 1.75 25.55
CA THR D 333 19.40 3.21 25.56
C THR D 333 20.39 3.69 26.61
N VAL D 334 21.08 4.78 26.31
CA VAL D 334 21.85 5.55 27.28
C VAL D 334 21.47 7.01 27.10
N ASN D 335 20.93 7.64 28.15
CA ASN D 335 20.44 9.01 28.04
C ASN D 335 21.56 10.00 28.32
N TYR D 336 21.24 11.30 28.23
CA TYR D 336 22.26 12.34 28.30
C TYR D 336 22.86 12.48 29.69
N LYS D 337 22.22 11.95 30.72
CA LYS D 337 22.81 11.90 32.05
C LYS D 337 23.72 10.70 32.24
N GLY D 338 23.68 9.73 31.35
CA GLY D 338 24.54 8.58 31.43
C GLY D 338 23.95 7.35 32.08
N GLN D 339 22.65 7.12 31.94
CA GLN D 339 21.98 5.99 32.57
C GLN D 339 21.50 5.00 31.51
N TYR D 340 21.71 3.72 31.78
CA TYR D 340 21.38 2.63 30.88
C TYR D 340 20.02 2.03 31.24
N SER D 341 19.29 1.60 30.22
CA SER D 341 18.03 0.87 30.40
C SER D 341 17.72 0.10 29.13
N ASN D 342 16.76 -0.83 29.22
CA ASN D 342 16.33 -1.60 28.06
C ASN D 342 14.88 -2.04 28.21
N THR D 343 14.27 -2.38 27.07
CA THR D 343 12.94 -2.99 27.00
C THR D 343 12.98 -4.14 26.00
N PHE D 344 12.12 -5.15 26.22
CA PHE D 344 12.15 -6.33 25.36
C PHE D 344 10.78 -6.99 25.27
N CYS D 345 10.64 -7.88 24.28
CA CYS D 345 9.44 -8.68 24.05
C CYS D 345 9.83 -10.14 23.89
N GLY D 346 8.86 -11.03 24.09
CA GLY D 346 9.13 -12.46 24.01
C GLY D 346 7.92 -13.28 23.61
N VAL D 347 8.18 -14.47 23.07
CA VAL D 347 7.17 -15.48 22.78
C VAL D 347 7.43 -16.68 23.68
N PRO D 348 6.48 -17.59 23.87
CA PRO D 348 6.73 -18.74 24.75
C PRO D 348 7.90 -19.61 24.27
N GLY D 349 8.60 -20.20 25.23
CA GLY D 349 9.93 -20.75 25.02
C GLY D 349 10.00 -22.04 24.23
N GLY D 350 8.88 -22.72 24.01
CA GLY D 350 8.89 -23.93 23.22
C GLY D 350 8.61 -23.75 21.74
N THR D 351 8.32 -22.53 21.29
CA THR D 351 7.98 -22.29 19.90
C THR D 351 9.15 -22.62 18.98
N PRO D 352 8.93 -23.40 17.91
CA PRO D 352 10.03 -23.70 16.98
C PRO D 352 10.15 -22.79 15.77
N ILE D 353 9.19 -21.91 15.51
CA ILE D 353 9.17 -21.06 14.31
C ILE D 353 9.11 -19.61 14.76
N MET D 354 10.04 -18.80 14.26
CA MET D 354 10.12 -17.38 14.57
C MET D 354 9.16 -16.58 13.70
N PRO D 355 8.85 -15.34 14.10
CA PRO D 355 7.82 -14.57 13.39
C PRO D 355 8.17 -14.27 11.94
N TRP D 356 7.13 -13.91 11.18
CA TRP D 356 7.28 -13.66 9.75
C TRP D 356 8.15 -12.43 9.48
N GLY D 357 7.96 -11.37 10.26
CA GLY D 357 8.87 -10.24 10.18
C GLY D 357 8.54 -9.29 9.07
N ASP D 358 9.53 -9.00 8.22
CA ASP D 358 9.45 -7.97 7.20
C ASP D 358 9.44 -8.52 5.77
N ALA D 359 9.25 -9.83 5.61
CA ALA D 359 9.30 -10.42 4.28
C ALA D 359 8.09 -10.02 3.44
N VAL D 360 8.30 -9.86 2.14
CA VAL D 360 7.26 -9.50 1.18
C VAL D 360 7.38 -10.42 -0.02
N MET D 361 6.21 -10.88 -0.56
CA MET D 361 6.14 -11.75 -1.74
C MET D 361 5.90 -10.94 -3.00
N PRO D 362 6.62 -11.21 -4.08
CA PRO D 362 6.47 -10.41 -5.31
C PRO D 362 5.26 -10.83 -6.16
N VAL D 363 4.87 -9.92 -7.05
CA VAL D 363 3.80 -10.15 -8.00
C VAL D 363 4.35 -9.94 -9.41
N ALA D 364 4.18 -10.95 -10.26
CA ALA D 364 4.76 -10.96 -11.60
C ALA D 364 3.68 -10.83 -12.67
N TYR D 365 4.09 -10.28 -13.82
CA TYR D 365 3.23 -9.97 -14.95
C TYR D 365 3.85 -10.52 -16.22
N PRO D 366 3.05 -10.71 -17.28
CA PRO D 366 3.55 -11.42 -18.47
C PRO D 366 4.77 -10.78 -19.11
N GLU D 367 5.62 -11.65 -19.67
CA GLU D 367 6.96 -11.33 -20.16
C GLU D 367 7.16 -12.00 -21.53
N MET D 368 8.26 -11.63 -22.19
CA MET D 368 8.63 -12.22 -23.48
C MET D 368 9.94 -12.98 -23.34
N ALA D 369 10.11 -14.00 -24.16
CA ALA D 369 11.28 -14.87 -24.07
C ALA D 369 11.45 -15.64 -25.37
N ARG D 370 12.45 -16.53 -25.40
CA ARG D 370 12.79 -17.32 -26.58
C ARG D 370 12.94 -18.79 -26.21
N VAL D 371 12.48 -19.67 -27.08
CA VAL D 371 12.55 -21.11 -26.85
C VAL D 371 13.94 -21.62 -27.20
N VAL D 372 14.51 -22.45 -26.33
CA VAL D 372 15.85 -22.99 -26.56
C VAL D 372 15.89 -24.51 -26.63
N SER D 373 14.84 -25.23 -26.23
CA SER D 373 14.91 -26.69 -26.19
C SER D 373 13.51 -27.27 -26.02
N ASN D 374 13.30 -28.47 -26.58
CA ASN D 374 12.09 -29.22 -26.28
C ASN D 374 12.34 -30.72 -26.13
N ASP D 375 13.51 -31.10 -25.61
CA ASP D 375 13.83 -32.49 -25.32
C ASP D 375 13.51 -32.83 -23.86
N ASP D 376 12.22 -32.85 -23.58
CA ASP D 376 11.73 -33.10 -22.23
C ASP D 376 12.11 -34.51 -21.77
N PRO D 377 12.78 -34.67 -20.63
CA PRO D 377 13.16 -36.01 -20.18
C PRO D 377 12.02 -36.83 -19.61
N LYS D 378 10.91 -36.21 -19.22
CA LYS D 378 9.76 -36.93 -18.66
C LYS D 378 8.65 -37.15 -19.66
N ASN D 379 8.83 -36.70 -20.91
CA ASN D 379 7.88 -36.93 -21.99
C ASN D 379 6.50 -36.37 -21.66
N GLN D 380 6.46 -35.07 -21.41
CA GLN D 380 5.21 -34.39 -21.10
C GLN D 380 4.99 -33.14 -21.94
N GLY D 381 5.77 -32.94 -23.00
CA GLY D 381 5.63 -31.79 -23.88
C GLY D 381 5.99 -30.43 -23.30
N ARG D 382 7.05 -30.36 -22.50
CA ARG D 382 7.51 -29.12 -21.89
C ARG D 382 8.73 -28.58 -22.64
N VAL D 383 8.99 -27.28 -22.45
CA VAL D 383 10.06 -26.59 -23.17
C VAL D 383 10.92 -25.78 -22.21
N LYS D 384 12.11 -25.42 -22.68
CA LYS D 384 13.03 -24.51 -22.00
C LYS D 384 13.09 -23.18 -22.73
N VAL D 385 13.48 -22.13 -22.01
CA VAL D 385 13.21 -20.75 -22.40
C VAL D 385 14.33 -19.85 -21.89
N GLN D 386 14.61 -18.77 -22.63
CA GLN D 386 15.59 -17.76 -22.24
C GLN D 386 14.93 -16.39 -22.15
N PHE D 387 15.05 -15.75 -20.98
CA PHE D 387 14.43 -14.46 -20.73
C PHE D 387 15.31 -13.32 -21.24
N MET D 388 14.73 -12.13 -21.36
CA MET D 388 15.43 -11.00 -21.94
C MET D 388 16.56 -10.47 -21.07
N TRP D 389 16.53 -10.72 -19.77
CA TRP D 389 17.65 -10.36 -18.93
C TRP D 389 18.78 -11.38 -18.95
N GLN D 390 18.58 -12.52 -19.59
CA GLN D 390 19.64 -13.50 -19.81
C GLN D 390 20.26 -13.39 -21.20
N GLU D 391 19.89 -12.38 -21.97
CA GLU D 391 20.32 -12.29 -23.36
C GLU D 391 21.82 -12.06 -23.48
N VAL D 392 22.35 -11.04 -22.79
CA VAL D 392 23.74 -10.67 -22.96
C VAL D 392 24.66 -11.71 -22.32
N ASP D 393 24.33 -12.17 -21.12
CA ASP D 393 25.19 -13.08 -20.38
C ASP D 393 24.97 -14.54 -20.73
N GLY D 394 23.76 -14.92 -21.11
CA GLY D 394 23.44 -16.30 -21.37
C GLY D 394 22.79 -16.99 -20.18
N GLY D 395 22.16 -18.12 -20.44
CA GLY D 395 21.45 -18.89 -19.44
C GLY D 395 20.09 -19.33 -19.93
N GLU D 396 19.47 -20.20 -19.13
CA GLU D 396 18.16 -20.73 -19.46
C GLU D 396 17.43 -21.05 -18.16
N SER D 397 16.26 -21.66 -18.30
CA SER D 397 15.32 -21.90 -17.22
C SER D 397 15.13 -23.40 -17.04
N TYR D 398 14.11 -23.77 -16.27
CA TYR D 398 13.69 -25.15 -16.12
C TYR D 398 12.59 -25.47 -17.14
N TRP D 399 11.97 -26.64 -17.05
CA TRP D 399 10.94 -27.04 -18.01
C TRP D 399 9.57 -26.48 -17.59
N MET D 400 8.87 -25.87 -18.56
CA MET D 400 7.58 -25.25 -18.34
C MET D 400 6.52 -25.85 -19.26
N ARG D 401 5.27 -25.77 -18.84
CA ARG D 401 4.15 -26.26 -19.64
C ARG D 401 3.75 -25.24 -20.70
N VAL D 402 3.03 -25.74 -21.71
CA VAL D 402 2.56 -24.94 -22.84
C VAL D 402 1.05 -25.09 -22.95
N GLN D 403 0.35 -23.98 -23.18
CA GLN D 403 -1.09 -23.98 -23.39
C GLN D 403 -1.46 -24.48 -24.77
N SER D 404 -2.69 -24.98 -24.88
CA SER D 404 -3.21 -25.51 -26.13
C SER D 404 -4.67 -25.12 -26.29
N PRO D 405 -5.15 -24.97 -27.53
CA PRO D 405 -6.60 -24.80 -27.74
C PRO D 405 -7.42 -26.02 -27.36
N ASP D 406 -6.82 -27.21 -27.30
CA ASP D 406 -7.52 -28.44 -26.95
C ASP D 406 -6.49 -29.44 -26.46
N ALA D 407 -6.82 -30.13 -25.37
CA ALA D 407 -5.90 -31.11 -24.77
C ALA D 407 -6.68 -32.00 -23.82
N GLY D 408 -6.65 -33.31 -24.05
CA GLY D 408 -7.39 -34.21 -23.19
C GLY D 408 -7.16 -35.69 -23.38
N LYS D 409 -8.19 -36.48 -23.07
CA LYS D 409 -8.09 -37.93 -23.02
C LYS D 409 -9.42 -38.53 -23.45
N SER D 410 -9.40 -39.81 -23.79
CA SER D 410 -10.59 -40.49 -24.27
C SER D 410 -10.47 -41.98 -24.00
N GLU D 411 -11.58 -42.70 -24.19
CA GLU D 411 -11.57 -44.15 -24.06
C GLU D 411 -10.94 -44.82 -25.28
N GLN D 412 -11.11 -44.25 -26.47
CA GLN D 412 -10.45 -44.75 -27.66
C GLN D 412 -9.07 -44.14 -27.88
N VAL D 413 -8.87 -42.91 -27.44
CA VAL D 413 -7.58 -42.22 -27.53
C VAL D 413 -7.04 -42.05 -26.12
N ALA D 414 -6.04 -42.85 -25.77
CA ALA D 414 -5.53 -42.85 -24.41
C ALA D 414 -4.68 -41.62 -24.10
N LYS D 415 -3.87 -41.18 -25.06
CA LYS D 415 -2.98 -40.05 -24.86
C LYS D 415 -3.05 -39.12 -26.07
N ASN D 416 -2.75 -37.84 -25.83
CA ASN D 416 -2.55 -36.84 -26.87
C ASN D 416 -3.80 -36.66 -27.73
N ARG D 417 -4.90 -36.29 -27.08
CA ARG D 417 -6.14 -35.97 -27.75
C ARG D 417 -6.27 -34.46 -27.85
N GLY D 418 -6.34 -33.95 -29.06
CA GLY D 418 -6.45 -32.52 -29.25
C GLY D 418 -5.43 -31.95 -30.23
N PHE D 419 -4.92 -30.77 -29.92
CA PHE D 419 -4.10 -29.96 -30.81
C PHE D 419 -2.68 -29.98 -30.27
N VAL D 420 -1.79 -30.72 -30.92
CA VAL D 420 -0.44 -30.96 -30.42
C VAL D 420 0.53 -30.32 -31.41
N PHE D 421 0.99 -29.10 -31.09
CA PHE D 421 1.96 -28.35 -31.89
C PHE D 421 2.95 -27.70 -30.92
N ILE D 422 4.03 -28.41 -30.62
CA ILE D 422 5.01 -27.99 -29.61
C ILE D 422 6.01 -27.02 -30.22
N PRO D 423 6.37 -25.93 -29.53
CA PRO D 423 7.24 -24.91 -30.14
C PRO D 423 8.64 -25.42 -30.44
N GLU D 424 9.33 -24.67 -31.32
CA GLU D 424 10.65 -25.00 -31.79
C GLU D 424 11.68 -23.98 -31.31
N PRO D 425 12.94 -24.38 -31.15
CA PRO D 425 13.97 -23.41 -30.75
C PRO D 425 14.06 -22.25 -31.72
N GLY D 426 14.14 -21.04 -31.16
CA GLY D 426 14.15 -19.82 -31.94
C GLY D 426 12.86 -19.04 -31.90
N ASP D 427 11.78 -19.62 -31.42
CA ASP D 427 10.48 -18.95 -31.40
C ASP D 427 10.42 -17.90 -30.29
N LEU D 428 9.72 -16.80 -30.57
CA LEU D 428 9.44 -15.77 -29.59
C LEU D 428 8.06 -16.01 -28.99
N VAL D 429 7.99 -16.11 -27.67
CA VAL D 429 6.77 -16.52 -26.97
C VAL D 429 6.46 -15.51 -25.86
N MET D 430 5.26 -15.63 -25.33
CA MET D 430 4.83 -14.86 -24.16
C MET D 430 4.70 -15.81 -22.97
N VAL D 431 5.22 -15.40 -21.83
CA VAL D 431 5.27 -16.23 -20.62
C VAL D 431 4.39 -15.59 -19.55
N GLY D 432 3.51 -16.40 -18.95
CA GLY D 432 2.68 -15.98 -17.85
C GLY D 432 3.05 -16.73 -16.57
N PHE D 433 2.50 -16.23 -15.46
CA PHE D 433 2.84 -16.75 -14.14
C PHE D 433 1.56 -17.07 -13.38
N GLU D 434 1.49 -18.27 -12.82
CA GLU D 434 0.26 -18.76 -12.21
C GLU D 434 0.14 -18.28 -10.78
N GLN D 435 -1.04 -17.80 -10.40
CA GLN D 435 -1.33 -17.16 -9.13
C GLN D 435 -0.49 -15.91 -8.92
N GLY D 436 0.18 -15.43 -9.96
CA GLY D 436 0.94 -14.20 -9.93
C GLY D 436 2.35 -14.30 -9.40
N ASN D 437 2.85 -15.49 -9.09
CA ASN D 437 4.16 -15.44 -8.46
C ASN D 437 5.25 -15.97 -9.38
N PRO D 438 6.47 -15.43 -9.29
CA PRO D 438 7.48 -15.66 -10.33
C PRO D 438 8.03 -17.07 -10.40
N ASP D 439 7.68 -17.95 -9.47
CA ASP D 439 8.23 -19.29 -9.44
C ASP D 439 7.35 -20.31 -10.18
N ARG D 440 6.30 -19.85 -10.85
CA ARG D 440 5.39 -20.71 -11.59
C ARG D 440 5.15 -20.16 -12.99
N PRO D 441 6.12 -20.29 -13.90
CA PRO D 441 5.91 -19.86 -15.28
C PRO D 441 5.29 -20.92 -16.18
N TYR D 442 4.55 -20.45 -17.18
CA TYR D 442 4.02 -21.30 -18.23
C TYR D 442 3.94 -20.49 -19.52
N VAL D 443 4.03 -21.19 -20.66
CA VAL D 443 4.02 -20.55 -21.97
C VAL D 443 2.58 -20.34 -22.42
N THR D 444 2.28 -19.11 -22.83
CA THR D 444 0.94 -18.68 -23.20
C THR D 444 0.68 -18.77 -24.71
N GLY D 445 1.61 -18.31 -25.53
CA GLY D 445 1.40 -18.33 -26.96
C GLY D 445 2.62 -17.83 -27.70
N SER D 446 2.53 -17.83 -29.03
CA SER D 446 3.62 -17.48 -29.92
C SER D 446 3.33 -16.15 -30.62
N LEU D 447 4.40 -15.46 -31.01
CA LEU D 447 4.31 -14.12 -31.56
C LEU D 447 4.93 -14.04 -32.95
N PHE D 448 4.26 -13.33 -33.84
CA PHE D 448 4.78 -12.99 -35.16
C PHE D 448 5.36 -11.59 -35.12
N TYR D 449 6.55 -11.41 -35.68
CA TYR D 449 7.18 -10.10 -35.64
C TYR D 449 7.97 -9.92 -36.93
N LYS D 450 8.89 -8.96 -36.94
CA LYS D 450 9.54 -8.53 -38.18
C LYS D 450 10.35 -9.65 -38.82
N ALA D 451 11.03 -10.46 -38.01
CA ALA D 451 11.99 -11.40 -38.56
C ALA D 451 11.35 -12.61 -39.23
N ASN D 452 10.11 -12.95 -38.88
CA ASN D 452 9.53 -14.21 -39.33
C ASN D 452 8.17 -14.07 -40.02
N SER D 453 7.70 -12.86 -40.29
CA SER D 453 6.35 -12.65 -40.76
C SER D 453 6.35 -11.84 -42.06
N GLU D 454 5.51 -12.25 -43.00
CA GLU D 454 5.23 -11.46 -44.20
C GLU D 454 3.86 -10.81 -44.16
N GLY D 455 3.14 -10.92 -43.05
CA GLY D 455 1.89 -10.21 -42.88
C GLY D 455 0.69 -10.94 -43.46
N ALA D 456 -0.36 -10.17 -43.69
CA ALA D 456 -1.60 -10.66 -44.28
C ALA D 456 -1.66 -10.31 -45.76
N ALA D 457 -2.37 -11.14 -46.52
CA ALA D 457 -2.55 -10.87 -47.93
C ALA D 457 -3.55 -9.73 -48.12
N THR D 458 -3.66 -9.26 -49.36
CA THR D 458 -4.58 -8.18 -49.65
C THR D 458 -6.02 -8.60 -49.35
N ASP D 459 -6.69 -7.81 -48.53
CA ASP D 459 -8.05 -8.05 -48.03
C ASP D 459 -8.14 -9.25 -47.10
N ASN D 460 -7.02 -9.79 -46.63
CA ASN D 460 -7.00 -10.91 -45.68
C ASN D 460 -7.71 -12.13 -46.26
N THR D 461 -7.19 -12.62 -47.39
CA THR D 461 -7.86 -13.65 -48.17
C THR D 461 -7.20 -15.03 -48.06
N VAL D 462 -6.17 -15.19 -47.24
CA VAL D 462 -5.46 -16.45 -47.12
C VAL D 462 -5.36 -16.83 -45.65
N LYS D 463 -5.82 -18.05 -45.32
CA LYS D 463 -5.69 -18.62 -43.99
C LYS D 463 -5.02 -19.97 -44.15
N SER D 464 -3.92 -20.20 -43.42
CA SER D 464 -3.10 -21.36 -43.71
C SER D 464 -2.57 -22.00 -42.43
N MET D 465 -2.08 -23.23 -42.59
CA MET D 465 -1.40 -23.98 -41.55
C MET D 465 -0.19 -24.67 -42.17
N ARG D 466 1.01 -24.24 -41.82
CA ARG D 466 2.23 -24.70 -42.46
C ARG D 466 3.16 -25.36 -41.45
N THR D 467 4.03 -26.23 -41.98
CA THR D 467 4.90 -27.08 -41.19
C THR D 467 6.33 -26.85 -41.68
N ARG D 468 7.30 -27.17 -40.82
CA ARG D 468 8.68 -26.79 -41.06
C ARG D 468 9.29 -27.46 -42.29
N SER D 469 8.67 -28.53 -42.80
CA SER D 469 9.12 -29.17 -44.03
C SER D 469 8.39 -28.69 -45.26
N GLY D 470 7.30 -27.93 -45.12
CA GLY D 470 6.57 -27.41 -46.25
C GLY D 470 5.17 -27.94 -46.43
N HIS D 471 4.70 -28.82 -45.57
CA HIS D 471 3.32 -29.30 -45.65
C HIS D 471 2.36 -28.14 -45.41
N THR D 472 1.29 -28.10 -46.19
CA THR D 472 0.39 -26.96 -46.23
C THR D 472 -1.06 -27.41 -46.28
N LEU D 473 -1.92 -26.74 -45.51
CA LEU D 473 -3.36 -26.78 -45.71
C LEU D 473 -3.86 -25.34 -45.76
N GLU D 474 -4.44 -24.95 -46.89
CA GLU D 474 -4.66 -23.54 -47.20
C GLU D 474 -6.09 -23.29 -47.65
N PHE D 475 -6.64 -22.14 -47.25
CA PHE D 475 -7.95 -21.67 -47.69
C PHE D 475 -7.79 -20.30 -48.34
N LYS D 476 -8.33 -20.13 -49.53
CA LYS D 476 -8.35 -18.85 -50.22
C LYS D 476 -9.79 -18.35 -50.35
N ASP D 477 -10.02 -17.10 -49.94
CA ASP D 477 -11.36 -16.52 -49.89
C ASP D 477 -11.61 -15.50 -51.00
N ASP D 478 -10.75 -15.46 -52.01
CA ASP D 478 -10.87 -14.50 -53.11
C ASP D 478 -11.94 -14.99 -54.08
N GLU D 479 -13.17 -14.50 -53.90
CA GLU D 479 -14.29 -15.03 -54.68
C GLU D 479 -14.14 -14.72 -56.16
N GLY D 480 -13.68 -13.52 -56.49
CA GLY D 480 -13.26 -13.24 -57.86
C GLY D 480 -11.76 -13.42 -58.01
N GLY D 481 -11.34 -14.61 -58.43
CA GLY D 481 -9.93 -14.95 -58.43
C GLY D 481 -9.68 -16.36 -57.95
N ASP D 482 -8.55 -16.59 -57.30
CA ASP D 482 -8.23 -17.91 -56.78
C ASP D 482 -9.06 -18.19 -55.54
N TRP D 483 -9.87 -19.25 -55.60
CA TRP D 483 -10.88 -19.50 -54.58
C TRP D 483 -11.02 -21.01 -54.43
N GLY D 484 -10.59 -21.55 -53.30
CA GLY D 484 -10.68 -22.98 -53.08
C GLY D 484 -9.79 -23.44 -51.94
N ILE D 485 -9.67 -24.77 -51.84
CA ILE D 485 -8.91 -25.43 -50.79
C ILE D 485 -7.82 -26.28 -51.43
N THR D 486 -6.62 -26.24 -50.84
CA THR D 486 -5.48 -27.00 -51.32
C THR D 486 -4.79 -27.73 -50.17
N LEU D 487 -4.39 -28.97 -50.42
CA LEU D 487 -3.60 -29.76 -49.47
C LEU D 487 -2.41 -30.33 -50.23
N ARG D 488 -1.21 -29.87 -49.91
CA ARG D 488 -0.05 -30.13 -50.74
C ARG D 488 1.23 -30.12 -49.91
N ASP D 489 2.30 -30.67 -50.50
CA ASP D 489 3.65 -30.54 -49.97
C ASP D 489 4.57 -30.03 -51.08
N ILE D 490 5.85 -29.86 -50.73
CA ILE D 490 6.80 -29.21 -51.63
C ILE D 490 7.30 -30.09 -52.76
N ASN D 491 7.02 -31.39 -52.74
CA ASN D 491 7.56 -32.29 -53.75
C ASN D 491 6.66 -32.41 -54.98
N GLY D 492 5.35 -32.19 -54.84
CA GLY D 492 4.50 -32.18 -56.01
C GLY D 492 3.13 -32.82 -55.85
N ASN D 493 2.84 -33.41 -54.70
CA ASN D 493 1.54 -34.01 -54.44
C ASN D 493 0.54 -32.93 -54.05
N VAL D 494 -0.51 -32.77 -54.85
CA VAL D 494 -1.51 -31.73 -54.63
C VAL D 494 -2.90 -32.34 -54.69
N ILE D 495 -3.78 -31.92 -53.78
CA ILE D 495 -5.21 -32.13 -53.89
C ILE D 495 -5.88 -30.77 -53.83
N HIS D 496 -6.58 -30.41 -54.90
CA HIS D 496 -7.10 -29.06 -55.06
C HIS D 496 -8.60 -29.11 -55.32
N LEU D 497 -9.37 -28.43 -54.46
CA LEU D 497 -10.82 -28.27 -54.64
C LEU D 497 -11.07 -26.87 -55.20
N ASN D 498 -11.36 -26.79 -56.48
CA ASN D 498 -11.51 -25.51 -57.18
C ASN D 498 -12.95 -25.04 -57.04
N SER D 499 -13.17 -24.05 -56.19
CA SER D 499 -14.52 -23.57 -55.93
C SER D 499 -15.03 -22.64 -57.03
N LYS D 500 -14.13 -22.00 -57.76
CA LYS D 500 -14.56 -21.12 -58.85
C LYS D 500 -15.13 -21.91 -60.03
N ASP D 501 -14.42 -22.95 -60.45
CA ASP D 501 -14.80 -23.75 -61.61
C ASP D 501 -15.52 -25.05 -61.26
N LYS D 502 -15.68 -25.36 -59.96
CA LYS D 502 -16.35 -26.57 -59.49
C LYS D 502 -15.67 -27.83 -59.99
N ASN D 503 -14.36 -27.89 -59.76
CA ASN D 503 -13.52 -29.02 -60.19
C ASN D 503 -12.83 -29.61 -58.98
N ILE D 504 -12.39 -30.87 -59.12
CA ILE D 504 -11.51 -31.51 -58.15
C ILE D 504 -10.34 -32.12 -58.92
N ASP D 505 -9.12 -31.73 -58.56
CA ASP D 505 -7.91 -32.15 -59.26
C ASP D 505 -6.96 -32.82 -58.29
N ILE D 506 -6.53 -34.03 -58.64
CA ILE D 506 -5.58 -34.81 -57.83
C ILE D 506 -4.35 -35.10 -58.70
N THR D 507 -3.18 -34.71 -58.20
CA THR D 507 -1.94 -34.75 -58.98
C THR D 507 -0.82 -35.40 -58.16
N ALA D 508 -0.03 -36.25 -58.82
CA ALA D 508 1.12 -36.90 -58.21
C ALA D 508 2.23 -37.03 -59.24
N PRO D 509 3.48 -36.76 -58.85
CA PRO D 509 4.59 -36.98 -59.79
C PRO D 509 4.76 -38.42 -60.25
N GLU D 510 4.47 -39.42 -59.42
CA GLU D 510 4.77 -40.80 -59.78
C GLU D 510 3.54 -41.68 -59.93
N THR D 511 2.71 -41.84 -58.90
CA THR D 511 1.66 -42.86 -58.95
C THR D 511 0.45 -42.41 -58.14
N ILE D 512 -0.72 -42.89 -58.54
CA ILE D 512 -1.96 -42.78 -57.78
C ILE D 512 -2.57 -44.17 -57.69
N THR D 513 -2.87 -44.63 -56.48
CA THR D 513 -3.38 -45.98 -56.25
C THR D 513 -4.73 -45.91 -55.56
N LEU D 514 -5.71 -46.63 -56.12
CA LEU D 514 -7.04 -46.77 -55.53
C LEU D 514 -7.23 -48.22 -55.12
N THR D 515 -7.33 -48.46 -53.80
CA THR D 515 -7.44 -49.81 -53.27
C THR D 515 -8.70 -49.92 -52.42
N ALA D 516 -9.58 -50.83 -52.78
CA ALA D 516 -10.81 -51.09 -52.05
C ALA D 516 -11.27 -52.50 -52.39
N LYS D 517 -12.51 -52.81 -52.06
CA LYS D 517 -13.14 -54.02 -52.54
C LYS D 517 -14.24 -53.77 -53.56
N ASN D 518 -14.61 -52.51 -53.78
CA ASN D 518 -15.47 -52.11 -54.88
C ASN D 518 -15.07 -50.71 -55.30
N VAL D 519 -15.11 -50.44 -56.60
CA VAL D 519 -14.84 -49.11 -57.14
C VAL D 519 -15.93 -48.79 -58.17
N CYS D 520 -16.61 -47.66 -57.98
CA CYS D 520 -17.70 -47.25 -58.86
C CYS D 520 -17.44 -45.87 -59.42
N ILE D 521 -17.66 -45.71 -60.72
CA ILE D 521 -17.49 -44.44 -61.41
C ILE D 521 -18.78 -44.14 -62.16
N ASN D 522 -19.46 -43.06 -61.78
CA ASN D 522 -20.73 -42.68 -62.37
C ASN D 522 -20.63 -41.27 -62.94
N THR D 523 -21.09 -41.08 -64.17
CA THR D 523 -21.01 -39.79 -64.83
C THR D 523 -22.30 -39.51 -65.58
N GLU D 524 -22.58 -38.23 -65.79
CA GLU D 524 -23.67 -37.79 -66.66
C GLU D 524 -23.19 -37.48 -68.06
N GLU D 525 -21.91 -37.67 -68.34
CA GLU D 525 -21.28 -37.33 -69.61
C GLU D 525 -20.16 -38.34 -69.84
N ASN D 526 -19.17 -37.95 -70.63
CA ASN D 526 -18.10 -38.83 -71.08
C ASN D 526 -17.19 -39.26 -69.92
N VAL D 527 -16.48 -40.37 -70.14
CA VAL D 527 -15.39 -40.83 -69.29
C VAL D 527 -14.18 -41.00 -70.19
N GLN D 528 -13.16 -40.16 -70.02
CA GLN D 528 -11.99 -40.16 -70.88
C GLN D 528 -10.79 -40.75 -70.15
N ILE D 529 -10.11 -41.69 -70.80
CA ILE D 529 -8.91 -42.32 -70.27
C ILE D 529 -7.83 -42.25 -71.34
N THR D 530 -6.73 -41.57 -71.05
CA THR D 530 -5.66 -41.32 -72.01
C THR D 530 -4.34 -41.77 -71.41
N ALA D 531 -3.51 -42.40 -72.24
CA ALA D 531 -2.20 -42.86 -71.81
C ALA D 531 -1.20 -42.71 -72.95
N LYS D 532 0.07 -42.60 -72.59
CA LYS D 532 1.17 -42.61 -73.54
C LYS D 532 1.72 -44.01 -73.78
N LYS D 533 1.15 -45.01 -73.14
CA LYS D 533 1.62 -46.39 -73.20
C LYS D 533 0.41 -47.30 -73.01
N ASN D 534 0.65 -48.55 -72.63
CA ASN D 534 -0.40 -49.55 -72.61
C ASN D 534 -1.50 -49.21 -71.60
N ILE D 535 -2.69 -49.76 -71.86
CA ILE D 535 -3.77 -49.87 -70.89
C ILE D 535 -4.03 -51.35 -70.70
N ASP D 536 -3.99 -51.82 -69.45
CA ASP D 536 -4.10 -53.24 -69.14
C ASP D 536 -5.28 -53.49 -68.22
N MET D 537 -6.09 -54.50 -68.54
CA MET D 537 -7.22 -54.91 -67.71
C MET D 537 -7.14 -56.42 -67.51
N THR D 538 -6.93 -56.86 -66.27
CA THR D 538 -6.79 -58.26 -65.92
C THR D 538 -7.80 -58.62 -64.85
N VAL D 539 -8.53 -59.72 -65.06
CA VAL D 539 -9.53 -60.19 -64.10
C VAL D 539 -9.42 -61.70 -63.95
N GLU D 540 -10.00 -62.21 -62.87
CA GLU D 540 -10.12 -63.63 -62.62
C GLU D 540 -11.51 -64.17 -62.94
N ALA D 541 -12.32 -63.40 -63.66
CA ALA D 541 -13.69 -63.76 -64.02
C ALA D 541 -14.01 -63.10 -65.35
N ASP D 542 -15.30 -62.92 -65.63
CA ASP D 542 -15.72 -62.36 -66.91
C ASP D 542 -15.34 -60.89 -67.03
N ILE D 543 -15.37 -60.40 -68.27
CA ILE D 543 -15.34 -58.97 -68.57
C ILE D 543 -16.55 -58.67 -69.44
N ASN D 544 -17.37 -57.70 -69.02
CA ASN D 544 -18.59 -57.35 -69.71
C ASN D 544 -18.52 -55.91 -70.16
N SER D 545 -18.90 -55.67 -71.42
CA SER D 545 -18.88 -54.32 -72.00
C SER D 545 -20.09 -54.22 -72.93
N SER D 546 -21.14 -53.54 -72.48
CA SER D 546 -22.37 -53.41 -73.25
C SER D 546 -22.67 -51.93 -73.49
N ALA D 547 -23.08 -51.62 -74.71
CA ALA D 547 -23.43 -50.25 -75.10
C ALA D 547 -24.81 -50.24 -75.73
N LYS D 548 -25.49 -49.11 -75.61
CA LYS D 548 -26.77 -48.91 -76.28
C LYS D 548 -26.62 -48.43 -77.71
N GLY D 549 -25.40 -48.11 -78.14
CA GLY D 549 -25.18 -47.66 -79.50
C GLY D 549 -24.12 -48.48 -80.20
N ASN D 550 -23.08 -47.83 -80.71
CA ASN D 550 -22.02 -48.52 -81.42
C ASN D 550 -20.95 -49.01 -80.46
N LEU D 551 -19.94 -49.69 -81.01
CA LEU D 551 -18.83 -50.21 -80.23
C LEU D 551 -17.65 -50.38 -81.19
N LEU D 552 -16.72 -49.44 -81.16
CA LEU D 552 -15.61 -49.39 -82.10
C LEU D 552 -14.36 -50.05 -81.52
N LEU D 553 -13.57 -50.65 -82.41
CA LEU D 553 -12.26 -51.22 -82.05
C LEU D 553 -11.30 -50.84 -83.15
N GLN D 554 -10.54 -49.77 -82.94
CA GLN D 554 -9.69 -49.19 -83.97
C GLN D 554 -8.22 -49.34 -83.58
N ALA D 555 -7.38 -49.67 -84.57
CA ALA D 555 -5.95 -49.79 -84.34
C ALA D 555 -5.21 -49.54 -85.65
N ASP D 556 -4.01 -48.97 -85.53
CA ASP D 556 -3.14 -48.73 -86.66
C ASP D 556 -2.20 -49.90 -86.95
N LYS D 557 -2.45 -51.05 -86.33
CA LYS D 557 -1.68 -52.27 -86.52
C LYS D 557 -2.64 -53.45 -86.37
N ASP D 558 -2.10 -54.61 -86.06
CA ASP D 558 -2.91 -55.82 -85.96
C ASP D 558 -3.92 -55.73 -84.82
N VAL D 559 -5.11 -56.27 -85.06
CA VAL D 559 -6.13 -56.46 -84.03
C VAL D 559 -6.31 -57.95 -83.83
N LEU D 560 -6.00 -58.44 -82.63
CA LEU D 560 -5.90 -59.86 -82.35
C LEU D 560 -6.99 -60.32 -81.39
N THR D 561 -7.48 -61.54 -81.60
CA THR D 561 -8.43 -62.19 -80.71
C THR D 561 -7.99 -63.62 -80.50
N ALA D 562 -7.83 -64.01 -79.23
CA ALA D 562 -7.39 -65.36 -78.88
C ALA D 562 -8.32 -65.94 -77.83
N ALA D 563 -8.63 -67.23 -77.97
CA ALA D 563 -9.47 -67.91 -77.00
C ALA D 563 -9.07 -69.37 -76.93
N LYS D 564 -9.05 -69.92 -75.72
CA LYS D 564 -8.88 -71.35 -75.52
C LYS D 564 -10.23 -72.06 -75.47
N GLY D 565 -11.07 -71.78 -76.46
CA GLY D 565 -12.42 -72.29 -76.45
C GLY D 565 -13.22 -71.69 -77.60
N ASN D 566 -14.53 -71.70 -77.45
CA ASN D 566 -15.41 -71.23 -78.51
C ASN D 566 -15.24 -69.73 -78.73
N VAL D 567 -15.59 -69.30 -79.94
CA VAL D 567 -15.68 -67.88 -80.31
C VAL D 567 -16.97 -67.69 -81.09
N GLY D 568 -17.78 -66.73 -80.66
CA GLY D 568 -19.05 -66.50 -81.30
C GLY D 568 -19.24 -65.09 -81.85
N ILE D 569 -19.48 -64.99 -83.15
CA ILE D 569 -19.77 -63.71 -83.80
C ILE D 569 -21.22 -63.82 -84.28
N GLU D 570 -22.14 -63.17 -83.56
CA GLU D 570 -23.56 -63.28 -83.84
C GLU D 570 -24.13 -61.90 -84.14
N ALA D 571 -24.83 -61.79 -85.27
CA ALA D 571 -25.51 -60.57 -85.66
C ALA D 571 -26.91 -60.93 -86.13
N LYS D 572 -27.82 -59.95 -86.05
CA LYS D 572 -29.20 -60.18 -86.46
C LYS D 572 -29.61 -59.35 -87.68
N SER D 573 -28.70 -58.56 -88.25
CA SER D 573 -28.98 -57.91 -89.52
C SER D 573 -28.05 -58.39 -90.63
N ASP D 574 -26.73 -58.23 -90.48
CA ASP D 574 -25.77 -58.59 -91.52
C ASP D 574 -24.42 -58.86 -90.87
N ILE D 575 -23.54 -59.48 -91.65
CA ILE D 575 -22.11 -59.60 -91.30
C ILE D 575 -21.32 -59.32 -92.57
N ASN D 576 -20.42 -58.35 -92.49
CA ASN D 576 -19.63 -57.93 -93.65
C ASN D 576 -18.15 -57.95 -93.31
N MET D 577 -17.37 -58.65 -94.12
CA MET D 577 -15.92 -58.74 -93.96
C MET D 577 -15.25 -58.25 -95.22
N VAL D 578 -14.34 -57.29 -95.07
CA VAL D 578 -13.58 -56.73 -96.19
C VAL D 578 -12.11 -56.76 -95.84
N GLY D 579 -11.30 -57.33 -96.73
CA GLY D 579 -9.87 -57.41 -96.51
C GLY D 579 -9.15 -57.75 -97.79
N LYS D 580 -7.85 -57.46 -97.81
CA LYS D 580 -7.04 -57.74 -98.99
C LYS D 580 -7.00 -59.24 -99.27
N ASN D 581 -6.63 -60.03 -98.28
CA ASN D 581 -6.65 -61.48 -98.36
C ASN D 581 -7.42 -62.03 -97.18
N ILE D 582 -8.25 -63.04 -97.44
CA ILE D 582 -8.99 -63.74 -96.39
C ILE D 582 -8.59 -65.21 -96.46
N ALA D 583 -8.11 -65.74 -95.34
CA ALA D 583 -7.65 -67.12 -95.26
C ALA D 583 -8.34 -67.83 -94.11
N VAL D 584 -8.92 -68.99 -94.39
CA VAL D 584 -9.58 -69.81 -93.38
C VAL D 584 -8.91 -71.16 -93.35
N GLU D 585 -8.43 -71.57 -92.18
CA GLU D 585 -7.73 -72.85 -92.02
C GLU D 585 -8.39 -73.62 -90.89
N GLY D 586 -9.22 -74.60 -91.24
CA GLY D 586 -9.86 -75.46 -90.27
C GLY D 586 -9.07 -76.76 -90.13
N ASN D 587 -8.73 -77.09 -88.88
CA ASN D 587 -7.95 -78.29 -88.63
C ASN D 587 -8.75 -79.55 -88.88
N SER D 588 -10.06 -79.51 -88.62
CA SER D 588 -10.91 -80.68 -88.79
C SER D 588 -12.01 -80.49 -89.83
N LYS D 589 -12.79 -79.42 -89.73
CA LYS D 589 -14.01 -79.32 -90.52
C LYS D 589 -14.32 -77.85 -90.82
N ILE D 590 -14.88 -77.62 -92.01
CA ILE D 590 -15.43 -76.33 -92.41
C ILE D 590 -16.76 -76.58 -93.08
N THR D 591 -17.81 -75.93 -92.59
CA THR D 591 -19.15 -76.12 -93.10
C THR D 591 -19.80 -74.78 -93.40
N LEU D 592 -20.50 -74.69 -94.52
CA LEU D 592 -21.23 -73.50 -94.93
C LEU D 592 -22.69 -73.87 -95.16
N ASN D 593 -23.58 -73.08 -94.58
CA ASN D 593 -25.01 -73.38 -94.61
C ASN D 593 -25.78 -72.11 -94.92
N GLY D 594 -27.00 -72.28 -95.43
CA GLY D 594 -27.85 -71.17 -95.76
C GLY D 594 -28.23 -71.12 -97.22
N GLY D 595 -29.46 -70.73 -97.52
CA GLY D 595 -29.92 -70.69 -98.89
C GLY D 595 -29.23 -69.61 -99.71
N GLN D 596 -29.23 -69.82 -101.02
CA GLN D 596 -28.69 -68.86 -101.99
C GLN D 596 -27.20 -68.60 -101.74
N THR D 597 -26.41 -69.67 -101.78
CA THR D 597 -24.96 -69.55 -101.64
C THR D 597 -24.34 -69.19 -102.98
N GLN D 598 -23.41 -68.25 -102.96
CA GLN D 598 -22.73 -67.80 -104.17
C GLN D 598 -21.23 -67.82 -103.96
N VAL D 599 -20.50 -68.44 -104.88
CA VAL D 599 -19.04 -68.40 -104.93
C VAL D 599 -18.66 -67.86 -106.29
N ALA D 600 -17.87 -66.78 -106.31
CA ALA D 600 -17.58 -66.06 -107.53
C ALA D 600 -16.11 -65.68 -107.55
N GLY D 601 -15.75 -64.78 -108.46
CA GLY D 601 -14.37 -64.36 -108.62
C GLY D 601 -13.94 -64.37 -110.08
N GLN D 602 -12.69 -64.76 -110.33
CA GLN D 602 -12.17 -64.93 -111.68
C GLN D 602 -11.72 -66.36 -111.94
N GLN D 603 -10.90 -66.91 -111.06
CA GLN D 603 -10.48 -68.30 -111.11
C GLN D 603 -10.97 -69.00 -109.86
N THR D 604 -11.70 -70.10 -110.03
CA THR D 604 -12.26 -70.87 -108.92
C THR D 604 -11.81 -72.31 -109.06
N THR D 605 -11.17 -72.83 -108.01
CA THR D 605 -10.64 -74.19 -108.02
C THR D 605 -11.17 -74.96 -106.82
N ILE D 606 -11.47 -76.24 -107.04
CA ILE D 606 -11.86 -77.17 -105.98
C ILE D 606 -10.95 -78.38 -106.07
N GLN D 607 -10.35 -78.75 -104.96
CA GLN D 607 -9.35 -79.81 -104.95
C GLN D 607 -9.77 -80.93 -104.00
N GLY D 608 -8.87 -81.89 -103.81
CA GLY D 608 -9.12 -83.05 -102.97
C GLY D 608 -7.89 -83.91 -102.86
N ALA D 609 -8.06 -85.24 -103.00
CA ALA D 609 -6.91 -86.13 -103.04
C ALA D 609 -6.03 -85.81 -104.24
N ALA D 610 -6.58 -85.95 -105.44
CA ALA D 610 -5.90 -85.52 -106.66
C ALA D 610 -6.80 -84.76 -107.62
N ASN D 611 -8.11 -84.69 -107.39
CA ASN D 611 -8.99 -83.98 -108.29
C ASN D 611 -8.71 -82.49 -108.28
N LYS D 612 -8.88 -81.86 -109.45
CA LYS D 612 -8.62 -80.44 -109.62
C LYS D 612 -9.46 -79.93 -110.78
N ILE D 613 -10.58 -79.29 -110.46
CA ILE D 613 -11.44 -78.69 -111.47
C ILE D 613 -11.34 -77.19 -111.35
N GLU D 614 -11.58 -76.49 -112.47
CA GLU D 614 -11.42 -75.05 -112.54
C GLU D 614 -12.59 -74.45 -113.31
N ILE D 615 -12.80 -73.15 -113.09
CA ILE D 615 -13.84 -72.41 -113.79
C ILE D 615 -13.22 -71.39 -114.73
N SER E 3 -29.43 16.57 47.37
CA SER E 3 -28.26 16.56 48.24
C SER E 3 -27.07 15.92 47.54
N THR E 4 -27.30 14.79 46.87
CA THR E 4 -26.22 14.08 46.21
C THR E 4 -25.62 14.92 45.10
N ASN E 5 -24.30 14.99 45.06
CA ASN E 5 -23.60 15.74 44.01
C ASN E 5 -23.33 14.80 42.83
N LEU E 6 -24.42 14.48 42.13
CA LEU E 6 -24.35 13.65 40.94
C LEU E 6 -23.87 14.46 39.75
N ASP E 7 -23.13 13.80 38.86
CA ASP E 7 -22.71 14.43 37.62
C ASP E 7 -23.89 14.56 36.66
N ALA E 8 -23.70 15.35 35.61
CA ALA E 8 -24.76 15.55 34.63
C ALA E 8 -25.13 14.25 33.94
N VAL E 9 -24.13 13.44 33.58
CA VAL E 9 -24.32 12.15 32.92
C VAL E 9 -23.66 11.08 33.77
N SER E 10 -24.39 10.00 34.02
CA SER E 10 -23.90 8.85 34.79
C SER E 10 -23.69 7.67 33.87
N VAL E 11 -22.53 7.01 33.99
CA VAL E 11 -22.16 5.89 33.15
C VAL E 11 -21.98 4.65 34.03
N GLU E 12 -22.63 3.56 33.66
CA GLU E 12 -22.50 2.29 34.37
C GLU E 12 -21.98 1.21 33.43
N ILE E 13 -21.09 0.36 33.95
CA ILE E 13 -20.49 -0.72 33.19
C ILE E 13 -20.69 -2.02 33.97
N LYS E 14 -21.14 -3.06 33.29
CA LYS E 14 -21.34 -4.39 33.86
C LYS E 14 -20.56 -5.41 33.04
N VAL E 15 -19.78 -6.26 33.71
CA VAL E 15 -19.02 -7.30 33.04
C VAL E 15 -19.58 -8.64 33.52
N ALA E 16 -20.20 -9.37 32.59
CA ALA E 16 -20.85 -10.66 32.87
C ALA E 16 -21.94 -10.53 33.94
N GLY E 17 -22.61 -9.40 33.98
CA GLY E 17 -23.70 -9.18 34.91
C GLY E 17 -23.32 -8.56 36.25
N LYS E 18 -22.03 -8.32 36.50
CA LYS E 18 -21.57 -7.72 37.73
C LYS E 18 -21.01 -6.32 37.48
N VAL E 19 -21.19 -5.44 38.46
CA VAL E 19 -20.79 -4.06 38.30
C VAL E 19 -19.27 -3.94 38.31
N CYS E 20 -18.74 -3.12 37.40
CA CYS E 20 -17.31 -2.90 37.27
C CYS E 20 -16.91 -1.58 37.92
N ASP E 21 -15.72 -1.56 38.52
CA ASP E 21 -15.12 -0.37 39.10
C ASP E 21 -13.99 0.07 38.17
N TYR E 22 -14.24 1.11 37.38
CA TYR E 22 -13.31 1.59 36.38
C TYR E 22 -12.79 2.97 36.76
N VAL E 23 -11.73 3.39 36.08
CA VAL E 23 -11.16 4.71 36.28
C VAL E 23 -11.26 5.53 34.99
N THR E 24 -11.20 4.88 33.84
CA THR E 24 -11.27 5.57 32.56
C THR E 24 -11.99 4.69 31.54
N MET E 25 -12.60 5.33 30.55
CA MET E 25 -13.36 4.65 29.51
C MET E 25 -13.16 5.38 28.18
N GLU E 26 -13.29 4.63 27.07
CA GLU E 26 -13.45 5.23 25.75
C GLU E 26 -14.32 4.30 24.90
N LEU E 27 -15.27 4.88 24.17
CA LEU E 27 -16.15 4.10 23.30
C LEU E 27 -16.37 4.84 21.98
N PHE E 28 -16.13 4.15 20.86
CA PHE E 28 -16.23 4.72 19.52
C PHE E 28 -17.22 3.93 18.69
N GLN E 29 -18.09 4.64 17.95
CA GLN E 29 -19.13 4.02 17.13
C GLN E 29 -19.21 4.69 15.76
N SER E 30 -19.51 3.90 14.73
CA SER E 30 -19.72 4.43 13.39
C SER E 30 -20.69 3.54 12.62
N VAL E 31 -21.19 4.07 11.51
CA VAL E 31 -22.05 3.30 10.61
C VAL E 31 -21.25 2.63 9.50
N SER E 32 -19.92 2.72 9.54
CA SER E 32 -19.09 2.21 8.45
C SER E 32 -17.88 1.44 8.94
N THR E 33 -17.74 1.18 10.23
CA THR E 33 -16.62 0.41 10.76
C THR E 33 -17.08 -0.25 12.05
N HIS E 34 -16.14 -0.86 12.78
CA HIS E 34 -16.41 -1.52 14.04
C HIS E 34 -16.61 -0.52 15.17
N HIS E 35 -17.38 -0.93 16.17
CA HIS E 35 -17.43 -0.25 17.46
C HIS E 35 -16.29 -0.76 18.32
N ARG E 36 -15.64 0.13 19.05
CA ARG E 36 -14.48 -0.22 19.86
C ARG E 36 -14.58 0.42 21.23
N PHE E 37 -14.26 -0.34 22.28
CA PHE E 37 -14.18 0.20 23.63
C PHE E 37 -12.86 -0.20 24.29
N LYS E 38 -12.45 0.62 25.26
CA LYS E 38 -11.26 0.37 26.06
C LYS E 38 -11.54 0.82 27.49
N ILE E 39 -11.43 -0.11 28.44
CA ILE E 39 -11.79 0.13 29.83
C ILE E 39 -10.61 -0.21 30.72
N LYS E 40 -10.35 0.64 31.71
CA LYS E 40 -9.31 0.41 32.72
C LYS E 40 -9.97 0.08 34.05
N VAL E 41 -9.54 -1.02 34.67
CA VAL E 41 -10.17 -1.55 35.87
C VAL E 41 -9.31 -1.26 37.08
N ASN E 42 -9.97 -1.02 38.21
CA ASN E 42 -9.32 -0.64 39.46
C ASN E 42 -9.15 -1.85 40.37
N TYR E 43 -7.98 -1.94 41.01
CA TYR E 43 -7.70 -2.96 42.01
C TYR E 43 -7.25 -2.27 43.29
N ARG E 44 -8.10 -2.28 44.30
CA ARG E 44 -7.89 -1.53 45.51
C ARG E 44 -6.86 -2.19 46.41
N PRO E 45 -6.18 -1.41 47.25
CA PRO E 45 -5.21 -2.01 48.19
C PRO E 45 -5.84 -2.91 49.24
N ASP E 46 -7.14 -2.76 49.54
CA ASP E 46 -7.79 -3.67 50.47
C ASP E 46 -7.96 -5.05 49.86
N LYS E 47 -8.30 -5.11 48.58
CA LYS E 47 -8.64 -6.33 47.87
C LYS E 47 -7.39 -7.11 47.46
N PRO E 48 -7.55 -8.37 47.02
CA PRO E 48 -6.44 -9.09 46.40
C PRO E 48 -5.96 -8.41 45.12
N SER E 49 -4.66 -8.51 44.87
CA SER E 49 -4.05 -7.88 43.71
C SER E 49 -4.12 -8.80 42.49
N VAL E 50 -3.51 -8.36 41.38
CA VAL E 50 -3.54 -9.16 40.17
C VAL E 50 -2.55 -10.32 40.22
N TRP E 51 -1.61 -10.30 41.17
CA TRP E 51 -0.69 -11.42 41.37
C TRP E 51 -1.26 -12.47 42.31
N ALA E 52 -2.07 -12.07 43.29
CA ALA E 52 -2.74 -13.04 44.14
C ALA E 52 -3.79 -13.82 43.35
N ILE E 53 -4.48 -13.16 42.42
CA ILE E 53 -5.48 -13.83 41.60
C ILE E 53 -4.81 -14.69 40.53
N GLY E 54 -3.93 -14.08 39.73
CA GLY E 54 -3.22 -14.79 38.70
C GLY E 54 -3.66 -14.38 37.32
N PRO E 55 -2.69 -14.03 36.46
CA PRO E 55 -3.04 -13.60 35.10
C PRO E 55 -3.79 -14.65 34.30
N ASP E 56 -3.51 -15.93 34.50
CA ASP E 56 -4.19 -16.98 33.74
C ASP E 56 -5.62 -17.19 34.20
N VAL E 57 -5.99 -16.67 35.38
CA VAL E 57 -7.38 -16.72 35.82
C VAL E 57 -8.14 -15.47 35.37
N ILE E 58 -7.44 -14.35 35.17
CA ILE E 58 -8.06 -13.18 34.59
C ILE E 58 -8.37 -13.42 33.12
N PHE E 59 -7.52 -14.17 32.43
CA PHE E 59 -7.69 -14.44 30.99
C PHE E 59 -8.88 -15.32 30.67
N LYS E 60 -9.65 -15.76 31.66
CA LYS E 60 -10.87 -16.52 31.40
C LYS E 60 -12.04 -15.62 31.05
N GLN E 61 -11.82 -14.33 30.90
CA GLN E 61 -12.86 -13.37 30.58
C GLN E 61 -12.94 -13.05 29.10
N LEU E 62 -12.22 -13.79 28.27
CA LEU E 62 -12.24 -13.56 26.83
C LEU E 62 -13.53 -14.11 26.24
N GLY E 63 -14.29 -13.25 25.58
CA GLY E 63 -15.55 -13.64 24.98
C GLY E 63 -16.78 -13.42 25.83
N GLU E 64 -16.67 -12.68 26.94
CA GLU E 64 -17.79 -12.44 27.82
C GLU E 64 -18.52 -11.16 27.42
N LYS E 65 -19.68 -10.96 28.03
CA LYS E 65 -20.57 -9.85 27.69
C LYS E 65 -20.20 -8.60 28.49
N VAL E 66 -20.33 -7.45 27.84
CA VAL E 66 -20.07 -6.15 28.44
C VAL E 66 -21.26 -5.25 28.16
N SER E 67 -21.73 -4.55 29.18
CA SER E 67 -22.87 -3.64 29.07
C SER E 67 -22.47 -2.24 29.54
N ILE E 68 -22.77 -1.23 28.73
CA ILE E 68 -22.48 0.16 29.06
C ILE E 68 -23.77 0.96 28.92
N ILE E 69 -24.15 1.66 29.98
CA ILE E 69 -25.38 2.47 30.01
C ILE E 69 -25.02 3.90 30.39
N MET E 70 -25.58 4.86 29.67
CA MET E 70 -25.37 6.28 29.92
C MET E 70 -26.72 6.94 30.21
N THR E 71 -26.81 7.68 31.32
CA THR E 71 -28.06 8.30 31.72
C THR E 71 -27.84 9.80 31.95
N HIS E 72 -28.74 10.60 31.38
CA HIS E 72 -28.76 12.05 31.58
C HIS E 72 -29.85 12.37 32.59
N HIS E 73 -29.44 12.92 33.75
CA HIS E 73 -30.36 13.02 34.87
C HIS E 73 -31.38 14.14 34.69
N GLU E 74 -30.97 15.26 34.11
CA GLU E 74 -31.85 16.41 34.00
C GLU E 74 -32.87 16.28 32.87
N SER E 75 -32.80 15.23 32.05
CA SER E 75 -33.70 15.08 30.92
C SER E 75 -34.34 13.70 30.87
N GLY E 76 -33.64 12.69 31.38
CA GLY E 76 -34.13 11.33 31.32
C GLY E 76 -33.68 10.53 30.11
N GLU E 77 -32.75 11.06 29.32
CA GLU E 77 -32.27 10.35 28.13
C GLU E 77 -31.34 9.21 28.52
N LYS E 78 -31.14 8.28 27.59
CA LYS E 78 -30.43 7.05 27.86
C LYS E 78 -29.76 6.54 26.60
N THR E 79 -28.66 5.80 26.77
CA THR E 79 -27.93 5.19 25.68
C THR E 79 -27.40 3.84 26.15
N GLU E 80 -27.59 2.81 25.33
CA GLU E 80 -27.26 1.43 25.67
C GLU E 80 -26.29 0.83 24.65
N PHE E 81 -25.34 0.04 25.12
CA PHE E 81 -24.40 -0.66 24.25
C PHE E 81 -24.10 -2.04 24.82
N HIS E 82 -24.08 -3.04 23.94
CA HIS E 82 -23.73 -4.42 24.31
C HIS E 82 -22.63 -4.91 23.39
N GLY E 83 -21.59 -5.51 23.97
CA GLY E 83 -20.45 -5.99 23.20
C GLY E 83 -19.75 -7.18 23.81
N LEU E 84 -18.55 -7.51 23.31
CA LEU E 84 -17.79 -8.65 23.80
C LEU E 84 -16.32 -8.26 23.96
N ILE E 85 -15.62 -9.02 24.80
CA ILE E 85 -14.20 -8.78 25.07
C ILE E 85 -13.36 -9.59 24.09
N SER E 86 -12.38 -8.93 23.47
CA SER E 86 -11.51 -9.54 22.47
C SER E 86 -10.10 -9.81 22.97
N ASP E 87 -9.54 -8.94 23.81
CA ASP E 87 -8.21 -9.19 24.37
C ASP E 87 -8.01 -8.38 25.65
N ILE E 88 -7.08 -8.85 26.47
CA ILE E 88 -6.88 -8.36 27.83
C ILE E 88 -5.39 -8.11 28.05
N HIS E 89 -5.08 -7.02 28.75
CA HIS E 89 -3.72 -6.68 29.16
C HIS E 89 -3.65 -6.59 30.68
N VAL E 90 -2.57 -7.10 31.26
CA VAL E 90 -2.31 -7.01 32.69
C VAL E 90 -0.98 -6.27 32.87
N GLU E 91 -1.02 -5.12 33.55
CA GLU E 91 0.17 -4.29 33.72
C GLU E 91 0.53 -4.13 35.20
N GLY E 92 1.73 -3.61 35.42
CA GLY E 92 2.24 -3.27 36.73
C GLY E 92 3.62 -2.65 36.66
N PHE E 93 3.91 -1.67 37.51
CA PHE E 93 5.23 -1.04 37.52
C PHE E 93 5.62 -0.67 38.93
N ASP E 94 6.93 -0.80 39.21
CA ASP E 94 7.58 -0.48 40.49
C ASP E 94 6.76 -0.93 41.70
N GLY E 95 6.57 -2.24 41.80
CA GLY E 95 5.99 -2.84 42.99
C GLY E 95 4.52 -2.59 43.18
N ASN E 96 3.86 -1.94 42.24
CA ASN E 96 2.44 -1.61 42.34
C ASN E 96 1.60 -2.88 42.29
N GLN E 97 0.35 -2.77 42.75
CA GLN E 97 -0.55 -3.92 42.78
C GLN E 97 -1.10 -4.29 41.41
N GLY E 98 -0.94 -3.44 40.40
CA GLY E 98 -1.33 -3.76 39.03
C GLY E 98 -2.71 -3.24 38.66
N PHE E 99 -3.02 -3.38 37.37
CA PHE E 99 -4.33 -3.03 36.83
C PHE E 99 -4.55 -3.81 35.54
N VAL E 100 -5.77 -3.73 35.02
CA VAL E 100 -6.23 -4.51 33.88
C VAL E 100 -6.89 -3.58 32.88
N ILE E 101 -6.63 -3.80 31.58
CA ILE E 101 -7.27 -3.07 30.50
C ILE E 101 -8.02 -4.06 29.63
N LEU E 102 -9.31 -3.84 29.44
CA LEU E 102 -10.18 -4.70 28.65
C LEU E 102 -10.48 -4.02 27.32
N GLU E 103 -10.29 -4.74 26.22
CA GLU E 103 -10.57 -4.24 24.89
C GLU E 103 -11.61 -5.13 24.22
N GLY E 104 -12.35 -4.54 23.29
CA GLY E 104 -13.39 -5.29 22.60
C GLY E 104 -14.23 -4.38 21.74
N GLY E 105 -15.45 -4.82 21.48
CA GLY E 105 -16.37 -4.00 20.71
C GLY E 105 -17.59 -4.79 20.28
N SER E 106 -18.09 -4.45 19.10
CA SER E 106 -19.25 -5.11 18.56
C SER E 106 -18.92 -6.55 18.19
N PRO E 107 -19.93 -7.43 18.12
CA PRO E 107 -19.66 -8.83 17.78
C PRO E 107 -19.10 -9.03 16.38
N THR E 108 -19.16 -8.02 15.51
CA THR E 108 -18.55 -8.11 14.19
C THR E 108 -17.02 -8.10 14.24
N ILE E 109 -16.43 -7.74 15.39
CA ILE E 109 -14.98 -7.80 15.51
C ILE E 109 -14.50 -9.26 15.48
N LEU E 110 -15.29 -10.16 16.04
CA LEU E 110 -14.95 -11.57 16.07
C LEU E 110 -15.27 -12.29 14.77
N LEU E 111 -15.89 -11.61 13.81
CA LEU E 111 -16.16 -12.15 12.49
C LEU E 111 -15.06 -11.83 11.49
N ASP E 112 -13.97 -11.23 11.94
CA ASP E 112 -12.95 -10.69 11.06
C ASP E 112 -11.60 -11.35 11.32
N ARG E 113 -11.59 -12.65 11.59
CA ARG E 113 -10.37 -13.37 11.92
C ARG E 113 -10.32 -14.74 11.25
N ASP E 114 -10.73 -14.85 9.97
CA ASP E 114 -10.73 -16.16 9.31
C ASP E 114 -10.73 -16.09 7.79
N PRO E 115 -9.59 -15.90 7.13
CA PRO E 115 -9.58 -15.88 5.66
C PRO E 115 -9.81 -17.26 5.05
N ALA E 116 -10.64 -17.31 4.00
CA ALA E 116 -11.03 -18.58 3.38
C ALA E 116 -11.44 -18.34 1.94
N MET E 117 -11.75 -19.44 1.25
CA MET E 117 -12.20 -19.45 -0.14
C MET E 117 -13.57 -20.11 -0.22
N ASP E 118 -14.47 -19.52 -1.01
CA ASP E 118 -15.83 -20.04 -1.12
C ASP E 118 -16.49 -19.42 -2.35
N CYS E 119 -17.72 -19.83 -2.65
CA CYS E 119 -18.48 -19.24 -3.74
C CYS E 119 -19.96 -19.56 -3.57
N TYR E 120 -20.79 -18.72 -4.20
CA TYR E 120 -22.25 -18.83 -4.14
C TYR E 120 -22.80 -18.73 -5.55
N VAL E 121 -23.66 -19.67 -5.93
CA VAL E 121 -24.21 -19.73 -7.27
C VAL E 121 -25.73 -19.59 -7.19
N GLU E 122 -26.24 -18.47 -7.72
CA GLU E 122 -27.67 -18.25 -7.96
C GLU E 122 -28.49 -18.16 -6.67
N GLN E 123 -28.04 -17.34 -5.74
CA GLN E 123 -28.85 -16.91 -4.61
C GLN E 123 -29.03 -15.39 -4.65
N ASN E 124 -29.62 -14.86 -3.58
CA ASN E 124 -29.81 -13.43 -3.41
C ASN E 124 -29.14 -12.99 -2.12
N LEU E 125 -29.15 -11.68 -1.87
CA LEU E 125 -28.46 -11.14 -0.71
C LEU E 125 -29.04 -11.65 0.60
N ASN E 126 -30.32 -12.01 0.61
CA ASN E 126 -30.94 -12.53 1.82
C ASN E 126 -30.30 -13.85 2.27
N THR E 127 -30.18 -14.80 1.35
CA THR E 127 -29.70 -16.12 1.71
C THR E 127 -28.18 -16.16 1.90
N ILE E 128 -27.44 -15.29 1.22
CA ILE E 128 -26.00 -15.25 1.40
C ILE E 128 -25.65 -14.73 2.79
N VAL E 129 -26.35 -13.69 3.25
CA VAL E 129 -26.12 -13.16 4.59
C VAL E 129 -26.47 -14.20 5.66
N SER E 130 -27.61 -14.86 5.49
CA SER E 130 -28.05 -15.86 6.44
C SER E 130 -27.09 -17.04 6.51
N ASP E 131 -26.56 -17.46 5.35
CA ASP E 131 -25.61 -18.57 5.32
C ASP E 131 -24.33 -18.25 6.07
N ILE E 132 -23.81 -17.03 5.90
CA ILE E 132 -22.54 -16.65 6.51
C ILE E 132 -22.65 -16.65 8.03
N LEU E 133 -23.74 -16.09 8.55
CA LEU E 133 -23.90 -16.00 10.00
C LEU E 133 -24.29 -17.33 10.63
N ASP E 134 -24.81 -18.26 9.83
CA ASP E 134 -25.13 -19.59 10.33
C ASP E 134 -23.90 -20.45 10.51
N LYS E 135 -22.81 -20.12 9.81
CA LYS E 135 -21.58 -20.89 9.86
C LYS E 135 -20.62 -20.39 10.93
N SER E 136 -21.00 -19.37 11.70
CA SER E 136 -20.15 -18.80 12.73
C SER E 136 -20.71 -19.11 14.11
N GLY E 137 -19.82 -19.09 15.10
CA GLY E 137 -20.19 -19.45 16.46
C GLY E 137 -20.44 -18.29 17.39
N VAL E 138 -20.68 -17.11 16.83
CA VAL E 138 -20.95 -15.90 17.60
C VAL E 138 -22.45 -15.65 17.61
N LYS E 139 -23.00 -15.36 18.78
CA LYS E 139 -24.43 -15.08 18.91
C LYS E 139 -24.71 -13.61 18.64
N MET E 140 -25.70 -13.37 17.79
CA MET E 140 -26.04 -12.00 17.39
C MET E 140 -27.50 -11.94 16.99
N ASN E 141 -28.10 -10.78 17.19
CA ASN E 141 -29.43 -10.47 16.68
C ASN E 141 -29.29 -9.75 15.35
N VAL E 142 -30.11 -10.14 14.38
CA VAL E 142 -30.00 -9.65 13.02
C VAL E 142 -31.38 -9.24 12.50
N THR E 143 -31.44 -8.11 11.81
CA THR E 143 -32.61 -7.71 11.03
C THR E 143 -32.21 -7.76 9.55
N ASN E 144 -32.44 -8.90 8.93
CA ASN E 144 -32.03 -9.17 7.54
C ASN E 144 -33.13 -8.72 6.61
N ASN E 145 -32.96 -7.56 5.97
CA ASN E 145 -34.01 -6.98 5.13
C ASN E 145 -33.38 -6.09 4.06
N PRO E 146 -32.73 -6.68 3.06
CA PRO E 146 -32.15 -5.90 1.97
C PRO E 146 -33.20 -5.44 0.98
N LYS E 147 -32.81 -4.47 0.15
CA LYS E 147 -33.69 -3.87 -0.85
C LYS E 147 -33.59 -4.55 -2.21
N HIS E 148 -32.44 -5.13 -2.53
CA HIS E 148 -32.26 -5.86 -3.78
C HIS E 148 -32.64 -7.32 -3.56
N THR E 149 -33.71 -7.75 -4.22
CA THR E 149 -34.29 -9.07 -3.99
C THR E 149 -34.06 -10.03 -5.16
N ASP E 150 -33.44 -9.58 -6.24
CA ASP E 150 -33.19 -10.43 -7.39
C ASP E 150 -32.04 -11.40 -7.12
N ILE E 151 -31.96 -12.42 -7.97
CA ILE E 151 -30.93 -13.44 -7.90
C ILE E 151 -29.63 -12.90 -8.51
N ILE E 152 -28.51 -13.21 -7.87
CA ILE E 152 -27.19 -12.86 -8.39
C ILE E 152 -26.56 -14.12 -8.96
N PRO E 153 -26.20 -14.14 -10.26
CA PRO E 153 -25.72 -15.39 -10.86
C PRO E 153 -24.49 -16.00 -10.20
N TYR E 154 -23.52 -15.21 -9.77
CA TYR E 154 -22.28 -15.75 -9.24
C TYR E 154 -21.61 -14.73 -8.34
N VAL E 155 -21.16 -15.19 -7.16
CA VAL E 155 -20.45 -14.38 -6.19
C VAL E 155 -19.29 -15.22 -5.64
N ALA E 156 -18.12 -14.61 -5.50
CA ALA E 156 -16.93 -15.31 -5.03
C ALA E 156 -16.35 -14.66 -3.78
N ARG E 157 -15.91 -15.49 -2.84
CA ARG E 157 -15.16 -15.06 -1.67
C ARG E 157 -13.70 -15.45 -1.90
N TYR E 158 -12.82 -14.46 -2.00
CA TYR E 158 -11.45 -14.67 -2.45
C TYR E 158 -10.48 -14.22 -1.36
N LYS E 159 -10.11 -15.15 -0.48
CA LYS E 159 -9.05 -14.94 0.51
C LYS E 159 -9.41 -13.89 1.55
N GLU E 160 -10.68 -13.85 1.98
CA GLU E 160 -11.13 -12.81 2.88
C GLU E 160 -11.92 -13.41 4.04
N THR E 161 -12.12 -12.59 5.06
CA THR E 161 -12.86 -12.98 6.26
C THR E 161 -14.35 -12.83 6.04
N SER E 162 -15.14 -13.26 7.03
CA SER E 162 -16.60 -13.16 6.90
C SER E 162 -17.07 -11.71 6.89
N TYR E 163 -16.50 -10.88 7.76
CA TYR E 163 -16.87 -9.46 7.78
C TYR E 163 -16.37 -8.75 6.53
N GLY E 164 -15.12 -9.04 6.12
CA GLY E 164 -14.57 -8.38 4.94
C GLY E 164 -15.33 -8.71 3.67
N PHE E 165 -15.76 -9.96 3.53
CA PHE E 165 -16.56 -10.35 2.37
C PHE E 165 -17.92 -9.66 2.37
N LEU E 166 -18.64 -9.74 3.49
CA LEU E 166 -19.97 -9.16 3.57
C LEU E 166 -19.95 -7.65 3.50
N SER E 167 -18.91 -7.03 4.05
CA SER E 167 -18.82 -5.58 4.07
C SER E 167 -18.72 -5.01 2.65
N ARG E 168 -17.80 -5.53 1.84
CA ARG E 168 -17.62 -5.03 0.48
C ARG E 168 -18.79 -5.42 -0.42
N LEU E 169 -19.40 -6.59 -0.19
CA LEU E 169 -20.46 -7.06 -1.07
C LEU E 169 -21.74 -6.25 -0.89
N LEU E 170 -22.08 -5.93 0.35
CA LEU E 170 -23.32 -5.20 0.61
C LEU E 170 -23.20 -3.71 0.28
N ARG E 171 -22.03 -3.12 0.47
CA ARG E 171 -21.87 -1.69 0.19
C ARG E 171 -21.81 -1.41 -1.30
N SER E 172 -21.25 -2.33 -2.09
CA SER E 172 -21.24 -2.16 -3.54
C SER E 172 -22.63 -2.24 -4.14
N TYR E 173 -23.60 -2.81 -3.42
CA TYR E 173 -24.99 -2.82 -3.82
C TYR E 173 -25.78 -1.68 -3.19
N GLY E 174 -25.11 -0.79 -2.47
CA GLY E 174 -25.75 0.37 -1.86
C GLY E 174 -26.70 0.08 -0.72
N GLU E 175 -26.33 -0.81 0.19
CA GLU E 175 -27.14 -1.15 1.34
C GLU E 175 -26.49 -0.63 2.61
N TRP E 176 -27.32 -0.34 3.62
CA TRP E 176 -26.84 -0.01 4.95
C TRP E 176 -26.47 -1.28 5.68
N PHE E 177 -25.35 -1.25 6.41
CA PHE E 177 -24.84 -2.45 7.06
C PHE E 177 -24.02 -2.02 8.27
N TYR E 178 -24.63 -2.05 9.45
CA TYR E 178 -23.95 -1.56 10.64
C TYR E 178 -24.61 -2.13 11.89
N TYR E 179 -23.90 -1.99 13.01
CA TYR E 179 -24.37 -2.38 14.33
C TYR E 179 -24.97 -1.17 15.02
N ASN E 180 -26.19 -1.30 15.53
CA ASN E 180 -26.89 -0.16 16.10
C ASN E 180 -26.71 -0.03 17.61
N GLY E 181 -26.14 -1.03 18.28
CA GLY E 181 -26.01 -0.99 19.71
C GLY E 181 -26.50 -2.26 20.37
N GLU E 182 -27.55 -2.88 19.82
CA GLU E 182 -27.98 -4.20 20.26
C GLU E 182 -28.36 -5.16 19.15
N THR E 183 -28.40 -4.72 17.89
CA THR E 183 -28.80 -5.58 16.79
C THR E 183 -27.95 -5.23 15.57
N LEU E 184 -27.74 -6.21 14.70
CA LEU E 184 -27.06 -5.99 13.43
C LEU E 184 -28.11 -5.72 12.36
N GLN E 185 -28.01 -4.56 11.72
CA GLN E 185 -29.02 -4.09 10.77
C GLN E 185 -28.50 -4.24 9.36
N ILE E 186 -29.27 -4.95 8.53
CA ILE E 186 -29.01 -5.07 7.09
C ILE E 186 -30.19 -4.42 6.39
N GLY E 187 -29.95 -3.30 5.70
CA GLY E 187 -30.99 -2.55 5.05
C GLY E 187 -31.24 -1.22 5.74
N ASP E 188 -32.16 -0.47 5.14
CA ASP E 188 -32.53 0.86 5.64
C ASP E 188 -33.54 0.73 6.78
N PRO E 189 -33.28 1.31 7.95
CA PRO E 189 -34.25 1.20 9.06
C PRO E 189 -35.34 2.26 9.02
N GLU E 190 -35.11 3.35 8.27
CA GLU E 190 -36.04 4.48 8.17
C GLU E 190 -36.31 5.10 9.54
N ILE E 191 -35.25 5.64 10.14
CA ILE E 191 -35.33 6.28 11.44
C ILE E 191 -35.65 7.76 11.24
N ASP E 192 -36.70 8.22 11.92
CA ASP E 192 -37.13 9.62 11.83
C ASP E 192 -36.99 10.37 13.15
N THR E 193 -36.38 9.76 14.16
CA THR E 193 -36.19 10.43 15.44
C THR E 193 -35.28 11.64 15.26
N GLU E 194 -35.67 12.75 15.86
CA GLU E 194 -34.97 14.03 15.72
C GLU E 194 -34.48 14.52 17.07
N SER E 195 -33.73 15.61 17.03
CA SER E 195 -33.18 16.23 18.23
C SER E 195 -32.83 17.68 17.91
N ARG E 196 -32.63 18.47 18.96
CA ARG E 196 -32.31 19.88 18.83
C ARG E 196 -31.03 20.17 19.61
N ALA E 197 -30.09 20.87 18.98
CA ALA E 197 -28.86 21.27 19.64
C ALA E 197 -28.55 22.71 19.27
N GLY E 198 -28.20 23.51 20.26
CA GLY E 198 -27.92 24.92 20.05
C GLY E 198 -26.48 25.24 20.37
N TYR E 199 -25.93 26.21 19.65
CA TYR E 199 -24.57 26.67 19.90
C TYR E 199 -24.51 27.40 21.23
N ASP E 200 -23.58 26.98 22.09
CA ASP E 200 -23.41 27.49 23.45
C ASP E 200 -24.62 27.22 24.34
N VAL E 201 -25.42 26.21 24.00
CA VAL E 201 -26.46 25.70 24.89
C VAL E 201 -26.18 24.23 25.12
N ASP E 202 -26.10 23.46 24.02
CA ASP E 202 -25.72 22.05 24.09
C ASP E 202 -24.36 21.77 23.49
N LEU E 203 -23.94 22.54 22.48
CA LEU E 203 -22.70 22.30 21.77
C LEU E 203 -21.60 23.19 22.33
N THR E 204 -20.51 22.58 22.79
CA THR E 204 -19.35 23.31 23.26
C THR E 204 -18.51 23.84 22.10
N GLY E 205 -18.45 23.12 21.00
CA GLY E 205 -17.70 23.57 19.84
C GLY E 205 -18.38 23.11 18.57
N VAL E 206 -18.17 23.86 17.49
CA VAL E 206 -18.75 23.55 16.19
C VAL E 206 -17.71 23.81 15.11
N SER E 207 -17.92 23.21 13.94
CA SER E 207 -17.03 23.39 12.81
C SER E 207 -17.73 22.93 11.55
N ILE E 208 -17.87 23.81 10.56
CA ILE E 208 -18.50 23.50 9.28
C ILE E 208 -17.49 23.77 8.17
N ASN E 209 -17.41 22.84 7.22
CA ASN E 209 -16.44 22.93 6.13
C ASN E 209 -17.11 22.71 4.79
N ALA E 210 -16.50 23.24 3.73
CA ALA E 210 -16.92 23.04 2.36
C ALA E 210 -15.70 22.84 1.48
N THR E 211 -15.89 22.15 0.34
CA THR E 211 -14.79 21.87 -0.58
C THR E 211 -15.32 21.87 -2.00
N ILE E 212 -14.41 21.66 -2.95
CA ILE E 212 -14.71 21.69 -4.38
C ILE E 212 -14.59 20.27 -4.92
N ARG E 213 -15.66 19.78 -5.56
CA ARG E 213 -15.74 18.42 -6.09
C ARG E 213 -16.42 18.46 -7.44
N SER E 214 -16.32 17.35 -8.17
CA SER E 214 -16.78 17.25 -9.55
C SER E 214 -17.97 16.31 -9.67
N LEU E 215 -19.02 16.77 -10.35
CA LEU E 215 -20.23 15.99 -10.57
C LEU E 215 -20.43 15.61 -12.03
N ASN E 216 -19.40 15.71 -12.87
CA ASN E 216 -19.47 15.40 -14.29
C ASN E 216 -18.80 14.04 -14.51
N HIS E 217 -19.56 12.97 -14.32
CA HIS E 217 -19.02 11.62 -14.42
C HIS E 217 -20.08 10.67 -14.93
N SER E 218 -19.63 9.54 -15.49
CA SER E 218 -20.53 8.53 -16.02
C SER E 218 -19.87 7.16 -15.91
N THR E 219 -20.67 6.11 -16.13
CA THR E 219 -20.19 4.73 -16.05
C THR E 219 -20.84 3.91 -17.16
N TYR E 220 -20.17 2.82 -17.54
CA TYR E 220 -20.60 1.98 -18.66
C TYR E 220 -20.46 0.50 -18.29
N GLU E 221 -21.07 -0.35 -19.11
CA GLU E 221 -21.01 -1.80 -18.92
C GLU E 221 -21.43 -2.50 -20.21
N PHE E 222 -20.73 -3.58 -20.55
CA PHE E 222 -21.07 -4.42 -21.70
C PHE E 222 -21.48 -5.80 -21.22
N ASP E 223 -22.65 -6.25 -21.66
CA ASP E 223 -23.18 -7.57 -21.31
C ASP E 223 -23.18 -8.48 -22.52
N PRO E 224 -22.29 -9.48 -22.59
CA PRO E 224 -22.27 -10.36 -23.77
C PRO E 224 -23.35 -11.44 -23.76
N VAL E 225 -23.88 -11.83 -22.60
CA VAL E 225 -24.93 -12.85 -22.56
C VAL E 225 -26.23 -12.31 -23.14
N ASN E 226 -26.49 -11.01 -22.98
CA ASN E 226 -27.66 -10.37 -23.56
C ASN E 226 -27.33 -9.50 -24.76
N ASP E 227 -26.04 -9.23 -25.01
CA ASP E 227 -25.57 -8.47 -26.17
C ASP E 227 -26.05 -7.01 -26.10
N LYS E 228 -25.77 -6.37 -24.96
CA LYS E 228 -26.27 -5.04 -24.67
C LYS E 228 -25.19 -4.19 -24.01
N PHE E 229 -25.25 -2.89 -24.29
CA PHE E 229 -24.34 -1.89 -23.73
C PHE E 229 -25.14 -0.94 -22.85
N TYR E 230 -24.73 -0.81 -21.60
CA TYR E 230 -25.42 0.02 -20.62
C TYR E 230 -24.60 1.26 -20.30
N TYR E 231 -25.30 2.36 -20.02
CA TYR E 231 -24.69 3.66 -19.83
C TYR E 231 -25.51 4.48 -18.85
N ASP E 232 -24.84 5.19 -17.94
CA ASP E 232 -25.50 6.01 -16.93
C ASP E 232 -24.68 7.29 -16.69
N TYR E 233 -25.35 8.42 -16.52
CA TYR E 233 -24.68 9.71 -16.43
C TYR E 233 -25.23 10.54 -15.27
N SER E 234 -24.37 10.87 -14.32
CA SER E 234 -24.58 11.89 -13.26
C SER E 234 -25.78 11.48 -12.39
N GLY E 235 -26.61 12.42 -11.98
CA GLY E 235 -27.72 12.14 -11.09
C GLY E 235 -28.35 13.43 -10.60
N THR E 236 -29.22 13.29 -9.61
CA THR E 236 -29.91 14.46 -9.05
C THR E 236 -29.78 14.48 -7.53
N PRO E 237 -29.54 15.65 -6.94
CA PRO E 237 -29.35 15.73 -5.49
C PRO E 237 -30.65 15.51 -4.73
N LYS E 238 -30.50 14.92 -3.54
CA LYS E 238 -31.66 14.59 -2.72
C LYS E 238 -31.46 15.07 -1.29
N GLY E 239 -30.21 15.17 -0.84
CA GLY E 239 -29.92 15.73 0.47
C GLY E 239 -28.91 16.85 0.41
N ALA E 240 -29.35 18.08 0.73
CA ALA E 240 -28.49 19.24 0.61
C ALA E 240 -28.82 20.26 1.69
N THR E 241 -27.83 21.07 2.01
CA THR E 241 -27.94 22.19 2.95
C THR E 241 -27.70 23.48 2.19
N LEU E 242 -27.62 24.60 2.91
CA LEU E 242 -27.20 25.84 2.28
C LEU E 242 -25.72 25.83 1.93
N GLY E 243 -24.91 25.12 2.71
CA GLY E 243 -23.50 24.99 2.37
C GLY E 243 -23.26 24.16 1.13
N SER E 244 -24.05 23.09 0.95
CA SER E 244 -23.88 22.22 -0.22
C SER E 244 -24.18 22.97 -1.52
N ARG E 245 -25.18 23.85 -1.50
CA ARG E 245 -25.55 24.57 -2.71
C ARG E 245 -24.48 25.58 -3.11
N SER E 246 -23.86 26.25 -2.15
CA SER E 246 -22.80 27.20 -2.47
C SER E 246 -21.54 26.50 -2.96
N ALA E 247 -21.25 25.32 -2.43
CA ALA E 247 -20.07 24.57 -2.85
C ALA E 247 -20.22 24.06 -4.28
N GLU E 248 -21.40 23.57 -4.65
CA GLU E 248 -21.59 23.03 -5.99
C GLU E 248 -21.74 24.11 -7.04
N LYS E 249 -22.23 25.30 -6.65
CA LYS E 249 -22.31 26.41 -7.58
C LYS E 249 -20.93 26.98 -7.89
N CYS E 250 -20.01 26.92 -6.93
CA CYS E 250 -18.65 27.42 -7.14
C CYS E 250 -17.79 26.45 -7.94
N SER E 251 -18.05 25.15 -7.83
CA SER E 251 -17.22 24.15 -8.49
C SER E 251 -17.73 23.76 -9.87
N GLU E 252 -18.88 24.30 -10.29
CA GLU E 252 -19.43 23.94 -11.59
C GLU E 252 -18.54 24.32 -12.77
N PRO E 253 -18.00 25.55 -12.88
CA PRO E 253 -17.21 25.90 -14.07
C PRO E 253 -15.85 25.22 -14.13
N ILE E 254 -15.38 24.60 -13.07
CA ILE E 254 -14.03 24.05 -13.05
C ILE E 254 -13.94 22.81 -13.93
N PHE E 255 -15.00 22.01 -13.99
CA PHE E 255 -15.00 20.71 -14.68
C PHE E 255 -16.03 20.70 -15.80
N PRO E 256 -15.67 21.12 -17.01
CA PRO E 256 -16.61 21.06 -18.13
C PRO E 256 -16.53 19.81 -19.00
N THR E 257 -15.66 18.85 -18.68
CA THR E 257 -15.47 17.65 -19.49
C THR E 257 -15.89 16.43 -18.70
N GLU E 258 -16.61 15.52 -19.36
CA GLU E 258 -17.14 14.32 -18.72
C GLU E 258 -16.06 13.27 -18.57
N ALA E 259 -16.10 12.54 -17.45
CA ALA E 259 -15.13 11.49 -17.15
C ALA E 259 -15.86 10.15 -17.08
N LYS E 260 -15.34 9.15 -17.77
CA LYS E 260 -15.95 7.82 -17.86
C LYS E 260 -15.09 6.79 -17.14
N LEU E 261 -15.74 5.90 -16.40
CA LEU E 261 -15.09 4.84 -15.65
C LEU E 261 -15.90 3.56 -15.77
N PRO E 262 -15.26 2.41 -15.69
CA PRO E 262 -16.00 1.14 -15.68
C PRO E 262 -16.53 0.80 -14.28
N SER E 263 -17.55 -0.05 -14.28
CA SER E 263 -18.17 -0.50 -13.04
C SER E 263 -17.26 -1.48 -12.30
N ILE E 264 -17.28 -1.41 -10.97
CA ILE E 264 -16.40 -2.23 -10.13
C ILE E 264 -17.13 -3.52 -9.75
N ARG E 265 -18.22 -3.80 -10.44
CA ARG E 265 -19.16 -4.83 -10.04
C ARG E 265 -19.97 -5.25 -11.26
N PRO E 266 -20.09 -6.55 -11.55
CA PRO E 266 -20.89 -6.97 -12.70
C PRO E 266 -22.36 -6.55 -12.57
N ALA E 267 -22.93 -6.12 -13.70
CA ALA E 267 -24.33 -5.71 -13.77
C ALA E 267 -25.00 -6.47 -14.89
N TYR E 268 -26.30 -6.73 -14.72
CA TYR E 268 -27.01 -7.63 -15.62
C TYR E 268 -28.28 -7.05 -16.21
N SER E 269 -28.54 -5.76 -16.04
CA SER E 269 -29.65 -5.10 -16.71
C SER E 269 -29.42 -3.60 -16.67
N ALA E 270 -30.31 -2.86 -17.32
CA ALA E 270 -30.22 -1.40 -17.33
C ALA E 270 -30.68 -0.79 -16.01
N MET E 271 -31.68 -1.39 -15.37
CA MET E 271 -32.04 -0.97 -14.01
C MET E 271 -30.90 -1.21 -13.04
N ASP E 272 -30.16 -2.29 -13.22
CA ASP E 272 -29.14 -2.68 -12.27
C ASP E 272 -27.95 -1.71 -12.31
N LEU E 273 -27.63 -1.18 -13.50
CA LEU E 273 -26.60 -0.15 -13.62
C LEU E 273 -27.06 1.21 -13.10
N GLU E 274 -28.36 1.52 -13.21
CA GLU E 274 -28.85 2.79 -12.72
C GLU E 274 -28.69 2.90 -11.20
N HIS E 275 -28.94 1.81 -10.49
CA HIS E 275 -28.76 1.80 -9.05
C HIS E 275 -27.31 1.92 -8.66
N TYR E 276 -26.40 1.30 -9.42
CA TYR E 276 -24.98 1.42 -9.16
C TYR E 276 -24.51 2.87 -9.27
N GLY E 277 -24.86 3.53 -10.38
CA GLY E 277 -24.46 4.92 -10.57
C GLY E 277 -25.11 5.85 -9.59
N ASP E 278 -26.34 5.54 -9.18
CA ASP E 278 -27.05 6.37 -8.19
C ASP E 278 -26.33 6.38 -6.85
N ALA E 279 -25.83 5.22 -6.41
CA ALA E 279 -25.13 5.15 -5.13
C ALA E 279 -23.85 5.95 -5.15
N GLY E 280 -23.12 5.93 -6.26
CA GLY E 280 -21.87 6.68 -6.34
C GLY E 280 -22.06 8.18 -6.40
N PHE E 281 -23.13 8.63 -7.05
CA PHE E 281 -23.40 10.07 -7.11
C PHE E 281 -23.70 10.63 -5.73
N HIS E 282 -24.50 9.91 -4.94
CA HIS E 282 -24.90 10.41 -3.63
C HIS E 282 -23.74 10.39 -2.65
N ARG E 283 -22.79 9.46 -2.81
CA ARG E 283 -21.62 9.43 -1.95
C ARG E 283 -20.69 10.60 -2.22
N ASN E 284 -20.58 11.00 -3.48
CA ASN E 284 -19.73 12.13 -3.84
C ASN E 284 -20.36 13.46 -3.44
N TYR E 285 -21.68 13.58 -3.61
CA TYR E 285 -22.36 14.83 -3.30
C TYR E 285 -22.39 15.10 -1.81
N SER E 286 -22.48 14.06 -0.98
CA SER E 286 -22.61 14.25 0.46
C SER E 286 -21.33 14.74 1.11
N GLN E 287 -20.22 14.77 0.38
CA GLN E 287 -18.94 15.24 0.92
C GLN E 287 -18.66 16.69 0.58
N LEU E 288 -19.59 17.40 -0.06
CA LEU E 288 -19.38 18.80 -0.39
C LEU E 288 -19.30 19.67 0.87
N SER E 289 -20.23 19.48 1.80
CA SER E 289 -20.24 20.21 3.06
C SER E 289 -20.68 19.30 4.20
N GLN E 290 -19.95 19.32 5.31
CA GLN E 290 -20.20 18.45 6.45
C GLN E 290 -20.02 19.22 7.74
N ILE E 291 -20.29 18.57 8.88
CA ILE E 291 -20.22 19.20 10.19
C ILE E 291 -19.41 18.33 11.14
N LYS E 292 -18.90 18.96 12.19
CA LYS E 292 -18.19 18.29 13.26
C LYS E 292 -18.36 19.12 14.53
N ALA E 293 -18.83 18.49 15.61
CA ALA E 293 -19.14 19.21 16.83
C ALA E 293 -18.79 18.37 18.05
N SER E 294 -18.81 19.03 19.21
CA SER E 294 -18.58 18.39 20.50
C SER E 294 -19.65 18.85 21.48
N SER E 295 -19.90 18.03 22.49
CA SER E 295 -21.05 18.23 23.37
C SER E 295 -20.76 17.57 24.72
N ARG E 296 -21.73 17.68 25.62
CA ARG E 296 -21.71 17.03 26.93
C ARG E 296 -23.04 16.34 27.20
N TYR E 297 -23.74 15.94 26.15
CA TYR E 297 -25.11 15.47 26.21
C TYR E 297 -25.21 14.09 25.58
N CYS E 298 -25.94 13.18 26.23
CA CYS E 298 -26.01 11.79 25.78
C CYS E 298 -27.30 11.48 25.04
N GLY E 299 -28.04 12.50 24.60
CA GLY E 299 -29.22 12.31 23.80
C GLY E 299 -28.98 12.32 22.31
N ILE E 300 -27.72 12.23 21.88
CA ILE E 300 -27.35 12.21 20.47
C ILE E 300 -26.85 10.80 20.16
N ARG E 301 -27.45 10.17 19.15
CA ARG E 301 -27.26 8.75 18.90
C ARG E 301 -26.91 8.49 17.44
N LEU E 302 -26.33 7.31 17.21
CA LEU E 302 -25.88 6.91 15.90
C LEU E 302 -27.04 6.66 14.94
N GLY E 303 -26.94 7.24 13.75
CA GLY E 303 -27.95 7.05 12.73
C GLY E 303 -29.25 7.78 12.95
N GLU E 304 -29.20 8.95 13.61
CA GLU E 304 -30.37 9.77 13.87
C GLU E 304 -30.09 11.20 13.45
N LEU E 305 -31.12 12.03 13.47
CA LEU E 305 -31.05 13.38 12.94
C LEU E 305 -30.99 14.42 14.06
N VAL E 306 -30.23 15.48 13.84
CA VAL E 306 -30.09 16.59 14.79
C VAL E 306 -30.20 17.89 14.02
N VAL E 307 -30.88 18.87 14.61
CA VAL E 307 -31.09 20.18 14.00
C VAL E 307 -30.29 21.21 14.78
N THR E 308 -29.38 21.91 14.10
CA THR E 308 -28.48 22.87 14.72
C THR E 308 -28.97 24.29 14.49
N ARG E 309 -28.63 25.18 15.42
CA ARG E 309 -29.08 26.56 15.35
C ARG E 309 -28.12 27.45 16.14
N VAL E 310 -28.21 28.75 15.88
CA VAL E 310 -27.54 29.78 16.67
C VAL E 310 -28.60 30.54 17.43
N PRO E 311 -28.50 30.64 18.76
CA PRO E 311 -29.53 31.38 19.51
C PRO E 311 -29.63 32.83 19.09
N GLU E 312 -30.86 33.36 19.11
CA GLU E 312 -31.13 34.70 18.60
C GLU E 312 -30.54 35.78 19.48
N SER E 313 -30.22 35.49 20.74
CA SER E 313 -29.63 36.49 21.62
C SER E 313 -28.13 36.61 21.36
N PHE E 314 -27.76 36.77 20.10
CA PHE E 314 -26.40 36.97 19.64
C PHE E 314 -26.37 38.21 18.78
N PRO E 315 -25.29 39.00 18.86
CA PRO E 315 -25.28 40.29 18.15
C PRO E 315 -25.32 40.17 16.64
N GLY E 316 -26.41 40.62 16.03
CA GLY E 316 -26.51 40.72 14.59
C GLY E 316 -27.01 39.49 13.86
N VAL E 317 -27.42 38.44 14.57
CA VAL E 317 -27.82 37.21 13.92
C VAL E 317 -29.25 37.35 13.40
N LYS E 318 -29.43 37.23 12.10
CA LYS E 318 -30.74 37.30 11.46
C LYS E 318 -31.26 35.92 11.05
N ILE E 319 -30.38 35.03 10.61
CA ILE E 319 -30.73 33.67 10.25
C ILE E 319 -30.09 32.74 11.27
N THR E 320 -30.90 31.94 11.95
CA THR E 320 -30.41 31.10 13.04
C THR E 320 -30.09 29.68 12.61
N ASP E 321 -30.60 29.22 11.47
CA ASP E 321 -30.42 27.84 11.06
C ASP E 321 -28.96 27.56 10.69
N LEU E 322 -28.46 26.42 11.14
CA LEU E 322 -27.14 25.95 10.74
C LEU E 322 -27.18 24.66 9.94
N GLY E 323 -28.33 23.98 9.87
CA GLY E 323 -28.47 22.78 9.07
C GLY E 323 -29.06 21.59 9.81
N ARG E 324 -29.52 20.60 9.07
CA ARG E 324 -30.02 19.35 9.63
C ARG E 324 -29.14 18.21 9.16
N TYR E 325 -28.64 17.41 10.09
CA TYR E 325 -27.58 16.45 9.82
C TYR E 325 -27.91 15.09 10.41
N ARG E 326 -27.34 14.05 9.82
CA ARG E 326 -27.42 12.69 10.35
C ARG E 326 -26.08 12.27 10.94
N ILE E 327 -26.12 11.63 12.09
CA ILE E 327 -24.91 11.27 12.82
C ILE E 327 -24.30 10.02 12.19
N THR E 328 -23.02 10.12 11.80
CA THR E 328 -22.31 8.98 11.25
C THR E 328 -21.18 8.47 12.13
N GLU E 329 -20.72 9.27 13.09
CA GLU E 329 -19.66 8.89 14.01
C GLU E 329 -19.90 9.54 15.36
N ILE E 330 -19.50 8.86 16.43
CA ILE E 330 -19.66 9.36 17.79
C ILE E 330 -18.61 8.70 18.67
N THR E 331 -18.01 9.49 19.56
CA THR E 331 -16.99 9.00 20.50
C THR E 331 -17.31 9.51 21.90
N HIS E 332 -17.41 8.59 22.86
CA HIS E 332 -17.71 8.92 24.25
C HIS E 332 -16.48 8.68 25.11
N THR E 333 -16.31 9.53 26.13
CA THR E 333 -15.12 9.50 26.98
C THR E 333 -15.49 9.83 28.42
N VAL E 334 -14.92 9.10 29.36
CA VAL E 334 -14.93 9.46 30.78
C VAL E 334 -13.48 9.48 31.25
N ASN E 335 -13.06 10.59 31.85
CA ASN E 335 -11.67 10.75 32.25
C ASN E 335 -11.50 10.35 33.71
N TYR E 336 -10.30 10.61 34.26
CA TYR E 336 -9.96 10.16 35.60
C TYR E 336 -10.65 10.97 36.70
N LYS E 337 -11.20 12.13 36.38
CA LYS E 337 -11.99 12.91 37.31
C LYS E 337 -13.46 12.55 37.31
N GLY E 338 -13.88 11.65 36.42
CA GLY E 338 -15.26 11.22 36.37
C GLY E 338 -16.18 12.06 35.51
N GLN E 339 -15.64 12.81 34.55
CA GLN E 339 -16.44 13.71 33.72
C GLN E 339 -16.61 13.14 32.32
N TYR E 340 -17.80 13.32 31.77
CA TYR E 340 -18.19 12.74 30.49
C TYR E 340 -18.27 13.82 29.41
N SER E 341 -17.85 13.47 28.19
CA SER E 341 -17.99 14.35 27.03
C SER E 341 -18.02 13.48 25.78
N ASN E 342 -18.45 14.09 24.66
CA ASN E 342 -18.46 13.37 23.39
C ASN E 342 -18.18 14.35 22.25
N THR E 343 -17.89 13.78 21.08
CA THR E 343 -17.72 14.52 19.84
C THR E 343 -18.26 13.68 18.69
N PHE E 344 -18.76 14.32 17.64
CA PHE E 344 -19.43 13.59 16.57
C PHE E 344 -19.26 14.27 15.22
N CYS E 345 -19.59 13.51 14.17
CA CYS E 345 -19.55 13.96 12.78
C CYS E 345 -20.88 13.65 12.11
N GLY E 346 -21.22 14.41 11.07
CA GLY E 346 -22.51 14.23 10.41
C GLY E 346 -22.49 14.62 8.94
N VAL E 347 -23.40 14.02 8.19
CA VAL E 347 -23.66 14.36 6.78
C VAL E 347 -25.05 14.98 6.69
N PRO E 348 -25.42 15.62 5.58
CA PRO E 348 -26.76 16.20 5.47
C PRO E 348 -27.87 15.18 5.66
N GLY E 349 -29.01 15.66 6.15
CA GLY E 349 -30.03 14.76 6.68
C GLY E 349 -30.66 13.86 5.64
N GLY E 350 -30.87 14.37 4.43
CA GLY E 350 -31.58 13.62 3.42
C GLY E 350 -30.76 12.61 2.63
N THR E 351 -29.48 12.43 2.92
CA THR E 351 -28.65 11.54 2.12
C THR E 351 -29.17 10.12 2.16
N PRO E 352 -29.34 9.45 1.02
CA PRO E 352 -29.86 8.07 1.02
C PRO E 352 -28.80 6.99 1.13
N ILE E 353 -27.53 7.30 0.85
CA ILE E 353 -26.45 6.33 0.80
C ILE E 353 -25.39 6.72 1.82
N MET E 354 -24.91 5.74 2.60
CA MET E 354 -23.94 5.91 3.67
C MET E 354 -22.51 5.80 3.13
N PRO E 355 -21.52 6.26 3.90
CA PRO E 355 -20.14 6.30 3.38
C PRO E 355 -19.58 4.92 3.06
N TRP E 356 -18.56 4.92 2.20
CA TRP E 356 -17.94 3.68 1.75
C TRP E 356 -17.27 2.93 2.90
N GLY E 357 -16.54 3.64 3.75
CA GLY E 357 -16.02 3.02 4.96
C GLY E 357 -14.72 2.29 4.71
N ASP E 358 -14.62 1.08 5.25
CA ASP E 358 -13.38 0.30 5.25
C ASP E 358 -13.39 -0.83 4.23
N ALA E 359 -14.32 -0.80 3.28
CA ALA E 359 -14.42 -1.87 2.30
C ALA E 359 -13.24 -1.86 1.33
N VAL E 360 -12.80 -3.05 0.93
CA VAL E 360 -11.70 -3.24 0.00
C VAL E 360 -12.12 -4.24 -1.07
N MET E 361 -11.61 -4.05 -2.31
CA MET E 361 -11.86 -4.93 -3.45
C MET E 361 -10.66 -5.81 -3.72
N PRO E 362 -10.83 -7.12 -3.88
CA PRO E 362 -9.68 -8.01 -4.11
C PRO E 362 -9.25 -8.07 -5.57
N VAL E 363 -8.05 -8.62 -5.78
CA VAL E 363 -7.45 -8.81 -7.10
C VAL E 363 -7.11 -10.27 -7.27
N ALA E 364 -7.49 -10.86 -8.41
CA ALA E 364 -7.30 -12.27 -8.67
C ALA E 364 -6.35 -12.50 -9.84
N TYR E 365 -5.67 -13.65 -9.79
CA TYR E 365 -4.67 -14.07 -10.75
C TYR E 365 -4.98 -15.50 -11.20
N PRO E 366 -4.49 -15.91 -12.38
CA PRO E 366 -4.93 -17.17 -12.99
C PRO E 366 -4.66 -18.41 -12.14
N GLU E 367 -5.51 -19.42 -12.30
CA GLU E 367 -5.41 -20.67 -11.55
C GLU E 367 -6.07 -21.80 -12.32
N MET E 368 -5.78 -23.04 -11.89
CA MET E 368 -6.22 -24.26 -12.56
C MET E 368 -7.55 -24.75 -12.02
N ALA E 369 -8.24 -25.55 -12.84
CA ALA E 369 -9.55 -26.11 -12.51
C ALA E 369 -9.80 -27.33 -13.40
N ARG E 370 -10.94 -27.99 -13.20
CA ARG E 370 -11.37 -29.15 -13.97
C ARG E 370 -12.77 -28.92 -14.53
N VAL E 371 -13.00 -29.39 -15.75
CA VAL E 371 -14.29 -29.20 -16.42
C VAL E 371 -15.28 -30.27 -15.97
N VAL E 372 -16.52 -29.87 -15.74
CA VAL E 372 -17.55 -30.80 -15.30
C VAL E 372 -18.75 -30.88 -16.25
N SER E 373 -19.02 -29.88 -17.08
CA SER E 373 -20.25 -29.89 -17.86
C SER E 373 -20.09 -29.10 -19.16
N ASN E 374 -20.77 -29.56 -20.21
CA ASN E 374 -20.84 -28.88 -21.50
C ASN E 374 -22.21 -28.36 -21.87
N ASP E 375 -23.27 -28.80 -21.17
CA ASP E 375 -24.65 -28.66 -21.65
C ASP E 375 -25.22 -27.30 -21.27
N ASP E 376 -24.86 -26.29 -22.06
CA ASP E 376 -25.27 -24.91 -21.80
C ASP E 376 -26.76 -24.72 -22.10
N PRO E 377 -27.55 -24.22 -21.15
CA PRO E 377 -28.99 -24.03 -21.42
C PRO E 377 -29.31 -22.89 -22.37
N LYS E 378 -28.38 -21.97 -22.62
CA LYS E 378 -28.61 -20.85 -23.51
C LYS E 378 -27.98 -21.02 -24.88
N ASN E 379 -27.27 -22.13 -25.10
CA ASN E 379 -26.69 -22.48 -26.39
C ASN E 379 -25.70 -21.43 -26.87
N GLN E 380 -24.64 -21.24 -26.06
CA GLN E 380 -23.62 -20.24 -26.34
C GLN E 380 -22.21 -20.76 -26.19
N GLY E 381 -22.03 -22.06 -25.95
CA GLY E 381 -20.70 -22.64 -25.86
C GLY E 381 -19.98 -22.48 -24.54
N ARG E 382 -20.71 -22.39 -23.43
CA ARG E 382 -20.13 -22.19 -22.11
C ARG E 382 -19.99 -23.51 -21.36
N VAL E 383 -19.07 -23.54 -20.38
CA VAL E 383 -18.78 -24.73 -19.61
C VAL E 383 -18.80 -24.41 -18.12
N LYS E 384 -18.83 -25.47 -17.31
CA LYS E 384 -18.78 -25.39 -15.86
C LYS E 384 -17.51 -26.08 -15.36
N VAL E 385 -16.84 -25.49 -14.38
CA VAL E 385 -15.58 -26.00 -13.88
C VAL E 385 -15.66 -26.25 -12.37
N GLN E 386 -14.63 -26.91 -11.85
CA GLN E 386 -14.47 -27.20 -10.43
C GLN E 386 -13.08 -26.75 -10.01
N PHE E 387 -13.01 -25.84 -9.03
CA PHE E 387 -11.74 -25.29 -8.60
C PHE E 387 -11.03 -26.27 -7.66
N MET E 388 -9.79 -25.94 -7.31
CA MET E 388 -9.00 -26.82 -6.45
C MET E 388 -9.42 -26.76 -5.00
N TRP E 389 -10.11 -25.69 -4.58
CA TRP E 389 -10.65 -25.63 -3.24
C TRP E 389 -12.02 -26.30 -3.11
N GLN E 390 -12.58 -26.79 -4.22
CA GLN E 390 -13.80 -27.58 -4.21
C GLN E 390 -13.53 -29.07 -4.41
N GLU E 391 -12.27 -29.49 -4.36
CA GLU E 391 -11.93 -30.87 -4.72
C GLU E 391 -12.35 -31.86 -3.64
N VAL E 392 -12.03 -31.56 -2.38
CA VAL E 392 -12.23 -32.53 -1.31
C VAL E 392 -13.71 -32.71 -1.01
N ASP E 393 -14.45 -31.60 -0.90
CA ASP E 393 -15.87 -31.66 -0.56
C ASP E 393 -16.75 -31.76 -1.80
N GLY E 394 -16.63 -30.79 -2.70
CA GLY E 394 -17.42 -30.78 -3.91
C GLY E 394 -17.97 -29.41 -4.24
N GLY E 395 -18.55 -29.26 -5.42
CA GLY E 395 -19.10 -28.00 -5.87
C GLY E 395 -18.73 -27.70 -7.30
N GLU E 396 -19.44 -26.71 -7.84
CA GLU E 396 -19.19 -26.23 -9.19
C GLU E 396 -19.33 -24.73 -9.22
N SER E 397 -19.03 -24.16 -10.39
CA SER E 397 -19.18 -22.75 -10.67
C SER E 397 -20.44 -22.51 -11.49
N TYR E 398 -20.59 -21.31 -12.02
CA TYR E 398 -21.61 -20.99 -13.01
C TYR E 398 -21.03 -21.23 -14.41
N TRP E 399 -21.77 -20.86 -15.46
CA TRP E 399 -21.32 -21.03 -16.83
C TRP E 399 -20.32 -19.94 -17.20
N MET E 400 -19.22 -20.33 -17.85
CA MET E 400 -18.15 -19.42 -18.23
C MET E 400 -17.83 -19.52 -19.71
N ARG E 401 -17.33 -18.43 -20.27
CA ARG E 401 -16.90 -18.38 -21.65
C ARG E 401 -15.54 -19.04 -21.86
N VAL E 402 -15.32 -19.55 -23.06
CA VAL E 402 -14.06 -20.15 -23.48
C VAL E 402 -13.53 -19.35 -24.65
N GLN E 403 -12.24 -19.01 -24.62
CA GLN E 403 -11.66 -18.22 -25.68
C GLN E 403 -11.01 -19.10 -26.74
N SER E 404 -11.00 -18.59 -27.98
CA SER E 404 -10.65 -19.35 -29.16
C SER E 404 -9.58 -18.62 -29.96
N PRO E 405 -8.77 -19.35 -30.73
CA PRO E 405 -7.86 -18.67 -31.67
C PRO E 405 -8.57 -17.98 -32.83
N ASP E 406 -9.82 -18.30 -33.10
CA ASP E 406 -10.57 -17.69 -34.19
C ASP E 406 -12.06 -17.83 -33.90
N ALA E 407 -12.81 -16.74 -33.98
CA ALA E 407 -14.22 -16.76 -33.63
C ALA E 407 -14.92 -15.53 -34.19
N GLY E 408 -15.99 -15.74 -34.94
CA GLY E 408 -16.73 -14.61 -35.49
C GLY E 408 -17.98 -15.04 -36.22
N LYS E 409 -18.44 -14.16 -37.09
CA LYS E 409 -19.56 -14.43 -37.98
C LYS E 409 -19.29 -13.77 -39.32
N SER E 410 -20.08 -14.14 -40.33
CA SER E 410 -19.87 -13.63 -41.67
C SER E 410 -21.22 -13.49 -42.36
N GLU E 411 -21.18 -13.01 -43.60
CA GLU E 411 -22.42 -12.87 -44.38
C GLU E 411 -22.90 -14.20 -44.92
N GLN E 412 -21.96 -15.08 -45.31
CA GLN E 412 -22.31 -16.43 -45.76
C GLN E 412 -22.38 -17.43 -44.62
N VAL E 413 -21.62 -17.21 -43.55
CA VAL E 413 -21.65 -18.04 -42.35
C VAL E 413 -22.30 -17.21 -41.24
N ALA E 414 -23.58 -17.45 -40.99
CA ALA E 414 -24.31 -16.63 -40.02
C ALA E 414 -23.78 -16.80 -38.60
N LYS E 415 -23.47 -18.04 -38.22
CA LYS E 415 -23.07 -18.33 -36.86
C LYS E 415 -21.97 -19.36 -36.85
N ASN E 416 -21.19 -19.36 -35.76
CA ASN E 416 -20.21 -20.41 -35.48
C ASN E 416 -19.13 -20.46 -36.55
N ARG E 417 -18.54 -19.32 -36.84
CA ARG E 417 -17.42 -19.23 -37.77
C ARG E 417 -16.13 -19.18 -36.99
N GLY E 418 -15.14 -19.98 -37.42
CA GLY E 418 -13.84 -20.00 -36.79
C GLY E 418 -13.47 -21.38 -36.29
N PHE E 419 -12.79 -21.41 -35.17
CA PHE E 419 -12.23 -22.63 -34.57
C PHE E 419 -13.12 -23.00 -33.38
N VAL E 420 -13.89 -24.08 -33.53
CA VAL E 420 -14.88 -24.48 -32.53
C VAL E 420 -14.51 -25.86 -32.01
N PHE E 421 -13.84 -25.90 -30.85
CA PHE E 421 -13.43 -27.14 -30.18
C PHE E 421 -13.71 -26.95 -28.68
N ILE E 422 -14.90 -27.34 -28.23
CA ILE E 422 -15.34 -27.07 -26.86
C ILE E 422 -14.85 -28.16 -25.91
N PRO E 423 -14.29 -27.80 -24.75
CA PRO E 423 -13.68 -28.81 -23.86
C PRO E 423 -14.68 -29.81 -23.30
N GLU E 424 -14.16 -30.97 -22.90
CA GLU E 424 -14.92 -32.12 -22.45
C GLU E 424 -14.70 -32.38 -20.96
N PRO E 425 -15.68 -32.95 -20.26
CA PRO E 425 -15.53 -33.16 -18.82
C PRO E 425 -14.32 -34.00 -18.47
N GLY E 426 -13.59 -33.56 -17.45
CA GLY E 426 -12.34 -34.18 -17.05
C GLY E 426 -11.10 -33.45 -17.49
N ASP E 427 -11.24 -32.37 -18.24
CA ASP E 427 -10.09 -31.64 -18.76
C ASP E 427 -9.52 -30.69 -17.73
N LEU E 428 -8.22 -30.48 -17.79
CA LEU E 428 -7.51 -29.55 -16.92
C LEU E 428 -7.28 -28.24 -17.69
N VAL E 429 -7.75 -27.13 -17.12
CA VAL E 429 -7.77 -25.85 -17.82
C VAL E 429 -7.17 -24.77 -16.93
N MET E 430 -6.85 -23.64 -17.54
CA MET E 430 -6.42 -22.44 -16.84
C MET E 430 -7.52 -21.39 -16.91
N VAL E 431 -7.79 -20.74 -15.78
CA VAL E 431 -8.88 -19.80 -15.63
C VAL E 431 -8.30 -18.43 -15.34
N GLY E 432 -8.72 -17.42 -16.11
CA GLY E 432 -8.34 -16.04 -15.89
C GLY E 432 -9.54 -15.21 -15.47
N PHE E 433 -9.24 -14.00 -14.99
CA PHE E 433 -10.26 -13.11 -14.44
C PHE E 433 -10.16 -11.75 -15.11
N GLU E 434 -11.29 -11.23 -15.57
CA GLU E 434 -11.31 -10.01 -16.35
C GLU E 434 -11.31 -8.80 -15.42
N GLN E 435 -10.41 -7.86 -15.71
CA GLN E 435 -10.20 -6.65 -14.92
C GLN E 435 -9.71 -6.97 -13.51
N GLY E 436 -9.24 -8.20 -13.28
CA GLY E 436 -8.82 -8.64 -11.97
C GLY E 436 -9.95 -9.01 -11.03
N ASN E 437 -11.19 -8.98 -11.48
CA ASN E 437 -12.34 -9.23 -10.63
C ASN E 437 -12.56 -10.73 -10.48
N PRO E 438 -12.55 -11.28 -9.26
CA PRO E 438 -12.80 -12.72 -9.09
C PRO E 438 -14.22 -13.16 -9.41
N ASP E 439 -15.11 -12.24 -9.76
CA ASP E 439 -16.47 -12.57 -10.17
C ASP E 439 -16.62 -12.64 -11.68
N ARG E 440 -15.52 -12.59 -12.42
CA ARG E 440 -15.54 -12.59 -13.89
C ARG E 440 -14.53 -13.61 -14.42
N PRO E 441 -14.78 -14.91 -14.25
CA PRO E 441 -13.86 -15.91 -14.77
C PRO E 441 -14.15 -16.34 -16.20
N TYR E 442 -13.08 -16.75 -16.89
CA TYR E 442 -13.18 -17.31 -18.24
C TYR E 442 -12.03 -18.29 -18.45
N VAL E 443 -12.23 -19.22 -19.37
CA VAL E 443 -11.25 -20.26 -19.68
C VAL E 443 -10.30 -19.75 -20.77
N THR E 444 -9.00 -19.85 -20.53
CA THR E 444 -7.99 -19.38 -21.46
C THR E 444 -7.35 -20.49 -22.29
N GLY E 445 -7.26 -21.71 -21.77
CA GLY E 445 -6.67 -22.80 -22.53
C GLY E 445 -6.59 -24.04 -21.69
N SER E 446 -6.22 -25.13 -22.34
CA SER E 446 -6.14 -26.45 -21.72
C SER E 446 -4.68 -26.86 -21.52
N LEU E 447 -4.49 -27.87 -20.68
CA LEU E 447 -3.15 -28.28 -20.25
C LEU E 447 -2.91 -29.77 -20.49
N PHE E 448 -1.68 -30.10 -20.86
CA PHE E 448 -1.19 -31.47 -20.93
C PHE E 448 -0.33 -31.74 -19.70
N TYR E 449 -0.52 -32.90 -19.09
CA TYR E 449 0.24 -33.24 -17.89
C TYR E 449 0.45 -34.75 -17.88
N LYS E 450 0.76 -35.30 -16.69
CA LYS E 450 1.18 -36.69 -16.60
C LYS E 450 0.11 -37.66 -17.03
N ALA E 451 -1.14 -37.43 -16.63
CA ALA E 451 -2.21 -38.36 -16.93
C ALA E 451 -2.79 -38.19 -18.32
N ASN E 452 -2.14 -37.42 -19.16
CA ASN E 452 -2.72 -36.94 -20.40
C ASN E 452 -1.91 -37.23 -21.64
N SER E 453 -0.58 -37.17 -21.55
CA SER E 453 0.25 -36.99 -22.73
C SER E 453 1.39 -37.99 -22.77
N GLU E 454 1.78 -38.34 -23.99
CA GLU E 454 2.99 -39.09 -24.27
C GLU E 454 4.13 -38.21 -24.79
N GLY E 455 3.90 -36.90 -24.89
CA GLY E 455 4.95 -35.96 -25.21
C GLY E 455 5.19 -35.73 -26.68
N ALA E 456 6.42 -35.37 -27.02
CA ALA E 456 6.86 -35.19 -28.39
C ALA E 456 7.63 -36.41 -28.88
N ALA E 457 7.63 -36.60 -30.18
CA ALA E 457 8.41 -37.67 -30.80
C ALA E 457 9.89 -37.31 -30.78
N THR E 458 10.70 -38.16 -31.40
CA THR E 458 12.13 -37.88 -31.49
C THR E 458 12.36 -36.76 -32.50
N ASP E 459 13.03 -35.70 -32.06
CA ASP E 459 13.29 -34.47 -32.81
C ASP E 459 12.04 -33.66 -33.09
N ASN E 460 10.91 -33.95 -32.44
CA ASN E 460 9.67 -33.21 -32.61
C ASN E 460 9.21 -33.22 -34.07
N THR E 461 8.88 -34.42 -34.55
CA THR E 461 8.60 -34.62 -35.96
C THR E 461 7.15 -35.00 -36.27
N VAL E 462 6.24 -34.86 -35.30
CA VAL E 462 4.85 -35.26 -35.48
C VAL E 462 3.95 -34.15 -34.94
N LYS E 463 3.06 -33.64 -35.80
CA LYS E 463 2.09 -32.61 -35.43
C LYS E 463 0.71 -33.13 -35.80
N SER E 464 -0.22 -33.12 -34.86
CA SER E 464 -1.46 -33.87 -35.04
C SER E 464 -2.66 -33.08 -34.55
N MET E 465 -3.83 -33.52 -35.00
CA MET E 465 -5.12 -33.00 -34.55
C MET E 465 -6.07 -34.19 -34.42
N ARG E 466 -6.36 -34.61 -33.20
CA ARG E 466 -7.12 -35.83 -32.95
C ARG E 466 -8.43 -35.51 -32.23
N THR E 467 -9.38 -36.43 -32.35
CA THR E 467 -10.73 -36.25 -31.83
C THR E 467 -11.09 -37.44 -30.94
N ARG E 468 -12.25 -37.32 -30.29
CA ARG E 468 -12.68 -38.30 -29.29
C ARG E 468 -12.84 -39.69 -29.89
N SER E 469 -13.40 -39.77 -31.11
CA SER E 469 -13.64 -41.07 -31.75
C SER E 469 -12.35 -41.69 -32.25
N GLY E 470 -11.45 -40.88 -32.80
CA GLY E 470 -10.22 -41.40 -33.36
C GLY E 470 -9.87 -40.79 -34.69
N HIS E 471 -10.66 -39.81 -35.13
CA HIS E 471 -10.33 -39.06 -36.33
C HIS E 471 -9.06 -38.26 -36.13
N THR E 472 -8.18 -38.27 -37.13
CA THR E 472 -6.89 -37.62 -36.98
C THR E 472 -6.41 -37.04 -38.31
N LEU E 473 -5.87 -35.83 -38.24
CA LEU E 473 -5.09 -35.23 -39.33
C LEU E 473 -3.66 -35.07 -38.86
N GLU E 474 -2.72 -35.61 -39.61
CA GLU E 474 -1.35 -35.80 -39.16
C GLU E 474 -0.36 -35.23 -40.16
N PHE E 475 0.67 -34.55 -39.64
CA PHE E 475 1.82 -34.09 -40.41
C PHE E 475 3.07 -34.73 -39.87
N LYS E 476 3.91 -35.28 -40.76
CA LYS E 476 5.17 -35.89 -40.38
C LYS E 476 6.33 -35.18 -41.06
N ASP E 477 7.38 -34.89 -40.30
CA ASP E 477 8.47 -34.03 -40.74
C ASP E 477 9.77 -34.79 -40.99
N ASP E 478 9.82 -36.09 -40.74
CA ASP E 478 11.07 -36.84 -40.85
C ASP E 478 11.42 -37.03 -42.31
N GLU E 479 12.43 -36.30 -42.79
CA GLU E 479 12.79 -36.36 -44.19
C GLU E 479 13.45 -37.69 -44.55
N GLY E 480 14.15 -38.31 -43.61
CA GLY E 480 14.78 -39.59 -43.82
C GLY E 480 13.93 -40.80 -43.48
N GLY E 481 12.70 -40.61 -43.03
CA GLY E 481 11.84 -41.72 -42.68
C GLY E 481 10.45 -41.58 -43.25
N ASP E 482 9.43 -41.63 -42.40
CA ASP E 482 8.07 -41.35 -42.84
C ASP E 482 7.91 -39.85 -43.05
N TRP E 483 7.43 -39.46 -44.22
CA TRP E 483 7.39 -38.06 -44.62
C TRP E 483 6.15 -37.86 -45.49
N GLY E 484 5.13 -37.20 -44.94
CA GLY E 484 3.94 -36.95 -45.70
C GLY E 484 2.79 -36.53 -44.80
N ILE E 485 1.60 -36.52 -45.40
CA ILE E 485 0.37 -36.07 -44.74
C ILE E 485 -0.63 -37.21 -44.78
N THR E 486 -1.29 -37.46 -43.65
CA THR E 486 -2.30 -38.51 -43.54
C THR E 486 -3.60 -37.95 -42.99
N LEU E 487 -4.71 -38.46 -43.51
CA LEU E 487 -6.05 -38.14 -43.04
C LEU E 487 -6.81 -39.46 -42.94
N ARG E 488 -7.17 -39.86 -41.72
CA ARG E 488 -7.69 -41.21 -41.52
C ARG E 488 -8.60 -41.25 -40.30
N ASP E 489 -9.35 -42.34 -40.19
CA ASP E 489 -10.17 -42.63 -39.02
C ASP E 489 -9.84 -44.04 -38.54
N ILE E 490 -10.47 -44.42 -37.42
CA ILE E 490 -10.10 -45.67 -36.73
C ILE E 490 -10.65 -46.92 -37.40
N ASN E 491 -11.61 -46.79 -38.32
CA ASN E 491 -12.18 -47.98 -38.96
C ASN E 491 -11.26 -48.56 -40.02
N GLY E 492 -10.54 -47.72 -40.75
CA GLY E 492 -9.53 -48.25 -41.65
C GLY E 492 -9.42 -47.64 -43.05
N ASN E 493 -10.17 -46.59 -43.35
CA ASN E 493 -10.09 -45.94 -44.65
C ASN E 493 -9.26 -44.66 -44.55
N VAL E 494 -8.23 -44.57 -45.41
CA VAL E 494 -7.09 -43.66 -45.26
C VAL E 494 -6.86 -42.90 -46.57
N ILE E 495 -6.41 -41.65 -46.43
CA ILE E 495 -5.86 -40.88 -47.54
C ILE E 495 -4.45 -40.45 -47.15
N HIS E 496 -3.47 -40.82 -47.98
CA HIS E 496 -2.06 -40.63 -47.64
C HIS E 496 -1.32 -39.97 -48.80
N LEU E 497 -0.62 -38.87 -48.51
CA LEU E 497 0.27 -38.21 -49.46
C LEU E 497 1.71 -38.53 -49.04
N ASN E 498 2.36 -39.41 -49.79
CA ASN E 498 3.69 -39.90 -49.43
C ASN E 498 4.74 -39.00 -50.08
N SER E 499 5.37 -38.15 -49.28
CA SER E 499 6.29 -37.15 -49.81
C SER E 499 7.67 -37.72 -50.13
N LYS E 500 7.99 -38.91 -49.65
CA LYS E 500 9.29 -39.51 -49.91
C LYS E 500 9.31 -40.25 -51.24
N ASP E 501 8.31 -41.10 -51.47
CA ASP E 501 8.20 -41.85 -52.73
C ASP E 501 7.39 -41.13 -53.78
N LYS E 502 6.70 -40.04 -53.42
CA LYS E 502 5.99 -39.18 -54.37
C LYS E 502 4.79 -39.88 -55.00
N ASN E 503 3.92 -40.44 -54.16
CA ASN E 503 2.67 -41.00 -54.68
C ASN E 503 1.56 -40.80 -53.67
N ILE E 504 0.32 -40.95 -54.15
CA ILE E 504 -0.89 -40.76 -53.37
C ILE E 504 -1.63 -42.09 -53.32
N ASP E 505 -2.09 -42.46 -52.12
CA ASP E 505 -2.83 -43.70 -51.90
C ASP E 505 -4.19 -43.39 -51.30
N ILE E 506 -5.24 -44.02 -51.82
CA ILE E 506 -6.59 -43.90 -51.29
C ILE E 506 -7.12 -45.30 -51.04
N THR E 507 -7.40 -45.63 -49.78
CA THR E 507 -7.77 -46.96 -49.35
C THR E 507 -9.08 -46.91 -48.58
N ALA E 508 -9.95 -47.90 -48.82
CA ALA E 508 -11.23 -48.01 -48.13
C ALA E 508 -11.56 -49.49 -48.00
N PRO E 509 -11.97 -49.96 -46.82
CA PRO E 509 -12.31 -51.39 -46.70
C PRO E 509 -13.48 -51.84 -47.56
N GLU E 510 -14.42 -50.95 -47.92
CA GLU E 510 -15.62 -51.41 -48.62
C GLU E 510 -15.76 -50.84 -50.03
N THR E 511 -15.80 -49.52 -50.21
CA THR E 511 -16.11 -48.96 -51.52
C THR E 511 -15.50 -47.57 -51.67
N ILE E 512 -15.10 -47.25 -52.90
CA ILE E 512 -14.68 -45.92 -53.31
C ILE E 512 -15.55 -45.51 -54.49
N THR E 513 -16.22 -44.36 -54.36
CA THR E 513 -17.14 -43.88 -55.39
C THR E 513 -16.67 -42.53 -55.92
N LEU E 514 -16.72 -42.37 -57.24
CA LEU E 514 -16.34 -41.13 -57.92
C LEU E 514 -17.53 -40.67 -58.75
N THR E 515 -18.23 -39.65 -58.29
CA THR E 515 -19.43 -39.15 -58.95
C THR E 515 -19.19 -37.72 -59.42
N ALA E 516 -19.36 -37.48 -60.71
CA ALA E 516 -19.17 -36.15 -61.29
C ALA E 516 -19.93 -36.09 -62.60
N LYS E 517 -19.73 -35.00 -63.34
CA LYS E 517 -20.28 -34.87 -64.68
C LYS E 517 -19.33 -35.42 -65.73
N ASN E 518 -18.04 -35.13 -65.62
CA ASN E 518 -17.00 -35.72 -66.46
C ASN E 518 -15.90 -36.27 -65.56
N VAL E 519 -15.23 -37.31 -66.03
CA VAL E 519 -14.09 -37.90 -65.35
C VAL E 519 -12.98 -38.11 -66.37
N CYS E 520 -11.80 -37.57 -66.10
CA CYS E 520 -10.65 -37.69 -66.99
C CYS E 520 -9.48 -38.33 -66.24
N ILE E 521 -8.78 -39.23 -66.92
CA ILE E 521 -7.56 -39.86 -66.40
C ILE E 521 -6.47 -39.67 -67.42
N ASN E 522 -5.50 -38.82 -67.11
CA ASN E 522 -4.38 -38.53 -68.00
C ASN E 522 -3.10 -39.03 -67.36
N THR E 523 -2.28 -39.73 -68.14
CA THR E 523 -1.05 -40.29 -67.60
C THR E 523 0.01 -40.31 -68.69
N GLU E 524 1.27 -40.30 -68.27
CA GLU E 524 2.41 -40.36 -69.18
C GLU E 524 2.91 -41.77 -69.39
N GLU E 525 2.29 -42.76 -68.76
CA GLU E 525 2.73 -44.15 -68.81
C GLU E 525 1.48 -45.03 -68.68
N ASN E 526 1.67 -46.27 -68.24
CA ASN E 526 0.61 -47.26 -68.25
C ASN E 526 -0.52 -46.93 -67.29
N VAL E 527 -1.69 -47.50 -67.57
CA VAL E 527 -2.83 -47.56 -66.66
C VAL E 527 -3.17 -49.02 -66.45
N GLN E 528 -3.34 -49.42 -65.20
CA GLN E 528 -3.61 -50.82 -64.86
C GLN E 528 -4.86 -50.93 -64.01
N ILE E 529 -5.81 -51.75 -64.46
CA ILE E 529 -7.03 -52.03 -63.73
C ILE E 529 -7.09 -53.54 -63.48
N THR E 530 -7.17 -53.93 -62.22
CA THR E 530 -7.14 -55.33 -61.81
C THR E 530 -8.31 -55.62 -60.91
N ALA E 531 -8.92 -56.79 -61.09
CA ALA E 531 -10.02 -57.21 -60.24
C ALA E 531 -9.95 -58.72 -60.05
N LYS E 532 -10.56 -59.19 -58.97
CA LYS E 532 -10.75 -60.61 -58.72
C LYS E 532 -12.15 -61.08 -59.10
N LYS E 533 -12.87 -60.26 -59.85
CA LYS E 533 -14.21 -60.55 -60.31
C LYS E 533 -14.39 -59.84 -61.65
N ASN E 534 -15.64 -59.56 -62.01
CA ASN E 534 -15.93 -58.95 -63.30
C ASN E 534 -15.51 -57.47 -63.33
N ILE E 535 -15.34 -56.96 -64.54
CA ILE E 535 -15.25 -55.54 -64.83
C ILE E 535 -16.41 -55.19 -65.76
N ASP E 536 -17.22 -54.22 -65.38
CA ASP E 536 -18.44 -53.90 -66.10
C ASP E 536 -18.38 -52.48 -66.65
N MET E 537 -18.72 -52.31 -67.92
CA MET E 537 -18.74 -51.00 -68.58
C MET E 537 -20.09 -50.81 -69.26
N THR E 538 -20.97 -50.01 -68.65
CA THR E 538 -22.30 -49.75 -69.16
C THR E 538 -22.38 -48.32 -69.69
N VAL E 539 -22.93 -48.15 -70.88
CA VAL E 539 -22.92 -46.87 -71.57
C VAL E 539 -24.27 -46.68 -72.26
N GLU E 540 -24.68 -45.42 -72.38
CA GLU E 540 -25.93 -45.09 -73.07
C GLU E 540 -25.74 -44.71 -74.53
N ALA E 541 -24.55 -44.24 -74.94
CA ALA E 541 -24.35 -43.78 -76.31
C ALA E 541 -23.34 -44.61 -77.09
N ASP E 542 -22.09 -44.68 -76.66
CA ASP E 542 -21.03 -45.24 -77.50
C ASP E 542 -19.86 -45.68 -76.64
N ILE E 543 -19.06 -46.61 -77.18
CA ILE E 543 -17.80 -47.01 -76.59
C ILE E 543 -16.75 -47.04 -77.70
N ASN E 544 -15.67 -46.29 -77.51
CA ASN E 544 -14.61 -46.17 -78.50
C ASN E 544 -13.29 -46.59 -77.89
N SER E 545 -12.49 -47.32 -78.67
CA SER E 545 -11.17 -47.78 -78.22
C SER E 545 -10.20 -47.62 -79.40
N SER E 546 -9.27 -46.68 -79.27
CA SER E 546 -8.36 -46.33 -80.35
C SER E 546 -6.92 -46.44 -79.86
N ALA E 547 -6.07 -47.10 -80.65
CA ALA E 547 -4.67 -47.28 -80.31
C ALA E 547 -3.80 -47.07 -81.54
N LYS E 548 -2.54 -46.71 -81.30
CA LYS E 548 -1.56 -46.57 -82.37
C LYS E 548 -0.78 -47.86 -82.60
N GLY E 549 -0.99 -48.88 -81.78
CA GLY E 549 -0.31 -50.14 -81.95
C GLY E 549 -1.28 -51.31 -82.03
N ASN E 550 -1.03 -52.35 -81.25
CA ASN E 550 -1.86 -53.54 -81.28
C ASN E 550 -3.12 -53.35 -80.45
N LEU E 551 -3.99 -54.36 -80.50
CA LEU E 551 -5.21 -54.39 -79.70
C LEU E 551 -5.54 -55.87 -79.47
N LEU E 552 -5.15 -56.39 -78.30
CA LEU E 552 -5.27 -57.80 -77.99
C LEU E 552 -6.48 -58.04 -77.10
N LEU E 553 -7.36 -58.95 -77.52
CA LEU E 553 -8.51 -59.39 -76.74
C LEU E 553 -8.34 -60.88 -76.48
N GLN E 554 -7.96 -61.23 -75.25
CA GLN E 554 -7.62 -62.59 -74.90
C GLN E 554 -8.53 -63.10 -73.78
N ALA E 555 -8.93 -64.36 -73.89
CA ALA E 555 -9.71 -65.03 -72.86
C ALA E 555 -9.37 -66.51 -72.89
N ASP E 556 -9.30 -67.14 -71.72
CA ASP E 556 -8.98 -68.55 -71.66
C ASP E 556 -10.21 -69.44 -71.55
N LYS E 557 -11.42 -68.85 -71.59
CA LYS E 557 -12.63 -69.65 -71.63
C LYS E 557 -13.46 -69.40 -72.88
N ASP E 558 -13.80 -68.14 -73.18
CA ASP E 558 -14.76 -67.86 -74.22
C ASP E 558 -14.66 -66.40 -74.63
N VAL E 559 -14.93 -66.14 -75.91
CA VAL E 559 -15.04 -64.78 -76.45
C VAL E 559 -16.33 -64.72 -77.25
N LEU E 560 -17.25 -63.84 -76.84
CA LEU E 560 -18.58 -63.80 -77.42
C LEU E 560 -18.93 -62.38 -77.85
N THR E 561 -19.60 -62.26 -78.99
CA THR E 561 -20.02 -60.98 -79.54
C THR E 561 -21.47 -61.09 -79.99
N ALA E 562 -22.29 -60.10 -79.66
CA ALA E 562 -23.69 -60.10 -80.04
C ALA E 562 -24.13 -58.67 -80.30
N ALA E 563 -24.64 -58.40 -81.50
CA ALA E 563 -25.10 -57.08 -81.88
C ALA E 563 -26.47 -57.18 -82.55
N LYS E 564 -27.32 -56.20 -82.27
CA LYS E 564 -28.63 -56.11 -82.91
C LYS E 564 -28.53 -55.25 -84.17
N GLY E 565 -27.60 -55.64 -85.03
CA GLY E 565 -27.36 -54.92 -86.26
C GLY E 565 -26.24 -55.58 -87.03
N ASN E 566 -25.68 -54.86 -87.99
CA ASN E 566 -24.61 -55.44 -88.80
C ASN E 566 -23.29 -55.40 -88.04
N VAL E 567 -22.50 -56.45 -88.22
CA VAL E 567 -21.16 -56.56 -87.63
C VAL E 567 -20.16 -56.35 -88.75
N GLY E 568 -19.28 -55.37 -88.58
CA GLY E 568 -18.32 -55.00 -89.61
C GLY E 568 -16.90 -55.37 -89.21
N ILE E 569 -16.17 -55.93 -90.16
CA ILE E 569 -14.75 -56.22 -90.01
C ILE E 569 -14.04 -55.63 -91.20
N GLU E 570 -13.07 -54.75 -90.95
CA GLU E 570 -12.29 -54.11 -92.00
C GLU E 570 -10.81 -54.27 -91.69
N ALA E 571 -10.02 -54.50 -92.73
CA ALA E 571 -8.58 -54.65 -92.59
C ALA E 571 -7.92 -54.33 -93.91
N LYS E 572 -6.94 -53.43 -93.89
CA LYS E 572 -6.17 -53.12 -95.09
C LYS E 572 -4.94 -54.02 -95.21
N SER E 573 -5.16 -55.32 -95.06
CA SER E 573 -4.14 -56.36 -95.15
C SER E 573 -4.87 -57.69 -95.12
N ASP E 574 -4.12 -58.77 -94.92
CA ASP E 574 -4.69 -60.10 -94.87
C ASP E 574 -5.55 -60.29 -93.62
N ILE E 575 -6.46 -61.25 -93.70
CA ILE E 575 -7.32 -61.65 -92.58
C ILE E 575 -7.17 -63.15 -92.40
N ASN E 576 -6.89 -63.58 -91.16
CA ASN E 576 -6.69 -64.98 -90.84
C ASN E 576 -7.69 -65.41 -89.77
N MET E 577 -8.33 -66.56 -89.98
CA MET E 577 -9.27 -67.14 -89.02
C MET E 577 -8.87 -68.61 -88.81
N VAL E 578 -7.94 -68.83 -87.89
CA VAL E 578 -7.46 -70.16 -87.58
C VAL E 578 -8.35 -70.77 -86.49
N GLY E 579 -8.79 -72.00 -86.72
CA GLY E 579 -9.64 -72.65 -85.74
C GLY E 579 -9.90 -74.09 -86.12
N LYS E 580 -10.84 -74.69 -85.40
CA LYS E 580 -11.26 -76.07 -85.65
C LYS E 580 -12.78 -76.12 -85.68
N ASN E 581 -13.32 -76.96 -86.57
CA ASN E 581 -14.77 -77.10 -86.73
C ASN E 581 -15.43 -75.75 -87.02
N ILE E 582 -14.83 -74.97 -87.91
CA ILE E 582 -15.37 -73.67 -88.27
C ILE E 582 -16.72 -73.87 -88.96
N ALA E 583 -17.76 -73.25 -88.42
CA ALA E 583 -19.11 -73.38 -88.94
C ALA E 583 -19.71 -72.01 -89.18
N VAL E 584 -20.38 -71.85 -90.32
CA VAL E 584 -21.01 -70.60 -90.71
C VAL E 584 -22.49 -70.88 -90.96
N GLU E 585 -23.36 -70.03 -90.39
CA GLU E 585 -24.80 -70.19 -90.52
C GLU E 585 -25.40 -68.92 -91.11
N GLY E 586 -26.33 -69.10 -92.04
CA GLY E 586 -27.01 -67.98 -92.67
C GLY E 586 -28.49 -68.26 -92.81
N ASN E 587 -29.20 -67.25 -93.25
CA ASN E 587 -30.64 -67.40 -93.42
C ASN E 587 -31.13 -67.00 -94.81
N SER E 588 -30.55 -65.96 -95.40
CA SER E 588 -30.99 -65.48 -96.70
C SER E 588 -29.95 -65.70 -97.80
N LYS E 589 -28.74 -65.18 -97.63
CA LYS E 589 -27.70 -65.29 -98.66
C LYS E 589 -26.34 -65.44 -98.02
N ILE E 590 -25.47 -66.20 -98.70
CA ILE E 590 -24.05 -66.29 -98.38
C ILE E 590 -23.29 -65.93 -99.65
N THR E 591 -22.39 -64.96 -99.55
CA THR E 591 -21.68 -64.42 -100.70
C THR E 591 -20.18 -64.56 -100.51
N LEU E 592 -19.49 -65.02 -101.55
CA LEU E 592 -18.04 -65.13 -101.56
C LEU E 592 -17.54 -64.44 -102.83
N ASN E 593 -17.09 -63.20 -102.70
CA ASN E 593 -16.66 -62.39 -103.84
C ASN E 593 -15.18 -62.05 -103.72
N GLY E 594 -14.54 -61.91 -104.87
CA GLY E 594 -13.13 -61.54 -104.91
C GLY E 594 -12.44 -61.96 -106.19
N GLY E 595 -11.28 -62.58 -106.06
CA GLY E 595 -10.56 -63.10 -107.21
C GLY E 595 -9.65 -64.23 -106.79
N GLN E 596 -9.36 -65.13 -107.72
CA GLN E 596 -8.49 -66.28 -107.47
C GLN E 596 -8.99 -67.10 -106.28
N THR E 597 -10.30 -67.32 -106.22
CA THR E 597 -10.90 -68.09 -105.15
C THR E 597 -10.43 -69.54 -105.20
N GLN E 598 -10.15 -70.10 -104.03
CA GLN E 598 -9.67 -71.47 -103.91
C GLN E 598 -10.41 -72.19 -102.79
N VAL E 599 -10.71 -73.47 -103.00
CA VAL E 599 -11.32 -74.33 -102.01
C VAL E 599 -10.54 -75.63 -101.95
N ALA E 600 -10.14 -76.03 -100.75
CA ALA E 600 -9.34 -77.22 -100.55
C ALA E 600 -10.02 -78.14 -99.54
N GLY E 601 -9.46 -79.35 -99.41
CA GLY E 601 -10.00 -80.32 -98.47
C GLY E 601 -10.00 -81.73 -99.03
N GLN E 602 -9.72 -82.72 -98.17
CA GLN E 602 -9.69 -84.11 -98.61
C GLN E 602 -11.05 -84.56 -99.12
N GLN E 603 -12.11 -84.24 -98.37
CA GLN E 603 -13.48 -84.53 -98.77
C GLN E 603 -14.18 -83.21 -98.99
N THR E 604 -14.78 -83.03 -100.18
CA THR E 604 -15.40 -81.76 -100.54
C THR E 604 -16.73 -82.07 -101.22
N THR E 605 -17.82 -81.95 -100.48
CA THR E 605 -19.15 -82.24 -100.99
C THR E 605 -19.95 -80.95 -101.11
N ILE E 606 -20.53 -80.72 -102.28
CA ILE E 606 -21.40 -79.58 -102.54
C ILE E 606 -22.80 -80.14 -102.71
N GLN E 607 -23.69 -79.80 -101.78
CA GLN E 607 -25.05 -80.33 -101.76
C GLN E 607 -26.04 -79.20 -102.02
N GLY E 608 -27.10 -79.52 -102.76
CA GLY E 608 -28.15 -78.58 -103.07
C GLY E 608 -29.50 -79.14 -102.68
N ALA E 609 -30.49 -78.89 -103.55
CA ALA E 609 -31.85 -79.35 -103.34
C ALA E 609 -32.06 -80.65 -104.13
N ALA E 610 -32.17 -81.76 -103.42
CA ALA E 610 -32.38 -83.10 -103.96
C ALA E 610 -31.24 -83.58 -104.86
N ASN E 611 -30.11 -82.90 -104.83
CA ASN E 611 -28.94 -83.34 -105.60
C ASN E 611 -27.68 -82.84 -104.93
N LYS E 612 -26.58 -83.52 -105.22
CA LYS E 612 -25.29 -83.15 -104.64
C LYS E 612 -24.17 -83.70 -105.50
N ILE E 613 -22.98 -83.11 -105.35
CA ILE E 613 -21.77 -83.58 -106.01
C ILE E 613 -20.69 -83.70 -104.96
N GLU E 614 -20.01 -84.85 -104.94
CA GLU E 614 -18.88 -85.08 -104.05
C GLU E 614 -17.60 -85.05 -104.87
N ILE E 615 -16.76 -84.05 -104.62
CA ILE E 615 -15.52 -83.89 -105.38
C ILE E 615 -14.32 -83.83 -104.45
N ALA F 2 33.10 34.92 66.26
CA ALA F 2 34.41 35.09 65.64
C ALA F 2 34.70 33.94 64.68
N PHE F 3 34.86 34.28 63.40
CA PHE F 3 35.09 33.28 62.36
C PHE F 3 35.73 33.96 61.17
N ARG F 4 36.62 33.24 60.49
CA ARG F 4 37.33 33.78 59.34
C ARG F 4 37.46 32.70 58.28
N ALA F 5 37.40 33.13 57.02
CA ALA F 5 37.65 32.27 55.88
C ALA F 5 38.55 33.00 54.90
N THR F 6 39.60 32.33 54.43
CA THR F 6 40.57 32.91 53.51
C THR F 6 40.67 32.03 52.27
N LEU F 7 40.56 32.66 51.10
CA LEU F 7 40.67 31.97 49.82
C LEU F 7 42.01 32.33 49.19
N SER F 8 42.83 31.31 48.94
CA SER F 8 44.11 31.48 48.28
C SER F 8 43.98 30.99 46.84
N PHE F 9 44.11 31.91 45.88
CA PHE F 9 43.74 31.60 44.51
C PHE F 9 44.49 32.54 43.58
N ALA F 10 45.14 31.98 42.56
CA ALA F 10 45.88 32.74 41.56
C ALA F 10 46.96 33.62 42.19
N GLY F 11 47.65 33.07 43.20
CA GLY F 11 48.72 33.81 43.85
C GLY F 11 48.24 35.04 44.58
N LYS F 12 47.02 35.03 45.10
CA LYS F 12 46.47 36.15 45.85
C LYS F 12 45.69 35.60 47.03
N GLU F 13 45.21 36.51 47.88
CA GLU F 13 44.38 36.16 49.02
C GLU F 13 43.15 37.05 49.04
N PHE F 14 41.98 36.45 49.28
CA PHE F 14 40.72 37.15 49.34
C PHE F 14 40.01 36.79 50.64
N ASP F 15 39.05 37.64 51.01
CA ASP F 15 38.22 37.40 52.19
C ASP F 15 36.88 36.86 51.75
N VAL F 16 36.51 35.70 52.29
CA VAL F 16 35.32 34.98 51.87
C VAL F 16 34.16 35.36 52.79
N LEU F 17 33.00 35.63 52.19
CA LEU F 17 31.76 35.87 52.93
C LEU F 17 30.89 34.62 53.02
N ASP F 18 30.75 33.88 51.91
CA ASP F 18 29.94 32.67 51.84
C ASP F 18 30.71 31.58 51.12
N CYS F 19 30.33 30.32 51.41
CA CYS F 19 30.86 29.17 50.68
C CYS F 19 29.88 28.02 50.82
N THR F 20 29.80 27.18 49.78
CA THR F 20 28.81 26.11 49.70
C THR F 20 29.31 25.01 48.78
N TYR F 21 28.93 23.77 49.09
CA TYR F 21 29.10 22.65 48.17
C TYR F 21 28.10 21.55 48.55
N SER F 22 27.73 20.74 47.56
CA SER F 22 26.69 19.74 47.78
C SER F 22 26.87 18.57 46.82
N LEU F 23 26.22 17.45 47.17
CA LEU F 23 26.25 16.20 46.42
C LEU F 23 24.89 15.53 46.51
N LYS F 24 24.59 14.63 45.58
CA LYS F 24 23.24 14.07 45.53
C LYS F 24 23.24 12.73 44.79
N ARG F 25 22.19 11.94 45.04
CA ARG F 25 21.89 10.70 44.34
C ARG F 25 20.44 10.66 43.90
N ASP F 26 19.97 9.52 43.38
CA ASP F 26 18.60 9.35 42.93
C ASP F 26 17.98 8.13 43.62
N VAL F 27 16.68 8.20 43.86
CA VAL F 27 15.94 7.12 44.52
C VAL F 27 14.70 6.80 43.69
N ASP F 28 14.15 5.61 43.91
CA ASP F 28 13.13 5.07 43.01
C ASP F 28 11.78 4.79 43.65
N SER F 29 11.27 5.71 44.48
CA SER F 29 9.93 5.69 45.06
C SER F 29 9.72 4.59 46.10
N LYS F 30 10.72 3.74 46.34
CA LYS F 30 10.73 2.87 47.51
C LYS F 30 11.94 3.17 48.38
N GLY F 31 12.70 4.21 48.04
CA GLY F 31 13.86 4.61 48.80
C GLY F 31 15.15 3.96 48.37
N ARG F 32 15.12 3.03 47.45
CA ARG F 32 16.33 2.36 47.02
C ARG F 32 17.10 3.25 46.05
N PRO F 33 18.38 3.53 46.31
CA PRO F 33 19.14 4.39 45.39
C PRO F 33 19.19 3.79 43.98
N SER F 34 19.08 4.65 42.99
CA SER F 34 18.96 4.23 41.60
C SER F 34 19.96 4.91 40.67
N SER F 35 21.01 5.51 41.22
CA SER F 35 22.07 6.11 40.42
C SER F 35 23.30 6.29 41.30
N ASN F 36 24.31 6.97 40.77
CA ASN F 36 25.53 7.26 41.51
C ASN F 36 25.54 8.72 41.92
N ILE F 37 26.61 9.13 42.59
CA ILE F 37 26.70 10.47 43.15
C ILE F 37 27.10 11.45 42.06
N TYR F 38 26.42 12.59 42.01
CA TYR F 38 26.76 13.65 41.07
C TYR F 38 26.64 14.99 41.78
N GLY F 39 27.31 16.00 41.21
CA GLY F 39 27.38 17.32 41.79
C GLY F 39 28.83 17.75 41.98
N GLY F 40 29.08 18.46 43.07
CA GLY F 40 30.43 18.83 43.44
C GLY F 40 30.87 20.23 43.08
N GLN F 41 29.95 21.11 42.69
CA GLN F 41 30.31 22.48 42.39
C GLN F 41 30.51 23.28 43.68
N ILE F 42 31.39 24.26 43.62
CA ILE F 42 31.71 25.13 44.75
C ILE F 42 31.28 26.53 44.40
N ARG F 43 30.44 27.14 45.25
CA ARG F 43 29.97 28.50 45.08
C ARG F 43 30.61 29.38 46.14
N LEU F 44 31.14 30.53 45.73
CA LEU F 44 31.86 31.42 46.63
C LEU F 44 31.31 32.83 46.51
N HIS F 45 31.39 33.57 47.61
CA HIS F 45 31.01 34.98 47.67
C HIS F 45 32.16 35.78 48.26
N VAL F 46 32.56 36.86 47.59
CA VAL F 46 33.78 37.58 47.90
C VAL F 46 33.52 39.08 47.77
N GLU F 47 34.24 39.87 48.56
CA GLU F 47 34.19 41.32 48.47
C GLU F 47 35.28 41.81 47.52
N SER F 48 34.88 42.63 46.54
CA SER F 48 35.76 43.04 45.45
C SER F 48 36.46 44.35 45.75
N THR F 49 37.79 44.35 45.62
CA THR F 49 38.61 45.53 45.93
C THR F 49 39.64 45.75 44.84
N ASP F 50 39.27 46.51 43.81
CA ASP F 50 40.21 47.11 42.87
C ASP F 50 41.04 46.11 42.06
N ASP F 51 40.77 44.81 42.25
CA ASP F 51 41.58 43.76 41.63
C ASP F 51 40.68 42.89 40.76
N THR F 52 40.82 43.05 39.45
CA THR F 52 40.04 42.25 38.49
C THR F 52 40.94 41.12 38.00
N SER F 53 41.12 40.12 38.86
CA SER F 53 41.99 38.99 38.55
C SER F 53 41.24 37.66 38.47
N ILE F 54 40.12 37.52 39.17
CA ILE F 54 39.27 36.35 38.98
C ILE F 54 38.62 36.39 37.60
N LEU F 55 38.22 37.57 37.14
CA LEU F 55 37.61 37.70 35.82
C LEU F 55 38.59 37.37 34.71
N GLU F 56 39.86 37.77 34.85
CA GLU F 56 40.86 37.42 33.85
C GLU F 56 41.09 35.92 33.79
N ASN F 57 40.97 35.22 34.92
CA ASN F 57 41.09 33.77 34.91
C ASN F 57 39.95 33.12 34.15
N MET F 58 38.73 33.67 34.28
CA MET F 58 37.61 33.14 33.53
C MET F 58 37.78 33.32 32.03
N THR F 59 38.26 34.49 31.61
CA THR F 59 38.43 34.77 30.19
C THR F 59 39.51 33.89 29.56
N ASN F 60 40.40 33.32 30.37
CA ASN F 60 41.39 32.35 29.88
C ASN F 60 40.73 30.98 29.84
N GLN F 61 39.94 30.77 28.78
CA GLN F 61 38.99 29.65 28.73
C GLN F 61 39.64 28.28 28.67
N PHE F 62 40.90 28.19 28.30
CA PHE F 62 41.53 26.91 28.01
C PHE F 62 42.69 26.60 28.96
N LYS F 63 42.49 26.86 30.25
CA LYS F 63 43.53 26.58 31.23
C LYS F 63 42.93 26.27 32.59
N PRO F 64 43.09 25.06 33.10
CA PRO F 64 42.60 24.75 34.45
C PRO F 64 43.54 25.24 35.53
N HIS F 65 42.99 25.37 36.74
CA HIS F 65 43.73 25.92 37.87
C HIS F 65 43.37 25.14 39.12
N SER F 66 43.76 25.68 40.28
CA SER F 66 43.50 25.06 41.57
C SER F 66 43.41 26.14 42.64
N GLY F 67 42.88 25.77 43.80
CA GLY F 67 42.69 26.74 44.85
C GLY F 67 42.44 26.08 46.20
N SER F 68 42.44 26.91 47.23
CA SER F 68 42.28 26.47 48.61
C SER F 68 41.42 27.45 49.38
N ILE F 69 40.67 26.95 50.35
CA ILE F 69 39.91 27.76 51.29
C ILE F 69 40.19 27.25 52.70
N VAL F 70 40.57 28.16 53.59
CA VAL F 70 40.97 27.81 54.95
C VAL F 70 39.98 28.44 55.93
N PHE F 71 39.49 27.63 56.87
CA PHE F 71 38.54 28.06 57.87
C PHE F 71 39.23 28.17 59.22
N LYS F 72 39.07 29.33 59.87
CA LYS F 72 39.68 29.59 61.16
C LYS F 72 38.56 29.90 62.16
N LYS F 73 38.58 29.20 63.30
CA LYS F 73 37.53 29.32 64.30
C LYS F 73 38.03 30.14 65.49
N GLY F 74 37.27 31.17 65.85
CA GLY F 74 37.60 31.95 67.02
C GLY F 74 38.86 32.77 66.84
N ASP F 75 39.51 33.05 67.97
CA ASP F 75 40.72 33.86 68.01
C ASP F 75 41.89 33.18 67.29
N ALA F 78 43.24 29.38 64.70
CA ALA F 78 43.80 28.09 64.29
C ALA F 78 42.93 27.46 63.21
N LYS F 79 43.58 26.81 62.25
CA LYS F 79 42.85 26.18 61.14
C LYS F 79 41.99 25.03 61.65
N MET F 80 40.76 24.98 61.15
CA MET F 80 39.84 23.88 61.45
C MET F 80 39.64 22.93 60.29
N LYS F 81 39.33 23.45 59.11
CA LYS F 81 39.13 22.66 57.91
C LYS F 81 39.87 23.32 56.75
N GLU F 82 40.06 22.56 55.67
CA GLU F 82 40.60 23.12 54.44
C GLU F 82 39.95 22.41 53.26
N LEU F 83 39.38 23.19 52.35
CA LEU F 83 38.77 22.69 51.13
C LEU F 83 39.68 23.03 49.96
N THR F 84 40.07 22.02 49.17
CA THR F 84 40.95 22.20 48.05
C THR F 84 40.34 21.61 46.78
N TRP F 85 40.61 22.24 45.65
CA TRP F 85 40.21 21.76 44.35
C TRP F 85 41.39 21.78 43.42
N GLU F 86 41.35 20.92 42.39
CA GLU F 86 42.38 20.88 41.37
C GLU F 86 41.76 20.51 40.03
N ASN F 87 42.31 21.10 38.96
CA ASN F 87 41.84 20.87 37.58
C ASN F 87 40.40 21.35 37.40
N GLY F 88 40.19 22.65 37.64
CA GLY F 88 38.86 23.21 37.62
C GLY F 88 38.78 24.46 36.75
N TYR F 89 37.55 24.84 36.43
CA TYR F 89 37.24 26.02 35.63
C TYR F 89 36.19 26.85 36.35
N ILE F 90 36.16 28.14 36.03
CA ILE F 90 35.11 29.04 36.50
C ILE F 90 34.03 29.08 35.45
N THR F 91 32.80 28.72 35.83
CA THR F 91 31.71 28.56 34.87
C THR F 91 30.54 29.51 35.14
N GLU F 92 30.70 30.47 36.04
CA GLU F 92 29.64 31.44 36.31
C GLU F 92 30.25 32.59 37.08
N PHE F 93 29.92 33.82 36.68
CA PHE F 93 30.49 35.00 37.30
C PHE F 93 29.43 36.10 37.36
N THR F 94 29.31 36.75 38.51
CA THR F 94 28.40 37.87 38.68
C THR F 94 29.05 38.91 39.58
N GLU F 95 28.98 40.17 39.19
CA GLU F 95 29.47 41.28 40.00
C GLU F 95 28.36 42.30 40.20
N ASN F 96 28.06 42.61 41.45
CA ASN F 96 26.91 43.42 41.83
C ASN F 96 27.36 44.62 42.66
N ILE F 97 26.76 45.78 42.39
CA ILE F 97 27.07 47.02 43.11
C ILE F 97 25.76 47.64 43.54
N ASP F 98 25.56 47.80 44.84
CA ASP F 98 24.38 48.46 45.38
C ASP F 98 24.81 49.62 46.24
N ILE F 99 24.28 50.81 45.95
CA ILE F 99 24.69 52.03 46.61
C ILE F 99 23.79 52.37 47.78
N VAL F 100 22.47 52.25 47.59
CA VAL F 100 21.53 52.53 48.67
C VAL F 100 21.73 51.56 49.83
N GLY F 101 21.84 50.27 49.51
CA GLY F 101 21.99 49.24 50.52
C GLY F 101 23.45 49.03 50.90
N SER F 102 23.67 48.01 51.72
CA SER F 102 25.00 47.66 52.18
C SER F 102 25.70 46.79 51.13
N GLN F 103 26.85 46.23 51.50
CA GLN F 103 27.69 45.42 50.63
C GLN F 103 27.98 46.19 49.34
N PRO F 104 28.81 47.22 49.40
CA PRO F 104 28.95 48.12 48.25
C PRO F 104 29.39 47.42 46.96
N MET F 105 30.27 46.44 47.06
CA MET F 105 30.75 45.73 45.88
C MET F 105 31.07 44.30 46.27
N THR F 106 30.51 43.34 45.53
CA THR F 106 30.69 41.94 45.84
C THR F 106 30.77 41.14 44.55
N ILE F 107 31.38 39.96 44.63
CA ILE F 107 31.53 39.04 43.51
C ILE F 107 31.12 37.65 43.97
N THR F 108 30.30 36.98 43.18
CA THR F 108 29.95 35.59 43.42
C THR F 108 30.21 34.77 42.16
N PHE F 109 30.79 33.58 42.33
CA PHE F 109 31.17 32.75 41.19
C PHE F 109 31.16 31.28 41.59
N VAL F 110 31.20 30.41 40.57
CA VAL F 110 31.11 28.96 40.74
C VAL F 110 32.31 28.31 40.09
N VAL F 111 32.81 27.23 40.68
CA VAL F 111 33.97 26.49 40.18
C VAL F 111 33.56 25.04 39.94
N SER F 112 33.87 24.52 38.74
CA SER F 112 33.63 23.13 38.38
C SER F 112 34.99 22.42 38.26
N ALA F 113 35.28 21.53 39.19
CA ALA F 113 36.58 20.90 39.29
C ALA F 113 36.48 19.39 39.17
N GLN F 114 37.59 18.76 38.80
CA GLN F 114 37.62 17.30 38.68
C GLN F 114 37.71 16.63 40.05
N VAL F 115 38.48 17.19 40.98
CA VAL F 115 38.66 16.63 42.31
C VAL F 115 38.43 17.71 43.35
N ILE F 116 37.71 17.37 44.42
CA ILE F 116 37.58 18.22 45.59
C ILE F 116 37.86 17.37 46.83
N LYS F 117 38.59 17.94 47.79
CA LYS F 117 39.01 17.24 48.99
C LYS F 117 38.75 18.10 50.21
N ILE F 118 38.25 17.49 51.27
CA ILE F 118 38.05 18.22 52.52
C ILE F 118 38.28 17.31 53.72
N GLY F 119 39.37 17.54 54.45
CA GLY F 119 39.60 16.91 55.73
C GLY F 119 39.60 15.40 55.74
N GLY F 120 40.25 14.76 54.76
CA GLY F 120 40.33 13.32 54.72
C GLY F 120 39.28 12.64 53.87
N ALA F 121 38.32 13.38 53.32
CA ALA F 121 37.38 12.86 52.35
C ALA F 121 37.66 13.48 50.99
N GLN F 122 37.31 12.76 49.92
CA GLN F 122 37.53 13.29 48.59
C GLN F 122 36.51 12.70 47.62
N PHE F 123 36.13 13.53 46.64
CA PHE F 123 35.23 13.15 45.57
C PHE F 123 35.90 13.44 44.24
N GLU F 124 35.90 12.45 43.35
CA GLU F 124 36.55 12.59 42.05
C GLU F 124 35.61 12.16 40.95
N GLN F 125 35.60 12.94 39.87
CA GLN F 125 34.89 12.58 38.65
C GLN F 125 35.88 12.05 37.62
N ASN F 126 35.38 11.23 36.70
CA ASN F 126 36.20 10.73 35.60
C ASN F 126 35.97 11.60 34.37
N TRP F 127 37.07 12.02 33.75
CA TRP F 127 37.01 12.88 32.58
C TRP F 127 37.71 12.17 31.43
N PRO F 128 37.00 11.85 30.34
CA PRO F 128 37.60 11.00 29.30
C PRO F 128 38.59 11.74 28.43
N LYS F 129 39.83 11.84 28.89
CA LYS F 129 40.89 12.45 28.08
C LYS F 129 42.03 11.45 27.84
N ALA G 2 31.79 57.29 51.78
CA ALA G 2 30.57 56.97 51.04
C ALA G 2 30.92 56.32 49.70
N PHE G 3 29.88 55.93 48.96
CA PHE G 3 30.04 55.26 47.67
C PHE G 3 29.12 55.92 46.66
N ARG G 4 29.65 56.18 45.46
CA ARG G 4 28.84 56.74 44.40
C ARG G 4 29.36 56.29 43.05
N ALA G 5 28.46 56.28 42.07
CA ALA G 5 28.77 55.86 40.71
C ALA G 5 28.04 56.79 39.74
N THR G 6 28.73 57.16 38.67
CA THR G 6 28.20 58.09 37.67
C THR G 6 28.31 57.48 36.29
N LEU G 7 27.21 57.57 35.51
CA LEU G 7 27.15 57.00 34.18
C LEU G 7 27.25 58.13 33.14
N SER G 8 28.16 57.98 32.20
CA SER G 8 28.32 58.91 31.09
C SER G 8 27.77 58.25 29.83
N PHE G 9 26.79 58.89 29.21
CA PHE G 9 26.12 58.30 28.06
C PHE G 9 25.39 59.39 27.28
N ALA G 10 25.58 59.40 25.96
CA ALA G 10 24.96 60.36 25.06
C ALA G 10 25.33 61.81 25.41
N GLY G 11 26.52 62.01 25.98
CA GLY G 11 26.95 63.34 26.35
C GLY G 11 26.35 63.89 27.62
N LYS G 12 25.80 63.04 28.47
CA LYS G 12 25.19 63.47 29.73
C LYS G 12 25.67 62.56 30.85
N GLU G 13 25.48 63.01 32.08
CA GLU G 13 25.85 62.26 33.27
C GLU G 13 24.61 61.96 34.11
N PHE G 14 24.55 60.75 34.64
CA PHE G 14 23.41 60.28 35.42
C PHE G 14 23.92 59.71 36.74
N ASP G 15 23.03 59.67 37.72
CA ASP G 15 23.35 59.16 39.05
C ASP G 15 22.85 57.73 39.18
N VAL G 16 23.77 56.81 39.45
CA VAL G 16 23.47 55.38 39.48
C VAL G 16 23.09 54.99 40.90
N LEU G 17 22.08 54.11 41.02
CA LEU G 17 21.69 53.54 42.30
C LEU G 17 21.95 52.05 42.42
N ASP G 18 22.25 51.37 41.32
CA ASP G 18 22.51 49.94 41.31
C ASP G 18 23.00 49.53 39.93
N CYS G 19 23.80 48.47 39.87
CA CYS G 19 24.39 48.01 38.62
C CYS G 19 24.88 46.57 38.78
N THR G 20 24.84 45.81 37.69
CA THR G 20 25.27 44.41 37.72
C THR G 20 25.51 43.91 36.30
N TYR G 21 26.30 42.83 36.20
CA TYR G 21 26.55 42.13 34.95
C TYR G 21 27.04 40.73 35.26
N SER G 22 26.91 39.83 34.28
CA SER G 22 27.14 38.41 34.51
C SER G 22 27.73 37.73 33.29
N LEU G 23 28.36 36.58 33.52
CA LEU G 23 28.91 35.71 32.48
C LEU G 23 28.64 34.27 32.85
N LYS G 24 28.60 33.39 31.84
CA LYS G 24 28.18 32.01 32.08
C LYS G 24 28.75 31.09 31.00
N ARG G 25 28.85 29.81 31.36
CA ARG G 25 29.20 28.72 30.44
C ARG G 25 28.33 27.51 30.73
N ASP G 26 28.09 26.69 29.71
CA ASP G 26 27.32 25.47 29.87
C ASP G 26 28.22 24.34 30.33
N VAL G 27 27.67 23.46 31.17
CA VAL G 27 28.46 22.44 31.84
C VAL G 27 27.83 21.07 31.58
N ASP G 28 28.67 20.11 31.22
CA ASP G 28 28.26 18.75 30.94
C ASP G 28 27.78 18.06 32.22
N SER G 29 27.07 16.94 32.06
CA SER G 29 26.52 16.21 33.20
C SER G 29 27.61 15.79 34.19
N LYS G 30 28.85 15.64 33.72
CA LYS G 30 29.96 15.24 34.57
C LYS G 30 30.79 16.43 35.03
N GLY G 31 30.32 17.66 34.80
CA GLY G 31 30.99 18.84 35.29
C GLY G 31 31.95 19.49 34.32
N ARG G 32 32.26 18.85 33.20
CA ARG G 32 33.17 19.43 32.22
C ARG G 32 32.46 20.52 31.43
N PRO G 33 33.11 21.68 31.23
CA PRO G 33 32.48 22.73 30.40
C PRO G 33 32.28 22.26 28.97
N SER G 34 31.16 22.67 28.38
CA SER G 34 30.79 22.23 27.04
C SER G 34 30.25 23.38 26.22
N SER G 35 30.85 24.55 26.36
CA SER G 35 30.40 25.74 25.64
C SER G 35 31.49 26.80 25.77
N ASN G 36 31.26 27.94 25.12
CA ASN G 36 32.07 29.13 25.31
C ASN G 36 31.31 30.12 26.18
N ILE G 37 31.99 31.19 26.59
CA ILE G 37 31.38 32.18 27.45
C ILE G 37 30.34 32.97 26.68
N TYR G 38 29.14 33.09 27.24
CA TYR G 38 28.10 33.94 26.69
C TYR G 38 27.48 34.77 27.80
N GLY G 39 27.02 35.97 27.45
CA GLY G 39 26.45 36.88 28.42
C GLY G 39 26.89 38.31 28.20
N GLY G 40 27.31 38.99 29.26
CA GLY G 40 27.71 40.39 29.15
C GLY G 40 26.58 41.36 28.92
N GLN G 41 25.48 41.23 29.66
CA GLN G 41 24.39 42.19 29.64
C GLN G 41 24.43 42.99 30.93
N ILE G 42 24.27 44.30 30.82
CA ILE G 42 24.43 45.23 31.94
C ILE G 42 23.06 45.79 32.30
N ARG G 43 22.66 45.60 33.54
CA ARG G 43 21.41 46.13 34.07
C ARG G 43 21.72 47.34 34.94
N LEU G 44 21.09 48.47 34.63
CA LEU G 44 21.38 49.74 35.28
C LEU G 44 20.13 50.35 35.87
N HIS G 45 20.27 51.01 37.01
CA HIS G 45 19.19 51.67 37.72
C HIS G 45 19.62 53.11 38.01
N VAL G 46 18.89 54.08 37.45
CA VAL G 46 19.29 55.48 37.53
C VAL G 46 18.10 56.34 37.95
N GLU G 47 18.41 57.55 38.39
CA GLU G 47 17.42 58.53 38.81
C GLU G 47 16.98 59.36 37.60
N SER G 48 15.67 59.48 37.39
CA SER G 48 15.13 60.17 36.23
C SER G 48 14.83 61.62 36.59
N THR G 49 15.41 62.54 35.83
CA THR G 49 15.41 63.97 36.15
C THR G 49 15.03 64.80 34.93
N ASP G 50 13.73 65.03 34.74
CA ASP G 50 13.16 66.08 33.90
C ASP G 50 13.41 65.90 32.41
N ASP G 51 14.19 64.91 31.99
CA ASP G 51 14.53 64.78 30.57
C ASP G 51 14.48 63.33 30.15
N THR G 52 14.21 63.13 28.86
CA THR G 52 14.03 61.81 28.27
C THR G 52 15.05 61.65 27.14
N SER G 53 16.20 61.07 27.45
CA SER G 53 17.24 60.80 26.47
C SER G 53 17.61 59.33 26.36
N ILE G 54 17.46 58.55 27.42
CA ILE G 54 17.60 57.11 27.30
C ILE G 54 16.46 56.53 26.48
N LEU G 55 15.26 57.10 26.60
CA LEU G 55 14.11 56.58 25.87
C LEU G 55 14.24 56.79 24.38
N GLU G 56 14.72 57.96 23.94
CA GLU G 56 14.77 58.23 22.51
C GLU G 56 15.95 57.56 21.83
N ASN G 57 16.94 57.08 22.58
CA ASN G 57 17.97 56.24 21.98
C ASN G 57 17.47 54.82 21.73
N MET G 58 16.53 54.35 22.54
CA MET G 58 15.92 53.05 22.29
C MET G 58 14.92 53.12 21.13
N THR G 59 14.11 54.18 21.09
CA THR G 59 13.04 54.27 20.11
C THR G 59 13.48 54.94 18.82
N ASN G 60 13.94 56.20 18.91
CA ASN G 60 14.16 57.02 17.73
C ASN G 60 15.57 56.91 17.16
N GLN G 61 16.28 55.83 17.47
CA GLN G 61 17.62 55.61 16.93
C GLN G 61 17.90 54.12 16.87
N PHE G 62 18.57 53.69 15.80
CA PHE G 62 18.91 52.29 15.58
C PHE G 62 20.35 52.16 15.13
N LYS G 63 21.25 52.79 15.86
CA LYS G 63 22.68 52.67 15.68
C LYS G 63 23.32 52.27 16.99
N PRO G 64 24.45 51.55 16.94
CA PRO G 64 25.15 51.21 18.19
C PRO G 64 25.79 52.43 18.82
N HIS G 65 26.00 52.34 20.13
CA HIS G 65 26.55 53.45 20.92
C HIS G 65 27.57 52.88 21.91
N SER G 66 28.06 53.75 22.79
CA SER G 66 28.99 53.35 23.84
C SER G 66 28.68 54.14 25.10
N GLY G 67 29.20 53.65 26.22
CA GLY G 67 29.01 54.33 27.50
C GLY G 67 30.05 53.87 28.50
N SER G 68 30.10 54.58 29.63
CA SER G 68 31.03 54.29 30.70
C SER G 68 30.33 54.46 32.05
N ILE G 69 30.77 53.69 33.04
CA ILE G 69 30.33 53.84 34.42
C ILE G 69 31.58 53.89 35.29
N VAL G 70 31.67 54.90 36.16
CA VAL G 70 32.82 55.12 37.01
C VAL G 70 32.38 55.03 38.47
N PHE G 71 33.07 54.21 39.25
CA PHE G 71 32.77 54.01 40.66
C PHE G 71 33.84 54.66 41.51
N LYS G 72 33.42 55.38 42.56
CA LYS G 72 34.34 56.13 43.42
C LYS G 72 33.92 56.00 44.87
N LYS G 73 34.92 55.93 45.76
CA LYS G 73 34.67 55.95 47.20
C LYS G 73 34.61 57.39 47.68
N GLY G 74 33.47 57.79 48.24
CA GLY G 74 33.27 59.15 48.68
C GLY G 74 34.24 59.60 49.75
N ASP G 75 34.91 60.72 49.49
CA ASP G 75 35.94 61.30 50.37
C ASP G 75 36.77 60.27 51.13
N GLU G 77 35.37 60.21 46.19
CA GLU G 77 36.10 60.99 45.21
C GLU G 77 37.23 60.20 44.58
N ALA G 78 37.62 59.09 45.22
CA ALA G 78 38.74 58.28 44.77
C ALA G 78 38.26 57.26 43.74
N LYS G 79 38.75 57.39 42.51
CA LYS G 79 38.38 56.49 41.44
C LYS G 79 39.16 55.18 41.53
N MET G 80 38.46 54.06 41.36
CA MET G 80 39.08 52.75 41.43
C MET G 80 38.73 51.81 40.29
N LYS G 81 37.57 51.98 39.65
CA LYS G 81 37.12 51.03 38.64
C LYS G 81 36.28 51.76 37.62
N GLU G 82 36.42 51.37 36.35
CA GLU G 82 35.63 51.95 35.27
C GLU G 82 35.19 50.83 34.34
N LEU G 83 33.88 50.71 34.14
CA LEU G 83 33.29 49.69 33.29
C LEU G 83 32.72 50.35 32.05
N THR G 84 33.23 49.96 30.89
CA THR G 84 32.83 50.55 29.61
C THR G 84 32.27 49.48 28.69
N TRP G 85 31.47 49.93 27.73
CA TRP G 85 30.90 49.05 26.71
C TRP G 85 31.01 49.75 25.37
N GLU G 86 31.10 48.95 24.31
CA GLU G 86 31.14 49.45 22.94
C GLU G 86 30.24 48.60 22.05
N ASN G 87 29.60 49.26 21.07
CA ASN G 87 28.78 48.60 20.06
C ASN G 87 27.57 47.91 20.67
N GLY G 88 26.71 48.70 21.31
CA GLY G 88 25.63 48.16 22.12
C GLY G 88 24.28 48.71 21.73
N TYR G 89 23.24 48.02 22.22
CA TYR G 89 21.85 48.40 22.02
C TYR G 89 21.10 48.30 23.33
N ILE G 90 20.03 49.08 23.47
CA ILE G 90 19.16 49.00 24.64
C ILE G 90 18.02 48.06 24.33
N THR G 91 17.89 47.01 25.13
CA THR G 91 16.94 45.93 24.86
C THR G 91 15.73 45.92 25.79
N GLU G 92 15.85 46.47 26.99
CA GLU G 92 14.73 46.61 27.91
C GLU G 92 14.72 48.02 28.48
N PHE G 93 13.53 48.50 28.82
CA PHE G 93 13.37 49.82 29.42
C PHE G 93 12.10 49.82 30.25
N THR G 94 12.19 50.38 31.46
CA THR G 94 11.01 50.55 32.30
C THR G 94 11.18 51.77 33.18
N GLU G 95 10.07 52.46 33.44
CA GLU G 95 10.06 53.66 34.26
C GLU G 95 9.00 53.51 35.35
N ASN G 96 9.40 53.78 36.59
CA ASN G 96 8.58 53.49 37.76
C ASN G 96 8.36 54.76 38.58
N ILE G 97 7.12 54.95 39.04
CA ILE G 97 6.77 56.03 39.94
C ILE G 97 5.95 55.43 41.08
N ASP G 98 6.35 55.73 42.31
CA ASP G 98 5.61 55.28 43.50
C ASP G 98 5.63 56.40 44.52
N ILE G 99 4.47 56.99 44.80
CA ILE G 99 4.39 58.09 45.77
C ILE G 99 4.13 57.43 47.12
N VAL G 100 5.20 56.90 47.71
CA VAL G 100 5.20 56.42 49.09
C VAL G 100 6.41 57.00 49.80
N GLY G 101 7.58 56.78 49.22
CA GLY G 101 8.81 57.26 49.81
C GLY G 101 10.01 56.65 49.12
N SER G 102 11.18 56.85 49.73
CA SER G 102 12.46 56.35 49.23
C SER G 102 12.67 56.91 47.84
N GLN G 103 12.87 56.08 46.81
CA GLN G 103 13.06 56.57 45.45
C GLN G 103 11.70 56.81 44.81
N PRO G 104 11.38 58.04 44.41
CA PRO G 104 10.04 58.30 43.88
C PRO G 104 9.92 58.28 42.36
N MET G 105 11.04 58.27 41.64
CA MET G 105 11.00 58.38 40.18
C MET G 105 12.31 57.83 39.62
N THR G 106 12.26 56.63 39.06
CA THR G 106 13.47 55.93 38.64
C THR G 106 13.30 55.33 37.25
N ILE G 107 14.43 54.93 36.66
CA ILE G 107 14.49 54.31 35.34
C ILE G 107 15.39 53.08 35.43
N THR G 108 14.95 51.97 34.85
CA THR G 108 15.76 50.75 34.75
C THR G 108 15.82 50.31 33.30
N PHE G 109 17.03 50.03 32.81
CA PHE G 109 17.21 49.59 31.44
C PHE G 109 18.35 48.59 31.37
N VAL G 110 18.44 47.89 30.23
CA VAL G 110 19.42 46.83 30.02
C VAL G 110 20.11 47.08 28.68
N VAL G 111 21.43 46.83 28.64
CA VAL G 111 22.25 47.06 27.46
C VAL G 111 22.88 45.74 27.04
N SER G 112 22.88 45.45 25.74
CA SER G 112 23.54 44.29 25.16
C SER G 112 24.58 44.76 24.16
N ALA G 113 25.85 44.50 24.45
CA ALA G 113 26.96 45.04 23.67
C ALA G 113 27.91 43.93 23.24
N GLN G 114 28.67 44.21 22.18
CA GLN G 114 29.64 43.24 21.69
C GLN G 114 30.88 43.18 22.56
N VAL G 115 31.40 44.33 23.00
CA VAL G 115 32.63 44.41 23.77
C VAL G 115 32.32 45.03 25.13
N ILE G 116 32.83 44.41 26.19
CA ILE G 116 32.70 44.88 27.56
C ILE G 116 34.10 44.99 28.15
N LYS G 117 34.39 46.10 28.81
CA LYS G 117 35.71 46.36 29.38
C LYS G 117 35.58 46.74 30.84
N ILE G 118 36.37 46.10 31.71
CA ILE G 118 36.45 46.45 33.12
C ILE G 118 37.86 46.22 33.62
N GLY G 119 38.53 47.29 34.03
CA GLY G 119 39.90 47.16 34.51
C GLY G 119 40.81 46.59 33.44
N GLY G 120 41.51 45.52 33.79
CA GLY G 120 42.44 44.88 32.88
C GLY G 120 41.90 43.64 32.18
N ALA G 121 40.58 43.48 32.13
CA ALA G 121 39.95 42.35 31.49
C ALA G 121 38.97 42.83 30.43
N GLN G 122 38.79 42.03 29.39
CA GLN G 122 37.87 42.38 28.30
C GLN G 122 37.11 41.14 27.85
N PHE G 123 35.92 41.36 27.30
CA PHE G 123 35.10 40.30 26.74
C PHE G 123 34.61 40.72 25.37
N GLU G 124 34.98 39.96 24.34
CA GLU G 124 34.62 40.23 22.96
C GLU G 124 33.82 39.07 22.40
N GLN G 125 32.77 39.39 21.65
CA GLN G 125 31.91 38.39 21.03
C GLN G 125 32.16 38.32 19.53
N ASN G 126 31.74 37.21 18.94
CA ASN G 126 31.85 37.00 17.51
C ASN G 126 30.55 37.46 16.84
N TRP G 127 30.63 38.58 16.11
CA TRP G 127 29.51 39.12 15.35
C TRP G 127 29.98 39.26 13.92
N PRO G 128 30.00 38.16 13.16
CA PRO G 128 30.64 38.18 11.83
C PRO G 128 29.94 39.10 10.84
N LYS G 129 30.71 40.04 10.29
CA LYS G 129 30.26 41.03 9.30
C LYS G 129 28.83 41.55 9.53
N ALA H 2 9.15 65.67 47.95
CA ALA H 2 7.97 64.84 47.73
C ALA H 2 7.64 64.76 46.24
N PHE H 3 6.49 64.19 45.91
CA PHE H 3 6.05 64.07 44.54
C PHE H 3 4.54 64.09 44.49
N ARG H 4 4.01 64.40 43.31
CA ARG H 4 2.58 64.45 43.07
C ARG H 4 2.31 64.07 41.62
N ALA H 5 1.26 63.29 41.41
CA ALA H 5 0.84 62.89 40.06
C ALA H 5 -0.66 63.07 39.93
N THR H 6 -1.08 63.69 38.84
CA THR H 6 -2.50 63.98 38.58
C THR H 6 -2.90 63.37 37.25
N LEU H 7 -4.03 62.66 37.23
CA LEU H 7 -4.53 61.99 36.04
C LEU H 7 -5.80 62.69 35.57
N SER H 8 -5.79 63.18 34.34
CA SER H 8 -6.95 63.79 33.73
C SER H 8 -7.56 62.81 32.73
N PHE H 9 -8.79 62.39 32.98
CA PHE H 9 -9.40 61.32 32.20
C PHE H 9 -10.91 61.45 32.30
N ALA H 10 -11.58 61.38 31.15
CA ALA H 10 -13.04 61.47 31.08
C ALA H 10 -13.56 62.75 31.71
N GLY H 11 -12.84 63.85 31.50
CA GLY H 11 -13.25 65.13 32.05
C GLY H 11 -13.24 65.19 33.56
N LYS H 12 -12.29 64.50 34.19
CA LYS H 12 -12.19 64.47 35.64
C LYS H 12 -10.74 64.26 36.02
N GLU H 13 -10.41 64.60 37.27
CA GLU H 13 -9.05 64.55 37.77
C GLU H 13 -8.97 63.61 38.96
N PHE H 14 -7.96 62.74 38.97
CA PHE H 14 -7.76 61.75 40.01
C PHE H 14 -6.35 61.87 40.56
N ASP H 15 -6.16 61.39 41.79
CA ASP H 15 -4.85 61.34 42.41
C ASP H 15 -4.24 59.96 42.22
N VAL H 16 -2.99 59.93 41.78
CA VAL H 16 -2.32 58.72 41.36
C VAL H 16 -1.31 58.32 42.43
N LEU H 17 -1.30 57.03 42.78
CA LEU H 17 -0.31 56.50 43.71
C LEU H 17 0.88 55.87 42.98
N ASP H 18 0.63 54.91 42.09
CA ASP H 18 1.66 54.26 41.30
C ASP H 18 1.42 54.48 39.81
N CYS H 19 2.48 54.30 39.02
CA CYS H 19 2.40 54.44 37.57
C CYS H 19 3.62 53.75 36.96
N THR H 20 3.40 52.94 35.93
CA THR H 20 4.46 52.16 35.32
C THR H 20 4.22 52.00 33.82
N TYR H 21 5.31 51.90 33.06
CA TYR H 21 5.24 51.51 31.66
C TYR H 21 6.62 50.99 31.25
N SER H 22 6.65 50.18 30.20
CA SER H 22 7.88 49.51 29.80
C SER H 22 7.82 49.10 28.34
N LEU H 23 9.00 48.80 27.79
CA LEU H 23 9.16 48.29 26.44
C LEU H 23 10.31 47.30 26.41
N LYS H 24 10.34 46.43 25.40
CA LYS H 24 11.43 45.47 25.27
C LYS H 24 11.48 44.94 23.84
N ARG H 25 12.56 44.19 23.57
CA ARG H 25 12.73 43.49 22.30
C ARG H 25 13.60 42.25 22.52
N ASP H 26 13.50 41.32 21.58
CA ASP H 26 14.13 40.01 21.69
C ASP H 26 15.58 40.05 21.21
N VAL H 27 16.39 39.13 21.73
CA VAL H 27 17.80 39.04 21.38
C VAL H 27 18.21 37.58 21.17
N ASP H 28 19.31 37.40 20.46
CA ASP H 28 19.85 36.09 20.12
C ASP H 28 20.58 35.48 21.31
N SER H 29 21.26 34.37 21.08
CA SER H 29 22.15 33.78 22.08
C SER H 29 23.49 34.49 22.16
N LYS H 30 23.90 35.18 21.10
CA LYS H 30 25.10 36.00 21.11
C LYS H 30 24.82 37.45 21.47
N GLY H 31 23.56 37.81 21.67
CA GLY H 31 23.19 39.14 22.12
C GLY H 31 22.68 40.08 21.05
N ARG H 32 22.65 39.68 19.81
CA ARG H 32 22.17 40.55 18.75
C ARG H 32 20.64 40.64 18.80
N PRO H 33 20.06 41.83 18.70
CA PRO H 33 18.59 41.94 18.71
C PRO H 33 17.99 41.24 17.50
N SER H 34 16.90 40.50 17.75
CA SER H 34 16.28 39.67 16.72
C SER H 34 14.82 39.99 16.53
N SER H 35 14.37 41.17 16.93
CA SER H 35 12.99 41.59 16.75
C SER H 35 12.95 43.12 16.88
N ASN H 36 11.74 43.66 16.94
CA ASN H 36 11.52 45.08 17.17
C ASN H 36 10.84 45.27 18.52
N ILE H 37 10.51 46.52 18.82
CA ILE H 37 9.98 46.88 20.13
C ILE H 37 8.52 46.46 20.23
N TYR H 38 8.11 46.10 21.44
CA TYR H 38 6.72 45.75 21.70
C TYR H 38 6.39 45.96 23.17
N GLY H 39 5.15 46.35 23.43
CA GLY H 39 4.61 46.28 24.78
C GLY H 39 4.41 47.59 25.52
N GLY H 40 3.90 48.62 24.84
CA GLY H 40 3.68 49.87 25.53
C GLY H 40 2.34 49.92 26.23
N GLN H 41 2.33 49.60 27.52
CA GLN H 41 1.12 49.59 28.33
C GLN H 41 1.38 50.39 29.60
N ILE H 42 0.32 51.03 30.09
CA ILE H 42 0.40 51.89 31.26
C ILE H 42 -0.44 51.29 32.38
N ARG H 43 0.19 51.08 33.53
CA ARG H 43 -0.47 50.52 34.71
C ARG H 43 -0.63 51.62 35.75
N LEU H 44 -1.87 51.84 36.21
CA LEU H 44 -2.22 52.97 37.05
C LEU H 44 -2.87 52.50 38.33
N HIS H 45 -2.58 53.18 39.43
CA HIS H 45 -3.15 52.88 40.74
C HIS H 45 -3.70 54.16 41.34
N VAL H 46 -5.03 54.21 41.55
CA VAL H 46 -5.69 55.38 42.08
C VAL H 46 -6.60 54.95 43.24
N GLU H 47 -7.17 55.93 43.91
CA GLU H 47 -8.06 55.70 45.03
C GLU H 47 -9.50 55.99 44.63
N SER H 48 -10.42 55.14 45.08
CA SER H 48 -11.82 55.24 44.67
C SER H 48 -12.60 56.12 45.65
N THR H 49 -13.34 57.08 45.12
CA THR H 49 -14.08 58.06 45.92
C THR H 49 -15.53 58.11 45.43
N ASP H 50 -16.34 57.17 45.91
CA ASP H 50 -17.81 57.18 45.76
C ASP H 50 -18.27 57.48 44.33
N ASP H 51 -17.41 57.20 43.35
CA ASP H 51 -17.76 57.44 41.95
C ASP H 51 -17.27 56.27 41.12
N THR H 52 -18.02 55.96 40.06
CA THR H 52 -17.71 54.87 39.14
C THR H 52 -17.65 55.46 37.73
N SER H 53 -16.50 56.02 37.38
CA SER H 53 -16.28 56.56 36.05
C SER H 53 -15.28 55.76 35.24
N ILE H 54 -14.30 55.14 35.88
CA ILE H 54 -13.42 54.22 35.18
C ILE H 54 -14.22 53.01 34.69
N LEU H 55 -15.10 52.48 35.55
CA LEU H 55 -15.84 51.28 35.20
C LEU H 55 -16.82 51.52 34.06
N GLU H 56 -17.46 52.69 34.03
CA GLU H 56 -18.39 52.99 32.95
C GLU H 56 -17.69 53.11 31.61
N ASN H 57 -16.48 53.65 31.61
CA ASN H 57 -15.71 53.74 30.36
C ASN H 57 -15.33 52.35 29.85
N MET H 58 -14.97 51.44 30.76
CA MET H 58 -14.57 50.10 30.34
C MET H 58 -15.73 49.32 29.75
N THR H 59 -16.92 49.43 30.33
CA THR H 59 -18.06 48.67 29.85
C THR H 59 -18.62 49.19 28.53
N ASN H 60 -18.16 50.35 28.08
CA ASN H 60 -18.44 50.85 26.73
C ASN H 60 -17.27 50.41 25.86
N GLN H 61 -17.37 49.21 25.29
CA GLN H 61 -16.23 48.52 24.74
C GLN H 61 -15.76 49.03 23.38
N PHE H 62 -16.51 49.91 22.72
CA PHE H 62 -16.14 50.33 21.38
C PHE H 62 -15.92 51.84 21.31
N LYS H 63 -15.20 52.39 22.28
CA LYS H 63 -14.93 53.83 22.33
C LYS H 63 -13.49 54.06 22.77
N PRO H 64 -12.58 54.35 21.84
CA PRO H 64 -11.24 54.78 22.23
C PRO H 64 -11.26 56.18 22.87
N HIS H 65 -10.36 56.37 23.83
CA HIS H 65 -10.28 57.62 24.58
C HIS H 65 -8.83 58.10 24.63
N SER H 66 -8.61 59.18 25.36
CA SER H 66 -7.27 59.75 25.57
C SER H 66 -7.15 60.21 27.01
N GLY H 67 -5.89 60.35 27.45
CA GLY H 67 -5.63 60.76 28.81
C GLY H 67 -4.23 61.32 28.97
N SER H 68 -3.98 61.89 30.14
CA SER H 68 -2.68 62.50 30.42
C SER H 68 -2.38 62.38 31.91
N ILE H 69 -1.09 62.37 32.23
CA ILE H 69 -0.60 62.33 33.60
C ILE H 69 0.47 63.40 33.76
N VAL H 70 0.44 64.12 34.87
CA VAL H 70 1.38 65.20 35.15
C VAL H 70 2.16 64.84 36.40
N PHE H 71 3.49 64.97 36.33
CA PHE H 71 4.36 64.75 37.47
C PHE H 71 4.89 66.09 37.98
N LYS H 72 4.73 66.33 39.28
CA LYS H 72 5.14 67.58 39.91
C LYS H 72 6.26 67.30 40.91
N LYS H 73 7.39 68.00 40.75
CA LYS H 73 8.54 67.75 41.60
C LYS H 73 8.27 68.19 43.03
N GLY H 74 7.56 69.29 43.22
CA GLY H 74 7.23 69.76 44.55
C GLY H 74 6.29 70.95 44.53
N ASP H 75 6.55 71.93 45.39
CA ASP H 75 5.73 73.13 45.42
C ASP H 75 6.61 74.37 45.50
N GLU H 77 4.10 72.37 42.27
CA GLU H 77 3.96 73.65 41.60
C GLU H 77 4.90 73.75 40.40
N ALA H 78 5.75 72.74 40.23
CA ALA H 78 6.73 72.70 39.15
C ALA H 78 6.46 71.50 38.26
N LYS H 79 5.99 71.75 37.04
CA LYS H 79 5.76 70.68 36.09
C LYS H 79 7.09 70.04 35.69
N MET H 80 7.13 68.71 35.74
CA MET H 80 8.34 67.95 35.44
C MET H 80 8.23 67.16 34.15
N LYS H 81 7.20 66.35 33.99
CA LYS H 81 7.02 65.51 32.83
C LYS H 81 5.55 65.51 32.43
N GLU H 82 5.22 64.74 31.40
CA GLU H 82 3.84 64.64 30.93
C GLU H 82 3.72 63.38 30.08
N LEU H 83 2.94 62.41 30.55
CA LEU H 83 2.73 61.15 29.86
C LEU H 83 1.31 61.13 29.30
N THR H 84 1.19 61.10 27.97
CA THR H 84 -0.09 61.19 27.30
C THR H 84 -0.31 59.97 26.40
N TRP H 85 -1.58 59.62 26.20
CA TRP H 85 -1.96 58.52 25.33
C TRP H 85 -3.18 58.91 24.51
N GLU H 86 -3.32 58.26 23.36
CA GLU H 86 -4.49 58.45 22.51
C GLU H 86 -4.81 57.14 21.81
N ASN H 87 -6.10 56.94 21.52
CA ASN H 87 -6.60 55.73 20.89
C ASN H 87 -6.39 54.50 21.78
N GLY H 88 -6.92 54.58 22.99
CA GLY H 88 -6.67 53.55 23.98
C GLY H 88 -7.89 52.86 24.56
N TYR H 89 -7.70 51.68 25.13
CA TYR H 89 -8.75 50.91 25.78
C TYR H 89 -8.26 50.41 27.13
N ILE H 90 -9.20 50.28 28.06
CA ILE H 90 -8.92 49.65 29.36
C ILE H 90 -9.13 48.15 29.19
N THR H 91 -8.08 47.38 29.47
CA THR H 91 -8.11 45.94 29.26
C THR H 91 -8.00 45.15 30.55
N GLU H 92 -8.01 45.80 31.71
CA GLU H 92 -7.94 45.12 32.99
C GLU H 92 -8.42 46.08 34.07
N PHE H 93 -9.15 45.54 35.04
CA PHE H 93 -9.74 46.37 36.09
C PHE H 93 -9.83 45.54 37.36
N THR H 94 -9.51 46.16 38.49
CA THR H 94 -9.62 45.49 39.78
C THR H 94 -9.91 46.54 40.85
N GLU H 95 -10.84 46.22 41.75
CA GLU H 95 -11.12 47.06 42.90
C GLU H 95 -10.97 46.25 44.18
N ASN H 96 -10.21 46.77 45.13
CA ASN H 96 -9.88 46.08 46.36
C ASN H 96 -10.38 46.89 47.56
N ILE H 97 -10.98 46.18 48.52
CA ILE H 97 -11.43 46.77 49.77
C ILE H 97 -10.80 46.01 50.90
N ASP H 98 -10.25 46.72 51.88
CA ASP H 98 -9.61 46.10 53.02
C ASP H 98 -9.97 46.87 54.28
N ILE H 99 -10.18 46.12 55.37
CA ILE H 99 -10.57 46.69 56.65
C ILE H 99 -9.58 46.30 57.75
N VAL H 100 -9.24 45.02 57.81
CA VAL H 100 -8.35 44.53 58.87
C VAL H 100 -6.96 45.13 58.73
N GLY H 101 -6.49 45.34 57.51
CA GLY H 101 -5.19 45.91 57.26
C GLY H 101 -5.14 47.41 57.15
N SER H 102 -6.27 48.10 57.35
CA SER H 102 -6.35 49.56 57.29
C SER H 102 -5.89 50.10 55.94
N GLN H 103 -6.29 49.44 54.87
CA GLN H 103 -6.03 49.93 53.52
C GLN H 103 -7.32 50.45 52.91
N PRO H 104 -7.33 51.65 52.36
CA PRO H 104 -8.59 52.19 51.81
C PRO H 104 -9.00 51.46 50.53
N MET H 105 -10.14 51.83 49.98
CA MET H 105 -10.55 51.29 48.68
C MET H 105 -9.61 51.81 47.60
N THR H 106 -9.15 50.92 46.72
CA THR H 106 -8.24 51.27 45.64
C THR H 106 -8.69 50.62 44.34
N ILE H 107 -8.27 51.23 43.23
CA ILE H 107 -8.56 50.75 41.88
C ILE H 107 -7.26 50.63 41.12
N THR H 108 -7.07 49.50 40.44
CA THR H 108 -5.93 49.27 39.57
C THR H 108 -6.43 48.89 38.18
N PHE H 109 -5.86 49.51 37.14
CA PHE H 109 -6.30 49.22 35.79
C PHE H 109 -5.16 49.42 34.80
N VAL H 110 -5.31 48.82 33.63
CA VAL H 110 -4.29 48.80 32.58
C VAL H 110 -4.88 49.38 31.31
N VAL H 111 -4.10 50.23 30.63
CA VAL H 111 -4.52 50.88 29.40
C VAL H 111 -3.60 50.44 28.26
N SER H 112 -4.19 50.01 27.15
CA SER H 112 -3.45 49.64 25.95
C SER H 112 -3.84 50.59 24.82
N ALA H 113 -2.95 51.53 24.50
CA ALA H 113 -3.21 52.55 23.50
C ALA H 113 -2.37 52.30 22.25
N GLN H 114 -2.61 53.11 21.23
CA GLN H 114 -1.85 53.01 20.00
C GLN H 114 -0.64 53.94 19.98
N VAL H 115 -0.77 55.15 20.52
CA VAL H 115 0.34 56.10 20.61
C VAL H 115 0.48 56.52 22.06
N ILE H 116 1.72 56.52 22.56
CA ILE H 116 2.06 57.09 23.86
C ILE H 116 3.23 58.03 23.67
N LYS H 117 3.22 59.14 24.39
CA LYS H 117 4.24 60.17 24.26
C LYS H 117 4.67 60.64 25.64
N ILE H 118 5.95 60.97 25.78
CA ILE H 118 6.46 61.60 26.99
C ILE H 118 7.75 62.33 26.66
N GLY H 119 7.86 63.57 27.10
CA GLY H 119 9.03 64.37 26.77
C GLY H 119 9.15 64.53 25.26
N GLY H 120 10.35 64.26 24.75
CA GLY H 120 10.59 64.32 23.32
C GLY H 120 10.59 62.96 22.66
N ALA H 121 10.02 61.97 23.33
CA ALA H 121 9.97 60.59 22.84
C ALA H 121 8.55 60.22 22.48
N GLN H 122 8.42 59.24 21.58
CA GLN H 122 7.11 58.81 21.12
C GLN H 122 7.20 57.40 20.56
N PHE H 123 6.25 56.55 20.93
CA PHE H 123 6.15 55.18 20.45
C PHE H 123 4.77 54.97 19.84
N GLU H 124 4.72 54.38 18.65
CA GLU H 124 3.46 54.10 17.99
C GLU H 124 3.45 52.67 17.46
N GLN H 125 2.24 52.12 17.38
CA GLN H 125 2.00 50.77 16.89
C GLN H 125 1.13 50.84 15.65
N ASN H 126 1.38 49.96 14.68
CA ASN H 126 0.64 49.99 13.42
C ASN H 126 -0.62 49.14 13.56
N TRP H 127 -1.75 49.80 13.77
CA TRP H 127 -3.04 49.14 13.75
C TRP H 127 -3.65 49.31 12.37
N PRO H 128 -3.99 48.23 11.67
CA PRO H 128 -4.47 48.36 10.29
C PRO H 128 -5.78 49.15 10.22
N LYS H 129 -5.91 49.94 9.17
CA LYS H 129 -7.11 50.74 8.94
C LYS H 129 -8.24 49.87 8.40
N ALA I 2 -11.47 54.43 59.02
CA ALA I 2 -12.11 53.16 59.31
C ALA I 2 -13.38 52.98 58.45
N PHE I 3 -13.56 51.77 57.95
CA PHE I 3 -14.69 51.44 57.09
C PHE I 3 -15.54 50.35 57.72
N ARG I 4 -16.84 50.39 57.43
CA ARG I 4 -17.77 49.35 57.84
C ARG I 4 -18.41 48.75 56.59
N ALA I 5 -18.19 47.46 56.37
CA ALA I 5 -18.78 46.73 55.26
C ALA I 5 -19.66 45.62 55.81
N THR I 6 -20.88 45.51 55.30
CA THR I 6 -21.82 44.49 55.75
C THR I 6 -22.41 43.76 54.55
N LEU I 7 -22.69 42.48 54.74
CA LEU I 7 -23.17 41.61 53.67
C LEU I 7 -24.56 41.08 54.05
N SER I 8 -25.53 41.29 53.17
CA SER I 8 -26.88 40.79 53.35
C SER I 8 -27.07 39.58 52.44
N PHE I 9 -27.21 38.41 53.04
CA PHE I 9 -27.28 37.17 52.28
C PHE I 9 -28.21 36.20 52.98
N ALA I 10 -29.21 35.70 52.26
CA ALA I 10 -30.14 34.70 52.76
C ALA I 10 -30.84 35.15 54.06
N GLY I 11 -31.21 36.42 54.10
CA GLY I 11 -31.96 36.93 55.24
C GLY I 11 -31.15 37.10 56.50
N LYS I 12 -29.84 37.25 56.41
CA LYS I 12 -28.97 37.42 57.56
C LYS I 12 -27.98 38.53 57.28
N GLU I 13 -27.18 38.87 58.29
CA GLU I 13 -26.18 39.91 58.19
C GLU I 13 -24.83 39.39 58.66
N PHE I 14 -23.78 39.74 57.92
CA PHE I 14 -22.43 39.27 58.21
C PHE I 14 -21.46 40.45 58.17
N ASP I 15 -20.35 40.30 58.89
CA ASP I 15 -19.34 41.34 58.97
C ASP I 15 -18.20 41.02 58.02
N VAL I 16 -17.95 41.93 57.09
CA VAL I 16 -17.00 41.69 55.99
C VAL I 16 -15.62 42.19 56.39
N LEU I 17 -14.59 41.43 56.00
CA LEU I 17 -13.20 41.76 56.26
C LEU I 17 -12.42 42.14 55.01
N ASP I 18 -12.75 41.54 53.86
CA ASP I 18 -12.08 41.84 52.60
C ASP I 18 -13.09 41.65 51.47
N CYS I 19 -12.79 42.24 50.32
CA CYS I 19 -13.63 42.10 49.15
C CYS I 19 -12.83 42.46 47.91
N THR I 20 -13.14 41.78 46.80
CA THR I 20 -12.46 42.02 45.53
C THR I 20 -13.39 41.63 44.39
N TYR I 21 -13.13 42.19 43.21
CA TYR I 21 -13.76 41.78 41.96
C TYR I 21 -12.99 42.42 40.81
N SER I 22 -12.84 41.69 39.71
CA SER I 22 -12.02 42.15 38.60
C SER I 22 -12.62 41.71 37.28
N LEU I 23 -12.21 42.42 36.22
CA LEU I 23 -12.61 42.14 34.85
C LEU I 23 -11.39 42.14 33.95
N LYS I 24 -11.53 41.59 32.74
CA LYS I 24 -10.37 41.45 31.87
C LYS I 24 -10.80 41.38 30.40
N ARG I 25 -9.82 41.57 29.53
CA ARG I 25 -9.98 41.43 28.09
C ARG I 25 -8.70 40.81 27.51
N ASP I 26 -8.83 40.23 26.33
CA ASP I 26 -7.68 39.68 25.62
C ASP I 26 -7.11 40.71 24.66
N VAL I 27 -5.83 40.56 24.34
CA VAL I 27 -5.08 41.56 23.60
C VAL I 27 -4.20 40.89 22.55
N ASP I 28 -4.17 41.46 21.35
CA ASP I 28 -3.36 40.96 20.26
C ASP I 28 -1.87 41.11 20.56
N SER I 29 -1.03 40.72 19.60
CA SER I 29 0.40 40.93 19.73
C SER I 29 0.79 42.38 19.49
N LYS I 30 -0.07 43.17 18.88
CA LYS I 30 0.17 44.59 18.65
C LYS I 30 -0.57 45.47 19.65
N GLY I 31 -1.16 44.88 20.68
CA GLY I 31 -1.84 45.65 21.70
C GLY I 31 -3.28 46.00 21.40
N ARG I 32 -3.93 45.29 20.49
CA ARG I 32 -5.31 45.55 20.14
C ARG I 32 -6.22 44.53 20.80
N PRO I 33 -7.32 44.95 21.41
CA PRO I 33 -8.22 43.98 22.05
C PRO I 33 -8.76 42.98 21.04
N SER I 34 -8.81 41.72 21.47
CA SER I 34 -9.17 40.63 20.57
C SER I 34 -10.34 39.78 21.08
N SER I 35 -10.91 40.13 22.22
CA SER I 35 -12.03 39.39 22.78
C SER I 35 -12.96 40.38 23.48
N ASN I 36 -13.99 39.85 24.13
CA ASN I 36 -14.91 40.65 24.91
C ASN I 36 -14.49 40.66 26.37
N ILE I 37 -15.27 41.34 27.20
CA ILE I 37 -15.00 41.41 28.63
C ILE I 37 -15.46 40.12 29.29
N TYR I 38 -14.60 39.52 30.10
CA TYR I 38 -14.96 38.33 30.85
C TYR I 38 -14.42 38.43 32.26
N GLY I 39 -15.07 37.72 33.18
CA GLY I 39 -14.72 37.79 34.59
C GLY I 39 -15.93 38.11 35.43
N GLY I 40 -15.72 38.86 36.52
CA GLY I 40 -16.81 39.27 37.37
C GLY I 40 -17.07 38.42 38.59
N GLN I 41 -16.14 37.54 38.97
CA GLN I 41 -16.28 36.81 40.22
C GLN I 41 -15.98 37.72 41.40
N ILE I 42 -16.63 37.44 42.53
CA ILE I 42 -16.51 38.23 43.75
C ILE I 42 -15.92 37.35 44.83
N ARG I 43 -14.86 37.84 45.48
CA ARG I 43 -14.18 37.14 46.55
C ARG I 43 -14.44 37.85 47.87
N LEU I 44 -14.89 37.10 48.87
CA LEU I 44 -15.36 37.66 50.13
C LEU I 44 -14.66 36.98 51.30
N HIS I 45 -14.40 37.76 52.35
CA HIS I 45 -13.81 37.25 53.60
C HIS I 45 -14.68 37.70 54.75
N VAL I 46 -15.16 36.74 55.54
CA VAL I 46 -16.20 36.98 56.54
C VAL I 46 -15.78 36.34 57.86
N GLU I 47 -16.28 36.90 58.97
CA GLU I 47 -16.01 36.36 60.29
C GLU I 47 -17.04 35.30 60.65
N SER I 48 -16.56 34.11 61.01
CA SER I 48 -17.42 32.98 61.29
C SER I 48 -18.08 33.13 62.66
N THR I 49 -19.21 32.44 62.82
CA THR I 49 -19.99 32.50 64.04
C THR I 49 -20.68 31.16 64.24
N ASP I 50 -21.71 31.13 65.08
CA ASP I 50 -22.44 29.89 65.36
C ASP I 50 -23.23 29.41 64.15
N ASP I 51 -23.75 30.33 63.34
CA ASP I 51 -24.57 29.97 62.19
C ASP I 51 -23.71 29.38 61.06
N THR I 52 -24.31 28.47 60.31
CA THR I 52 -23.67 27.81 59.16
C THR I 52 -24.55 27.91 57.92
N SER I 53 -25.06 29.11 57.64
CA SER I 53 -25.99 29.27 56.52
C SER I 53 -25.29 29.25 55.16
N ILE I 54 -24.07 29.78 55.09
CA ILE I 54 -23.38 29.84 53.79
C ILE I 54 -23.03 28.44 53.31
N LEU I 55 -22.67 27.54 54.23
CA LEU I 55 -22.37 26.16 53.83
C LEU I 55 -23.60 25.45 53.30
N GLU I 56 -24.75 25.60 53.96
CA GLU I 56 -25.96 24.94 53.47
C GLU I 56 -26.41 25.50 52.14
N ASN I 57 -25.99 26.71 51.78
CA ASN I 57 -26.32 27.26 50.47
C ASN I 57 -25.48 26.65 49.36
N MET I 58 -24.24 26.28 49.66
CA MET I 58 -23.39 25.64 48.66
C MET I 58 -23.79 24.18 48.43
N THR I 59 -24.06 23.44 49.51
CA THR I 59 -24.29 22.00 49.42
C THR I 59 -25.77 21.66 49.30
N ASN I 60 -26.57 22.03 50.30
CA ASN I 60 -27.94 21.54 50.41
C ASN I 60 -28.87 22.14 49.36
N GLN I 61 -28.47 23.19 48.66
CA GLN I 61 -29.32 23.83 47.68
C GLN I 61 -28.59 24.00 46.36
N PHE I 62 -29.34 24.01 45.27
CA PHE I 62 -28.78 24.13 43.93
C PHE I 62 -29.61 25.09 43.10
N LYS I 63 -29.99 26.22 43.68
CA LYS I 63 -30.73 27.30 43.05
C LYS I 63 -29.90 28.57 43.08
N PRO I 64 -30.02 29.43 42.07
CA PRO I 64 -29.32 30.71 42.09
C PRO I 64 -29.86 31.63 43.16
N HIS I 65 -29.01 32.51 43.66
CA HIS I 65 -29.35 33.41 44.76
C HIS I 65 -28.87 34.83 44.44
N SER I 66 -29.11 35.74 45.38
CA SER I 66 -28.70 37.13 45.25
C SER I 66 -28.22 37.65 46.61
N GLY I 67 -27.49 38.75 46.57
CA GLY I 67 -26.97 39.36 47.79
C GLY I 67 -26.35 40.70 47.50
N SER I 68 -26.09 41.45 48.58
CA SER I 68 -25.57 42.80 48.46
C SER I 68 -24.53 43.07 49.55
N ILE I 69 -23.62 43.99 49.26
CA ILE I 69 -22.60 44.45 50.19
C ILE I 69 -22.63 45.97 50.22
N VAL I 70 -22.61 46.55 51.41
CA VAL I 70 -22.71 48.00 51.60
C VAL I 70 -21.48 48.49 52.35
N PHE I 71 -20.86 49.56 51.85
CA PHE I 71 -19.66 50.12 52.45
C PHE I 71 -19.96 51.50 53.02
N LYS I 72 -19.60 51.70 54.28
CA LYS I 72 -19.77 52.99 54.96
C LYS I 72 -18.41 53.49 55.44
N LYS I 73 -18.10 54.74 55.10
CA LYS I 73 -16.80 55.32 55.44
C LYS I 73 -16.85 56.09 56.75
N GLY I 74 -17.70 57.12 56.82
CA GLY I 74 -17.80 57.92 58.04
C GLY I 74 -18.36 57.13 59.20
N ASP I 75 -19.43 56.38 58.96
CA ASP I 75 -20.09 55.61 60.01
C ASP I 75 -20.74 54.35 59.44
N ALA I 78 -21.12 57.37 56.39
CA ALA I 78 -22.41 57.13 55.77
C ALA I 78 -22.28 56.18 54.58
N LYS I 79 -23.42 55.82 54.00
CA LYS I 79 -23.42 54.90 52.86
C LYS I 79 -22.67 55.51 51.69
N MET I 80 -21.69 54.77 51.17
CA MET I 80 -20.82 55.24 50.10
C MET I 80 -21.07 54.51 48.79
N LYS I 81 -21.07 53.17 48.82
CA LYS I 81 -21.25 52.36 47.62
C LYS I 81 -22.00 51.10 48.00
N GLU I 82 -22.59 50.47 46.98
CA GLU I 82 -23.30 49.20 47.16
C GLU I 82 -23.02 48.32 45.96
N LEU I 83 -22.59 47.09 46.21
CA LEU I 83 -22.31 46.11 45.16
C LEU I 83 -23.31 44.96 45.30
N THR I 84 -24.03 44.67 44.21
CA THR I 84 -25.09 43.68 44.23
C THR I 84 -24.89 42.67 43.11
N TRP I 85 -25.39 41.46 43.33
CA TRP I 85 -25.34 40.40 42.32
C TRP I 85 -26.68 39.69 42.28
N GLU I 86 -26.99 39.11 41.13
CA GLU I 86 -28.16 38.26 40.96
C GLU I 86 -27.82 37.13 40.01
N ASN I 87 -28.49 35.99 40.21
CA ASN I 87 -28.27 34.76 39.44
C ASN I 87 -26.85 34.23 39.63
N GLY I 88 -26.53 33.89 40.87
CA GLY I 88 -25.19 33.48 41.21
C GLY I 88 -25.07 32.13 41.89
N TYR I 89 -23.84 31.62 41.96
CA TYR I 89 -23.53 30.35 42.61
C TYR I 89 -22.28 30.51 43.45
N ILE I 90 -22.18 29.73 44.51
CA ILE I 90 -20.96 29.66 45.32
C ILE I 90 -20.11 28.52 44.79
N THR I 91 -18.91 28.85 44.31
CA THR I 91 -18.06 27.87 43.66
C THR I 91 -16.81 27.51 44.46
N GLU I 92 -16.48 28.28 45.50
CA GLU I 92 -15.40 27.94 46.41
C GLU I 92 -15.86 28.23 47.83
N PHE I 93 -15.36 27.44 48.78
CA PHE I 93 -15.66 27.64 50.20
C PHE I 93 -14.47 27.17 51.02
N THR I 94 -14.16 27.91 52.08
CA THR I 94 -13.04 27.56 52.96
C THR I 94 -13.29 28.11 54.35
N GLU I 95 -13.15 27.26 55.36
CA GLU I 95 -13.21 27.70 56.76
C GLU I 95 -11.87 27.44 57.42
N ASN I 96 -11.37 28.45 58.13
CA ASN I 96 -10.03 28.40 58.72
C ASN I 96 -10.12 28.75 60.20
N ILE I 97 -9.36 28.01 61.01
CA ILE I 97 -9.21 28.28 62.43
C ILE I 97 -7.72 28.39 62.73
N ASP I 98 -7.35 29.40 63.50
CA ASP I 98 -5.95 29.58 63.90
C ASP I 98 -5.95 30.14 65.31
N ILE I 99 -5.48 29.35 66.28
CA ILE I 99 -5.49 29.79 67.69
C ILE I 99 -4.17 30.51 67.90
N VAL I 100 -4.13 31.76 67.44
CA VAL I 100 -3.11 32.73 67.82
C VAL I 100 -3.83 34.02 68.18
N GLY I 101 -4.69 34.48 67.30
CA GLY I 101 -5.41 35.72 67.47
C GLY I 101 -5.72 36.33 66.12
N SER I 102 -6.17 37.58 66.15
CA SER I 102 -6.46 38.36 64.95
C SER I 102 -7.52 37.67 64.09
N GLN I 103 -8.74 37.60 64.63
CA GLN I 103 -9.90 36.98 63.99
C GLN I 103 -9.60 35.53 63.64
N PRO I 104 -9.62 34.62 64.60
CA PRO I 104 -9.31 33.21 64.31
C PRO I 104 -10.28 32.56 63.35
N MET I 105 -11.57 32.54 63.68
CA MET I 105 -12.58 31.83 62.90
C MET I 105 -13.06 32.70 61.76
N THR I 106 -12.74 32.31 60.53
CA THR I 106 -13.08 33.06 59.33
C THR I 106 -13.60 32.13 58.25
N ILE I 107 -14.28 32.71 57.26
CA ILE I 107 -14.80 31.99 56.10
C ILE I 107 -14.47 32.79 54.84
N THR I 108 -13.97 32.10 53.82
CA THR I 108 -13.68 32.70 52.52
C THR I 108 -14.42 31.93 51.44
N PHE I 109 -15.19 32.64 50.60
CA PHE I 109 -15.93 32.00 49.53
C PHE I 109 -15.95 32.90 48.29
N VAL I 110 -16.28 32.30 47.16
CA VAL I 110 -16.26 32.95 45.86
C VAL I 110 -17.62 32.78 45.20
N VAL I 111 -18.15 33.86 44.63
CA VAL I 111 -19.45 33.89 43.98
C VAL I 111 -19.24 34.16 42.49
N SER I 112 -19.88 33.35 41.65
CA SER I 112 -19.85 33.54 40.20
C SER I 112 -21.27 33.81 39.71
N ALA I 113 -21.60 35.08 39.51
CA ALA I 113 -22.94 35.52 39.14
C ALA I 113 -22.97 35.97 37.69
N GLN I 114 -24.19 36.14 37.17
CA GLN I 114 -24.39 36.61 35.81
C GLN I 114 -24.45 38.12 35.71
N VAL I 115 -25.08 38.79 36.68
CA VAL I 115 -25.22 40.24 36.69
C VAL I 115 -24.59 40.77 37.97
N ILE I 116 -23.69 41.74 37.84
CA ILE I 116 -23.15 42.46 38.98
C ILE I 116 -23.31 43.96 38.74
N LYS I 117 -23.61 44.70 39.81
CA LYS I 117 -23.92 46.11 39.72
C LYS I 117 -23.23 46.88 40.82
N ILE I 118 -22.65 48.03 40.47
CA ILE I 118 -22.06 48.93 41.47
C ILE I 118 -22.18 50.37 40.99
N GLY I 119 -22.84 51.20 41.80
CA GLY I 119 -23.05 52.59 41.39
C GLY I 119 -23.86 52.65 40.11
N GLY I 120 -23.34 53.36 39.12
CA GLY I 120 -23.98 53.47 37.83
C GLY I 120 -23.41 52.57 36.76
N ALA I 121 -22.66 51.54 37.17
CA ALA I 121 -22.01 50.63 36.25
C ALA I 121 -22.65 49.25 36.34
N GLN I 122 -22.73 48.57 35.19
CA GLN I 122 -23.36 47.26 35.10
C GLN I 122 -22.52 46.33 34.25
N PHE I 123 -22.55 45.04 34.59
CA PHE I 123 -21.94 44.00 33.76
C PHE I 123 -22.93 42.86 33.61
N GLU I 124 -23.17 42.46 32.36
CA GLU I 124 -24.14 41.44 32.02
C GLU I 124 -23.47 40.36 31.17
N GLN I 125 -23.78 39.10 31.47
CA GLN I 125 -23.25 37.97 30.73
C GLN I 125 -24.34 37.37 29.84
N ASN I 126 -23.93 36.83 28.70
CA ASN I 126 -24.84 36.18 27.77
C ASN I 126 -24.89 34.70 28.10
N TRP I 127 -25.92 34.29 28.83
CA TRP I 127 -26.17 32.88 29.15
C TRP I 127 -27.40 32.44 28.37
N PRO I 128 -27.26 31.98 27.14
CA PRO I 128 -28.43 31.57 26.36
C PRO I 128 -29.17 30.42 27.05
N LYS I 129 -30.50 30.44 26.92
CA LYS I 129 -31.35 29.48 27.60
C LYS I 129 -32.04 28.54 26.62
N ALA J 2 -9.62 34.54 73.31
CA ALA J 2 -9.90 33.54 74.34
C ALA J 2 -10.83 32.47 73.78
N PHE J 3 -10.25 31.35 73.36
CA PHE J 3 -11.00 30.28 72.70
C PHE J 3 -10.15 29.01 72.70
N ARG J 4 -10.80 27.90 72.37
CA ARG J 4 -10.16 26.60 72.43
C ARG J 4 -10.66 25.75 71.28
N ALA J 5 -9.84 24.80 70.86
CA ALA J 5 -10.24 23.74 69.95
C ALA J 5 -9.70 22.42 70.50
N THR J 6 -10.56 21.41 70.59
CA THR J 6 -10.20 20.14 71.18
C THR J 6 -10.61 19.00 70.25
N LEU J 7 -9.68 18.08 70.01
CA LEU J 7 -9.86 16.97 69.10
C LEU J 7 -10.00 15.68 69.90
N SER J 8 -11.07 14.93 69.64
CA SER J 8 -11.34 13.66 70.28
C SER J 8 -11.20 12.56 69.24
N PHE J 9 -10.12 11.78 69.33
CA PHE J 9 -9.78 10.82 68.29
C PHE J 9 -9.06 9.65 68.93
N ALA J 10 -9.38 8.45 68.47
CA ALA J 10 -8.78 7.21 68.98
C ALA J 10 -8.99 7.05 70.48
N GLY J 11 -10.13 7.48 70.99
CA GLY J 11 -10.41 7.40 72.40
C GLY J 11 -9.51 8.25 73.26
N LYS J 12 -9.17 9.45 72.80
CA LYS J 12 -8.29 10.34 73.53
C LYS J 12 -8.72 11.77 73.34
N GLU J 13 -7.87 12.69 73.77
CA GLU J 13 -8.11 14.13 73.68
C GLU J 13 -6.80 14.82 73.30
N PHE J 14 -6.89 15.74 72.35
CA PHE J 14 -5.74 16.51 71.89
C PHE J 14 -6.12 17.98 71.81
N ASP J 15 -5.13 18.85 71.91
CA ASP J 15 -5.33 20.28 71.78
C ASP J 15 -4.87 20.73 70.40
N VAL J 16 -5.77 21.35 69.66
CA VAL J 16 -5.53 21.72 68.28
C VAL J 16 -4.86 23.09 68.23
N LEU J 17 -3.92 23.25 67.30
CA LEU J 17 -3.28 24.53 67.02
C LEU J 17 -3.94 25.27 65.86
N ASP J 18 -4.28 24.58 64.78
CA ASP J 18 -5.11 25.16 63.73
C ASP J 18 -5.76 24.04 62.93
N CYS J 19 -6.82 24.40 62.20
CA CYS J 19 -7.62 23.45 61.45
C CYS J 19 -8.18 24.14 60.22
N THR J 20 -8.47 23.36 59.17
CA THR J 20 -9.00 23.93 57.94
C THR J 20 -9.65 22.84 57.09
N TYR J 21 -10.59 23.26 56.25
CA TYR J 21 -11.24 22.39 55.28
C TYR J 21 -11.87 23.26 54.20
N SER J 22 -12.06 22.69 53.00
CA SER J 22 -12.53 23.46 51.87
C SER J 22 -13.24 22.59 50.85
N LEU J 23 -14.04 23.25 50.00
CA LEU J 23 -14.81 22.60 48.93
C LEU J 23 -14.70 23.44 47.67
N LYS J 24 -14.96 22.81 46.51
CA LYS J 24 -14.71 23.48 45.25
C LYS J 24 -15.67 23.00 44.17
N ARG J 25 -15.82 23.83 43.14
CA ARG J 25 -16.59 23.52 41.93
C ARG J 25 -15.83 24.06 40.73
N ASP J 26 -16.14 23.50 39.57
CA ASP J 26 -15.54 23.94 38.32
C ASP J 26 -16.51 24.81 37.54
N VAL J 27 -15.99 25.85 36.90
CA VAL J 27 -16.79 26.75 36.08
C VAL J 27 -16.12 26.89 34.72
N ASP J 28 -16.92 27.30 33.73
CA ASP J 28 -16.44 27.48 32.38
C ASP J 28 -15.93 28.91 32.18
N SER J 29 -15.69 29.29 30.93
CA SER J 29 -15.06 30.57 30.65
C SER J 29 -15.94 31.77 31.01
N LYS J 30 -17.25 31.58 31.16
CA LYS J 30 -18.14 32.69 31.47
C LYS J 30 -18.97 32.40 32.71
N GLY J 31 -18.38 31.73 33.69
CA GLY J 31 -18.93 31.68 35.04
C GLY J 31 -20.03 30.67 35.26
N ARG J 32 -20.38 29.89 34.28
CA ARG J 32 -21.40 28.87 34.49
C ARG J 32 -20.77 27.61 35.06
N PRO J 33 -21.27 27.10 36.18
CA PRO J 33 -20.69 25.87 36.74
C PRO J 33 -20.80 24.69 35.79
N SER J 34 -19.74 23.89 35.74
CA SER J 34 -19.66 22.76 34.81
C SER J 34 -19.11 21.52 35.49
N SER J 35 -19.43 21.31 36.76
CA SER J 35 -18.99 20.14 37.52
C SER J 35 -19.81 20.10 38.80
N ASN J 36 -19.48 19.14 39.65
CA ASN J 36 -20.08 19.00 40.98
C ASN J 36 -19.03 19.27 42.04
N ILE J 37 -19.46 19.29 43.29
CA ILE J 37 -18.58 19.65 44.41
C ILE J 37 -17.63 18.50 44.68
N TYR J 38 -16.34 18.83 44.88
CA TYR J 38 -15.35 17.84 45.27
C TYR J 38 -14.43 18.45 46.31
N GLY J 39 -13.70 17.57 47.02
CA GLY J 39 -12.83 17.99 48.08
C GLY J 39 -13.31 17.46 49.42
N GLY J 40 -13.11 18.24 50.49
CA GLY J 40 -13.61 17.88 51.79
C GLY J 40 -12.61 17.25 52.73
N GLN J 41 -11.32 17.36 52.46
CA GLN J 41 -10.32 16.86 53.39
C GLN J 41 -10.16 17.80 54.57
N ILE J 42 -9.64 17.26 55.68
CA ILE J 42 -9.46 18.02 56.92
C ILE J 42 -7.97 18.03 57.26
N ARG J 43 -7.43 19.23 57.47
CA ARG J 43 -6.03 19.42 57.82
C ARG J 43 -5.93 19.89 59.27
N LEU J 44 -5.05 19.25 60.04
CA LEU J 44 -4.98 19.47 61.48
C LEU J 44 -3.54 19.70 61.92
N HIS J 45 -3.39 20.48 63.00
CA HIS J 45 -2.10 20.81 63.60
C HIS J 45 -2.21 20.61 65.10
N VAL J 46 -1.41 19.72 65.66
CA VAL J 46 -1.49 19.40 67.09
C VAL J 46 -0.09 19.36 67.67
N GLU J 47 -0.01 19.49 69.00
CA GLU J 47 1.24 19.39 69.72
C GLU J 47 1.51 17.94 70.09
N SER J 48 2.77 17.53 69.93
CA SER J 48 3.14 16.12 70.05
C SER J 48 3.72 15.84 71.43
N THR J 49 3.06 14.96 72.17
CA THR J 49 3.55 14.45 73.44
C THR J 49 4.00 13.00 73.27
N ASP J 50 4.36 12.36 74.38
CA ASP J 50 4.86 10.99 74.37
C ASP J 50 3.74 9.98 74.13
N ASP J 51 3.10 10.08 72.97
CA ASP J 51 1.93 9.25 72.69
C ASP J 51 2.14 8.30 71.53
N THR J 52 2.47 8.81 70.35
CA THR J 52 2.66 7.99 69.14
C THR J 52 1.45 7.11 68.86
N SER J 53 0.26 7.71 68.92
CA SER J 53 -0.98 7.01 68.65
C SER J 53 -1.64 7.39 67.33
N ILE J 54 -1.38 8.59 66.81
CA ILE J 54 -1.84 8.92 65.47
C ILE J 54 -1.04 8.14 64.43
N LEU J 55 0.23 7.89 64.69
CA LEU J 55 1.02 7.03 63.81
C LEU J 55 0.55 5.58 63.86
N GLU J 56 0.12 5.13 65.04
CA GLU J 56 -0.37 3.77 65.15
C GLU J 56 -1.63 3.57 64.31
N ASN J 57 -2.49 4.58 64.24
CA ASN J 57 -3.71 4.45 63.44
C ASN J 57 -3.40 4.49 61.94
N MET J 58 -2.49 5.37 61.52
CA MET J 58 -2.15 5.48 60.10
C MET J 58 -1.56 4.18 59.57
N THR J 59 -0.67 3.56 60.34
CA THR J 59 -0.05 2.31 59.88
C THR J 59 -1.08 1.19 59.76
N ASN J 60 -2.17 1.27 60.52
CA ASN J 60 -3.29 0.36 60.31
C ASN J 60 -4.03 0.77 59.04
N GLN J 61 -3.67 0.16 57.92
CA GLN J 61 -4.05 0.69 56.62
C GLN J 61 -5.47 0.32 56.19
N PHE J 62 -6.14 -0.60 56.87
CA PHE J 62 -7.43 -1.09 56.38
C PHE J 62 -8.50 -1.06 57.46
N LYS J 63 -8.46 -0.07 58.36
CA LYS J 63 -9.50 0.10 59.38
C LYS J 63 -9.89 1.56 59.46
N PRO J 64 -11.01 1.95 58.88
CA PRO J 64 -11.47 3.35 58.99
C PRO J 64 -11.92 3.68 60.40
N HIS J 65 -12.07 4.98 60.65
CA HIS J 65 -12.35 5.47 62.00
C HIS J 65 -13.19 6.74 61.93
N SER J 66 -13.50 7.28 63.10
CA SER J 66 -14.30 8.48 63.26
C SER J 66 -13.60 9.45 64.22
N GLY J 67 -14.06 10.70 64.21
CA GLY J 67 -13.48 11.71 65.07
C GLY J 67 -14.35 12.95 65.10
N SER J 68 -13.99 13.88 65.98
CA SER J 68 -14.73 15.12 66.12
C SER J 68 -13.84 16.19 66.74
N ILE J 69 -14.09 17.44 66.35
CA ILE J 69 -13.38 18.61 66.87
C ILE J 69 -14.40 19.58 67.43
N VAL J 70 -14.14 20.09 68.63
CA VAL J 70 -15.08 20.96 69.34
C VAL J 70 -14.43 22.33 69.48
N PHE J 71 -15.12 23.36 69.00
CA PHE J 71 -14.66 24.74 69.09
C PHE J 71 -15.44 25.46 70.19
N LYS J 72 -14.72 26.06 71.13
CA LYS J 72 -15.32 26.78 72.23
C LYS J 72 -14.86 28.23 72.21
N LYS J 73 -15.82 29.15 72.20
CA LYS J 73 -15.53 30.57 72.10
C LYS J 73 -15.51 31.28 73.45
N GLY J 74 -16.42 30.92 74.35
CA GLY J 74 -16.45 31.55 75.66
C GLY J 74 -15.42 31.00 76.61
N ASP J 75 -15.54 29.72 76.96
CA ASP J 75 -14.63 29.08 77.89
C ASP J 75 -14.70 27.57 77.74
N ALA J 78 -18.38 27.34 76.68
CA ALA J 78 -19.23 26.21 76.29
C ALA J 78 -19.13 25.95 74.79
N LYS J 79 -19.60 24.78 74.38
CA LYS J 79 -19.48 24.36 72.99
C LYS J 79 -20.27 25.28 72.07
N MET J 80 -19.65 25.67 70.97
CA MET J 80 -20.27 26.54 69.98
C MET J 80 -20.43 25.88 68.62
N LYS J 81 -19.48 25.04 68.20
CA LYS J 81 -19.56 24.37 66.92
C LYS J 81 -18.83 23.03 67.03
N GLU J 82 -19.21 22.10 66.16
CA GLU J 82 -18.62 20.78 66.15
C GLU J 82 -18.46 20.30 64.72
N LEU J 83 -17.29 19.77 64.40
CA LEU J 83 -17.00 19.21 63.09
C LEU J 83 -16.60 17.76 63.27
N THR J 84 -17.44 16.85 62.79
CA THR J 84 -17.22 15.41 62.93
C THR J 84 -17.03 14.78 61.57
N TRP J 85 -16.41 13.61 61.56
CA TRP J 85 -16.23 12.82 60.35
C TRP J 85 -16.50 11.36 60.65
N GLU J 86 -16.80 10.60 59.60
CA GLU J 86 -17.13 9.19 59.73
C GLU J 86 -16.53 8.42 58.56
N ASN J 87 -15.98 7.23 58.85
CA ASN J 87 -15.41 6.34 57.83
C ASN J 87 -14.21 6.99 57.13
N GLY J 88 -13.17 7.29 57.92
CA GLY J 88 -12.04 8.03 57.39
C GLY J 88 -10.69 7.37 57.48
N TYR J 89 -9.73 7.88 56.72
CA TYR J 89 -8.36 7.39 56.69
C TYR J 89 -7.41 8.56 56.83
N ILE J 90 -6.23 8.29 57.36
CA ILE J 90 -5.16 9.27 57.45
C ILE J 90 -4.25 9.10 56.25
N THR J 91 -4.08 10.15 55.45
CA THR J 91 -3.39 10.06 54.19
C THR J 91 -2.11 10.86 54.09
N GLU J 92 -1.83 11.74 55.06
CA GLU J 92 -0.58 12.46 55.12
C GLU J 92 -0.16 12.61 56.57
N PHE J 93 1.14 12.58 56.83
CA PHE J 93 1.65 12.68 58.19
C PHE J 93 3.04 13.33 58.15
N THR J 94 3.25 14.33 59.00
CA THR J 94 4.54 14.99 59.11
C THR J 94 4.81 15.33 60.57
N GLU J 95 6.04 15.11 61.01
CA GLU J 95 6.48 15.51 62.34
C GLU J 95 7.72 16.38 62.23
N ASN J 96 7.64 17.58 62.81
CA ASN J 96 8.69 18.59 62.72
C ASN J 96 9.20 18.90 64.13
N ILE J 97 10.53 18.98 64.27
CA ILE J 97 11.17 19.18 65.55
C ILE J 97 12.20 20.29 65.38
N ASP J 98 11.82 21.52 65.68
CA ASP J 98 12.71 22.67 65.56
C ASP J 98 13.11 23.15 66.95
N ILE J 99 14.41 23.41 67.12
CA ILE J 99 14.97 23.68 68.44
C ILE J 99 15.28 25.16 68.63
N VAL J 100 15.87 25.80 67.61
CA VAL J 100 16.19 27.22 67.72
C VAL J 100 14.91 28.06 67.79
N GLY J 101 13.96 27.81 66.90
CA GLY J 101 12.73 28.56 66.86
C GLY J 101 11.73 28.09 67.91
N SER J 102 10.58 28.75 67.90
CA SER J 102 9.50 28.40 68.82
C SER J 102 8.54 27.39 68.19
N GLN J 103 9.10 26.30 67.68
CA GLN J 103 8.35 25.20 67.10
C GLN J 103 8.87 23.90 67.68
N PRO J 104 8.59 23.64 68.96
CA PRO J 104 9.27 22.54 69.67
C PRO J 104 9.01 21.15 69.08
N MET J 105 7.75 20.76 68.99
CA MET J 105 7.39 19.39 68.62
C MET J 105 5.94 19.43 68.16
N THR J 106 5.69 19.14 66.89
CA THR J 106 4.37 19.37 66.34
C THR J 106 4.08 18.32 65.27
N ILE J 107 2.78 18.10 65.02
CA ILE J 107 2.31 17.10 64.04
C ILE J 107 1.29 17.75 63.12
N THR J 108 1.43 17.52 61.82
CA THR J 108 0.44 17.93 60.83
C THR J 108 -0.03 16.69 60.06
N PHE J 109 -1.35 16.52 59.95
CA PHE J 109 -1.87 15.36 59.24
C PHE J 109 -3.20 15.70 58.59
N VAL J 110 -3.55 14.91 57.58
CA VAL J 110 -4.73 15.12 56.74
C VAL J 110 -5.63 13.90 56.83
N VAL J 111 -6.94 14.13 56.86
CA VAL J 111 -7.93 13.05 56.96
C VAL J 111 -8.81 13.09 55.71
N SER J 112 -8.98 11.94 55.06
CA SER J 112 -9.86 11.78 53.91
C SER J 112 -10.99 10.85 54.31
N ALA J 113 -12.16 11.42 54.54
CA ALA J 113 -13.31 10.68 55.05
C ALA J 113 -14.40 10.61 53.97
N GLN J 114 -15.48 9.92 54.31
CA GLN J 114 -16.61 9.78 53.40
C GLN J 114 -17.77 10.70 53.73
N VAL J 115 -17.99 11.01 55.00
CA VAL J 115 -19.01 11.96 55.44
C VAL J 115 -18.36 12.94 56.39
N ILE J 116 -18.63 14.23 56.20
CA ILE J 116 -18.22 15.26 57.15
C ILE J 116 -19.43 16.11 57.51
N LYS J 117 -19.61 16.35 58.80
CA LYS J 117 -20.77 17.08 59.31
C LYS J 117 -20.31 18.25 60.15
N ILE J 118 -20.97 19.38 59.98
CA ILE J 118 -20.75 20.54 60.84
C ILE J 118 -22.04 21.34 60.91
N GLY J 119 -22.51 21.60 62.13
CA GLY J 119 -23.77 22.30 62.29
C GLY J 119 -24.92 21.54 61.66
N GLY J 120 -25.68 22.23 60.82
CA GLY J 120 -26.80 21.61 60.13
C GLY J 120 -26.52 21.29 58.68
N ALA J 121 -25.25 21.26 58.31
CA ALA J 121 -24.81 20.94 56.96
C ALA J 121 -24.03 19.65 56.96
N GLN J 122 -24.00 18.98 55.81
CA GLN J 122 -23.21 17.76 55.67
C GLN J 122 -22.86 17.51 54.21
N PHE J 123 -21.76 16.79 54.00
CA PHE J 123 -21.25 16.48 52.69
C PHE J 123 -20.86 15.00 52.66
N GLU J 124 -21.28 14.29 51.61
CA GLU J 124 -21.03 12.88 51.48
C GLU J 124 -20.50 12.54 50.10
N GLN J 125 -19.67 11.51 50.03
CA GLN J 125 -19.15 10.98 48.79
C GLN J 125 -19.67 9.56 48.62
N ASN J 126 -19.97 9.19 47.37
CA ASN J 126 -20.56 7.88 47.08
C ASN J 126 -19.45 6.88 46.76
N TRP J 127 -18.86 6.35 47.82
CA TRP J 127 -17.86 5.29 47.67
C TRP J 127 -18.55 4.00 47.27
N PRO J 128 -18.04 3.28 46.27
CA PRO J 128 -18.71 2.05 45.82
C PRO J 128 -18.76 1.01 46.92
N LYS J 129 -19.84 0.22 46.90
CA LYS J 129 -20.04 -0.80 47.91
C LYS J 129 -19.96 -2.19 47.30
N GLY K 64 -30.08 -82.71 -112.82
CA GLY K 64 -29.89 -82.14 -111.50
C GLY K 64 -28.98 -80.92 -111.49
N ILE K 65 -28.07 -80.87 -112.46
CA ILE K 65 -27.15 -79.74 -112.61
C ILE K 65 -27.41 -79.07 -113.95
N LEU K 66 -27.10 -77.79 -114.02
CA LEU K 66 -27.30 -76.97 -115.22
C LEU K 66 -26.06 -76.12 -115.49
N VAL K 67 -24.89 -76.77 -115.47
CA VAL K 67 -23.63 -76.06 -115.63
C VAL K 67 -23.59 -75.40 -117.00
N ASN K 68 -23.42 -74.08 -117.02
CA ASN K 68 -23.36 -73.29 -118.24
C ASN K 68 -24.62 -73.47 -119.08
N GLY L 91 -13.75 -89.68 -110.48
CA GLY L 91 -13.91 -89.48 -109.04
C GLY L 91 -14.83 -88.33 -108.68
N VAL L 92 -16.03 -88.34 -109.24
CA VAL L 92 -17.02 -87.32 -108.98
C VAL L 92 -18.41 -87.94 -109.11
N THR L 93 -19.30 -87.57 -108.20
CA THR L 93 -20.66 -88.07 -108.18
C THR L 93 -21.63 -86.99 -108.65
N VAL L 94 -22.86 -87.43 -108.95
CA VAL L 94 -23.91 -86.50 -109.37
C VAL L 94 -25.18 -86.79 -108.59
N SER L 95 -25.06 -87.61 -107.54
CA SER L 95 -26.21 -87.97 -106.72
C SER L 95 -26.70 -86.78 -105.91
#